data_6ODF
#
_entry.id   6ODF
#
loop_
_entity.id
_entity.type
_entity.pdbx_description
1 polymer E1
2 polymer E2
3 branched '2-O-sulfo-beta-L-galactopyranuronic acid-(1-4)-[(2R,3R,4R,5R,6R)-2,4,5-trihydroxy-6-(sulfooxy)tetrahydro-2H-pyran-3-yl]sulfamic acid'
#
loop_
_entity_poly.entity_id
_entity_poly.type
_entity_poly.pdbx_seq_one_letter_code
_entity_poly.pdbx_strand_id
1 'polypeptide(L)'
;YEHTAVMPNKVGIPYKALVERPGYAPVHLQIQLVNTRIIPSTNLEYITCKYKTKVPSPVVKCCGATQCTSKPHPDYQCQV
FTGVYPFMWGGAYCFCDTENTQMSEAYVERSEECSIDHAKAYKVHTGTVQAMVNITYGSVSWRSADVYVNGETPAKIGDA
KLIIGPLSSAWSPFDNKVVVYGHEVYNYDFPEYGTGKAGSFGDLQSRTSTSNDLYANTNLKLQRPQAGIVHTPFTQAPSG
FERWKRDKGAPLNDVAPFGCSIALEPLRAENCAVGSIPISIDIPDAAFTRISETPTVSDLECKITECTYASDFGGIATVA
YKSSKAGNCPIHSPSGVAVIKENDVTLAESGSFTFHFSTANIHPAFKLQVCTSAVTCKGDCKPPKDHIVDYPAQHTESFT
SAISATAWSWLKVLVGGTSAFIVLGLIATAVVALVLFFHRH
;
A,C,E,G
2 'polypeptide(L)'
;DLDTHFTQYKLARPYIADCPNCGHSRCDSPIAIEEVRGDAHAGVIRIQTSAMFGLKTDGVDLAYMSFMNGKTQKSIKIDN
LHVRTSAPCSLVSHHGYYILAQCPPGDTVTVGFHDGPNRHTCTVAHKVEFRPVGREKYRHPPEHGVELPCNRYTHKRADQ
GHYVEMHQPGLVADHSLLSIHSAKVKITVPSGAQVKYYCKCPDVREGITSSDHTTTCTDVKQCRAYLIDNKKWVYNSGRL
PRGEGDTFKGKLHVPFVPVKAKCIATLAPEPLVEHKHRTLILHLHPDHPTLLTTRSLGSDANPTRQWIERPTTVNFTVTG
EGLEYTWGNHPPKRVWAQESGEGNPHGWPHEVVVYYYNRYPLTTIIGLCTCVAIIMVSCVTSVWLLCRTRNLCITPYKLA
PNAQVPILLALLCCIKPTRA
;
B,D,F,H
#
# COMPACT_ATOMS: atom_id res chain seq x y z
N TYR A 1 0.02 28.79 19.00
CA TYR A 1 -0.94 29.21 20.07
C TYR A 1 -1.93 28.11 20.42
N GLU A 2 -1.66 26.88 19.99
CA GLU A 2 -2.61 25.79 20.22
C GLU A 2 -2.62 25.50 21.71
N HIS A 3 -3.58 26.10 22.42
CA HIS A 3 -3.50 26.23 23.87
C HIS A 3 -3.84 24.91 24.55
N THR A 4 -2.82 24.07 24.69
CA THR A 4 -2.93 22.91 25.55
C THR A 4 -3.29 23.35 26.97
N ALA A 5 -4.08 22.52 27.65
CA ALA A 5 -4.42 22.81 29.03
C ALA A 5 -4.95 21.55 29.69
N VAL A 6 -4.25 21.10 30.73
CA VAL A 6 -4.86 20.14 31.64
C VAL A 6 -6.03 20.83 32.31
N MET A 7 -7.07 20.07 32.60
CA MET A 7 -8.34 20.66 32.95
C MET A 7 -9.18 19.73 33.82
N PRO A 8 -9.63 20.15 35.00
CA PRO A 8 -10.37 19.23 35.87
C PRO A 8 -11.71 18.85 35.29
N ASN A 9 -12.03 17.56 35.37
CA ASN A 9 -13.33 17.07 34.97
C ASN A 9 -14.33 17.44 36.05
N LYS A 10 -15.14 18.45 35.77
CA LYS A 10 -16.19 18.87 36.67
C LYS A 10 -17.14 19.73 35.86
N VAL A 11 -18.43 19.53 36.06
CA VAL A 11 -19.37 19.80 34.99
C VAL A 11 -19.73 21.29 34.94
N GLY A 12 -20.20 21.84 36.05
CA GLY A 12 -21.07 22.99 35.96
C GLY A 12 -20.40 24.30 36.28
N ILE A 13 -19.20 24.50 35.74
CA ILE A 13 -18.40 25.65 36.13
C ILE A 13 -17.36 25.95 35.05
N PRO A 14 -17.22 27.20 34.60
CA PRO A 14 -16.22 27.47 33.56
C PRO A 14 -14.81 27.44 34.11
N TYR A 15 -13.86 27.47 33.17
CA TYR A 15 -12.46 27.18 33.41
C TYR A 15 -11.59 28.22 32.70
N LYS A 16 -11.81 29.48 33.04
CA LYS A 16 -11.45 30.58 32.15
C LYS A 16 -9.95 30.74 31.99
N ALA A 17 -9.34 29.81 31.26
CA ALA A 17 -7.91 29.90 30.95
C ALA A 17 -7.61 31.11 30.09
N LEU A 18 -6.34 31.32 29.79
CA LEU A 18 -5.87 32.52 29.11
C LEU A 18 -4.89 32.13 28.01
N VAL A 19 -5.12 32.63 26.81
CA VAL A 19 -4.26 32.34 25.66
C VAL A 19 -3.09 33.32 25.71
N GLU A 20 -1.90 32.80 26.00
CA GLU A 20 -0.68 33.59 25.98
C GLU A 20 0.08 33.37 24.68
N ARG A 21 -0.52 33.81 23.59
CA ARG A 21 0.17 33.79 22.30
C ARG A 21 1.24 34.86 22.30
N PRO A 22 2.53 34.53 22.10
CA PRO A 22 3.53 35.61 21.96
C PRO A 22 3.32 36.38 20.67
N GLY A 23 2.98 37.66 20.80
CA GLY A 23 2.96 38.57 19.68
C GLY A 23 1.71 39.42 19.58
N TYR A 24 0.56 38.82 19.87
CA TYR A 24 -0.71 39.52 19.82
C TYR A 24 -1.35 39.51 21.19
N ALA A 25 -2.47 40.20 21.30
CA ALA A 25 -3.10 40.36 22.60
C ALA A 25 -3.62 39.01 23.08
N PRO A 26 -3.48 38.69 24.36
CA PRO A 26 -4.03 37.43 24.87
C PRO A 26 -5.54 37.46 24.83
N VAL A 27 -6.11 36.26 24.91
CA VAL A 27 -7.56 36.10 24.94
C VAL A 27 -7.89 35.07 26.02
N HIS A 28 -8.95 35.36 26.76
CA HIS A 28 -9.44 34.47 27.79
C HIS A 28 -10.19 33.31 27.17
N LEU A 29 -10.26 32.22 27.93
CA LEU A 29 -11.18 31.15 27.66
C LEU A 29 -12.38 31.27 28.58
N GLN A 30 -13.41 30.51 28.27
CA GLN A 30 -14.45 30.18 29.24
C GLN A 30 -14.93 28.78 28.86
N ILE A 31 -14.31 27.78 29.44
CA ILE A 31 -14.59 26.39 29.08
C ILE A 31 -15.41 25.78 30.20
N GLN A 32 -16.70 25.60 29.93
CA GLN A 32 -17.63 25.00 30.87
C GLN A 32 -18.05 23.65 30.31
N LEU A 33 -17.57 22.58 30.92
CA LEU A 33 -17.94 21.22 30.54
C LEU A 33 -19.35 20.93 31.02
N VAL A 34 -20.33 21.48 30.31
CA VAL A 34 -21.74 21.42 30.71
C VAL A 34 -22.21 20.00 30.94
N ASN A 35 -21.58 19.02 30.29
CA ASN A 35 -21.98 17.63 30.47
C ASN A 35 -20.78 16.72 30.30
N THR A 36 -20.89 15.54 30.92
CA THR A 36 -19.89 14.48 30.83
C THR A 36 -20.60 13.16 30.58
N ARG A 37 -21.47 13.13 29.58
CA ARG A 37 -22.21 11.92 29.30
C ARG A 37 -21.30 10.93 28.58
N ILE A 38 -21.43 9.66 28.97
CA ILE A 38 -20.36 8.68 28.83
C ILE A 38 -20.63 7.71 27.69
N ILE A 39 -21.69 6.91 27.80
CA ILE A 39 -22.11 6.00 26.75
C ILE A 39 -21.00 5.00 26.56
N PRO A 40 -20.82 4.07 27.49
CA PRO A 40 -19.86 3.00 27.28
C PRO A 40 -20.32 2.03 26.21
N SER A 41 -19.39 1.20 25.79
CA SER A 41 -19.70 0.11 24.89
C SER A 41 -20.41 -0.99 25.66
N THR A 42 -21.51 -1.48 25.09
CA THR A 42 -22.40 -2.39 25.80
C THR A 42 -22.94 -3.43 24.83
N ASN A 43 -23.71 -4.36 25.39
CA ASN A 43 -24.36 -5.41 24.62
C ASN A 43 -25.64 -5.81 25.32
N LEU A 44 -26.75 -5.79 24.59
CA LEU A 44 -28.00 -6.32 25.13
C LEU A 44 -27.88 -7.82 25.21
N GLU A 45 -27.83 -8.35 26.43
CA GLU A 45 -27.61 -9.76 26.65
C GLU A 45 -28.91 -10.53 26.74
N TYR A 46 -29.83 -10.04 27.56
CA TYR A 46 -31.17 -10.60 27.60
C TYR A 46 -32.05 -9.65 28.36
N ILE A 47 -33.24 -9.45 27.85
CA ILE A 47 -34.29 -8.87 28.66
C ILE A 47 -34.78 -9.94 29.60
N THR A 48 -35.16 -9.53 30.80
CA THR A 48 -36.00 -10.35 31.64
C THR A 48 -37.20 -9.53 32.07
N CYS A 49 -38.12 -10.24 32.69
CA CYS A 49 -39.44 -9.73 33.03
C CYS A 49 -40.09 -10.84 33.81
N LYS A 50 -41.27 -10.57 34.34
CA LYS A 50 -41.99 -11.61 35.03
C LYS A 50 -42.70 -12.48 34.02
N TYR A 51 -42.72 -13.77 34.31
CA TYR A 51 -43.36 -14.76 33.45
C TYR A 51 -44.84 -14.47 33.34
N LYS A 52 -45.52 -15.25 32.51
CA LYS A 52 -46.95 -15.48 32.65
C LYS A 52 -47.21 -16.93 32.30
N THR A 53 -47.67 -17.69 33.28
CA THR A 53 -48.01 -19.10 33.08
C THR A 53 -49.29 -19.14 32.26
N LYS A 54 -49.16 -18.87 30.97
CA LYS A 54 -50.30 -18.84 30.07
C LYS A 54 -50.61 -20.28 29.68
N VAL A 55 -51.32 -20.95 30.58
CA VAL A 55 -51.63 -22.37 30.51
C VAL A 55 -52.39 -22.68 29.23
N PRO A 56 -51.92 -23.59 28.39
CA PRO A 56 -52.81 -24.17 27.39
C PRO A 56 -53.80 -25.11 28.04
N SER A 57 -54.98 -25.13 27.50
CA SER A 57 -56.11 -25.75 28.14
C SER A 57 -55.94 -27.27 28.18
N PRO A 58 -56.00 -27.90 29.36
CA PRO A 58 -55.61 -29.31 29.45
C PRO A 58 -56.54 -30.22 28.68
N VAL A 59 -55.99 -31.37 28.32
CA VAL A 59 -56.77 -32.44 27.73
C VAL A 59 -57.40 -33.25 28.83
N VAL A 60 -58.60 -33.76 28.54
CA VAL A 60 -59.29 -34.67 29.43
C VAL A 60 -59.83 -35.81 28.58
N LYS A 61 -59.08 -36.91 28.53
CA LYS A 61 -59.59 -38.13 27.94
C LYS A 61 -60.39 -38.88 29.00
N CYS A 62 -61.55 -39.38 28.60
CA CYS A 62 -62.53 -39.85 29.57
C CYS A 62 -62.28 -41.28 30.01
N CYS A 63 -61.73 -42.14 29.15
CA CYS A 63 -61.51 -43.53 29.53
C CYS A 63 -60.21 -43.97 28.88
N GLY A 64 -59.12 -43.80 29.62
CA GLY A 64 -57.80 -44.25 29.23
C GLY A 64 -56.82 -43.11 29.13
N ALA A 65 -55.58 -43.46 28.85
CA ALA A 65 -54.47 -42.54 29.01
C ALA A 65 -54.29 -41.67 27.77
N THR A 66 -53.67 -40.51 27.99
CA THR A 66 -53.22 -39.61 26.94
C THR A 66 -51.79 -39.26 27.25
N GLN A 67 -50.85 -39.95 26.62
CA GLN A 67 -49.44 -39.65 26.83
C GLN A 67 -49.13 -38.25 26.34
N CYS A 68 -48.41 -37.49 27.15
CA CYS A 68 -47.94 -36.17 26.77
C CYS A 68 -46.59 -36.26 26.07
N THR A 69 -46.29 -35.24 25.29
CA THR A 69 -45.00 -35.07 24.66
C THR A 69 -44.40 -33.74 25.07
N SER A 70 -43.08 -33.65 24.97
CA SER A 70 -42.35 -32.46 25.40
C SER A 70 -42.34 -31.47 24.25
N LYS A 71 -43.38 -30.65 24.19
CA LYS A 71 -43.46 -29.65 23.16
C LYS A 71 -42.34 -28.62 23.35
N PRO A 72 -41.92 -27.94 22.29
CA PRO A 72 -40.76 -27.05 22.41
C PRO A 72 -41.06 -25.68 23.00
N HIS A 73 -42.20 -25.48 23.64
CA HIS A 73 -42.46 -24.20 24.26
C HIS A 73 -41.45 -23.96 25.37
N PRO A 74 -41.15 -22.71 25.70
CA PRO A 74 -40.18 -22.45 26.79
C PRO A 74 -40.68 -22.97 28.11
N ASP A 75 -39.89 -23.85 28.72
CA ASP A 75 -40.22 -24.48 29.98
C ASP A 75 -41.56 -25.19 29.88
N TYR A 76 -41.71 -25.97 28.82
CA TYR A 76 -42.98 -26.65 28.58
C TYR A 76 -43.16 -27.75 29.59
N GLN A 77 -43.80 -27.42 30.69
CA GLN A 77 -44.10 -28.40 31.72
C GLN A 77 -45.43 -29.06 31.38
N CYS A 78 -45.41 -30.39 31.31
CA CYS A 78 -46.61 -31.16 31.02
C CYS A 78 -46.51 -32.48 31.75
N GLN A 79 -47.61 -32.85 32.40
CA GLN A 79 -47.65 -34.09 33.17
C GLN A 79 -49.03 -34.69 33.03
N VAL A 80 -49.09 -35.92 32.56
CA VAL A 80 -50.34 -36.64 32.48
C VAL A 80 -50.84 -36.90 33.91
N PHE A 81 -52.15 -36.96 34.06
CA PHE A 81 -52.76 -37.30 35.32
C PHE A 81 -54.00 -38.14 35.08
N THR A 82 -54.18 -39.13 35.95
CA THR A 82 -55.36 -39.98 35.95
C THR A 82 -56.12 -39.77 37.25
N GLY A 83 -57.14 -40.59 37.44
CA GLY A 83 -57.88 -40.57 38.69
C GLY A 83 -58.59 -39.26 38.92
N VAL A 84 -59.43 -38.87 37.97
CA VAL A 84 -60.24 -37.68 38.08
C VAL A 84 -61.69 -38.04 37.79
N TYR A 85 -62.54 -37.04 37.85
CA TYR A 85 -63.98 -37.20 37.70
C TYR A 85 -64.51 -35.78 37.49
N PRO A 86 -64.12 -35.15 36.39
CA PRO A 86 -64.11 -33.69 36.32
C PRO A 86 -65.47 -33.02 36.29
N PHE A 87 -65.86 -32.43 37.42
CA PHE A 87 -67.10 -31.65 37.45
C PHE A 87 -67.01 -30.48 36.51
N MET A 88 -67.81 -30.51 35.45
CA MET A 88 -67.84 -29.44 34.46
C MET A 88 -69.29 -29.21 34.07
N TRP A 89 -69.99 -28.38 34.84
CA TRP A 89 -71.28 -27.80 34.49
C TRP A 89 -72.47 -28.77 34.51
N GLY A 90 -72.20 -30.07 34.62
CA GLY A 90 -73.24 -31.07 34.64
C GLY A 90 -72.90 -32.14 35.65
N GLY A 91 -72.22 -31.72 36.72
CA GLY A 91 -71.46 -32.68 37.48
C GLY A 91 -70.29 -33.12 36.63
N ALA A 92 -69.79 -34.32 36.89
CA ALA A 92 -68.77 -34.87 36.02
C ALA A 92 -69.36 -35.10 34.63
N TYR A 93 -68.48 -35.42 33.67
CA TYR A 93 -68.94 -35.74 32.33
C TYR A 93 -68.31 -37.00 31.77
N CYS A 94 -67.10 -37.33 32.20
CA CYS A 94 -66.47 -38.58 31.77
C CYS A 94 -67.01 -39.72 32.60
N PHE A 95 -67.54 -40.74 31.94
CA PHE A 95 -68.34 -41.76 32.62
C PHE A 95 -67.50 -42.78 33.37
N CYS A 96 -66.23 -42.97 33.00
CA CYS A 96 -65.35 -43.79 33.80
C CYS A 96 -65.07 -43.09 35.13
N ASP A 97 -64.27 -43.73 35.99
CA ASP A 97 -63.98 -43.22 37.33
C ASP A 97 -62.51 -43.23 37.70
N THR A 98 -61.68 -44.06 37.08
CA THR A 98 -60.24 -44.01 37.24
C THR A 98 -59.54 -43.86 35.91
N GLU A 99 -60.11 -44.44 34.85
CA GLU A 99 -59.62 -44.23 33.50
C GLU A 99 -59.86 -42.80 33.02
N ASN A 100 -60.65 -42.02 33.75
CA ASN A 100 -60.71 -40.59 33.53
C ASN A 100 -59.32 -40.01 33.61
N THR A 101 -58.82 -39.50 32.50
CA THR A 101 -57.46 -39.01 32.39
C THR A 101 -57.49 -37.51 32.13
N GLN A 102 -56.50 -36.82 32.70
CA GLN A 102 -56.36 -35.39 32.59
C GLN A 102 -54.90 -35.09 32.34
N MET A 103 -54.61 -34.44 31.22
CA MET A 103 -53.25 -34.09 30.85
C MET A 103 -53.11 -32.59 30.96
N SER A 104 -52.38 -32.16 31.98
CA SER A 104 -52.10 -30.75 32.19
C SER A 104 -50.81 -30.37 31.50
N GLU A 105 -50.82 -29.21 30.85
CA GLU A 105 -49.65 -28.68 30.18
C GLU A 105 -49.60 -27.18 30.42
N ALA A 106 -48.40 -26.68 30.70
CA ALA A 106 -48.20 -25.27 30.92
C ALA A 106 -46.79 -24.91 30.51
N TYR A 107 -46.66 -23.82 29.76
CA TYR A 107 -45.37 -23.28 29.40
C TYR A 107 -45.27 -21.85 29.87
N VAL A 108 -44.06 -21.39 29.92
CA VAL A 108 -43.74 -20.03 30.33
C VAL A 108 -43.75 -19.14 29.10
N GLU A 109 -44.22 -17.91 29.29
CA GLU A 109 -44.25 -16.95 28.20
C GLU A 109 -44.01 -15.56 28.76
N ARG A 110 -43.40 -14.72 27.94
CA ARG A 110 -43.21 -13.32 28.28
C ARG A 110 -44.54 -12.68 28.61
N SER A 111 -44.57 -11.90 29.68
CA SER A 111 -45.73 -11.08 29.97
C SER A 111 -45.92 -10.06 28.86
N GLU A 112 -47.10 -9.44 28.88
CA GLU A 112 -47.30 -8.26 28.05
C GLU A 112 -46.47 -7.10 28.60
N GLU A 113 -46.20 -7.10 29.90
CA GLU A 113 -45.34 -6.10 30.49
C GLU A 113 -43.88 -6.31 30.11
N CYS A 114 -43.51 -7.50 29.67
CA CYS A 114 -42.14 -7.75 29.26
C CYS A 114 -41.70 -6.80 28.17
N SER A 115 -42.63 -6.40 27.30
CA SER A 115 -42.29 -5.46 26.24
C SER A 115 -41.87 -4.13 26.79
N ILE A 116 -42.44 -3.73 27.92
CA ILE A 116 -42.44 -2.35 28.35
C ILE A 116 -41.86 -2.18 29.75
N ASP A 117 -42.25 -3.03 30.68
CA ASP A 117 -41.76 -3.03 32.06
C ASP A 117 -40.89 -4.25 32.19
N HIS A 118 -39.58 -4.05 32.08
CA HIS A 118 -38.67 -5.17 31.94
C HIS A 118 -37.30 -4.74 32.39
N ALA A 119 -36.67 -5.57 33.20
CA ALA A 119 -35.27 -5.38 33.47
C ALA A 119 -34.48 -5.72 32.21
N LYS A 120 -33.21 -5.37 32.22
CA LYS A 120 -32.42 -5.46 31.00
C LYS A 120 -30.96 -5.57 31.39
N ALA A 121 -30.36 -6.72 31.10
CA ALA A 121 -28.98 -6.95 31.44
C ALA A 121 -28.07 -6.39 30.35
N TYR A 122 -26.80 -6.27 30.70
CA TYR A 122 -25.80 -5.81 29.75
C TYR A 122 -24.43 -6.30 30.18
N LYS A 123 -23.59 -6.64 29.22
CA LYS A 123 -22.16 -6.70 29.40
C LYS A 123 -21.60 -5.36 28.96
N VAL A 124 -21.00 -4.63 29.89
CA VAL A 124 -20.66 -3.23 29.71
C VAL A 124 -19.15 -3.09 29.64
N HIS A 125 -18.68 -2.58 28.53
CA HIS A 125 -17.31 -2.19 28.29
C HIS A 125 -17.18 -0.69 28.49
N THR A 126 -16.08 -0.09 28.03
CA THR A 126 -15.73 1.26 28.45
C THR A 126 -16.28 2.36 27.54
N GLY A 127 -16.27 2.17 26.22
CA GLY A 127 -16.73 3.20 25.28
C GLY A 127 -16.01 4.54 25.40
N THR A 128 -16.75 5.62 25.14
CA THR A 128 -16.15 6.92 24.80
C THR A 128 -17.04 8.05 25.29
N VAL A 129 -16.48 8.96 26.12
CA VAL A 129 -17.30 9.96 26.81
C VAL A 129 -17.42 11.23 25.98
N GLN A 130 -18.47 12.01 26.27
CA GLN A 130 -18.91 13.15 25.46
C GLN A 130 -19.23 14.36 26.34
N ALA A 131 -19.61 15.47 25.70
CA ALA A 131 -19.89 16.73 26.39
C ALA A 131 -20.44 17.76 25.42
N MET A 132 -21.39 18.60 25.87
CA MET A 132 -21.92 19.71 25.07
C MET A 132 -21.21 21.00 25.38
N VAL A 133 -19.89 21.00 25.29
CA VAL A 133 -19.05 22.07 25.85
C VAL A 133 -19.51 23.43 25.33
N ASN A 134 -19.97 24.29 26.24
CA ASN A 134 -20.11 25.69 25.87
C ASN A 134 -18.75 26.35 26.04
N ILE A 135 -18.40 27.16 25.06
CA ILE A 135 -17.43 28.21 25.27
C ILE A 135 -18.06 29.50 24.76
N THR A 136 -18.26 30.44 25.68
CA THR A 136 -18.58 31.80 25.31
C THR A 136 -17.25 32.53 25.11
N TYR A 137 -16.60 32.20 24.00
CA TYR A 137 -15.19 32.50 23.82
C TYR A 137 -14.93 33.98 23.59
N GLY A 138 -13.86 34.47 24.22
CA GLY A 138 -13.18 35.70 23.84
C GLY A 138 -14.11 36.87 23.62
N SER A 139 -14.20 37.27 22.35
CA SER A 139 -15.28 38.11 21.87
C SER A 139 -16.26 37.35 20.99
N VAL A 140 -15.96 36.09 20.66
CA VAL A 140 -16.92 35.27 19.92
C VAL A 140 -18.20 35.14 20.73
N SER A 141 -18.08 34.89 22.02
CA SER A 141 -19.14 34.89 23.01
C SER A 141 -20.06 33.69 22.91
N TRP A 142 -19.83 32.76 21.98
CA TRP A 142 -20.72 31.60 21.92
C TRP A 142 -20.23 30.44 21.06
N ARG A 143 -20.30 29.24 21.63
CA ARG A 143 -20.44 28.00 20.88
C ARG A 143 -20.88 26.98 21.90
N SER A 144 -21.93 26.22 21.60
CA SER A 144 -22.39 25.14 22.49
C SER A 144 -22.41 23.87 21.65
N ALA A 145 -21.29 23.16 21.66
CA ALA A 145 -21.04 22.06 20.75
C ALA A 145 -20.87 20.75 21.49
N ASP A 146 -21.31 19.68 20.84
CA ASP A 146 -21.13 18.33 21.36
C ASP A 146 -19.80 17.79 20.86
N VAL A 147 -19.01 17.23 21.78
CA VAL A 147 -17.65 16.84 21.50
C VAL A 147 -17.42 15.42 22.01
N TYR A 148 -16.18 14.98 21.88
CA TYR A 148 -15.70 13.71 22.37
C TYR A 148 -14.56 13.96 23.35
N VAL A 149 -13.92 12.86 23.75
CA VAL A 149 -12.84 12.85 24.71
C VAL A 149 -11.55 12.32 24.11
N ASN A 150 -11.64 11.53 23.06
CA ASN A 150 -10.48 10.88 22.51
C ASN A 150 -9.54 11.92 21.92
N GLY A 151 -8.28 11.87 22.33
CA GLY A 151 -7.40 13.02 22.16
C GLY A 151 -6.85 13.24 20.78
N GLU A 152 -7.68 13.06 19.75
CA GLU A 152 -7.39 13.62 18.45
C GLU A 152 -8.65 14.12 17.74
N THR A 153 -9.80 14.12 18.41
CA THR A 153 -11.04 14.53 17.77
C THR A 153 -11.20 16.04 17.88
N PRO A 154 -11.26 16.78 16.78
CA PRO A 154 -11.77 18.15 16.83
C PRO A 154 -13.29 18.18 16.72
N ALA A 155 -13.83 19.38 16.96
CA ALA A 155 -15.23 19.66 16.66
C ALA A 155 -15.32 21.13 16.27
N LYS A 156 -15.24 21.37 14.97
CA LYS A 156 -15.28 22.73 14.43
C LYS A 156 -16.74 23.19 14.35
N ILE A 157 -17.29 23.47 15.53
CA ILE A 157 -18.63 24.04 15.66
C ILE A 157 -18.43 25.39 16.34
N GLY A 158 -18.84 26.46 15.66
CA GLY A 158 -18.46 27.79 16.03
C GLY A 158 -17.39 28.27 15.07
N ASP A 159 -16.21 28.59 15.62
CA ASP A 159 -15.03 28.84 14.81
C ASP A 159 -13.78 28.16 15.33
N ALA A 160 -13.78 27.69 16.58
CA ALA A 160 -12.58 27.15 17.18
C ALA A 160 -12.54 25.65 17.01
N LYS A 161 -11.33 25.14 16.88
CA LYS A 161 -11.05 23.71 16.79
C LYS A 161 -10.46 23.27 18.12
N LEU A 162 -11.05 22.25 18.72
CA LEU A 162 -10.77 21.89 20.10
C LEU A 162 -10.61 20.39 20.22
N ILE A 163 -9.54 19.98 20.90
CA ILE A 163 -9.22 18.58 21.10
C ILE A 163 -9.20 18.33 22.59
N ILE A 164 -9.84 17.26 22.99
CA ILE A 164 -10.17 16.97 24.37
C ILE A 164 -9.59 15.62 24.71
N GLY A 165 -9.14 15.49 25.95
CA GLY A 165 -8.78 14.21 26.52
C GLY A 165 -7.67 13.53 25.74
N PRO A 166 -7.52 12.21 25.93
CA PRO A 166 -8.31 11.31 26.76
C PRO A 166 -8.14 11.58 28.24
N LEU A 167 -9.23 11.51 28.97
CA LEU A 167 -9.18 11.73 30.41
C LEU A 167 -8.38 10.63 31.08
N SER A 168 -7.78 10.97 32.21
CA SER A 168 -7.00 10.03 32.98
C SER A 168 -7.85 9.20 33.94
N SER A 169 -9.08 9.63 34.20
CA SER A 169 -9.90 9.06 35.26
C SER A 169 -10.87 8.05 34.65
N ALA A 170 -10.35 6.86 34.38
CA ALA A 170 -11.07 5.87 33.62
C ALA A 170 -12.10 5.10 34.44
N TRP A 171 -12.51 5.61 35.60
CA TRP A 171 -13.53 4.92 36.38
C TRP A 171 -14.83 4.99 35.62
N SER A 172 -15.17 3.91 34.96
CA SER A 172 -16.52 3.75 34.46
C SER A 172 -17.38 3.40 35.67
N PRO A 173 -18.32 4.26 36.09
CA PRO A 173 -19.14 3.90 37.26
C PRO A 173 -19.97 2.66 37.02
N PHE A 174 -20.34 2.40 35.77
CA PHE A 174 -20.88 1.11 35.43
C PHE A 174 -19.84 0.03 35.71
N ASP A 175 -20.30 -1.07 36.31
CA ASP A 175 -19.48 -2.26 36.41
C ASP A 175 -19.49 -2.99 35.07
N ASN A 176 -18.82 -4.13 35.02
CA ASN A 176 -18.83 -4.93 33.80
C ASN A 176 -20.24 -5.41 33.49
N LYS A 177 -20.89 -6.01 34.47
CA LYS A 177 -22.25 -6.53 34.34
C LYS A 177 -23.22 -5.55 34.96
N VAL A 178 -24.29 -5.24 34.23
CA VAL A 178 -25.26 -4.25 34.64
C VAL A 178 -26.65 -4.76 34.31
N VAL A 179 -27.58 -4.48 35.20
CA VAL A 179 -29.01 -4.62 34.92
C VAL A 179 -29.57 -3.22 34.87
N VAL A 180 -30.61 -3.07 34.05
CA VAL A 180 -31.21 -1.78 33.77
C VAL A 180 -32.71 -1.93 33.82
N TYR A 181 -33.39 -0.94 34.38
CA TYR A 181 -34.83 -1.02 34.60
C TYR A 181 -35.43 0.38 34.48
N GLY A 182 -35.93 0.69 33.28
CA GLY A 182 -36.76 1.85 33.10
C GLY A 182 -35.97 3.14 33.20
N HIS A 183 -35.55 3.48 34.41
CA HIS A 183 -34.52 4.49 34.63
C HIS A 183 -33.51 4.11 35.69
N GLU A 184 -33.87 3.23 36.62
CA GLU A 184 -32.98 2.84 37.69
C GLU A 184 -32.02 1.78 37.18
N VAL A 185 -30.74 2.10 37.21
CA VAL A 185 -29.69 1.26 36.66
C VAL A 185 -28.95 0.60 37.80
N TYR A 186 -28.78 -0.71 37.69
CA TYR A 186 -28.22 -1.52 38.74
C TYR A 186 -26.99 -2.24 38.22
N ASN A 187 -25.84 -1.97 38.84
CA ASN A 187 -24.57 -2.58 38.45
C ASN A 187 -24.48 -3.99 39.02
N TYR A 188 -25.41 -4.81 38.60
CA TYR A 188 -25.68 -6.10 39.20
C TYR A 188 -25.01 -7.21 38.43
N ASP A 189 -24.44 -8.15 39.16
CA ASP A 189 -23.90 -9.37 38.58
C ASP A 189 -25.07 -10.27 38.24
N PHE A 190 -25.76 -9.92 37.16
CA PHE A 190 -26.82 -10.78 36.67
C PHE A 190 -26.23 -12.14 36.35
N PRO A 191 -26.94 -13.25 36.63
CA PRO A 191 -26.29 -14.55 36.50
C PRO A 191 -25.80 -14.81 35.09
N GLU A 192 -26.72 -14.93 34.13
CA GLU A 192 -26.44 -14.96 32.70
C GLU A 192 -27.76 -15.24 31.99
N TYR A 193 -27.81 -15.01 30.69
CA TYR A 193 -28.79 -15.69 29.86
C TYR A 193 -28.65 -17.19 30.03
N GLY A 194 -29.78 -17.88 30.00
CA GLY A 194 -29.74 -19.31 29.89
C GLY A 194 -29.58 -20.08 31.19
N THR A 195 -29.45 -19.40 32.33
CA THR A 195 -29.07 -20.07 33.58
C THR A 195 -29.90 -19.71 34.78
N GLY A 196 -30.56 -18.56 34.81
CA GLY A 196 -31.02 -17.96 36.05
C GLY A 196 -31.91 -18.82 36.89
N LYS A 197 -31.51 -19.05 38.13
CA LYS A 197 -32.27 -19.93 39.01
C LYS A 197 -33.66 -19.39 39.25
N ALA A 198 -34.64 -20.28 39.32
CA ALA A 198 -36.02 -19.88 39.46
C ALA A 198 -36.21 -19.15 40.79
N GLY A 199 -37.00 -18.09 40.73
CA GLY A 199 -37.17 -17.19 41.85
C GLY A 199 -36.11 -16.12 41.85
N SER A 200 -34.86 -16.52 41.63
CA SER A 200 -33.80 -15.53 41.53
C SER A 200 -34.01 -14.69 40.29
N PHE A 201 -33.26 -13.59 40.23
CA PHE A 201 -33.33 -12.69 39.11
C PHE A 201 -33.04 -13.43 37.82
N GLY A 202 -33.79 -13.09 36.78
CA GLY A 202 -33.61 -13.77 35.51
C GLY A 202 -34.14 -15.17 35.50
N ASP A 203 -35.29 -15.41 36.14
CA ASP A 203 -35.94 -16.70 35.95
C ASP A 203 -36.42 -16.82 34.51
N LEU A 204 -36.99 -15.75 33.98
CA LEU A 204 -37.24 -15.61 32.56
C LEU A 204 -36.05 -14.86 31.98
N GLN A 205 -35.56 -15.34 30.85
CA GLN A 205 -34.42 -14.73 30.19
C GLN A 205 -34.65 -14.82 28.70
N SER A 206 -35.17 -13.74 28.13
CA SER A 206 -35.35 -13.60 26.70
C SER A 206 -34.27 -12.67 26.16
N ARG A 207 -33.71 -13.05 25.01
CA ARG A 207 -32.69 -12.24 24.37
C ARG A 207 -33.19 -10.83 24.15
N THR A 208 -34.35 -10.69 23.52
CA THR A 208 -35.01 -9.41 23.40
C THR A 208 -36.50 -9.65 23.58
N SER A 209 -37.29 -8.63 23.28
CA SER A 209 -38.73 -8.73 23.43
C SER A 209 -39.33 -9.58 22.32
N THR A 210 -38.83 -9.39 21.11
CA THR A 210 -39.31 -10.17 19.97
C THR A 210 -38.94 -11.64 20.08
N SER A 211 -37.84 -11.95 20.76
CA SER A 211 -37.29 -13.30 20.73
C SER A 211 -38.26 -14.31 21.31
N ASN A 212 -38.81 -15.16 20.44
CA ASN A 212 -39.76 -16.17 20.90
C ASN A 212 -39.09 -17.19 21.79
N ASP A 213 -37.83 -17.50 21.53
CA ASP A 213 -37.07 -18.39 22.39
C ASP A 213 -36.62 -17.64 23.64
N LEU A 214 -36.39 -18.39 24.70
CA LEU A 214 -35.94 -17.80 25.95
C LEU A 214 -35.41 -18.91 26.84
N TYR A 215 -35.12 -18.57 28.09
CA TYR A 215 -34.78 -19.52 29.13
C TYR A 215 -35.68 -19.23 30.32
N ALA A 216 -36.51 -20.20 30.67
CA ALA A 216 -37.47 -20.07 31.76
C ALA A 216 -37.22 -21.18 32.76
N ASN A 217 -36.26 -20.96 33.64
CA ASN A 217 -36.16 -21.75 34.87
C ASN A 217 -37.06 -21.05 35.86
N THR A 218 -38.30 -21.51 35.93
CA THR A 218 -39.25 -21.07 36.92
C THR A 218 -39.63 -22.15 37.92
N ASN A 219 -39.10 -23.36 37.76
CA ASN A 219 -39.47 -24.48 38.61
C ASN A 219 -40.97 -24.72 38.53
N LEU A 220 -41.51 -24.51 37.34
CA LEU A 220 -42.93 -24.74 37.10
C LEU A 220 -43.22 -26.22 37.24
N LYS A 221 -44.03 -26.56 38.24
CA LYS A 221 -44.39 -27.95 38.51
C LYS A 221 -45.90 -28.04 38.59
N LEU A 222 -46.50 -28.71 37.62
CA LEU A 222 -47.92 -28.94 37.65
C LEU A 222 -48.27 -29.99 38.68
N GLN A 223 -49.41 -29.81 39.33
CA GLN A 223 -49.96 -30.79 40.24
C GLN A 223 -51.35 -31.19 39.77
N ARG A 224 -51.82 -32.33 40.25
CA ARG A 224 -53.08 -32.84 39.74
C ARG A 224 -54.22 -31.99 40.28
N PRO A 225 -55.25 -31.74 39.48
CA PRO A 225 -56.39 -31.02 40.00
C PRO A 225 -57.14 -31.87 41.01
N GLN A 226 -57.83 -31.19 41.90
CA GLN A 226 -58.41 -31.80 43.09
C GLN A 226 -59.82 -32.32 42.83
N ALA A 227 -60.11 -33.46 43.43
CA ALA A 227 -61.47 -33.96 43.67
C ALA A 227 -62.36 -33.91 42.44
N GLY A 228 -61.79 -34.32 41.30
CA GLY A 228 -62.57 -34.41 40.07
C GLY A 228 -63.15 -33.09 39.65
N ILE A 229 -62.31 -32.07 39.49
CA ILE A 229 -62.73 -30.79 38.95
C ILE A 229 -61.69 -30.32 37.94
N VAL A 230 -62.17 -29.64 36.90
CA VAL A 230 -61.32 -29.09 35.87
C VAL A 230 -60.61 -27.87 36.40
N HIS A 231 -59.29 -27.95 36.51
CA HIS A 231 -58.43 -26.79 36.64
C HIS A 231 -57.01 -27.28 36.52
N THR A 232 -56.06 -26.37 36.66
CA THR A 232 -54.66 -26.63 36.38
C THR A 232 -53.82 -26.08 37.54
N PRO A 233 -53.52 -26.90 38.51
CA PRO A 233 -52.53 -26.48 39.50
C PRO A 233 -51.20 -26.24 38.82
N PHE A 234 -50.78 -25.00 38.77
CA PHE A 234 -49.42 -24.65 38.38
C PHE A 234 -48.75 -24.10 39.62
N THR A 235 -47.75 -24.82 40.10
CA THR A 235 -46.99 -24.45 41.27
C THR A 235 -45.67 -23.89 40.80
N GLN A 236 -45.40 -22.65 41.14
CA GLN A 236 -44.38 -21.89 40.47
C GLN A 236 -43.87 -20.81 41.39
N ALA A 237 -42.61 -20.49 41.24
CA ALA A 237 -42.04 -19.35 41.90
C ALA A 237 -42.54 -18.07 41.23
N PRO A 238 -43.16 -17.14 41.96
CA PRO A 238 -43.32 -15.81 41.38
C PRO A 238 -41.96 -15.24 41.02
N SER A 239 -41.95 -14.34 40.05
CA SER A 239 -40.72 -14.15 39.31
C SER A 239 -39.64 -13.47 40.14
N GLY A 240 -38.41 -13.73 39.73
CA GLY A 240 -37.29 -12.90 40.09
C GLY A 240 -37.28 -11.54 39.44
N PHE A 241 -38.30 -11.23 38.65
CA PHE A 241 -38.62 -9.87 38.28
C PHE A 241 -39.67 -9.27 39.21
N GLU A 242 -40.44 -10.10 39.91
CA GLU A 242 -41.35 -9.58 40.91
C GLU A 242 -40.58 -9.09 42.12
N ARG A 243 -39.88 -10.00 42.80
CA ARG A 243 -38.72 -9.55 43.54
C ARG A 243 -37.71 -9.06 42.53
N TRP A 244 -36.76 -8.25 42.99
CA TRP A 244 -35.94 -7.33 42.21
C TRP A 244 -36.71 -6.04 41.94
N LYS A 245 -37.98 -5.95 42.35
CA LYS A 245 -38.70 -4.69 42.40
C LYS A 245 -39.08 -4.29 43.82
N ARG A 246 -38.98 -5.20 44.80
CA ARG A 246 -39.23 -4.83 46.18
C ARG A 246 -38.31 -5.52 47.18
N ASP A 247 -37.34 -6.32 46.73
CA ASP A 247 -36.23 -6.77 47.58
C ASP A 247 -34.92 -6.56 46.84
N LYS A 248 -34.87 -5.51 46.05
CA LYS A 248 -33.77 -5.22 45.14
C LYS A 248 -32.61 -4.58 45.87
N GLY A 249 -31.67 -4.04 45.09
CA GLY A 249 -30.67 -3.12 45.55
C GLY A 249 -30.93 -1.72 45.00
N ALA A 250 -30.14 -0.79 45.48
CA ALA A 250 -30.38 0.61 45.18
C ALA A 250 -29.74 1.00 43.85
N PRO A 251 -30.17 2.10 43.24
CA PRO A 251 -29.66 2.44 41.91
C PRO A 251 -28.37 3.20 41.90
N LEU A 252 -27.66 2.97 40.80
CA LEU A 252 -26.34 3.54 40.60
C LEU A 252 -26.39 5.05 40.54
N ASN A 253 -27.52 5.63 40.15
CA ASN A 253 -27.72 7.05 40.30
C ASN A 253 -28.06 7.43 41.74
N ASP A 254 -28.02 6.47 42.67
CA ASP A 254 -28.11 6.71 44.09
C ASP A 254 -27.01 6.02 44.89
N VAL A 255 -26.12 5.25 44.25
CA VAL A 255 -25.02 4.62 44.98
C VAL A 255 -23.68 4.72 44.28
N ALA A 256 -23.63 5.35 43.10
CA ALA A 256 -22.37 5.41 42.39
C ALA A 256 -21.33 6.21 43.19
N PRO A 257 -20.05 6.04 42.86
CA PRO A 257 -19.05 7.03 43.28
C PRO A 257 -18.80 8.14 42.28
N PHE A 258 -17.94 9.07 42.69
CA PHE A 258 -17.37 10.18 41.92
C PHE A 258 -18.37 10.91 41.04
N GLY A 259 -19.61 10.99 41.49
CA GLY A 259 -20.55 11.99 41.04
C GLY A 259 -21.19 11.93 39.68
N CYS A 260 -22.08 10.97 39.48
CA CYS A 260 -22.65 10.65 38.20
C CYS A 260 -24.16 10.66 38.30
N SER A 261 -24.79 10.87 37.15
CA SER A 261 -26.22 10.70 36.98
C SER A 261 -26.43 9.83 35.75
N ILE A 262 -27.63 9.30 35.60
CA ILE A 262 -27.90 8.15 34.74
C ILE A 262 -29.15 8.39 33.93
N ALA A 263 -29.26 7.69 32.80
CA ALA A 263 -30.48 7.72 31.98
C ALA A 263 -30.65 6.41 31.21
N LEU A 264 -31.91 6.00 31.04
CA LEU A 264 -32.28 4.98 30.05
C LEU A 264 -32.59 5.71 28.77
N GLU A 265 -31.57 5.90 28.00
CA GLU A 265 -31.35 6.85 26.94
C GLU A 265 -30.08 6.18 26.43
N PRO A 266 -29.18 6.78 25.67
CA PRO A 266 -27.99 6.02 25.22
C PRO A 266 -27.12 5.31 26.28
N LEU A 267 -27.54 5.25 27.55
CA LEU A 267 -26.88 4.53 28.64
C LEU A 267 -25.67 5.31 29.08
N ARG A 268 -25.84 6.62 29.06
CA ARG A 268 -24.82 7.49 29.54
C ARG A 268 -24.81 7.51 31.05
N ALA A 269 -23.71 8.03 31.59
CA ALA A 269 -23.60 8.32 33.01
C ALA A 269 -23.12 9.77 33.10
N GLU A 270 -24.07 10.69 33.18
CA GLU A 270 -23.76 12.11 33.02
C GLU A 270 -22.86 12.62 34.13
N ASN A 271 -22.07 13.62 33.79
CA ASN A 271 -21.58 14.62 34.73
C ASN A 271 -20.66 14.01 35.78
N CYS A 272 -19.94 12.96 35.40
CA CYS A 272 -19.04 12.26 36.32
C CYS A 272 -17.82 13.13 36.55
N ALA A 273 -17.84 13.86 37.66
CA ALA A 273 -16.76 14.78 38.02
C ALA A 273 -15.64 13.97 38.66
N VAL A 274 -14.60 13.67 37.88
CA VAL A 274 -13.43 13.01 38.45
C VAL A 274 -12.22 13.20 37.55
N GLY A 275 -11.10 13.56 38.15
CA GLY A 275 -9.86 13.68 37.43
C GLY A 275 -9.82 14.90 36.52
N SER A 276 -8.86 14.85 35.60
CA SER A 276 -8.55 15.95 34.72
C SER A 276 -8.63 15.49 33.27
N ILE A 277 -8.67 16.47 32.37
CA ILE A 277 -8.78 16.23 30.95
C ILE A 277 -7.75 17.12 30.24
N PRO A 278 -6.78 16.55 29.50
CA PRO A 278 -5.80 17.37 28.78
C PRO A 278 -6.34 18.00 27.51
N ILE A 279 -6.87 19.20 27.62
CA ILE A 279 -7.63 19.82 26.54
C ILE A 279 -6.75 20.85 25.84
N SER A 280 -6.91 20.93 24.53
CA SER A 280 -6.08 21.74 23.67
C SER A 280 -6.94 22.29 22.54
N ILE A 281 -6.80 23.59 22.26
CA ILE A 281 -7.65 24.28 21.30
C ILE A 281 -6.76 24.99 20.29
N ASP A 282 -7.23 25.03 19.05
CA ASP A 282 -6.69 25.88 18.00
C ASP A 282 -7.72 26.98 17.73
N ILE A 283 -7.45 28.15 18.27
CA ILE A 283 -8.31 29.34 18.15
C ILE A 283 -8.26 29.82 16.71
N PRO A 284 -9.29 30.50 16.20
CA PRO A 284 -9.11 31.24 14.94
C PRO A 284 -8.27 32.48 15.18
N ASP A 285 -7.18 32.60 14.42
CA ASP A 285 -6.29 33.74 14.57
C ASP A 285 -7.00 35.05 14.30
N ALA A 286 -8.05 35.02 13.47
CA ALA A 286 -8.85 36.22 13.25
C ALA A 286 -9.46 36.74 14.55
N ALA A 287 -9.83 35.83 15.45
CA ALA A 287 -10.42 36.25 16.71
C ALA A 287 -9.42 36.95 17.60
N PHE A 288 -8.13 36.74 17.40
CA PHE A 288 -7.13 37.47 18.16
C PHE A 288 -7.19 38.95 17.85
N THR A 289 -6.87 39.73 18.87
CA THR A 289 -6.57 41.14 18.71
C THR A 289 -5.06 41.29 18.79
N ARG A 290 -4.51 42.09 17.89
CA ARG A 290 -3.08 42.31 17.94
C ARG A 290 -2.72 43.10 19.19
N ILE A 291 -1.47 42.94 19.61
CA ILE A 291 -1.07 43.41 20.92
C ILE A 291 -1.07 44.93 20.99
N SER A 292 -0.87 45.60 19.87
CA SER A 292 -0.70 47.05 19.86
C SER A 292 -2.02 47.82 19.90
N GLU A 293 -3.12 47.14 20.20
CA GLU A 293 -4.44 47.75 20.19
C GLU A 293 -5.14 47.65 21.53
N THR A 294 -4.77 46.72 22.38
CA THR A 294 -5.29 46.67 23.73
C THR A 294 -4.46 47.60 24.62
N PRO A 295 -5.07 48.26 25.60
CA PRO A 295 -4.28 49.13 26.48
C PRO A 295 -3.28 48.33 27.29
N THR A 296 -2.07 48.87 27.41
CA THR A 296 -1.09 48.36 28.35
C THR A 296 -1.40 48.94 29.72
N VAL A 297 -1.46 48.06 30.72
CA VAL A 297 -2.10 48.34 31.99
C VAL A 297 -1.10 48.47 33.13
N SER A 298 0.19 48.25 32.87
CA SER A 298 1.19 48.20 33.92
C SER A 298 1.30 49.51 34.69
N ASP A 299 2.14 49.52 35.73
CA ASP A 299 2.19 50.59 36.73
C ASP A 299 0.85 50.72 37.44
N LEU A 300 0.27 49.56 37.75
CA LEU A 300 -1.03 49.45 38.38
C LEU A 300 -0.85 49.14 39.86
N GLU A 301 -1.95 48.81 40.54
CA GLU A 301 -1.91 48.22 41.87
C GLU A 301 -3.17 47.41 42.08
N CYS A 302 -3.04 46.30 42.81
CA CYS A 302 -4.15 45.43 43.14
C CYS A 302 -4.21 45.21 44.65
N LYS A 303 -5.43 45.12 45.16
CA LYS A 303 -5.61 44.76 46.56
C LYS A 303 -7.02 44.22 46.75
N ILE A 304 -7.14 43.20 47.58
CA ILE A 304 -8.45 42.79 48.06
C ILE A 304 -9.04 43.93 48.86
N THR A 305 -10.34 43.87 49.01
CA THR A 305 -11.07 44.78 49.88
C THR A 305 -11.99 44.03 50.83
N GLU A 306 -12.61 42.95 50.37
CA GLU A 306 -13.36 42.06 51.25
C GLU A 306 -13.25 40.67 50.64
N CYS A 307 -12.20 39.94 51.04
CA CYS A 307 -12.01 38.61 50.53
C CYS A 307 -12.80 37.62 51.36
N THR A 308 -13.59 36.81 50.68
CA THR A 308 -14.43 35.81 51.31
C THR A 308 -13.81 34.44 51.04
N TYR A 309 -13.44 33.76 52.12
CA TYR A 309 -12.65 32.54 52.08
C TYR A 309 -13.56 31.36 51.74
N ALA A 310 -14.04 31.34 50.50
CA ALA A 310 -15.27 30.63 50.21
C ALA A 310 -15.34 30.13 48.76
N SER A 311 -16.53 29.65 48.40
CA SER A 311 -16.84 28.97 47.15
C SER A 311 -17.49 29.91 46.16
N ASP A 312 -18.64 30.46 46.53
CA ASP A 312 -19.25 31.51 45.74
C ASP A 312 -18.25 32.64 45.58
N PHE A 313 -18.40 33.38 44.49
CA PHE A 313 -17.43 34.40 44.18
C PHE A 313 -17.57 35.55 45.15
N GLY A 314 -17.14 35.34 46.39
CA GLY A 314 -17.25 36.35 47.42
C GLY A 314 -16.00 37.20 47.50
N GLY A 315 -14.88 36.67 47.02
CA GLY A 315 -13.65 37.43 47.03
C GLY A 315 -13.71 38.57 46.04
N ILE A 316 -13.31 39.76 46.48
CA ILE A 316 -13.28 40.94 45.63
C ILE A 316 -11.93 41.63 45.79
N ALA A 317 -11.61 42.46 44.80
CA ALA A 317 -10.37 43.21 44.86
C ALA A 317 -10.43 44.34 43.87
N THR A 318 -10.29 45.57 44.37
CA THR A 318 -10.06 46.69 43.48
C THR A 318 -8.70 46.56 42.84
N VAL A 319 -8.55 47.18 41.68
CA VAL A 319 -7.29 47.21 40.97
C VAL A 319 -7.11 48.62 40.45
N ALA A 320 -6.02 49.26 40.87
CA ALA A 320 -5.70 50.60 40.40
C ALA A 320 -5.15 50.48 38.98
N TYR A 321 -6.07 50.39 38.03
CA TYR A 321 -5.68 50.21 36.64
C TYR A 321 -4.95 51.45 36.16
N LYS A 322 -3.83 51.22 35.48
CA LYS A 322 -2.99 52.27 34.93
C LYS A 322 -2.80 51.95 33.46
N SER A 323 -3.75 52.40 32.64
CA SER A 323 -3.80 52.02 31.24
C SER A 323 -3.05 53.02 30.39
N SER A 324 -2.91 52.66 29.11
CA SER A 324 -2.35 53.52 28.09
C SER A 324 -3.43 53.98 27.14
N LYS A 325 -4.12 53.05 26.50
CA LYS A 325 -5.35 53.32 25.78
C LYS A 325 -6.51 53.08 26.73
N ALA A 326 -7.73 53.02 26.20
CA ALA A 326 -8.90 52.70 26.98
C ALA A 326 -9.71 51.65 26.22
N GLY A 327 -10.14 50.62 26.94
CA GLY A 327 -10.91 49.57 26.30
C GLY A 327 -11.00 48.35 27.20
N ASN A 328 -11.14 47.19 26.57
CA ASN A 328 -11.26 45.95 27.29
C ASN A 328 -9.88 45.38 27.60
N CYS A 329 -9.87 44.46 28.56
CA CYS A 329 -8.64 43.86 29.05
C CYS A 329 -9.00 42.50 29.64
N PRO A 330 -8.76 41.40 28.94
CA PRO A 330 -9.06 40.10 29.53
C PRO A 330 -8.17 39.82 30.72
N ILE A 331 -8.72 39.07 31.68
CA ILE A 331 -8.08 38.83 32.96
C ILE A 331 -8.13 37.36 33.29
N HIS A 332 -7.17 36.94 34.10
CA HIS A 332 -7.12 35.57 34.60
C HIS A 332 -6.01 35.50 35.64
N SER A 333 -6.19 34.59 36.58
CA SER A 333 -5.16 34.24 37.54
C SER A 333 -4.50 32.96 37.04
N PRO A 334 -3.30 33.03 36.46
CA PRO A 334 -2.66 31.78 36.02
C PRO A 334 -2.47 30.78 37.14
N SER A 335 -2.30 31.26 38.36
CA SER A 335 -2.37 30.36 39.50
C SER A 335 -3.80 29.92 39.71
N GLY A 336 -3.97 28.64 40.01
CA GLY A 336 -5.28 28.11 40.26
C GLY A 336 -5.85 28.42 41.62
N VAL A 337 -5.15 29.22 42.41
CA VAL A 337 -5.62 29.58 43.74
C VAL A 337 -6.94 30.34 43.63
N ALA A 338 -6.99 31.30 42.72
CA ALA A 338 -8.11 32.20 42.59
C ALA A 338 -8.87 31.90 41.30
N VAL A 339 -10.17 31.81 41.42
CA VAL A 339 -11.07 31.63 40.29
C VAL A 339 -11.94 32.88 40.21
N ILE A 340 -12.01 33.45 39.03
CA ILE A 340 -12.54 34.79 38.83
C ILE A 340 -13.83 34.71 38.02
N LYS A 341 -14.80 35.51 38.40
CA LYS A 341 -16.08 35.53 37.70
C LYS A 341 -15.97 36.32 36.41
N GLU A 342 -15.20 37.39 36.41
CA GLU A 342 -15.04 38.24 35.24
C GLU A 342 -13.92 37.69 34.37
N ASN A 343 -14.25 37.45 33.10
CA ASN A 343 -13.21 37.15 32.12
C ASN A 343 -12.54 38.42 31.63
N ASP A 344 -13.31 39.49 31.51
CA ASP A 344 -12.90 40.71 30.85
C ASP A 344 -13.34 41.89 31.69
N VAL A 345 -12.51 42.93 31.71
CA VAL A 345 -12.82 44.16 32.41
C VAL A 345 -12.64 45.32 31.43
N THR A 346 -13.62 46.22 31.44
CA THR A 346 -13.53 47.44 30.64
C THR A 346 -12.65 48.44 31.37
N LEU A 347 -11.95 49.26 30.59
CA LEU A 347 -11.03 50.24 31.15
C LEU A 347 -11.15 51.57 30.44
N ALA A 348 -11.32 52.61 31.24
CA ALA A 348 -11.07 53.98 30.79
C ALA A 348 -9.58 54.24 30.92
N GLU A 349 -9.17 55.50 30.79
CA GLU A 349 -7.78 55.83 30.88
C GLU A 349 -7.34 55.76 32.34
N SER A 350 -6.87 54.59 32.75
CA SER A 350 -6.24 54.39 34.05
C SER A 350 -7.21 54.71 35.19
N GLY A 351 -8.29 53.95 35.22
CA GLY A 351 -9.26 54.00 36.30
C GLY A 351 -9.06 52.89 37.30
N SER A 352 -10.17 52.39 37.84
CA SER A 352 -10.14 51.30 38.80
C SER A 352 -11.45 50.54 38.69
N PHE A 353 -11.35 49.21 38.71
CA PHE A 353 -12.53 48.36 38.59
C PHE A 353 -12.32 47.10 39.41
N THR A 354 -13.22 46.87 40.35
CA THR A 354 -13.21 45.67 41.15
C THR A 354 -13.74 44.50 40.34
N PHE A 355 -13.21 43.32 40.64
CA PHE A 355 -13.74 42.07 40.13
C PHE A 355 -14.10 41.18 41.30
N HIS A 356 -14.71 40.05 40.98
CA HIS A 356 -15.13 39.05 41.96
C HIS A 356 -14.29 37.79 41.78
N PHE A 357 -14.11 37.05 42.86
CA PHE A 357 -13.39 35.79 42.77
C PHE A 357 -13.67 34.93 43.98
N SER A 358 -12.97 33.80 44.07
CA SER A 358 -13.08 32.87 45.17
C SER A 358 -11.75 32.14 45.31
N THR A 359 -11.39 31.82 46.54
CA THR A 359 -10.09 31.22 46.85
C THR A 359 -10.29 30.16 47.92
N ALA A 360 -9.17 29.56 48.31
CA ALA A 360 -9.15 28.53 49.34
C ALA A 360 -8.04 28.68 50.34
N ASN A 361 -7.13 29.62 50.16
CA ASN A 361 -6.02 29.84 51.08
C ASN A 361 -6.22 31.17 51.78
N ILE A 362 -5.98 31.15 53.10
CA ILE A 362 -6.28 32.28 53.96
C ILE A 362 -5.57 33.53 53.45
N HIS A 363 -4.36 33.35 52.95
CA HIS A 363 -3.54 34.43 52.42
C HIS A 363 -3.45 34.24 50.91
N PRO A 364 -4.43 34.69 50.15
CA PRO A 364 -4.38 34.45 48.71
C PRO A 364 -3.31 35.28 48.04
N ALA A 365 -2.19 34.64 47.74
CA ALA A 365 -1.10 35.25 46.99
C ALA A 365 -1.14 34.70 45.57
N PHE A 366 -2.12 35.20 44.81
CA PHE A 366 -2.32 34.77 43.44
C PHE A 366 -1.96 35.90 42.49
N LYS A 367 -1.26 35.54 41.43
CA LYS A 367 -1.00 36.49 40.37
C LYS A 367 -2.29 36.77 39.61
N LEU A 368 -2.37 37.97 39.05
CA LEU A 368 -3.46 38.35 38.17
C LEU A 368 -2.88 38.97 36.92
N GLN A 369 -3.24 38.40 35.78
CA GLN A 369 -2.66 38.77 34.51
C GLN A 369 -3.70 39.60 33.76
N VAL A 370 -3.60 40.92 33.92
CA VAL A 370 -4.55 41.84 33.31
C VAL A 370 -3.98 42.20 31.94
N CYS A 371 -4.28 41.35 30.97
CA CYS A 371 -3.92 41.51 29.57
C CYS A 371 -2.46 41.92 29.40
N THR A 372 -1.60 40.98 29.78
CA THR A 372 -0.15 41.14 29.81
C THR A 372 0.29 42.18 30.82
N SER A 373 -0.12 41.97 32.07
CA SER A 373 0.47 42.70 33.18
C SER A 373 0.15 41.91 34.44
N ALA A 374 1.19 41.32 35.03
CA ALA A 374 1.01 40.49 36.20
C ALA A 374 0.93 41.35 37.46
N VAL A 375 0.28 40.81 38.48
CA VAL A 375 0.23 41.49 39.77
C VAL A 375 -0.19 40.50 40.83
N THR A 376 0.42 40.61 41.99
CA THR A 376 0.03 39.85 43.17
C THR A 376 -1.08 40.60 43.89
N CYS A 377 -2.23 39.95 44.02
CA CYS A 377 -3.34 40.47 44.81
C CYS A 377 -3.35 39.85 46.20
N LYS A 378 -2.23 40.04 46.89
CA LYS A 378 -2.05 39.50 48.23
C LYS A 378 -3.11 40.05 49.18
N GLY A 379 -3.45 39.25 50.19
CA GLY A 379 -4.33 39.75 51.23
C GLY A 379 -4.75 38.68 52.21
N ASP A 380 -5.96 38.83 52.74
CA ASP A 380 -6.49 37.92 53.74
C ASP A 380 -8.00 37.86 53.62
N CYS A 381 -8.57 36.71 53.98
CA CYS A 381 -9.95 36.39 53.66
C CYS A 381 -10.71 35.99 54.92
N LYS A 382 -12.04 35.95 54.78
CA LYS A 382 -12.96 35.75 55.88
C LYS A 382 -13.84 34.53 55.62
N PRO A 383 -14.07 33.67 56.60
CA PRO A 383 -14.98 32.52 56.40
C PRO A 383 -16.43 32.94 56.38
N PRO A 384 -17.28 32.29 55.54
CA PRO A 384 -18.73 32.53 55.60
C PRO A 384 -19.50 31.73 56.63
N LYS A 385 -20.84 31.77 56.48
CA LYS A 385 -21.77 31.31 57.49
C LYS A 385 -22.88 30.37 57.00
N ASP A 386 -23.07 30.21 55.69
CA ASP A 386 -24.40 29.90 55.12
C ASP A 386 -24.35 28.77 54.08
N HIS A 387 -23.80 27.62 54.46
CA HIS A 387 -23.35 26.60 53.51
C HIS A 387 -24.32 25.43 53.29
N ILE A 388 -25.48 25.69 52.67
CA ILE A 388 -26.30 24.57 52.18
C ILE A 388 -26.97 24.82 50.82
N VAL A 389 -26.22 24.82 49.72
CA VAL A 389 -26.80 25.06 48.37
C VAL A 389 -25.81 24.34 47.49
N ASP A 390 -25.99 24.27 46.15
CA ASP A 390 -25.38 23.33 45.20
C ASP A 390 -23.85 23.47 45.13
N TYR A 391 -23.16 23.29 44.01
CA TYR A 391 -21.71 23.04 44.08
C TYR A 391 -20.85 24.25 43.71
N PRO A 392 -19.57 24.24 44.11
CA PRO A 392 -18.80 25.48 44.16
C PRO A 392 -18.19 25.90 42.83
N ALA A 393 -17.60 27.09 42.86
CA ALA A 393 -16.78 27.63 41.78
C ALA A 393 -15.30 27.67 42.14
N GLN A 394 -14.94 27.23 43.34
CA GLN A 394 -13.61 27.38 43.89
C GLN A 394 -12.71 26.24 43.46
N HIS A 395 -13.11 25.01 43.80
CA HIS A 395 -12.54 23.75 43.35
C HIS A 395 -11.03 23.76 43.24
N THR A 396 -10.38 24.37 44.23
CA THR A 396 -8.94 24.61 44.19
C THR A 396 -8.29 24.32 45.52
N GLU A 397 -8.89 23.44 46.32
CA GLU A 397 -8.37 23.20 47.65
C GLU A 397 -7.01 22.55 47.59
N SER A 398 -6.09 23.07 48.39
CA SER A 398 -4.73 22.54 48.47
C SER A 398 -4.22 22.81 49.88
N PHE A 399 -2.90 22.71 50.05
CA PHE A 399 -2.30 22.99 51.34
C PHE A 399 -2.36 24.48 51.63
N THR A 400 -2.91 24.83 52.79
CA THR A 400 -3.13 26.21 53.19
C THR A 400 -2.79 26.44 54.65
N TRP A 408 0.58 28.63 58.35
CA TRP A 408 2.01 28.81 58.59
C TRP A 408 2.30 29.63 59.84
N SER A 409 1.25 30.01 60.57
CA SER A 409 1.42 30.93 61.68
C SER A 409 2.20 30.32 62.84
N TRP A 410 2.32 28.99 62.90
CA TRP A 410 3.15 28.31 63.89
C TRP A 410 3.91 27.18 63.24
N LEU A 411 4.44 27.44 62.06
CA LEU A 411 5.16 26.43 61.32
C LEU A 411 6.50 26.95 60.83
N LYS A 412 6.57 28.23 60.48
CA LYS A 412 7.77 28.75 59.86
C LYS A 412 8.90 28.87 60.88
N VAL A 413 8.73 29.74 61.88
CA VAL A 413 9.73 29.85 62.94
C VAL A 413 9.55 28.72 63.95
N LEU A 414 8.40 28.03 63.94
CA LEU A 414 8.27 26.83 64.75
C LEU A 414 9.28 25.78 64.30
N VAL A 415 9.16 25.33 63.05
CA VAL A 415 9.98 24.23 62.60
C VAL A 415 11.41 24.70 62.39
N GLY A 416 11.59 25.95 61.97
CA GLY A 416 12.90 26.56 62.02
C GLY A 416 13.44 26.59 63.43
N GLY A 417 12.55 26.72 64.42
CA GLY A 417 12.93 26.58 65.81
C GLY A 417 13.11 25.13 66.21
N THR A 418 12.25 24.25 65.68
CA THR A 418 12.45 22.82 65.87
C THR A 418 13.81 22.41 65.34
N SER A 419 14.12 22.86 64.13
CA SER A 419 15.43 22.59 63.56
C SER A 419 16.52 23.19 64.42
N ALA A 420 16.28 24.39 64.95
CA ALA A 420 17.29 25.11 65.71
C ALA A 420 17.85 24.29 66.87
N PHE A 421 17.02 23.42 67.45
CA PHE A 421 17.52 22.51 68.46
C PHE A 421 18.54 21.54 67.89
N ILE A 422 18.20 20.93 66.76
CA ILE A 422 19.11 19.97 66.13
C ILE A 422 20.16 20.67 65.28
N VAL A 423 19.90 21.91 64.84
CA VAL A 423 20.97 22.70 64.25
C VAL A 423 21.94 23.11 65.34
N LEU A 424 21.45 23.35 66.55
CA LEU A 424 22.33 23.64 67.68
C LEU A 424 23.25 22.46 68.00
N GLY A 425 22.90 21.26 67.57
CA GLY A 425 23.68 20.09 67.86
C GLY A 425 25.05 20.12 67.22
N LEU A 426 25.09 20.10 65.89
CA LEU A 426 26.36 20.05 65.17
C LEU A 426 27.13 21.36 65.22
N ILE A 427 26.65 22.36 65.94
CA ILE A 427 27.47 23.50 66.32
C ILE A 427 27.82 23.47 67.79
N ALA A 428 27.26 22.53 68.54
CA ALA A 428 27.84 22.08 69.80
C ALA A 428 28.85 20.97 69.53
N THR A 429 28.40 19.91 68.86
CA THR A 429 29.32 18.93 68.33
C THR A 429 30.12 19.54 67.20
N ALA A 430 31.38 19.11 67.10
CA ALA A 430 32.41 19.65 66.21
C ALA A 430 32.95 21.00 66.69
N VAL A 431 32.34 21.61 67.71
CA VAL A 431 33.00 22.62 68.51
C VAL A 431 33.63 21.97 69.72
N VAL A 432 33.08 20.83 70.16
CA VAL A 432 33.85 19.96 71.02
C VAL A 432 35.15 19.58 70.33
N ALA A 433 35.10 19.35 69.02
CA ALA A 433 36.31 19.07 68.26
C ALA A 433 37.31 20.21 68.33
N LEU A 434 36.82 21.45 68.43
CA LEU A 434 37.71 22.60 68.56
C LEU A 434 38.27 22.70 69.97
N VAL A 435 37.39 22.60 70.98
CA VAL A 435 37.85 22.55 72.36
C VAL A 435 38.77 21.36 72.54
N LEU A 436 38.39 20.23 71.96
CA LEU A 436 39.31 19.11 71.81
C LEU A 436 40.56 19.56 71.06
N PHE A 437 40.38 20.14 69.87
CA PHE A 437 41.40 20.29 68.82
C PHE A 437 41.74 18.93 68.23
N LEU B 2 -66.70 1.80 18.25
CA LEU B 2 -66.78 0.54 18.97
C LEU B 2 -66.91 -0.66 18.04
N ASP B 3 -66.69 -0.47 16.73
CA ASP B 3 -67.01 -1.44 15.70
C ASP B 3 -65.77 -1.84 14.93
N THR B 4 -64.64 -1.90 15.62
CA THR B 4 -63.33 -2.17 15.04
C THR B 4 -62.68 -3.44 15.59
N HIS B 5 -63.39 -4.19 16.44
CA HIS B 5 -62.85 -5.41 17.04
C HIS B 5 -63.91 -6.50 16.97
N PHE B 6 -64.51 -6.66 15.80
CA PHE B 6 -65.33 -7.83 15.55
C PHE B 6 -64.50 -9.08 15.36
N THR B 7 -63.17 -8.96 15.40
CA THR B 7 -62.31 -10.12 15.61
C THR B 7 -62.80 -10.93 16.79
N GLN B 8 -62.87 -10.30 17.97
CA GLN B 8 -63.38 -11.01 19.14
C GLN B 8 -64.89 -11.11 19.10
N TYR B 9 -65.56 -9.97 18.91
CA TYR B 9 -66.97 -9.85 19.24
C TYR B 9 -67.82 -10.88 18.49
N LYS B 10 -67.77 -10.84 17.16
CA LYS B 10 -68.57 -11.78 16.37
C LYS B 10 -68.18 -13.22 16.66
N LEU B 11 -66.89 -13.46 16.88
CA LEU B 11 -66.33 -14.79 16.73
C LEU B 11 -66.06 -15.47 18.06
N ALA B 12 -66.02 -14.72 19.15
CA ALA B 12 -65.84 -15.27 20.49
C ALA B 12 -67.16 -15.25 21.25
N ARG B 13 -67.31 -16.20 22.16
CA ARG B 13 -68.49 -16.38 22.97
C ARG B 13 -68.15 -16.20 24.43
N PRO B 14 -69.14 -15.93 25.30
CA PRO B 14 -68.84 -15.84 26.74
C PRO B 14 -68.53 -17.18 27.34
N TYR B 15 -67.25 -17.45 27.59
CA TYR B 15 -66.88 -18.77 28.05
C TYR B 15 -67.36 -18.97 29.48
N ILE B 16 -67.55 -20.24 29.86
CA ILE B 16 -67.89 -20.61 31.22
C ILE B 16 -66.90 -21.63 31.75
N ALA B 17 -66.39 -21.36 32.95
CA ALA B 17 -65.37 -22.18 33.58
C ALA B 17 -65.71 -22.35 35.05
N ASP B 18 -64.77 -22.93 35.80
CA ASP B 18 -65.01 -23.34 37.18
C ASP B 18 -64.42 -22.31 38.13
N CYS B 19 -65.29 -21.47 38.66
CA CYS B 19 -64.86 -20.50 39.65
C CYS B 19 -64.47 -21.23 40.93
N PRO B 20 -63.43 -20.77 41.66
CA PRO B 20 -62.91 -21.58 42.77
C PRO B 20 -63.65 -21.48 44.09
N ASN B 21 -64.19 -20.32 44.44
CA ASN B 21 -64.90 -20.15 45.70
C ASN B 21 -66.14 -19.31 45.44
N CYS B 22 -66.95 -19.82 44.52
CA CYS B 22 -68.08 -19.11 43.91
C CYS B 22 -69.19 -18.89 44.92
N GLY B 23 -68.94 -18.01 45.89
CA GLY B 23 -69.90 -17.74 46.94
C GLY B 23 -69.84 -18.83 47.99
N HIS B 24 -70.40 -19.99 47.67
CA HIS B 24 -70.28 -21.16 48.54
C HIS B 24 -68.91 -21.80 48.37
N SER B 25 -68.67 -22.32 47.18
CA SER B 25 -67.57 -23.20 46.88
C SER B 25 -67.38 -23.19 45.37
N ARG B 26 -66.70 -24.19 44.85
CA ARG B 26 -66.39 -24.24 43.42
C ARG B 26 -67.65 -24.45 42.60
N CYS B 27 -68.19 -23.39 42.03
CA CYS B 27 -69.25 -23.51 41.03
C CYS B 27 -68.62 -23.53 39.64
N ASP B 28 -69.46 -23.38 38.62
CA ASP B 28 -69.03 -23.09 37.26
C ASP B 28 -69.68 -21.77 36.88
N SER B 29 -68.94 -20.67 37.10
CA SER B 29 -69.48 -19.36 36.75
C SER B 29 -69.06 -18.97 35.35
N PRO B 30 -69.89 -18.27 34.59
CA PRO B 30 -69.41 -17.68 33.33
C PRO B 30 -68.38 -16.61 33.53
N ILE B 31 -68.31 -16.02 34.72
CA ILE B 31 -67.39 -14.92 34.99
C ILE B 31 -66.17 -15.47 35.73
N ALA B 32 -65.87 -16.75 35.52
CA ALA B 32 -64.74 -17.39 36.17
C ALA B 32 -63.46 -16.62 35.89
N ILE B 33 -62.79 -16.24 36.96
CA ILE B 33 -61.67 -15.31 36.89
C ILE B 33 -60.39 -16.07 36.66
N GLU B 34 -59.72 -15.76 35.57
CA GLU B 34 -58.36 -16.19 35.32
C GLU B 34 -57.52 -14.93 35.11
N GLU B 35 -56.20 -15.09 35.12
CA GLU B 35 -55.23 -14.06 34.76
C GLU B 35 -55.54 -12.72 35.43
N VAL B 36 -55.45 -12.74 36.73
CA VAL B 36 -55.44 -11.50 37.50
C VAL B 36 -54.06 -10.90 37.37
N ARG B 37 -54.01 -9.58 37.15
CA ARG B 37 -52.75 -8.88 36.89
C ARG B 37 -52.70 -7.61 37.73
N GLY B 38 -52.23 -7.75 38.97
CA GLY B 38 -52.01 -6.62 39.84
C GLY B 38 -50.57 -6.17 39.73
N ASP B 39 -50.13 -6.04 38.49
CA ASP B 39 -48.74 -5.83 38.16
C ASP B 39 -48.44 -4.39 37.77
N ALA B 40 -49.46 -3.58 37.52
CA ALA B 40 -49.28 -2.17 37.23
C ALA B 40 -49.19 -1.40 38.55
N HIS B 41 -49.31 -0.08 38.47
CA HIS B 41 -49.08 0.81 39.59
C HIS B 41 -50.28 1.69 39.95
N ALA B 42 -51.22 1.89 39.03
CA ALA B 42 -52.16 3.00 39.13
C ALA B 42 -53.42 2.64 39.88
N GLY B 43 -53.36 1.71 40.82
CA GLY B 43 -54.57 1.22 41.44
C GLY B 43 -55.40 0.33 40.57
N VAL B 44 -54.87 -0.12 39.44
CA VAL B 44 -55.64 -0.77 38.38
C VAL B 44 -55.28 -2.25 38.31
N ILE B 45 -56.27 -3.07 37.99
CA ILE B 45 -56.05 -4.45 37.62
C ILE B 45 -56.79 -4.71 36.32
N ARG B 46 -56.12 -5.39 35.42
CA ARG B 46 -56.73 -5.99 34.25
C ARG B 46 -57.09 -7.42 34.60
N ILE B 47 -58.34 -7.80 34.31
CA ILE B 47 -58.88 -9.10 34.65
C ILE B 47 -59.46 -9.70 33.39
N GLN B 48 -59.48 -11.03 33.33
CA GLN B 48 -60.28 -11.75 32.35
C GLN B 48 -61.34 -12.56 33.07
N THR B 49 -62.59 -12.22 32.81
CA THR B 49 -63.67 -13.16 33.01
C THR B 49 -63.66 -14.14 31.85
N SER B 50 -64.18 -15.34 32.11
CA SER B 50 -64.52 -16.21 31.00
C SER B 50 -65.74 -15.70 30.25
N ALA B 51 -66.50 -14.78 30.86
CA ALA B 51 -67.61 -14.15 30.19
C ALA B 51 -67.13 -13.02 29.30
N MET B 52 -67.77 -12.91 28.14
CA MET B 52 -67.46 -11.91 27.13
C MET B 52 -68.59 -10.89 27.19
N PHE B 53 -68.42 -9.88 28.03
CA PHE B 53 -69.28 -8.72 27.99
C PHE B 53 -68.76 -7.78 26.92
N GLY B 54 -69.52 -6.72 26.65
CA GLY B 54 -69.20 -5.81 25.57
C GLY B 54 -70.41 -5.54 24.72
N LEU B 55 -70.27 -5.68 23.40
CA LEU B 55 -71.45 -5.66 22.55
C LEU B 55 -72.33 -6.85 22.91
N LYS B 56 -73.50 -6.90 22.31
CA LYS B 56 -74.40 -8.01 22.51
C LYS B 56 -73.90 -9.20 21.71
N THR B 57 -74.74 -10.22 21.57
CA THR B 57 -74.44 -11.30 20.63
C THR B 57 -74.12 -10.75 19.26
N ASP B 58 -74.83 -9.70 18.82
CA ASP B 58 -74.76 -9.29 17.43
C ASP B 58 -73.92 -8.04 17.15
N GLY B 59 -74.32 -6.86 17.63
CA GLY B 59 -73.68 -5.65 17.13
C GLY B 59 -73.63 -4.33 17.89
N VAL B 60 -74.12 -4.23 19.13
CA VAL B 60 -74.42 -2.92 19.70
C VAL B 60 -73.92 -2.79 21.13
N ASP B 61 -73.38 -1.60 21.46
CA ASP B 61 -73.29 -1.10 22.82
C ASP B 61 -72.41 -1.91 23.75
N LEU B 62 -71.11 -1.63 23.72
CA LEU B 62 -70.11 -2.10 24.68
C LEU B 62 -70.66 -2.25 26.10
N ALA B 63 -71.50 -1.32 26.53
CA ALA B 63 -71.98 -1.29 27.91
C ALA B 63 -73.12 -2.29 28.17
N TYR B 64 -73.32 -3.28 27.31
CA TYR B 64 -74.22 -4.39 27.59
C TYR B 64 -73.40 -5.60 28.03
N MET B 65 -74.09 -6.70 28.26
CA MET B 65 -73.59 -7.74 29.15
C MET B 65 -74.05 -9.10 28.62
N SER B 66 -73.10 -9.87 28.08
CA SER B 66 -73.36 -11.22 27.57
C SER B 66 -72.51 -12.22 28.34
N PHE B 67 -73.14 -12.97 29.23
CA PHE B 67 -72.56 -14.17 29.80
C PHE B 67 -73.31 -15.39 29.29
N MET B 68 -72.86 -16.56 29.72
CA MET B 68 -73.49 -17.82 29.36
C MET B 68 -74.45 -18.24 30.47
N ASN B 69 -75.71 -18.47 30.09
CA ASN B 69 -76.69 -19.12 30.94
C ASN B 69 -77.23 -20.29 30.15
N GLY B 70 -77.03 -21.50 30.68
CA GLY B 70 -77.30 -22.70 29.92
C GLY B 70 -76.13 -22.99 28.99
N LYS B 71 -76.45 -23.62 27.86
CA LYS B 71 -75.58 -23.57 26.71
C LYS B 71 -75.57 -22.19 26.05
N THR B 72 -76.48 -21.30 26.45
CA THR B 72 -76.82 -20.10 25.72
C THR B 72 -76.19 -18.88 26.35
N GLN B 73 -76.04 -17.84 25.52
CA GLN B 73 -75.64 -16.54 26.00
C GLN B 73 -76.78 -15.87 26.76
N LYS B 74 -76.51 -14.68 27.28
CA LYS B 74 -77.58 -13.78 27.70
C LYS B 74 -77.06 -12.35 27.55
N SER B 75 -77.26 -11.79 26.36
CA SER B 75 -76.68 -10.50 25.99
C SER B 75 -77.63 -9.39 26.40
N ILE B 76 -77.44 -8.90 27.61
CA ILE B 76 -78.34 -7.94 28.24
C ILE B 76 -77.50 -6.87 28.95
N LYS B 77 -78.14 -6.02 29.75
CA LYS B 77 -77.49 -4.85 30.32
C LYS B 77 -76.55 -5.19 31.48
N ILE B 78 -75.54 -4.34 31.66
CA ILE B 78 -74.42 -4.53 32.59
C ILE B 78 -74.78 -4.11 34.02
N ASP B 79 -76.06 -3.87 34.28
CA ASP B 79 -76.56 -2.97 35.31
C ASP B 79 -75.76 -2.84 36.60
N ASN B 80 -75.32 -3.95 37.18
CA ASN B 80 -74.80 -3.96 38.55
C ASN B 80 -73.54 -4.81 38.67
N LEU B 81 -72.58 -4.57 37.79
CA LEU B 81 -71.27 -5.18 37.93
C LEU B 81 -70.66 -4.82 39.28
N HIS B 82 -69.90 -5.78 39.84
CA HIS B 82 -69.05 -5.50 40.99
C HIS B 82 -67.79 -6.32 40.89
N VAL B 83 -66.68 -5.67 40.54
CA VAL B 83 -65.36 -6.14 40.93
C VAL B 83 -65.12 -5.66 42.35
N ARG B 84 -64.43 -6.46 43.14
CA ARG B 84 -64.01 -5.96 44.43
C ARG B 84 -62.89 -6.82 44.98
N THR B 85 -62.27 -6.29 46.02
CA THR B 85 -61.12 -6.84 46.72
C THR B 85 -61.41 -6.54 48.17
N SER B 86 -60.38 -6.39 48.99
CA SER B 86 -60.50 -5.87 50.34
C SER B 86 -61.52 -4.76 50.47
N ALA B 87 -61.61 -3.89 49.47
CA ALA B 87 -62.70 -2.94 49.33
C ALA B 87 -63.34 -3.09 47.96
N PRO B 88 -64.51 -2.47 47.74
CA PRO B 88 -65.07 -2.44 46.39
C PRO B 88 -64.21 -1.64 45.45
N CYS B 89 -63.92 -2.23 44.30
CA CYS B 89 -63.11 -1.60 43.28
C CYS B 89 -63.93 -0.57 42.52
N SER B 90 -63.28 0.05 41.55
CA SER B 90 -63.93 0.91 40.57
C SER B 90 -63.63 0.35 39.20
N LEU B 91 -64.69 0.05 38.45
CA LEU B 91 -64.56 -0.29 37.05
C LEU B 91 -63.81 0.82 36.32
N VAL B 92 -63.03 0.43 35.31
CA VAL B 92 -62.39 1.37 34.38
C VAL B 92 -62.96 1.21 32.99
N SER B 93 -62.95 0.00 32.46
CA SER B 93 -63.54 -0.28 31.15
C SER B 93 -63.52 -1.77 30.92
N HIS B 94 -64.46 -2.23 30.10
CA HIS B 94 -64.51 -3.60 29.64
C HIS B 94 -64.38 -3.66 28.13
N HIS B 95 -63.77 -4.73 27.64
CA HIS B 95 -63.71 -5.02 26.21
C HIS B 95 -63.46 -6.50 26.05
N GLY B 96 -64.40 -7.20 25.43
CA GLY B 96 -64.21 -8.62 25.15
C GLY B 96 -64.48 -9.44 26.38
N TYR B 97 -63.57 -10.38 26.65
CA TYR B 97 -63.59 -11.15 27.89
C TYR B 97 -63.09 -10.36 29.08
N TYR B 98 -62.61 -9.14 28.86
CA TYR B 98 -61.60 -8.53 29.71
C TYR B 98 -62.12 -7.24 30.29
N ILE B 99 -61.82 -7.00 31.55
CA ILE B 99 -62.20 -5.80 32.25
C ILE B 99 -60.99 -5.18 32.92
N LEU B 100 -60.94 -3.86 32.90
CA LEU B 100 -59.99 -3.09 33.68
C LEU B 100 -60.75 -2.39 34.79
N ALA B 101 -60.19 -2.40 35.99
CA ALA B 101 -60.87 -1.85 37.15
C ALA B 101 -59.83 -1.32 38.12
N GLN B 102 -60.12 -0.16 38.69
CA GLN B 102 -59.24 0.45 39.68
C GLN B 102 -59.57 -0.14 41.03
N CYS B 103 -58.63 -0.92 41.58
CA CYS B 103 -58.78 -1.60 42.85
C CYS B 103 -57.77 -1.10 43.87
N PRO B 104 -58.06 -1.23 45.16
CA PRO B 104 -57.02 -1.12 46.16
C PRO B 104 -56.28 -2.43 46.30
N PRO B 105 -55.26 -2.48 47.14
CA PRO B 105 -54.62 -3.75 47.44
C PRO B 105 -55.59 -4.73 48.07
N GLY B 106 -55.29 -6.00 47.90
CA GLY B 106 -56.12 -7.04 48.46
C GLY B 106 -55.48 -8.39 48.33
N ASP B 107 -55.60 -9.20 49.38
CA ASP B 107 -55.10 -10.55 49.33
C ASP B 107 -55.75 -11.36 48.21
N THR B 108 -56.99 -11.05 47.89
CA THR B 108 -57.78 -11.78 46.91
C THR B 108 -58.26 -10.84 45.82
N VAL B 109 -59.05 -11.41 44.92
CA VAL B 109 -59.86 -10.65 43.98
C VAL B 109 -61.21 -11.32 43.92
N THR B 110 -62.26 -10.50 43.87
CA THR B 110 -63.62 -10.96 44.07
C THR B 110 -64.53 -10.18 43.13
N VAL B 111 -65.10 -10.88 42.16
CA VAL B 111 -65.80 -10.27 41.03
C VAL B 111 -67.25 -10.71 41.06
N GLY B 112 -68.12 -9.88 40.51
CA GLY B 112 -69.50 -10.29 40.38
C GLY B 112 -70.44 -9.21 39.91
N PHE B 113 -71.37 -9.60 39.04
CA PHE B 113 -72.47 -8.74 38.63
C PHE B 113 -73.72 -9.15 39.38
N HIS B 114 -74.86 -8.61 38.96
CA HIS B 114 -76.16 -9.05 39.46
C HIS B 114 -77.07 -9.16 38.26
N ASP B 115 -77.38 -10.40 37.87
CA ASP B 115 -78.33 -10.63 36.79
C ASP B 115 -79.68 -10.02 37.11
N GLY B 116 -80.07 -10.02 38.38
CA GLY B 116 -81.34 -9.51 38.84
C GLY B 116 -82.12 -10.49 39.68
N PRO B 117 -82.17 -11.76 39.29
CA PRO B 117 -82.71 -12.78 40.20
C PRO B 117 -81.71 -13.31 41.20
N ASN B 118 -80.41 -13.15 40.93
CA ASN B 118 -79.39 -13.81 41.73
C ASN B 118 -78.13 -12.95 41.74
N ARG B 119 -77.34 -13.13 42.80
CA ARG B 119 -76.09 -12.40 42.92
C ARG B 119 -75.10 -12.89 41.87
N HIS B 120 -74.75 -14.18 41.94
CA HIS B 120 -74.07 -14.85 40.83
C HIS B 120 -72.70 -14.22 40.56
N THR B 121 -71.84 -14.33 41.56
CA THR B 121 -70.53 -13.71 41.60
C THR B 121 -69.44 -14.75 41.38
N CYS B 122 -68.20 -14.28 41.33
CA CYS B 122 -67.04 -15.17 41.29
C CYS B 122 -65.83 -14.53 41.92
N THR B 123 -65.05 -15.35 42.60
CA THR B 123 -64.01 -14.87 43.49
C THR B 123 -62.79 -15.74 43.31
N VAL B 124 -61.62 -15.22 43.70
CA VAL B 124 -60.36 -15.86 43.39
C VAL B 124 -59.28 -15.31 44.31
N ALA B 125 -58.23 -16.08 44.50
CA ALA B 125 -57.03 -15.64 45.17
C ALA B 125 -56.10 -14.94 44.19
N HIS B 126 -55.54 -13.82 44.62
CA HIS B 126 -54.42 -13.22 43.93
C HIS B 126 -53.79 -12.13 44.79
N LYS B 127 -52.48 -12.21 44.97
CA LYS B 127 -51.75 -11.21 45.72
C LYS B 127 -51.75 -9.91 44.93
N VAL B 128 -52.32 -8.87 45.52
CA VAL B 128 -52.43 -7.56 44.90
C VAL B 128 -51.73 -6.54 45.77
N GLU B 129 -51.05 -5.61 45.12
CA GLU B 129 -50.53 -4.42 45.77
C GLU B 129 -50.57 -3.28 44.79
N PHE B 130 -50.41 -2.06 45.31
CA PHE B 130 -50.20 -0.90 44.46
C PHE B 130 -49.16 -0.01 45.11
N ARG B 131 -47.93 -0.28 44.78
CA ARG B 131 -46.89 0.71 44.89
C ARG B 131 -47.07 1.72 43.76
N PRO B 132 -47.12 3.01 44.06
CA PRO B 132 -46.89 3.99 43.00
C PRO B 132 -45.42 4.05 42.68
N VAL B 133 -45.11 4.42 41.44
CA VAL B 133 -43.73 4.62 41.06
C VAL B 133 -43.22 5.87 41.76
N GLY B 134 -42.11 5.72 42.45
CA GLY B 134 -41.54 6.78 43.23
C GLY B 134 -40.94 6.19 44.49
N ARG B 135 -40.07 6.96 45.11
CA ARG B 135 -39.47 6.53 46.36
C ARG B 135 -40.42 6.66 47.54
N GLU B 136 -41.65 7.11 47.32
CA GLU B 136 -42.70 7.07 48.32
C GLU B 136 -43.50 5.80 48.18
N LYS B 137 -43.66 5.08 49.28
CA LYS B 137 -44.45 3.86 49.31
C LYS B 137 -45.83 4.17 49.87
N TYR B 138 -46.64 4.82 49.04
CA TYR B 138 -48.02 5.06 49.41
C TYR B 138 -48.80 3.75 49.44
N ARG B 139 -50.08 3.87 49.76
CA ARG B 139 -51.06 2.82 49.60
C ARG B 139 -52.11 3.19 48.56
N HIS B 140 -52.02 4.37 47.96
CA HIS B 140 -53.13 4.89 47.19
C HIS B 140 -52.69 6.13 46.40
N PRO B 141 -53.22 6.40 45.22
CA PRO B 141 -52.77 7.58 44.47
C PRO B 141 -53.38 8.85 45.03
N PRO B 142 -52.62 9.93 45.18
CA PRO B 142 -53.18 11.18 45.67
C PRO B 142 -53.81 12.00 44.55
N GLU B 143 -54.25 13.20 44.92
CA GLU B 143 -54.79 14.17 43.98
C GLU B 143 -53.70 15.02 43.33
N HIS B 144 -52.55 15.13 43.98
CA HIS B 144 -51.51 16.07 43.56
C HIS B 144 -50.18 15.35 43.58
N GLY B 145 -49.11 16.11 43.44
CA GLY B 145 -47.77 15.57 43.35
C GLY B 145 -47.26 15.57 41.93
N VAL B 146 -46.00 15.16 41.81
CA VAL B 146 -45.34 15.16 40.51
C VAL B 146 -45.87 14.01 39.66
N GLU B 147 -45.79 14.18 38.35
CA GLU B 147 -46.04 13.10 37.40
C GLU B 147 -44.71 12.49 36.98
N LEU B 148 -44.70 11.18 36.83
CA LEU B 148 -43.49 10.46 36.48
C LEU B 148 -43.89 9.10 35.92
N PRO B 149 -43.00 8.42 35.22
CA PRO B 149 -43.41 7.37 34.28
C PRO B 149 -43.86 6.08 34.93
N CYS B 150 -45.16 5.97 35.22
CA CYS B 150 -45.71 4.75 35.77
C CYS B 150 -46.05 3.76 34.66
N ASN B 151 -46.39 2.55 35.09
CA ASN B 151 -46.92 1.50 34.23
C ASN B 151 -48.39 1.30 34.56
N ARG B 152 -49.20 1.16 33.52
CA ARG B 152 -50.63 1.32 33.67
C ARG B 152 -51.29 0.84 32.38
N TYR B 153 -52.55 0.45 32.50
CA TYR B 153 -53.34 -0.01 31.38
C TYR B 153 -54.25 1.08 30.87
N THR B 154 -54.65 0.93 29.61
CA THR B 154 -55.38 1.97 28.92
C THR B 154 -56.86 1.93 29.27
N HIS B 155 -57.54 3.00 28.91
CA HIS B 155 -58.99 3.00 28.93
C HIS B 155 -59.58 2.30 27.72
N LYS B 156 -58.82 2.21 26.63
CA LYS B 156 -59.40 2.09 25.31
C LYS B 156 -59.38 0.65 24.80
N ARG B 157 -59.94 0.49 23.60
CA ARG B 157 -60.11 -0.77 22.92
C ARG B 157 -59.34 -0.85 21.61
N ALA B 158 -59.09 0.29 20.95
CA ALA B 158 -58.46 0.31 19.64
C ALA B 158 -56.99 -0.07 19.85
N ASP B 159 -56.79 -1.38 19.98
CA ASP B 159 -55.59 -1.90 20.63
C ASP B 159 -55.19 -3.19 19.96
N GLN B 160 -53.91 -3.28 19.61
CA GLN B 160 -53.36 -4.43 18.92
C GLN B 160 -51.99 -4.83 19.44
N GLY B 161 -51.46 -4.12 20.45
CA GLY B 161 -50.08 -4.30 20.88
C GLY B 161 -49.72 -5.74 21.23
N HIS B 162 -50.71 -6.54 21.61
CA HIS B 162 -50.52 -7.97 21.74
C HIS B 162 -51.80 -8.67 21.33
N TYR B 163 -51.69 -9.98 21.16
CA TYR B 163 -52.86 -10.80 20.92
C TYR B 163 -52.61 -12.17 21.51
N VAL B 164 -53.63 -12.72 22.13
CA VAL B 164 -53.59 -14.03 22.73
C VAL B 164 -54.31 -15.00 21.82
N GLU B 165 -53.83 -16.23 21.80
CA GLU B 165 -54.50 -17.30 21.06
C GLU B 165 -55.90 -17.48 21.62
N MET B 166 -56.90 -17.51 20.73
CA MET B 166 -58.25 -17.86 21.12
C MET B 166 -58.86 -18.78 20.07
N HIS B 167 -58.57 -20.07 20.18
CA HIS B 167 -59.15 -21.08 19.31
C HIS B 167 -60.38 -21.67 20.00
N GLN B 168 -60.85 -22.81 19.48
CA GLN B 168 -62.20 -23.24 19.69
C GLN B 168 -62.43 -23.60 21.15
N PRO B 169 -63.68 -23.83 21.53
CA PRO B 169 -63.95 -24.61 22.73
C PRO B 169 -63.89 -26.08 22.41
N GLY B 170 -63.54 -26.85 23.43
CA GLY B 170 -63.86 -28.25 23.42
C GLY B 170 -65.35 -28.42 23.65
N LEU B 171 -65.74 -29.66 23.80
CA LEU B 171 -67.13 -29.94 24.14
C LEU B 171 -67.45 -29.39 25.52
N VAL B 172 -68.72 -29.50 25.90
CA VAL B 172 -69.15 -29.23 27.25
C VAL B 172 -70.24 -30.22 27.61
N ALA B 173 -70.42 -30.43 28.90
CA ALA B 173 -71.49 -31.29 29.37
C ALA B 173 -72.81 -30.55 29.30
N ASP B 174 -73.89 -31.28 28.98
CA ASP B 174 -75.22 -30.74 29.18
C ASP B 174 -76.18 -31.93 29.32
N HIS B 175 -76.44 -32.33 30.55
CA HIS B 175 -77.34 -33.45 30.81
C HIS B 175 -78.80 -33.04 30.79
N SER B 176 -79.10 -31.76 30.58
CA SER B 176 -80.45 -31.39 30.21
C SER B 176 -80.85 -32.04 28.90
N LEU B 177 -79.88 -32.31 28.03
CA LEU B 177 -80.15 -33.03 26.80
C LEU B 177 -80.72 -34.41 27.07
N LEU B 178 -80.02 -35.19 27.89
CA LEU B 178 -80.30 -36.61 28.04
C LEU B 178 -81.59 -36.79 28.82
N SER B 179 -82.70 -36.58 28.12
CA SER B 179 -84.03 -36.87 28.65
C SER B 179 -84.27 -38.37 28.52
N ILE B 180 -85.53 -38.79 28.69
CA ILE B 180 -85.91 -40.20 28.59
C ILE B 180 -87.00 -40.33 27.54
N HIS B 181 -86.85 -41.31 26.65
CA HIS B 181 -87.86 -41.68 25.65
C HIS B 181 -88.82 -42.73 26.21
N SER B 182 -89.31 -42.47 27.42
CA SER B 182 -90.30 -43.26 28.14
C SER B 182 -89.81 -44.64 28.60
N ALA B 183 -88.75 -45.17 28.01
CA ALA B 183 -87.93 -46.22 28.63
C ALA B 183 -86.45 -46.06 28.36
N LYS B 184 -86.05 -45.30 27.35
CA LYS B 184 -84.67 -45.18 26.91
C LYS B 184 -84.21 -43.75 27.13
N VAL B 185 -82.91 -43.58 27.30
CA VAL B 185 -82.38 -42.24 27.53
C VAL B 185 -82.27 -41.53 26.19
N LYS B 186 -82.77 -40.30 26.16
CA LYS B 186 -83.08 -39.57 24.94
C LYS B 186 -82.23 -38.31 24.92
N ILE B 187 -81.34 -38.23 23.96
CA ILE B 187 -80.54 -37.04 23.73
C ILE B 187 -81.28 -36.16 22.73
N THR B 188 -81.03 -34.85 22.81
CA THR B 188 -81.52 -33.91 21.82
C THR B 188 -80.36 -33.03 21.37
N VAL B 189 -80.66 -31.96 20.62
CA VAL B 189 -79.63 -31.07 20.09
C VAL B 189 -80.05 -29.63 20.28
N PRO B 190 -79.08 -28.70 20.43
CA PRO B 190 -79.44 -27.28 20.53
C PRO B 190 -80.16 -26.73 19.32
N SER B 191 -79.47 -26.73 18.18
CA SER B 191 -79.95 -26.11 16.96
C SER B 191 -79.51 -26.92 15.75
N GLY B 192 -79.31 -28.21 15.94
CA GLY B 192 -78.54 -29.01 15.01
C GLY B 192 -77.07 -29.07 15.34
N ALA B 193 -76.67 -28.65 16.54
CA ALA B 193 -75.28 -28.72 16.93
C ALA B 193 -74.84 -30.18 17.02
N GLN B 194 -73.54 -30.35 17.21
CA GLN B 194 -72.88 -31.64 17.07
C GLN B 194 -72.74 -32.26 18.45
N VAL B 195 -73.53 -33.30 18.73
CA VAL B 195 -73.63 -33.92 20.04
C VAL B 195 -72.91 -35.26 19.98
N LYS B 196 -71.91 -35.42 20.85
CA LYS B 196 -70.95 -36.51 20.78
C LYS B 196 -71.37 -37.55 21.82
N TYR B 197 -71.82 -38.73 21.36
CA TYR B 197 -72.69 -39.57 22.16
C TYR B 197 -72.40 -41.07 22.05
N TYR B 198 -72.54 -41.76 23.20
CA TYR B 198 -72.54 -43.21 23.43
C TYR B 198 -72.76 -43.35 24.92
N CYS B 199 -72.98 -44.57 25.39
CA CYS B 199 -73.16 -44.84 26.81
C CYS B 199 -72.21 -45.95 27.20
N LYS B 200 -72.14 -46.27 28.49
CA LYS B 200 -71.26 -47.35 28.92
C LYS B 200 -71.62 -48.66 28.21
N CYS B 201 -72.92 -48.88 27.97
CA CYS B 201 -73.35 -50.03 27.21
C CYS B 201 -72.92 -49.83 25.75
N PRO B 202 -73.10 -50.84 24.89
CA PRO B 202 -72.90 -50.63 23.45
C PRO B 202 -74.12 -50.11 22.70
N ASP B 203 -74.03 -48.88 22.20
CA ASP B 203 -75.01 -48.23 21.31
C ASP B 203 -74.22 -47.30 20.37
N VAL B 204 -74.89 -46.27 19.81
CA VAL B 204 -74.25 -45.34 18.87
C VAL B 204 -72.96 -44.77 19.47
N ARG B 205 -71.85 -44.87 18.73
CA ARG B 205 -70.52 -44.68 19.33
C ARG B 205 -69.88 -43.32 19.09
N GLU B 206 -70.18 -42.61 18.01
CA GLU B 206 -69.66 -41.24 17.88
C GLU B 206 -70.67 -40.22 18.37
N GLY B 207 -71.75 -40.06 17.62
CA GLY B 207 -72.72 -39.03 17.84
C GLY B 207 -72.32 -37.82 17.03
N ILE B 208 -72.84 -37.70 15.82
CA ILE B 208 -72.82 -36.45 15.06
C ILE B 208 -74.19 -36.38 14.41
N THR B 209 -75.17 -35.81 15.12
CA THR B 209 -76.55 -36.16 14.85
C THR B 209 -77.48 -35.03 15.22
N SER B 210 -78.74 -35.18 14.80
CA SER B 210 -79.87 -34.52 15.40
C SER B 210 -80.25 -35.29 16.66
N SER B 211 -81.45 -35.04 17.20
CA SER B 211 -81.89 -35.73 18.40
C SER B 211 -81.95 -37.24 18.19
N ASP B 212 -81.04 -37.96 18.84
CA ASP B 212 -81.05 -39.42 18.84
C ASP B 212 -81.77 -39.94 20.07
N HIS B 213 -82.07 -41.22 20.02
CA HIS B 213 -82.45 -42.03 21.16
C HIS B 213 -81.25 -42.87 21.57
N THR B 214 -81.47 -43.81 22.49
CA THR B 214 -80.45 -44.74 22.93
C THR B 214 -81.08 -46.11 23.04
N THR B 215 -80.74 -47.01 22.13
CA THR B 215 -81.32 -48.33 22.17
C THR B 215 -80.92 -49.07 23.45
N THR B 216 -79.62 -49.04 23.79
CA THR B 216 -79.09 -49.99 24.77
C THR B 216 -79.25 -49.51 26.22
N CYS B 217 -78.52 -48.46 26.60
CA CYS B 217 -78.54 -48.02 27.98
C CYS B 217 -79.84 -47.29 28.28
N THR B 218 -80.10 -47.12 29.57
CA THR B 218 -81.29 -46.48 30.10
C THR B 218 -80.98 -45.32 31.03
N ASP B 219 -79.93 -45.45 31.83
CA ASP B 219 -79.65 -44.45 32.85
C ASP B 219 -79.00 -43.23 32.23
N VAL B 220 -79.48 -42.06 32.63
CA VAL B 220 -78.88 -40.81 32.20
C VAL B 220 -77.43 -40.71 32.67
N LYS B 221 -77.09 -41.37 33.76
CA LYS B 221 -75.82 -41.20 34.44
C LYS B 221 -74.70 -42.07 33.86
N GLN B 222 -74.88 -42.63 32.67
CA GLN B 222 -73.87 -43.47 32.06
C GLN B 222 -73.75 -43.17 30.58
N CYS B 223 -73.89 -41.91 30.20
CA CYS B 223 -73.95 -41.52 28.81
C CYS B 223 -73.20 -40.22 28.57
N ARG B 224 -72.95 -39.95 27.29
CA ARG B 224 -72.06 -38.87 26.84
C ARG B 224 -72.91 -37.70 26.37
N ALA B 225 -73.27 -36.82 27.31
CA ALA B 225 -73.97 -35.57 26.97
C ALA B 225 -72.92 -34.53 26.63
N TYR B 226 -72.68 -34.35 25.33
CA TYR B 226 -71.62 -33.48 24.85
C TYR B 226 -72.17 -32.48 23.85
N LEU B 227 -71.46 -31.35 23.73
CA LEU B 227 -71.84 -30.27 22.82
C LEU B 227 -70.59 -29.79 22.10
N ILE B 228 -70.31 -30.39 20.95
CA ILE B 228 -69.36 -29.80 20.01
C ILE B 228 -70.12 -28.69 19.30
N ASP B 229 -69.94 -27.46 19.76
CA ASP B 229 -70.69 -26.30 19.32
C ASP B 229 -69.73 -25.20 18.89
N ASN B 230 -68.76 -25.58 18.05
CA ASN B 230 -67.65 -24.70 17.72
C ASN B 230 -68.00 -23.74 16.59
N LYS B 231 -69.13 -23.04 16.72
CA LYS B 231 -69.44 -21.93 15.85
C LYS B 231 -68.83 -20.62 16.35
N LYS B 232 -68.39 -20.57 17.60
CA LYS B 232 -67.72 -19.40 18.16
C LYS B 232 -66.57 -19.87 19.03
N TRP B 233 -65.40 -19.29 18.80
CA TRP B 233 -64.20 -19.66 19.53
C TRP B 233 -64.29 -19.16 20.96
N VAL B 234 -63.24 -19.44 21.75
CA VAL B 234 -63.18 -19.07 23.16
C VAL B 234 -61.79 -18.57 23.51
N TYR B 235 -61.69 -18.05 24.73
CA TYR B 235 -60.38 -17.89 25.34
C TYR B 235 -59.85 -19.25 25.76
N ASN B 236 -58.54 -19.38 25.70
CA ASN B 236 -57.87 -20.65 25.96
C ASN B 236 -57.53 -20.75 27.45
N SER B 237 -58.59 -20.73 28.24
CA SER B 237 -58.47 -20.85 29.68
C SER B 237 -57.85 -22.18 30.05
N GLY B 238 -57.11 -22.17 31.16
CA GLY B 238 -56.72 -23.42 31.77
C GLY B 238 -57.91 -24.24 32.21
N ARG B 239 -59.02 -23.57 32.50
CA ARG B 239 -60.25 -24.26 32.91
C ARG B 239 -61.15 -24.56 31.73
N LEU B 240 -60.56 -24.76 30.56
CA LEU B 240 -61.18 -25.22 29.34
C LEU B 240 -60.78 -26.67 29.05
N PRO B 241 -61.69 -27.53 28.63
CA PRO B 241 -61.26 -28.78 28.01
C PRO B 241 -60.92 -28.56 26.55
N ARG B 242 -59.81 -29.16 26.13
CA ARG B 242 -59.32 -29.01 24.77
C ARG B 242 -60.38 -29.44 23.76
N GLY B 243 -60.47 -28.68 22.68
CA GLY B 243 -61.13 -29.19 21.49
C GLY B 243 -60.14 -30.09 20.77
N GLU B 244 -60.37 -31.40 20.90
CA GLU B 244 -59.34 -32.38 20.57
C GLU B 244 -58.98 -32.38 19.11
N GLY B 245 -59.85 -31.84 18.24
CA GLY B 245 -59.67 -32.02 16.82
C GLY B 245 -58.45 -31.29 16.29
N ASP B 246 -58.28 -30.02 16.67
CA ASP B 246 -57.39 -29.16 15.93
C ASP B 246 -57.15 -27.87 16.71
N THR B 247 -56.03 -27.23 16.38
CA THR B 247 -55.80 -25.83 16.70
C THR B 247 -56.48 -24.97 15.65
N PHE B 248 -57.79 -24.74 15.83
CA PHE B 248 -58.45 -23.80 14.92
C PHE B 248 -57.86 -22.40 15.07
N LYS B 249 -58.16 -21.55 14.09
CA LYS B 249 -57.80 -20.14 14.06
C LYS B 249 -58.57 -19.40 15.15
N GLY B 250 -58.38 -18.10 15.19
CA GLY B 250 -58.94 -17.24 16.22
C GLY B 250 -57.89 -16.52 17.04
N LYS B 251 -56.80 -16.10 16.40
CA LYS B 251 -55.88 -15.16 17.03
C LYS B 251 -56.62 -13.86 17.29
N LEU B 252 -56.60 -13.41 18.55
CA LEU B 252 -57.43 -12.31 18.98
C LEU B 252 -56.67 -11.42 19.95
N HIS B 253 -56.82 -10.11 19.75
CA HIS B 253 -56.02 -9.09 20.42
C HIS B 253 -56.26 -9.09 21.91
N VAL B 254 -55.51 -8.24 22.59
CA VAL B 254 -55.81 -7.80 23.95
C VAL B 254 -56.11 -6.31 23.90
N PRO B 255 -57.19 -5.83 24.50
CA PRO B 255 -57.38 -4.38 24.61
C PRO B 255 -56.39 -3.70 25.53
N PHE B 256 -56.35 -4.16 26.76
CA PHE B 256 -55.73 -3.41 27.85
C PHE B 256 -54.25 -3.73 27.87
N VAL B 257 -53.53 -3.06 26.99
CA VAL B 257 -52.08 -3.19 26.91
C VAL B 257 -51.53 -2.41 28.09
N PRO B 258 -50.44 -2.84 28.71
CA PRO B 258 -49.75 -1.96 29.66
C PRO B 258 -48.99 -0.88 28.91
N VAL B 259 -49.26 0.37 29.27
CA VAL B 259 -48.73 1.53 28.57
C VAL B 259 -47.96 2.40 29.55
N LYS B 260 -47.17 3.31 28.97
CA LYS B 260 -46.29 4.17 29.74
C LYS B 260 -47.02 5.49 30.02
N ALA B 261 -48.11 5.35 30.77
CA ALA B 261 -48.76 6.53 31.29
C ALA B 261 -47.90 7.16 32.35
N LYS B 262 -47.99 8.47 32.46
CA LYS B 262 -47.44 9.19 33.60
C LYS B 262 -48.58 9.31 34.60
N CYS B 263 -48.58 8.42 35.59
CA CYS B 263 -49.58 8.54 36.63
C CYS B 263 -49.46 9.88 37.32
N ILE B 264 -50.61 10.48 37.60
CA ILE B 264 -50.65 11.43 38.69
C ILE B 264 -50.09 10.68 39.87
N ALA B 265 -49.11 11.27 40.55
CA ALA B 265 -48.25 10.41 41.36
C ALA B 265 -47.82 11.12 42.64
N THR B 266 -46.86 10.51 43.30
CA THR B 266 -46.59 10.75 44.70
C THR B 266 -45.76 12.01 44.88
N LEU B 267 -45.65 12.41 46.13
CA LEU B 267 -44.80 13.52 46.54
C LEU B 267 -44.78 13.51 48.05
N ALA B 268 -43.62 13.62 48.62
CA ALA B 268 -43.47 13.62 50.06
C ALA B 268 -43.24 15.03 50.57
N PRO B 269 -43.75 15.37 51.76
CA PRO B 269 -43.59 16.75 52.26
C PRO B 269 -42.15 17.19 52.33
N GLU B 270 -41.95 18.48 52.14
CA GLU B 270 -40.60 19.00 51.99
C GLU B 270 -39.81 18.77 53.28
N PRO B 271 -38.49 18.68 53.20
CA PRO B 271 -37.69 18.51 54.40
C PRO B 271 -37.48 19.84 55.12
N LEU B 272 -36.98 19.73 56.35
CA LEU B 272 -36.55 20.88 57.14
C LEU B 272 -35.03 20.86 57.12
N VAL B 273 -34.46 21.73 56.31
CA VAL B 273 -33.01 21.78 56.22
C VAL B 273 -32.47 22.55 57.41
N GLU B 274 -31.44 21.99 58.03
CA GLU B 274 -30.80 22.60 59.18
C GLU B 274 -29.30 22.49 58.99
N HIS B 275 -28.61 23.60 59.17
CA HIS B 275 -27.18 23.65 58.99
C HIS B 275 -26.43 23.16 60.22
N LYS B 276 -25.34 22.46 59.98
CA LYS B 276 -24.27 22.32 60.95
C LYS B 276 -22.94 22.29 60.19
N HIS B 277 -21.85 22.17 60.93
CA HIS B 277 -20.51 22.16 60.37
C HIS B 277 -20.32 20.90 59.54
N ARG B 278 -20.36 21.06 58.22
CA ARG B 278 -20.17 19.95 57.29
C ARG B 278 -21.15 18.81 57.59
N THR B 279 -22.34 19.17 58.04
CA THR B 279 -23.30 18.18 58.50
C THR B 279 -24.70 18.74 58.31
N LEU B 280 -25.56 17.95 57.69
CA LEU B 280 -26.97 18.26 57.54
C LEU B 280 -27.74 17.53 58.61
N ILE B 281 -28.13 18.25 59.68
CA ILE B 281 -29.26 17.78 60.44
C ILE B 281 -30.49 18.02 59.60
N LEU B 282 -31.38 17.05 59.59
CA LEU B 282 -32.63 17.16 58.85
C LEU B 282 -33.72 16.58 59.72
N HIS B 283 -34.46 17.44 60.42
CA HIS B 283 -35.72 17.03 60.98
C HIS B 283 -36.67 16.74 59.84
N LEU B 284 -37.27 15.55 59.85
CA LEU B 284 -37.99 15.07 58.68
C LEU B 284 -39.26 14.38 59.13
N HIS B 285 -40.27 14.51 58.29
CA HIS B 285 -41.63 14.23 58.67
C HIS B 285 -42.46 13.90 57.46
N PRO B 286 -42.49 12.64 57.04
CA PRO B 286 -43.21 12.29 55.81
C PRO B 286 -44.68 12.01 56.01
N ASP B 287 -45.36 11.75 54.91
CA ASP B 287 -46.74 11.27 54.88
C ASP B 287 -46.78 9.76 54.93
N HIS B 288 -45.87 9.12 54.21
CA HIS B 288 -45.88 7.68 54.00
C HIS B 288 -44.43 7.21 54.01
N PRO B 289 -44.18 5.91 53.97
CA PRO B 289 -42.79 5.44 53.93
C PRO B 289 -42.09 5.92 52.68
N THR B 290 -41.03 6.70 52.89
CA THR B 290 -40.28 7.35 51.84
C THR B 290 -38.86 6.80 51.83
N LEU B 291 -38.42 6.32 50.67
CA LEU B 291 -37.04 5.88 50.54
C LEU B 291 -36.19 7.10 50.30
N LEU B 292 -35.45 7.49 51.32
CA LEU B 292 -34.43 8.51 51.17
C LEU B 292 -33.11 7.88 50.80
N THR B 293 -32.31 8.62 50.03
CA THR B 293 -30.97 8.15 49.74
C THR B 293 -30.12 9.29 49.20
N THR B 294 -28.81 9.10 49.29
CA THR B 294 -27.83 10.13 49.01
C THR B 294 -26.64 9.55 48.26
N ARG B 295 -25.72 10.44 47.87
CA ARG B 295 -24.51 10.04 47.16
C ARG B 295 -23.41 11.03 47.51
N SER B 296 -22.55 10.70 48.47
CA SER B 296 -21.42 11.58 48.72
C SER B 296 -20.53 11.55 47.50
N LEU B 297 -20.46 12.68 46.82
CA LEU B 297 -19.94 12.74 45.46
C LEU B 297 -18.45 12.53 45.36
N GLY B 298 -17.74 12.27 46.44
CA GLY B 298 -16.39 11.81 46.29
C GLY B 298 -16.35 10.50 45.52
N SER B 299 -15.17 10.17 45.03
CA SER B 299 -14.98 8.84 44.46
C SER B 299 -15.25 7.77 45.50
N ASP B 300 -15.14 8.11 46.78
CA ASP B 300 -15.82 7.38 47.83
C ASP B 300 -17.30 7.77 47.78
N ALA B 301 -18.13 6.85 47.30
CA ALA B 301 -19.55 7.16 47.17
C ALA B 301 -20.20 7.34 48.53
N ASN B 302 -20.03 6.36 49.41
CA ASN B 302 -20.67 6.29 50.72
C ASN B 302 -22.16 6.67 50.67
N PRO B 303 -22.98 5.93 49.93
CA PRO B 303 -24.41 6.21 49.90
C PRO B 303 -25.12 5.66 51.11
N THR B 304 -26.39 6.02 51.21
CA THR B 304 -27.27 5.60 52.28
C THR B 304 -28.65 5.37 51.71
N ARG B 305 -29.36 4.40 52.27
CA ARG B 305 -30.75 4.13 51.93
C ARG B 305 -31.50 3.84 53.21
N GLN B 306 -32.68 4.44 53.34
CA GLN B 306 -33.58 4.00 54.40
C GLN B 306 -34.98 4.50 54.10
N TRP B 307 -35.92 3.57 54.03
CA TRP B 307 -37.32 3.94 54.03
C TRP B 307 -37.65 4.65 55.33
N ILE B 308 -38.26 5.82 55.22
CA ILE B 308 -38.66 6.60 56.37
C ILE B 308 -40.15 6.77 56.30
N GLU B 309 -40.84 6.19 57.29
CA GLU B 309 -42.25 6.47 57.55
C GLU B 309 -42.45 7.16 58.87
N ARG B 310 -41.65 6.85 59.84
CA ARG B 310 -41.71 7.52 61.12
C ARG B 310 -40.89 8.80 61.03
N PRO B 311 -41.42 9.95 61.46
CA PRO B 311 -40.64 11.18 61.41
C PRO B 311 -39.36 11.05 62.22
N THR B 312 -38.27 11.53 61.63
CA THR B 312 -36.95 11.26 62.17
C THR B 312 -36.02 12.40 61.84
N THR B 313 -35.32 12.89 62.85
CA THR B 313 -34.19 13.77 62.64
C THR B 313 -32.98 12.91 62.30
N VAL B 314 -32.42 13.12 61.11
CA VAL B 314 -31.31 12.32 60.60
C VAL B 314 -30.08 13.21 60.48
N ASN B 315 -28.98 12.61 60.03
CA ASN B 315 -27.73 13.32 59.88
C ASN B 315 -26.98 12.80 58.67
N PHE B 316 -26.15 13.67 58.11
CA PHE B 316 -25.38 13.33 56.92
C PHE B 316 -24.06 14.06 57.00
N THR B 317 -22.98 13.31 57.13
CA THR B 317 -21.66 13.91 57.11
C THR B 317 -21.35 14.34 55.69
N VAL B 318 -21.68 15.58 55.36
CA VAL B 318 -21.35 16.11 54.05
C VAL B 318 -19.87 16.42 54.01
N THR B 319 -19.28 16.22 52.84
CA THR B 319 -17.87 16.42 52.61
C THR B 319 -17.64 17.80 52.03
N GLY B 320 -16.41 18.04 51.58
CA GLY B 320 -16.10 19.34 51.02
C GLY B 320 -16.73 19.56 49.66
N GLU B 321 -16.71 18.53 48.81
CA GLU B 321 -17.08 18.75 47.42
C GLU B 321 -18.58 18.75 47.20
N GLY B 322 -19.32 17.95 47.96
CA GLY B 322 -20.76 18.03 47.89
C GLY B 322 -21.44 16.72 48.24
N LEU B 323 -22.74 16.83 48.46
CA LEU B 323 -23.63 15.69 48.65
C LEU B 323 -24.92 15.99 47.91
N GLU B 324 -25.68 14.95 47.60
CA GLU B 324 -27.02 15.12 47.06
C GLU B 324 -28.02 14.33 47.88
N TYR B 325 -29.28 14.70 47.73
CA TYR B 325 -30.31 14.40 48.71
C TYR B 325 -31.64 14.25 47.99
N THR B 326 -32.35 13.14 48.27
CA THR B 326 -33.46 12.68 47.46
C THR B 326 -34.69 12.39 48.32
N TRP B 327 -35.45 13.42 48.64
CA TRP B 327 -36.61 13.28 49.51
C TRP B 327 -37.75 12.64 48.72
N GLY B 328 -37.66 11.34 48.58
CA GLY B 328 -38.68 10.70 47.80
C GLY B 328 -38.53 11.09 46.35
N ASN B 329 -39.60 10.89 45.58
CA ASN B 329 -39.58 11.30 44.19
C ASN B 329 -39.61 12.80 44.00
N HIS B 330 -39.66 13.58 45.07
CA HIS B 330 -39.26 14.97 45.01
C HIS B 330 -37.86 15.03 44.38
N PRO B 331 -37.54 16.05 43.59
CA PRO B 331 -36.31 16.02 42.82
C PRO B 331 -35.09 15.97 43.71
N PRO B 332 -33.94 15.55 43.18
CA PRO B 332 -32.73 15.46 43.99
C PRO B 332 -32.17 16.84 44.28
N LYS B 333 -31.84 17.08 45.54
CA LYS B 333 -31.17 18.29 45.96
C LYS B 333 -29.67 18.08 45.90
N ARG B 334 -28.94 19.15 46.17
CA ARG B 334 -27.48 19.15 46.16
C ARG B 334 -27.04 20.20 47.16
N VAL B 335 -25.83 20.05 47.68
CA VAL B 335 -25.39 20.92 48.79
C VAL B 335 -23.88 21.16 48.78
N TRP B 336 -23.47 22.43 48.82
CA TRP B 336 -22.10 22.80 49.12
C TRP B 336 -21.99 22.83 50.63
N ALA B 337 -21.16 21.96 51.17
CA ALA B 337 -20.68 22.06 52.53
C ALA B 337 -19.18 22.18 52.45
N GLN B 338 -18.73 23.41 52.30
CA GLN B 338 -17.36 23.73 52.66
C GLN B 338 -17.34 23.92 54.17
N GLU B 339 -16.29 24.54 54.66
CA GLU B 339 -16.12 24.81 56.09
C GLU B 339 -17.34 25.47 56.71
N SER B 340 -17.43 25.36 58.02
CA SER B 340 -18.11 26.37 58.81
C SER B 340 -17.45 26.57 60.17
N GLY B 341 -16.28 25.99 60.40
CA GLY B 341 -15.60 26.03 61.67
C GLY B 341 -14.60 27.14 61.80
N GLU B 342 -14.64 28.10 60.87
CA GLU B 342 -13.94 29.38 60.99
C GLU B 342 -12.42 29.26 60.84
N GLY B 343 -11.95 28.42 59.92
CA GLY B 343 -10.60 28.52 59.37
C GLY B 343 -9.43 28.68 60.33
N ASN B 344 -8.80 29.86 60.33
CA ASN B 344 -7.76 30.23 61.29
C ASN B 344 -7.52 31.73 61.29
N PRO B 345 -8.45 32.52 61.81
CA PRO B 345 -8.08 33.82 62.38
C PRO B 345 -7.24 33.60 63.62
N HIS B 346 -6.70 34.69 64.17
CA HIS B 346 -5.72 34.53 65.23
C HIS B 346 -5.52 35.80 66.05
N GLY B 347 -5.84 35.73 67.34
CA GLY B 347 -5.43 36.74 68.31
C GLY B 347 -5.09 36.20 69.70
N TRP B 348 -5.18 34.89 69.87
CA TRP B 348 -4.98 34.14 71.11
C TRP B 348 -3.68 33.35 70.93
N PRO B 349 -3.16 32.59 71.90
CA PRO B 349 -2.10 31.66 71.53
C PRO B 349 -2.50 30.46 70.65
N HIS B 350 -3.34 29.53 71.12
CA HIS B 350 -3.59 28.31 70.34
C HIS B 350 -5.00 27.75 70.40
N GLU B 351 -5.83 28.12 71.38
CA GLU B 351 -7.18 27.56 71.42
C GLU B 351 -8.05 27.98 70.24
N VAL B 352 -7.62 28.97 69.46
CA VAL B 352 -8.32 29.30 68.20
C VAL B 352 -7.89 28.42 67.05
N VAL B 353 -6.82 27.64 67.20
CA VAL B 353 -6.39 26.71 66.18
C VAL B 353 -7.36 25.55 66.00
N VAL B 354 -8.28 25.36 66.95
CA VAL B 354 -9.36 24.39 66.82
C VAL B 354 -10.08 24.60 65.50
N TYR B 355 -10.21 25.85 65.07
CA TYR B 355 -10.76 26.16 63.76
C TYR B 355 -10.06 25.39 62.65
N TYR B 356 -8.73 25.30 62.72
CA TYR B 356 -7.98 24.53 61.75
C TYR B 356 -8.15 23.03 61.98
N TYR B 357 -8.41 22.63 63.22
CA TYR B 357 -8.66 21.23 63.53
C TYR B 357 -10.05 20.83 63.12
N ASN B 358 -11.01 21.72 63.33
CA ASN B 358 -12.39 21.44 63.01
C ASN B 358 -12.63 21.34 61.52
N ARG B 359 -11.72 21.89 60.71
CA ARG B 359 -11.75 21.76 59.26
C ARG B 359 -10.98 20.54 58.78
N TYR B 360 -9.94 20.14 59.52
CA TYR B 360 -9.15 18.95 59.22
C TYR B 360 -9.09 18.03 60.42
N PRO B 361 -10.19 17.38 60.77
CA PRO B 361 -10.11 16.35 61.82
C PRO B 361 -9.75 14.97 61.26
N LEU B 362 -8.85 14.92 60.32
CA LEU B 362 -8.15 13.69 59.98
C LEU B 362 -6.65 13.90 59.87
N THR B 363 -6.21 15.03 59.32
CA THR B 363 -4.80 15.27 59.10
C THR B 363 -4.14 16.00 60.24
N THR B 364 -4.91 16.75 61.03
CA THR B 364 -4.33 17.47 62.14
C THR B 364 -4.06 16.57 63.32
N ILE B 365 -4.91 15.57 63.53
CA ILE B 365 -4.67 14.63 64.60
C ILE B 365 -3.33 13.95 64.40
N ILE B 366 -3.03 13.59 63.16
CA ILE B 366 -1.73 13.02 62.84
C ILE B 366 -0.72 14.12 62.55
N GLY B 367 -1.16 15.23 61.95
CA GLY B 367 -0.25 16.30 61.64
C GLY B 367 0.24 17.00 62.89
N LEU B 368 -0.63 17.12 63.89
CA LEU B 368 -0.19 17.64 65.17
C LEU B 368 0.73 16.65 65.86
N CYS B 369 0.28 15.40 65.97
CA CYS B 369 1.12 14.37 66.58
C CYS B 369 2.44 14.22 65.85
N THR B 370 2.43 14.46 64.54
CA THR B 370 3.69 14.64 63.82
C THR B 370 4.46 15.83 64.38
N CYS B 371 3.79 16.98 64.51
CA CYS B 371 4.43 18.15 65.08
C CYS B 371 4.85 17.91 66.52
N VAL B 372 4.07 17.11 67.25
CA VAL B 372 4.44 16.73 68.60
C VAL B 372 5.58 15.72 68.55
N ALA B 373 5.61 14.90 67.50
CA ALA B 373 6.66 13.89 67.39
C ALA B 373 8.01 14.53 67.13
N ILE B 374 8.08 15.40 66.13
CA ILE B 374 9.37 15.92 65.70
C ILE B 374 10.01 16.77 66.80
N ILE B 375 9.21 17.40 67.65
CA ILE B 375 9.78 18.14 68.76
C ILE B 375 10.33 17.17 69.79
N MET B 376 9.70 16.01 69.94
CA MET B 376 10.25 14.99 70.81
C MET B 376 11.48 14.36 70.18
N VAL B 377 11.50 14.22 68.85
CA VAL B 377 12.74 13.93 68.15
C VAL B 377 13.75 15.02 68.44
N SER B 378 13.38 16.26 68.13
CA SER B 378 14.26 17.39 68.38
C SER B 378 14.53 17.58 69.86
N CYS B 379 13.71 17.00 70.75
CA CYS B 379 14.07 16.98 72.16
C CYS B 379 15.23 16.04 72.40
N VAL B 380 15.03 14.75 72.15
CA VAL B 380 16.01 13.74 72.56
C VAL B 380 17.30 13.91 71.79
N THR B 381 17.23 14.34 70.53
CA THR B 381 18.45 14.68 69.81
C THR B 381 19.13 15.86 70.47
N SER B 382 18.35 16.83 70.92
CA SER B 382 18.91 17.94 71.67
C SER B 382 19.39 17.50 73.03
N VAL B 383 18.73 16.51 73.65
CA VAL B 383 19.24 15.94 74.90
C VAL B 383 20.65 15.41 74.67
N TRP B 384 20.78 14.43 73.77
CA TRP B 384 22.09 13.82 73.51
C TRP B 384 23.08 14.88 73.03
N LEU B 385 22.72 15.62 71.99
CA LEU B 385 23.63 16.61 71.46
C LEU B 385 23.67 17.89 72.29
N LEU B 386 23.13 17.88 73.50
CA LEU B 386 23.52 18.82 74.54
C LEU B 386 24.19 18.11 75.71
N CYS B 387 23.56 17.08 76.27
CA CYS B 387 24.10 16.47 77.48
C CYS B 387 25.40 15.73 77.18
N ARG B 388 25.51 15.09 76.01
CA ARG B 388 26.79 14.52 75.63
C ARG B 388 27.83 15.62 75.47
N THR B 389 27.44 16.69 74.81
CA THR B 389 28.31 17.85 74.64
C THR B 389 28.38 18.69 75.89
N ARG B 390 27.50 18.45 76.86
CA ARG B 390 27.68 18.98 78.20
C ARG B 390 28.50 18.05 79.06
N ASN B 391 28.39 16.74 78.83
CA ASN B 391 29.32 15.81 79.44
C ASN B 391 30.72 16.02 78.89
N LEU B 392 30.80 16.25 77.58
CA LEU B 392 32.01 16.80 77.00
C LEU B 392 32.06 18.29 77.27
N CYS B 393 33.24 18.86 77.09
CA CYS B 393 33.62 20.21 77.45
C CYS B 393 33.68 20.43 78.96
N ILE B 394 33.35 19.42 79.77
CA ILE B 394 33.77 19.37 81.16
C ILE B 394 34.73 18.22 81.40
N THR B 395 34.67 17.18 80.61
CA THR B 395 35.63 16.11 80.71
C THR B 395 37.00 16.65 80.31
N PRO B 396 37.13 17.46 79.25
CA PRO B 396 38.43 18.13 79.05
C PRO B 396 38.77 19.11 80.16
N TYR B 397 37.77 19.66 80.84
CA TYR B 397 37.96 20.74 81.80
C TYR B 397 37.95 20.23 83.24
N LYS B 398 36.87 19.57 83.64
CA LYS B 398 36.78 18.92 84.95
C LYS B 398 37.34 17.50 84.89
N LEU B 399 38.62 17.44 84.54
CA LEU B 399 39.47 16.32 84.89
C LEU B 399 40.87 16.77 85.27
N ALA B 400 41.16 18.07 85.31
CA ALA B 400 42.49 18.62 85.50
C ALA B 400 42.43 19.57 86.68
N PRO B 401 41.75 19.19 87.74
CA PRO B 401 40.58 19.98 88.12
C PRO B 401 40.82 21.46 88.43
N ASN B 402 42.07 21.89 88.43
CA ASN B 402 42.40 23.31 88.44
C ASN B 402 41.73 24.03 87.28
N ALA B 403 42.19 23.74 86.06
CA ALA B 403 41.46 24.05 84.81
C ALA B 403 41.06 25.53 84.74
N GLN B 404 42.06 26.38 84.55
CA GLN B 404 41.82 27.82 84.48
C GLN B 404 41.33 28.20 83.08
N VAL B 405 40.01 28.14 82.87
CA VAL B 405 39.38 28.63 81.65
C VAL B 405 38.03 29.25 82.02
N PRO B 406 37.87 30.63 82.04
CA PRO B 406 36.54 31.25 82.23
C PRO B 406 35.69 31.34 80.97
N ILE B 407 35.66 30.25 80.20
CA ILE B 407 34.74 30.08 79.08
C ILE B 407 33.94 28.83 79.40
N LEU B 408 33.59 28.67 80.67
CA LEU B 408 32.42 27.86 80.98
C LEU B 408 31.16 28.47 80.38
N LEU B 409 31.18 29.78 80.07
CA LEU B 409 29.99 30.47 79.57
C LEU B 409 29.67 30.08 78.13
N ALA B 410 29.53 28.78 77.88
CA ALA B 410 29.04 28.22 76.62
C ALA B 410 28.05 27.09 76.82
N LEU B 411 28.12 26.36 77.93
CA LEU B 411 27.13 25.35 78.29
C LEU B 411 26.14 25.89 79.31
N LEU B 412 26.64 26.28 80.48
CA LEU B 412 25.82 26.70 81.62
C LEU B 412 24.68 25.72 81.90
N CYS B 413 25.00 24.43 81.79
CA CYS B 413 24.20 23.37 82.37
C CYS B 413 25.07 22.45 83.21
N CYS B 414 26.36 22.37 82.88
CA CYS B 414 27.38 21.80 83.75
C CYS B 414 28.26 22.97 84.20
N ILE B 415 28.32 23.17 85.51
CA ILE B 415 28.53 24.48 86.11
C ILE B 415 29.56 24.39 87.24
N LYS B 416 29.75 25.48 88.01
CA LYS B 416 30.70 25.56 89.14
C LYS B 416 32.17 25.41 88.77
N PRO B 417 32.82 26.46 88.25
CA PRO B 417 34.29 26.48 88.21
C PRO B 417 34.93 26.50 89.58
N THR B 418 36.27 26.57 89.60
CA THR B 418 37.08 26.58 90.82
C THR B 418 37.65 27.97 91.11
N ARG B 419 36.87 29.02 90.87
CA ARG B 419 37.34 30.40 90.97
C ARG B 419 38.51 30.66 90.02
N ALA B 420 38.54 29.93 88.91
CA ALA B 420 39.65 30.02 87.98
C ALA B 420 39.29 29.31 86.68
N TYR C 1 -21.56 -36.34 39.38
CA TYR C 1 -20.90 -36.73 38.10
C TYR C 1 -20.72 -35.54 37.16
N GLU C 2 -20.87 -34.33 37.67
CA GLU C 2 -20.79 -33.15 36.81
C GLU C 2 -19.35 -33.00 36.36
N HIS C 3 -19.05 -33.53 35.18
CA HIS C 3 -17.68 -33.82 34.78
C HIS C 3 -16.95 -32.54 34.38
N THR C 4 -16.40 -31.86 35.37
CA THR C 4 -15.46 -30.79 35.11
C THR C 4 -14.30 -31.30 34.29
N ALA C 5 -13.78 -30.46 33.42
CA ALA C 5 -12.61 -30.83 32.62
C ALA C 5 -11.98 -29.57 32.05
N VAL C 6 -10.73 -29.33 32.42
CA VAL C 6 -9.92 -28.39 31.66
C VAL C 6 -9.74 -28.99 30.27
N MET C 7 -9.66 -28.12 29.28
CA MET C 7 -9.79 -28.57 27.91
C MET C 7 -9.10 -27.62 26.93
N PRO C 8 -8.18 -28.09 26.09
CA PRO C 8 -7.45 -27.17 25.22
C PRO C 8 -8.35 -26.56 24.17
N ASN C 9 -8.19 -25.24 23.98
CA ASN C 9 -8.89 -24.56 22.91
C ASN C 9 -8.22 -24.88 21.60
N LYS C 10 -8.86 -25.74 20.83
CA LYS C 10 -8.39 -26.11 19.51
C LYS C 10 -9.56 -26.75 18.78
N VAL C 11 -9.72 -26.40 17.51
CA VAL C 11 -11.05 -26.44 16.94
C VAL C 11 -11.41 -27.84 16.45
N GLY C 12 -10.58 -28.43 15.62
CA GLY C 12 -11.07 -29.44 14.71
C GLY C 12 -10.75 -30.85 15.13
N ILE C 13 -10.93 -31.15 16.41
CA ILE C 13 -10.48 -32.43 16.92
C ILE C 13 -11.24 -32.76 18.20
N PRO C 14 -11.78 -33.98 18.37
CA PRO C 14 -12.50 -34.27 19.60
C PRO C 14 -11.55 -34.50 20.77
N TYR C 15 -12.16 -34.55 21.95
CA TYR C 15 -11.47 -34.48 23.24
C TYR C 15 -12.01 -35.56 24.18
N LYS C 16 -11.94 -36.80 23.73
CA LYS C 16 -12.82 -37.85 24.24
C LYS C 16 -12.55 -38.18 25.70
N ALA C 17 -12.92 -37.29 26.60
CA ALA C 17 -12.79 -37.53 28.03
C ALA C 17 -13.69 -38.69 28.47
N LEU C 18 -13.61 -39.04 29.76
CA LEU C 18 -14.28 -40.22 30.28
C LEU C 18 -14.97 -39.85 31.59
N VAL C 19 -16.25 -40.20 31.71
CA VAL C 19 -17.04 -39.92 32.90
C VAL C 19 -16.76 -41.04 33.90
N GLU C 20 -16.06 -40.72 34.98
CA GLU C 20 -15.82 -41.66 36.07
C GLU C 20 -16.79 -41.42 37.21
N ARG C 21 -18.06 -41.67 36.94
CA ARG C 21 -19.07 -41.61 38.00
C ARG C 21 -18.90 -42.82 38.91
N PRO C 22 -18.66 -42.65 40.21
CA PRO C 22 -18.63 -43.82 41.10
C PRO C 22 -20.02 -44.43 41.22
N GLY C 23 -20.16 -45.66 40.74
CA GLY C 23 -21.36 -46.45 40.99
C GLY C 23 -21.94 -47.10 39.75
N TYR C 24 -21.94 -46.40 38.64
CA TYR C 24 -22.46 -46.91 37.39
C TYR C 24 -21.36 -46.94 36.36
N ALA C 25 -21.67 -47.48 35.19
CA ALA C 25 -20.66 -47.68 34.17
C ALA C 25 -20.17 -46.32 33.67
N PRO C 26 -18.88 -46.15 33.42
CA PRO C 26 -18.40 -44.89 32.87
C PRO C 26 -18.89 -44.71 31.45
N VAL C 27 -18.82 -43.45 31.00
CA VAL C 27 -19.20 -43.10 29.64
C VAL C 27 -18.15 -42.15 29.09
N HIS C 28 -17.80 -42.36 27.84
CA HIS C 28 -16.86 -41.53 27.13
C HIS C 28 -17.51 -40.22 26.73
N LEU C 29 -16.68 -39.22 26.54
CA LEU C 29 -17.06 -38.00 25.85
C LEU C 29 -16.56 -38.06 24.42
N GLN C 30 -17.07 -37.13 23.62
CA GLN C 30 -16.41 -36.76 22.37
C GLN C 30 -16.73 -35.28 22.16
N ILE C 31 -15.86 -34.43 22.66
CA ILE C 31 -16.10 -32.99 22.66
C ILE C 31 -15.20 -32.40 21.59
N GLN C 32 -15.82 -32.00 20.49
CA GLN C 32 -15.13 -31.38 19.36
C GLN C 32 -15.61 -29.94 19.27
N LEU C 33 -14.73 -29.01 19.64
CA LEU C 33 -15.02 -27.58 19.55
C LEU C 33 -14.95 -27.16 18.09
N VAL C 34 -16.00 -27.50 17.34
CA VAL C 34 -16.02 -27.29 15.89
C VAL C 34 -15.77 -25.84 15.50
N ASN C 35 -16.05 -24.89 16.39
CA ASN C 35 -15.81 -23.50 16.10
C ASN C 35 -15.49 -22.73 17.38
N THR C 36 -14.79 -21.62 17.20
CA THR C 36 -14.41 -20.70 18.27
C THR C 36 -14.69 -19.27 17.81
N ARG C 37 -15.89 -19.03 17.30
CA ARG C 37 -16.21 -17.70 16.81
C ARG C 37 -16.48 -16.78 17.99
N ILE C 38 -15.99 -15.56 17.88
CA ILE C 38 -15.67 -14.72 19.02
C ILE C 38 -16.69 -13.62 19.22
N ILE C 39 -16.81 -12.71 18.27
CA ILE C 39 -17.80 -11.64 18.29
C ILE C 39 -17.50 -10.78 19.51
N PRO C 40 -16.45 -9.98 19.46
CA PRO C 40 -16.21 -9.03 20.54
C PRO C 40 -17.24 -7.92 20.53
N SER C 41 -17.23 -7.18 21.63
CA SER C 41 -18.03 -5.97 21.72
C SER C 41 -17.37 -4.87 20.93
N THR C 42 -18.17 -4.18 20.11
CA THR C 42 -17.65 -3.24 19.14
C THR C 42 -18.58 -2.03 19.03
N ASN C 43 -18.16 -1.07 18.21
CA ASN C 43 -18.95 0.13 17.95
C ASN C 43 -18.61 0.62 16.56
N LEU C 44 -19.63 0.82 15.74
CA LEU C 44 -19.42 1.46 14.44
C LEU C 44 -19.11 2.92 14.68
N GLU C 45 -17.87 3.31 14.39
CA GLU C 45 -17.41 4.66 14.68
C GLU C 45 -17.61 5.58 13.50
N TYR C 46 -17.18 5.14 12.32
CA TYR C 46 -17.46 5.86 11.10
C TYR C 46 -17.14 4.97 9.93
N ILE C 47 -18.00 4.98 8.95
CA ILE C 47 -17.63 4.48 7.64
C ILE C 47 -16.75 5.51 6.99
N THR C 48 -15.78 5.03 6.22
CA THR C 48 -15.13 5.87 5.24
C THR C 48 -15.20 5.19 3.89
N CYS C 49 -14.79 5.94 2.89
CA CYS C 49 -14.93 5.59 1.50
C CYS C 49 -14.24 6.70 0.74
N LYS C 50 -14.13 6.54 -0.56
CA LYS C 50 -13.55 7.60 -1.36
C LYS C 50 -14.60 8.66 -1.63
N TYR C 51 -14.16 9.89 -1.61
CA TYR C 51 -15.02 11.03 -1.84
C TYR C 51 -15.61 10.97 -3.24
N LYS C 52 -16.50 11.91 -3.55
CA LYS C 52 -16.76 12.31 -4.92
C LYS C 52 -16.97 13.81 -4.91
N THR C 53 -16.09 14.52 -5.58
CA THR C 53 -16.19 15.97 -5.69
C THR C 53 -17.33 16.28 -6.64
N LYS C 54 -18.55 16.12 -6.14
CA LYS C 54 -19.75 16.34 -6.94
C LYS C 54 -20.02 17.83 -6.97
N VAL C 55 -19.29 18.49 -7.85
CA VAL C 55 -19.25 19.95 -7.99
C VAL C 55 -20.65 20.48 -8.27
N PRO C 56 -21.18 21.41 -7.47
CA PRO C 56 -22.31 22.19 -7.95
C PRO C 56 -21.86 23.19 -8.99
N SER C 57 -22.74 23.42 -9.94
CA SER C 57 -22.38 24.12 -11.15
C SER C 57 -22.08 25.58 -10.85
N PRO C 58 -20.91 26.11 -11.20
CA PRO C 58 -20.51 27.44 -10.74
C PRO C 58 -21.38 28.54 -11.28
N VAL C 59 -21.42 29.62 -10.53
CA VAL C 59 -22.07 30.85 -10.98
C VAL C 59 -21.10 31.63 -11.85
N VAL C 60 -21.66 32.31 -12.83
CA VAL C 60 -20.91 33.22 -13.68
C VAL C 60 -21.72 34.50 -13.81
N LYS C 61 -21.39 35.48 -12.98
CA LYS C 61 -21.93 36.81 -13.15
C LYS C 61 -21.08 37.56 -14.16
N CYS C 62 -21.73 38.25 -15.08
CA CYS C 62 -21.05 38.75 -16.26
C CYS C 62 -20.36 40.08 -16.03
N CYS C 63 -20.89 40.94 -15.17
CA CYS C 63 -20.28 42.25 -14.93
C CYS C 63 -20.44 42.57 -13.45
N GLY C 64 -19.45 42.18 -12.68
CA GLY C 64 -19.36 42.49 -11.26
C GLY C 64 -19.32 41.22 -10.42
N ALA C 65 -19.14 41.44 -9.12
CA ALA C 65 -18.80 40.37 -8.22
C ALA C 65 -20.03 39.61 -7.75
N THR C 66 -19.79 38.36 -7.34
CA THR C 66 -20.77 37.51 -6.68
C THR C 66 -20.10 36.94 -5.45
N GLN C 67 -20.33 37.56 -4.30
CA GLN C 67 -19.74 37.05 -3.07
C GLN C 67 -20.31 35.67 -2.76
N CYS C 68 -19.42 34.75 -2.39
CA CYS C 68 -19.82 33.42 -1.98
C CYS C 68 -20.06 33.40 -0.48
N THR C 69 -20.85 32.42 -0.04
CA THR C 69 -21.07 32.15 1.36
C THR C 69 -20.70 30.71 1.66
N SER C 70 -20.40 30.46 2.93
CA SER C 70 -19.94 29.16 3.37
C SER C 70 -21.15 28.28 3.64
N LYS C 71 -21.65 27.63 2.60
CA LYS C 71 -22.77 26.74 2.75
C LYS C 71 -22.38 25.56 3.64
N PRO C 72 -23.35 24.93 4.30
CA PRO C 72 -23.02 23.89 5.28
C PRO C 72 -22.73 22.53 4.69
N HIS C 73 -22.50 22.42 3.38
CA HIS C 73 -22.16 21.13 2.81
C HIS C 73 -20.84 20.64 3.40
N PRO C 74 -20.60 19.33 3.45
CA PRO C 74 -19.33 18.85 4.00
C PRO C 74 -18.15 19.30 3.16
N ASP C 75 -17.23 20.00 3.81
CA ASP C 75 -16.05 20.55 3.16
C ASP C 75 -16.45 21.43 1.99
N TYR C 76 -17.40 22.33 2.26
CA TYR C 76 -17.91 23.18 1.21
C TYR C 76 -16.85 24.20 0.84
N GLN C 77 -16.05 23.86 -0.16
CA GLN C 77 -15.04 24.76 -0.66
C GLN C 77 -15.66 25.63 -1.75
N CYS C 78 -15.55 26.93 -1.58
CA CYS C 78 -16.08 27.89 -2.54
C CYS C 78 -15.19 29.10 -2.55
N GLN C 79 -14.85 29.56 -3.75
CA GLN C 79 -13.97 30.71 -3.91
C GLN C 79 -14.43 31.49 -5.12
N VAL C 80 -14.73 32.76 -4.90
CA VAL C 80 -15.08 33.66 -5.99
C VAL C 80 -13.84 33.83 -6.88
N PHE C 81 -14.10 34.05 -8.16
CA PHE C 81 -13.03 34.35 -9.10
C PHE C 81 -13.51 35.37 -10.10
N THR C 82 -12.63 36.28 -10.46
CA THR C 82 -12.86 37.27 -11.49
C THR C 82 -11.89 37.05 -12.63
N GLY C 83 -11.90 37.97 -13.58
CA GLY C 83 -10.94 37.94 -14.67
C GLY C 83 -11.11 36.71 -15.54
N VAL C 84 -12.31 36.54 -16.07
CA VAL C 84 -12.61 35.46 -16.99
C VAL C 84 -13.28 36.04 -18.24
N TYR C 85 -13.61 35.18 -19.16
CA TYR C 85 -14.15 35.53 -20.45
C TYR C 85 -14.71 34.23 -21.02
N PRO C 86 -15.71 33.66 -20.37
CA PRO C 86 -15.97 32.22 -20.49
C PRO C 86 -16.50 31.75 -21.82
N PHE C 87 -15.64 31.12 -22.61
CA PHE C 87 -16.07 30.51 -23.86
C PHE C 87 -17.10 29.43 -23.60
N MET C 88 -18.34 29.68 -24.01
CA MET C 88 -19.43 28.72 -23.84
C MET C 88 -20.26 28.73 -25.12
N TRP C 89 -19.85 27.93 -26.09
CA TRP C 89 -20.65 27.56 -27.26
C TRP C 89 -20.85 28.68 -28.29
N GLY C 90 -20.50 29.91 -27.94
CA GLY C 90 -20.66 31.04 -28.85
C GLY C 90 -19.45 31.95 -28.73
N GLY C 91 -18.30 31.35 -28.46
CA GLY C 91 -17.22 32.11 -27.89
C GLY C 91 -17.61 32.46 -26.48
N ALA C 92 -17.06 33.55 -25.97
CA ALA C 92 -17.51 34.04 -24.68
C ALA C 92 -18.95 34.49 -24.77
N TYR C 93 -19.55 34.78 -23.61
CA TYR C 93 -20.91 35.29 -23.59
C TYR C 93 -21.09 36.51 -22.70
N CYS C 94 -20.27 36.62 -21.65
CA CYS C 94 -20.33 37.81 -20.81
C CYS C 94 -19.54 38.93 -21.47
N PHE C 95 -20.19 40.08 -21.66
CA PHE C 95 -19.64 41.12 -22.53
C PHE C 95 -18.54 41.93 -21.87
N CYS C 96 -18.49 41.99 -20.54
CA CYS C 96 -17.35 42.60 -19.87
C CYS C 96 -16.11 41.74 -20.10
N ASP C 97 -14.98 42.18 -19.54
CA ASP C 97 -13.71 41.50 -19.75
C ASP C 97 -12.90 41.28 -18.47
N THR C 98 -13.13 42.06 -17.42
CA THR C 98 -12.55 41.79 -16.11
C THR C 98 -13.62 41.68 -15.03
N GLU C 99 -14.72 42.43 -15.19
CA GLU C 99 -15.87 42.29 -14.33
C GLU C 99 -16.59 40.97 -14.53
N ASN C 100 -16.25 40.23 -15.59
CA ASN C 100 -16.67 38.85 -15.73
C ASN C 100 -16.25 38.08 -14.48
N THR C 101 -17.22 37.61 -13.72
CA THR C 101 -16.98 36.96 -12.45
C THR C 101 -17.43 35.51 -12.55
N GLN C 102 -16.69 34.64 -11.86
CA GLN C 102 -16.95 33.22 -11.84
C GLN C 102 -16.78 32.76 -10.40
N MET C 103 -17.85 32.18 -9.84
CA MET C 103 -17.85 31.69 -8.47
C MET C 103 -17.88 30.17 -8.52
N SER C 104 -16.77 29.55 -8.19
CA SER C 104 -16.68 28.11 -8.14
C SER C 104 -17.00 27.63 -6.74
N GLU C 105 -17.76 26.56 -6.66
CA GLU C 105 -18.11 25.94 -5.40
C GLU C 105 -18.07 24.43 -5.56
N ALA C 106 -17.52 23.75 -4.58
CA ALA C 106 -17.45 22.31 -4.59
C ALA C 106 -17.45 21.80 -3.17
N TYR C 107 -18.27 20.79 -2.91
CA TYR C 107 -18.31 20.11 -1.63
C TYR C 107 -18.04 18.64 -1.83
N VAL C 108 -17.68 18.02 -0.74
CA VAL C 108 -17.38 16.60 -0.71
C VAL C 108 -18.67 15.84 -0.43
N GLU C 109 -18.80 14.67 -1.04
CA GLU C 109 -19.96 13.83 -0.83
C GLU C 109 -19.54 12.37 -0.92
N ARG C 110 -20.25 11.55 -0.16
CA ARG C 110 -20.06 10.11 -0.22
C ARG C 110 -20.24 9.62 -1.65
N SER C 111 -19.34 8.75 -2.08
CA SER C 111 -19.53 8.08 -3.36
C SER C 111 -20.75 7.20 -3.29
N GLU C 112 -21.19 6.75 -4.46
CA GLU C 112 -22.18 5.70 -4.50
C GLU C 112 -21.58 4.39 -4.00
N GLU C 113 -20.27 4.23 -4.17
CA GLU C 113 -19.58 3.07 -3.63
C GLU C 113 -19.48 3.10 -2.12
N CYS C 114 -19.64 4.28 -1.52
CA CYS C 114 -19.57 4.38 -0.07
C CYS C 114 -20.60 3.49 0.59
N SER C 115 -21.75 3.30 -0.05
CA SER C 115 -22.77 2.44 0.52
C SER C 115 -22.31 1.01 0.61
N ILE C 116 -21.47 0.58 -0.33
CA ILE C 116 -21.24 -0.82 -0.59
C ILE C 116 -19.78 -1.20 -0.50
N ASP C 117 -18.90 -0.39 -1.08
CA ASP C 117 -17.46 -0.61 -1.04
C ASP C 117 -16.89 0.47 -0.14
N HIS C 118 -16.64 0.11 1.10
CA HIS C 118 -16.35 1.10 2.11
C HIS C 118 -15.56 0.45 3.22
N ALA C 119 -14.50 1.11 3.65
CA ALA C 119 -13.86 0.69 4.86
C ALA C 119 -14.76 1.05 6.04
N LYS C 120 -14.42 0.52 7.21
CA LYS C 120 -15.32 0.63 8.34
C LYS C 120 -14.49 0.51 9.61
N ALA C 121 -14.44 1.59 10.38
CA ALA C 121 -13.67 1.60 11.60
C ALA C 121 -14.49 1.03 12.75
N TYR C 122 -13.81 0.70 13.83
CA TYR C 122 -14.46 0.21 15.02
C TYR C 122 -13.58 0.46 16.23
N LYS C 123 -14.21 0.78 17.35
CA LYS C 123 -13.59 0.63 18.65
C LYS C 123 -14.02 -0.72 19.20
N VAL C 124 -13.05 -1.62 19.40
CA VAL C 124 -13.32 -3.02 19.63
C VAL C 124 -12.95 -3.35 21.06
N HIS C 125 -13.94 -3.81 21.82
CA HIS C 125 -13.79 -4.36 23.14
C HIS C 125 -13.76 -5.89 23.06
N THR C 126 -13.95 -6.57 24.18
CA THR C 126 -13.64 -8.00 24.23
C THR C 126 -14.81 -8.92 23.90
N GLY C 127 -16.02 -8.61 24.34
CA GLY C 127 -17.19 -9.46 24.11
C GLY C 127 -17.05 -10.88 24.62
N THR C 128 -17.66 -11.83 23.89
CA THR C 128 -17.96 -13.15 24.43
C THR C 128 -17.92 -14.20 23.33
N VAL C 129 -17.10 -15.26 23.51
CA VAL C 129 -16.82 -16.20 22.43
C VAL C 129 -17.82 -17.35 22.44
N GLN C 130 -17.97 -18.01 21.28
CA GLN C 130 -19.02 -18.99 21.02
C GLN C 130 -18.45 -20.24 20.32
N ALA C 131 -19.32 -21.22 20.05
CA ALA C 131 -18.91 -22.49 19.45
C ALA C 131 -20.14 -23.33 19.13
N MET C 132 -20.11 -24.06 18.01
CA MET C 132 -21.18 -25.01 17.64
C MET C 132 -20.85 -26.43 18.10
N VAL C 133 -20.52 -26.59 19.37
CA VAL C 133 -19.91 -27.81 19.87
C VAL C 133 -20.70 -29.03 19.48
N ASN C 134 -20.10 -29.91 18.67
CA ASN C 134 -20.68 -31.24 18.52
C ASN C 134 -20.21 -32.08 19.68
N ILE C 135 -21.13 -32.84 20.24
CA ILE C 135 -20.79 -34.03 20.99
C ILE C 135 -21.63 -35.16 20.44
N THR C 136 -20.96 -36.15 19.86
CA THR C 136 -21.59 -37.42 19.54
C THR C 136 -21.47 -38.30 20.79
N TYR C 137 -22.28 -37.94 21.78
CA TYR C 137 -22.06 -38.42 23.14
C TYR C 137 -22.40 -39.89 23.31
N GLY C 138 -21.55 -40.58 24.08
CA GLY C 138 -21.88 -41.84 24.72
C GLY C 138 -22.52 -42.86 23.80
N SER C 139 -23.79 -43.10 24.06
CA SER C 139 -24.70 -43.74 23.12
C SER C 139 -25.72 -42.77 22.54
N VAL C 140 -25.78 -41.54 23.05
CA VAL C 140 -26.64 -40.52 22.45
C VAL C 140 -26.25 -40.30 21.00
N SER C 141 -24.95 -40.21 20.75
CA SER C 141 -24.34 -40.16 19.42
C SER C 141 -24.55 -38.84 18.71
N TRP C 142 -25.23 -37.86 19.30
CA TRP C 142 -25.40 -36.60 18.61
C TRP C 142 -25.91 -35.43 19.44
N ARG C 143 -25.24 -34.30 19.31
CA ARG C 143 -25.81 -32.98 19.55
C ARG C 143 -24.84 -32.01 18.91
N SER C 144 -25.33 -31.10 18.09
CA SER C 144 -24.49 -30.06 17.49
C SER C 144 -25.12 -28.72 17.85
N ALA C 145 -24.67 -28.17 18.97
CA ALA C 145 -25.32 -27.02 19.59
C ALA C 145 -24.38 -25.84 19.66
N ASP C 146 -24.98 -24.66 19.55
CA ASP C 146 -24.26 -23.40 19.69
C ASP C 146 -24.26 -23.00 21.15
N VAL C 147 -23.08 -22.65 21.67
CA VAL C 147 -22.89 -22.41 23.09
C VAL C 147 -22.13 -21.10 23.28
N TYR C 148 -21.83 -20.82 24.53
CA TYR C 148 -21.05 -19.67 24.95
C TYR C 148 -19.81 -20.17 25.70
N VAL C 149 -19.10 -19.21 26.28
CA VAL C 149 -17.87 -19.44 27.02
C VAL C 149 -17.98 -19.03 28.47
N ASN C 150 -18.89 -18.14 28.79
CA ASN C 150 -18.98 -17.60 30.13
C ASN C 150 -19.39 -18.70 31.09
N GLY C 151 -18.61 -18.86 32.16
CA GLY C 151 -18.67 -20.09 32.93
C GLY C 151 -19.84 -20.26 33.86
N GLU C 152 -21.03 -19.87 33.42
CA GLU C 152 -22.25 -20.33 34.03
C GLU C 152 -23.36 -20.58 33.03
N THR C 153 -23.09 -20.49 31.73
CA THR C 153 -24.12 -20.67 30.72
C THR C 153 -24.26 -22.15 30.39
N PRO C 154 -25.42 -22.75 30.60
CA PRO C 154 -25.70 -24.04 29.97
C PRO C 154 -26.27 -23.86 28.57
N ALA C 155 -26.36 -24.99 27.87
CA ALA C 155 -27.11 -25.05 26.61
C ALA C 155 -27.70 -26.45 26.50
N LYS C 156 -28.94 -26.58 26.95
CA LYS C 156 -29.65 -27.86 26.95
C LYS C 156 -30.22 -28.10 25.57
N ILE C 157 -29.31 -28.41 24.64
CA ILE C 157 -29.66 -28.82 23.29
C ILE C 157 -29.14 -30.23 23.12
N GLY C 158 -30.05 -31.16 22.84
CA GLY C 158 -29.77 -32.57 22.96
C GLY C 158 -30.41 -33.09 24.23
N ASP C 159 -29.59 -33.61 25.14
CA ASP C 159 -30.03 -33.95 26.48
C ASP C 159 -29.08 -33.50 27.56
N ALA C 160 -27.84 -33.16 27.22
CA ALA C 160 -26.83 -32.84 28.21
C ALA C 160 -26.77 -31.35 28.45
N LYS C 161 -26.47 -31.00 29.69
CA LYS C 161 -26.27 -29.63 30.12
C LYS C 161 -24.78 -29.39 30.31
N LEU C 162 -24.26 -28.36 29.65
CA LEU C 162 -22.83 -28.18 29.52
C LEU C 162 -22.46 -26.75 29.79
N ILE C 163 -21.44 -26.55 30.62
CA ILE C 163 -20.97 -25.23 31.00
C ILE C 163 -19.52 -25.13 30.58
N ILE C 164 -19.19 -24.02 29.95
CA ILE C 164 -17.94 -23.84 29.23
C ILE C 164 -17.26 -22.61 29.79
N GLY C 165 -15.94 -22.67 29.86
CA GLY C 165 -15.12 -21.52 30.14
C GLY C 165 -15.43 -20.92 31.50
N PRO C 166 -15.04 -19.66 31.72
CA PRO C 166 -14.36 -18.75 30.81
C PRO C 166 -12.96 -19.18 30.47
N LEU C 167 -12.58 -19.03 29.21
CA LEU C 167 -11.24 -19.40 28.80
C LEU C 167 -10.21 -18.49 29.45
N SER C 168 -9.01 -19.02 29.62
CA SER C 168 -7.92 -18.26 30.21
C SER C 168 -7.17 -17.43 29.19
N SER C 169 -7.35 -17.71 27.90
CA SER C 169 -6.50 -17.14 26.85
C SER C 169 -7.23 -15.96 26.22
N ALA C 170 -7.18 -14.83 26.92
CA ALA C 170 -7.97 -13.67 26.57
C ALA C 170 -7.41 -12.87 25.42
N TRP C 171 -6.50 -13.41 24.62
CA TRP C 171 -5.98 -12.68 23.48
C TRP C 171 -7.10 -12.50 22.47
N SER C 172 -7.69 -11.32 22.47
CA SER C 172 -8.53 -10.93 21.36
C SER C 172 -7.60 -10.59 20.20
N PRO C 173 -7.60 -11.35 19.11
CA PRO C 173 -6.69 -10.99 18.01
C PRO C 173 -7.00 -9.65 17.43
N PHE C 174 -8.26 -9.21 17.48
CA PHE C 174 -8.57 -7.83 17.21
C PHE C 174 -7.84 -6.94 18.20
N ASP C 175 -7.27 -5.85 17.69
CA ASP C 175 -6.77 -4.80 18.54
C ASP C 175 -7.94 -3.95 19.03
N ASN C 176 -7.63 -2.91 19.80
CA ASN C 176 -8.67 -1.99 20.24
C ASN C 176 -9.32 -1.31 19.06
N LYS C 177 -8.51 -0.72 18.19
CA LYS C 177 -8.98 -0.01 17.01
C LYS C 177 -8.82 -0.92 15.79
N VAL C 178 -9.86 -1.00 14.99
CA VAL C 178 -9.91 -1.89 13.85
C VAL C 178 -10.56 -1.16 12.69
N VAL C 179 -10.03 -1.39 11.49
CA VAL C 179 -10.70 -1.04 10.26
C VAL C 179 -11.12 -2.35 9.59
N VAL C 180 -12.22 -2.27 8.85
CA VAL C 180 -12.84 -3.43 8.26
C VAL C 180 -13.22 -3.08 6.84
N TYR C 181 -13.03 -4.03 5.92
CA TYR C 181 -13.25 -3.77 4.51
C TYR C 181 -13.73 -5.06 3.84
N GLY C 182 -15.04 -5.18 3.70
CA GLY C 182 -15.63 -6.21 2.86
C GLY C 182 -15.47 -7.58 3.45
N HIS C 183 -14.24 -8.09 3.44
CA HIS C 183 -13.87 -9.24 4.25
C HIS C 183 -12.51 -9.11 4.89
N GLU C 184 -11.63 -8.28 4.36
CA GLU C 184 -10.29 -8.13 4.90
C GLU C 184 -10.34 -7.17 6.06
N VAL C 185 -9.97 -7.66 7.24
CA VAL C 185 -10.07 -6.92 8.48
C VAL C 185 -8.68 -6.48 8.89
N TYR C 186 -8.56 -5.20 9.23
CA TYR C 186 -7.28 -4.57 9.49
C TYR C 186 -7.32 -3.99 10.90
N ASN C 187 -6.41 -4.46 11.75
CA ASN C 187 -6.32 -4.00 13.14
C ASN C 187 -5.56 -2.68 13.18
N TYR C 188 -6.14 -1.70 12.51
CA TYR C 188 -5.46 -0.46 12.20
C TYR C 188 -5.85 0.63 13.19
N ASP C 189 -4.86 1.41 13.59
CA ASP C 189 -5.08 2.60 14.40
C ASP C 189 -5.64 3.68 13.49
N PHE C 190 -6.91 3.53 13.15
CA PHE C 190 -7.56 4.57 12.37
C PHE C 190 -7.52 5.87 13.17
N PRO C 191 -7.31 7.02 12.52
CA PRO C 191 -7.06 8.23 13.30
C PRO C 191 -8.21 8.56 14.23
N GLU C 192 -9.37 8.90 13.67
CA GLU C 192 -10.63 9.02 14.39
C GLU C 192 -11.66 9.55 13.40
N TYR C 193 -12.95 9.46 13.73
CA TYR C 193 -13.93 10.34 13.13
C TYR C 193 -13.52 11.78 13.36
N GLY C 194 -13.80 12.62 12.37
CA GLY C 194 -13.69 14.04 12.58
C GLY C 194 -12.32 14.65 12.41
N THR C 195 -11.30 13.85 12.11
CA THR C 195 -9.91 14.32 12.14
C THR C 195 -9.06 13.97 10.93
N GLY C 196 -9.40 12.92 10.19
CA GLY C 196 -8.45 12.27 9.31
C GLY C 196 -7.80 13.16 8.28
N LYS C 197 -6.48 13.21 8.29
CA LYS C 197 -5.75 14.09 7.39
C LYS C 197 -6.02 13.71 5.95
N ALA C 198 -6.12 14.73 5.09
CA ALA C 198 -6.45 14.50 3.70
C ALA C 198 -5.37 13.69 3.03
N GLY C 199 -5.80 12.75 2.21
CA GLY C 199 -4.91 11.77 1.61
C GLY C 199 -4.73 10.58 2.51
N SER C 200 -4.52 10.82 3.78
CA SER C 200 -4.43 9.72 4.72
C SER C 200 -5.78 9.03 4.83
N PHE C 201 -5.75 7.85 5.44
CA PHE C 201 -6.97 7.09 5.65
C PHE C 201 -7.99 7.91 6.41
N GLY C 202 -9.24 7.78 5.99
CA GLY C 202 -10.30 8.54 6.62
C GLY C 202 -10.27 10.00 6.25
N ASP C 203 -9.98 10.33 4.99
CA ASP C 203 -10.19 11.70 4.57
C ASP C 203 -11.67 12.03 4.58
N LEU C 204 -12.49 11.10 4.09
CA LEU C 204 -13.92 11.14 4.30
C LEU C 204 -14.21 10.30 5.53
N GLN C 205 -15.07 10.82 6.40
CA GLN C 205 -15.43 10.12 7.62
C GLN C 205 -16.91 10.39 7.88
N SER C 206 -17.73 9.45 7.47
CA SER C 206 -19.15 9.48 7.73
C SER C 206 -19.47 8.47 8.82
N ARG C 207 -20.34 8.88 9.74
CA ARG C 207 -20.75 8.01 10.83
C ARG C 207 -21.29 6.71 10.29
N THR C 208 -22.26 6.78 9.39
CA THR C 208 -22.75 5.63 8.67
C THR C 208 -22.98 6.05 7.23
N SER C 209 -23.65 5.18 6.48
CA SER C 209 -23.91 5.46 5.08
C SER C 209 -25.03 6.48 4.94
N THR C 210 -26.05 6.35 5.78
CA THR C 210 -27.17 7.29 5.76
C THR C 210 -26.76 8.67 6.21
N SER C 211 -25.74 8.77 7.07
CA SER C 211 -25.42 10.03 7.73
C SER C 211 -25.03 11.10 6.73
N ASN C 212 -25.90 12.10 6.57
CA ASN C 212 -25.62 13.18 5.63
C ASN C 212 -24.43 14.01 6.09
N ASP C 213 -24.26 14.16 7.39
CA ASP C 213 -23.10 14.85 7.92
C ASP C 213 -21.89 13.93 7.89
N LEU C 214 -20.71 14.54 7.83
CA LEU C 214 -19.47 13.77 7.80
C LEU C 214 -18.33 14.70 8.15
N TYR C 215 -17.11 14.20 7.99
CA TYR C 215 -15.89 15.00 8.07
C TYR C 215 -15.08 14.72 6.84
N ALA C 216 -14.86 15.76 6.03
CA ALA C 216 -14.15 15.65 4.77
C ALA C 216 -12.97 16.61 4.80
N ASN C 217 -11.88 16.17 5.41
CA ASN C 217 -10.59 16.82 5.19
C ASN C 217 -10.01 16.15 3.97
N THR C 218 -10.26 16.77 2.81
CA THR C 218 -9.66 16.36 1.56
C THR C 218 -8.69 17.38 1.01
N ASN C 219 -8.51 18.52 1.67
CA ASN C 219 -7.68 19.59 1.17
C ASN C 219 -8.17 20.04 -0.20
N LEU C 220 -9.49 20.02 -0.36
CA LEU C 220 -10.10 20.46 -1.60
C LEU C 220 -9.86 21.95 -1.78
N LYS C 221 -9.11 22.30 -2.82
CA LYS C 221 -8.77 23.69 -3.11
C LYS C 221 -9.13 23.97 -4.55
N LEU C 222 -10.14 24.81 -4.75
CA LEU C 222 -10.51 25.22 -6.09
C LEU C 222 -9.50 26.21 -6.62
N GLN C 223 -9.24 26.12 -7.93
CA GLN C 223 -8.42 27.08 -8.64
C GLN C 223 -9.24 27.70 -9.76
N ARG C 224 -8.77 28.84 -10.24
CA ARG C 224 -9.55 29.56 -11.21
C ARG C 224 -9.50 28.83 -12.55
N PRO C 225 -10.61 28.80 -13.29
CA PRO C 225 -10.55 28.19 -14.62
C PRO C 225 -9.70 29.03 -15.55
N GLN C 226 -9.16 28.36 -16.56
CA GLN C 226 -8.13 28.93 -17.41
C GLN C 226 -8.73 29.65 -18.61
N ALA C 227 -8.09 30.76 -18.97
CA ALA C 227 -8.21 31.41 -20.27
C ALA C 227 -9.65 31.61 -20.72
N GLY C 228 -10.49 32.04 -19.80
CA GLY C 228 -11.87 32.36 -20.13
C GLY C 228 -12.63 31.18 -20.69
N ILE C 229 -12.65 30.07 -19.94
CA ILE C 229 -13.47 28.92 -20.29
C ILE C 229 -14.17 28.42 -19.05
N VAL C 230 -15.39 27.92 -19.24
CA VAL C 230 -16.19 27.37 -18.15
C VAL C 230 -15.64 26.00 -17.78
N HIS C 231 -15.14 25.90 -16.56
CA HIS C 231 -14.91 24.62 -15.90
C HIS C 231 -14.53 24.93 -14.46
N THR C 232 -14.23 23.88 -13.71
CA THR C 232 -14.03 23.98 -12.27
C THR C 232 -12.77 23.21 -11.90
N PRO C 233 -11.65 23.88 -11.84
CA PRO C 233 -10.48 23.24 -11.25
C PRO C 233 -10.75 22.89 -9.81
N PHE C 234 -10.85 21.61 -9.52
CA PHE C 234 -10.85 21.13 -8.14
C PHE C 234 -9.55 20.37 -7.96
N THR C 235 -8.71 20.90 -7.09
CA THR C 235 -7.41 20.32 -6.78
C THR C 235 -7.55 19.64 -5.43
N GLN C 236 -7.31 18.34 -5.42
CA GLN C 236 -7.74 17.52 -4.30
C GLN C 236 -6.87 16.29 -4.23
N ALA C 237 -6.68 15.83 -3.02
CA ALA C 237 -6.04 14.55 -2.80
C ALA C 237 -6.98 13.43 -3.18
N PRO C 238 -6.61 12.52 -4.09
CA PRO C 238 -7.38 11.29 -4.19
C PRO C 238 -7.39 10.59 -2.85
N SER C 239 -8.43 9.79 -2.63
CA SER C 239 -8.78 9.51 -1.25
C SER C 239 -7.78 8.61 -0.56
N GLY C 240 -7.75 8.74 0.75
CA GLY C 240 -7.18 7.74 1.63
C GLY C 240 -7.97 6.46 1.70
N PHE C 241 -9.08 6.36 0.96
CA PHE C 241 -9.71 5.11 0.63
C PHE C 241 -9.23 4.56 -0.71
N GLU C 242 -8.69 5.42 -1.57
CA GLU C 242 -8.08 4.93 -2.81
C GLU C 242 -6.77 4.22 -2.49
N ARG C 243 -5.80 4.95 -1.95
CA ARG C 243 -4.81 4.29 -1.13
C ARG C 243 -5.53 3.77 0.09
N TRP C 244 -4.92 2.79 0.76
CA TRP C 244 -5.54 1.85 1.69
C TRP C 244 -6.19 0.72 0.92
N LYS C 245 -6.20 0.75 -0.42
CA LYS C 245 -6.54 -0.39 -1.23
C LYS C 245 -5.38 -0.87 -2.08
N ARG C 246 -4.30 -0.10 -2.21
CA ARG C 246 -3.11 -0.55 -2.92
C ARG C 246 -1.80 -0.10 -2.29
N ASP C 247 -1.82 0.60 -1.15
CA ASP C 247 -0.63 0.80 -0.33
C ASP C 247 -0.96 0.50 1.12
N LYS C 248 -1.84 -0.47 1.32
CA LYS C 248 -2.40 -0.80 2.61
C LYS C 248 -1.45 -1.67 3.42
N GLY C 249 -1.98 -2.25 4.49
CA GLY C 249 -1.38 -3.35 5.20
C GLY C 249 -2.16 -4.62 4.99
N ALA C 250 -1.59 -5.70 5.49
CA ALA C 250 -2.13 -7.02 5.23
C ALA C 250 -3.24 -7.36 6.21
N PRO C 251 -4.11 -8.32 5.89
CA PRO C 251 -5.25 -8.59 6.75
C PRO C 251 -4.98 -9.52 7.90
N LEU C 252 -5.77 -9.29 8.94
CA LEU C 252 -5.64 -10.01 10.18
C LEU C 252 -5.93 -11.48 10.01
N ASN C 253 -6.72 -11.85 9.01
CA ASN C 253 -6.81 -13.25 8.63
C ASN C 253 -5.61 -13.73 7.82
N ASP C 254 -4.60 -12.87 7.66
CA ASP C 254 -3.32 -13.23 7.11
C ASP C 254 -2.13 -12.77 7.97
N VAL C 255 -2.37 -12.07 9.08
CA VAL C 255 -1.26 -11.67 9.96
C VAL C 255 -1.54 -11.89 11.44
N ALA C 256 -2.72 -12.39 11.79
CA ALA C 256 -3.02 -12.56 13.21
C ALA C 256 -2.07 -13.56 13.85
N PRO C 257 -1.97 -13.54 15.18
CA PRO C 257 -1.40 -14.69 15.88
C PRO C 257 -2.42 -15.73 16.33
N PHE C 258 -1.89 -16.79 16.93
CA PHE C 258 -2.60 -17.89 17.59
C PHE C 258 -3.85 -18.39 16.86
N GLY C 259 -3.79 -18.34 15.54
CA GLY C 259 -4.63 -19.17 14.69
C GLY C 259 -6.11 -18.89 14.52
N CYS C 260 -6.44 -17.80 13.84
CA CYS C 260 -7.77 -17.27 13.73
C CYS C 260 -8.13 -17.09 12.27
N SER C 261 -9.44 -17.11 12.01
CA SER C 261 -10.01 -16.73 10.74
C SER C 261 -11.10 -15.72 11.01
N ILE C 262 -11.54 -15.02 9.96
CA ILE C 262 -12.27 -13.76 10.10
C ILE C 262 -13.45 -13.75 9.14
N ALA C 263 -14.46 -12.93 9.47
CA ALA C 263 -15.59 -12.72 8.58
C ALA C 263 -16.19 -11.34 8.78
N LEU C 264 -16.68 -10.73 7.69
CA LEU C 264 -17.59 -9.59 7.74
C LEU C 264 -19.00 -10.14 7.78
N GLU C 265 -19.43 -10.39 8.98
CA GLU C 265 -20.51 -11.25 9.42
C GLU C 265 -20.51 -10.71 10.84
N PRO C 266 -21.04 -11.35 11.88
CA PRO C 266 -21.00 -10.72 13.21
C PRO C 266 -19.64 -10.24 13.77
N LEU C 267 -18.56 -10.24 12.98
CA LEU C 267 -17.24 -9.72 13.33
C LEU C 267 -16.56 -10.71 14.26
N ARG C 268 -16.80 -11.97 13.97
CA ARG C 268 -16.17 -13.02 14.71
C ARG C 268 -14.74 -13.19 14.25
N ALA C 269 -13.98 -13.90 15.05
CA ALA C 269 -12.65 -14.35 14.69
C ALA C 269 -12.60 -15.84 14.97
N GLU C 270 -12.94 -16.64 13.96
CA GLU C 270 -13.19 -18.05 14.16
C GLU C 270 -11.94 -18.79 14.61
N ASN C 271 -12.16 -19.86 15.37
CA ASN C 271 -11.26 -21.00 15.44
C ASN C 271 -9.91 -20.62 16.04
N CYS C 272 -9.91 -19.64 16.94
CA CYS C 272 -8.69 -19.17 17.57
C CYS C 272 -8.22 -20.21 18.57
N ALA C 273 -7.27 -21.05 18.13
CA ALA C 273 -6.72 -22.12 18.95
C ALA C 273 -5.69 -21.55 19.88
N VAL C 274 -6.07 -21.32 21.14
CA VAL C 274 -5.09 -20.88 22.12
C VAL C 274 -5.61 -21.13 23.53
N GLY C 275 -4.76 -21.70 24.37
CA GLY C 275 -5.08 -21.92 25.75
C GLY C 275 -6.08 -23.03 25.96
N SER C 276 -6.67 -23.02 27.16
CA SER C 276 -7.55 -24.07 27.62
C SER C 276 -8.88 -23.46 28.03
N ILE C 277 -9.87 -24.34 28.19
CA ILE C 277 -11.23 -23.95 28.55
C ILE C 277 -11.70 -24.88 29.66
N PRO C 278 -12.02 -24.38 30.87
CA PRO C 278 -12.53 -25.26 31.94
C PRO C 278 -13.97 -25.68 31.77
N ILE C 279 -14.19 -26.80 31.11
CA ILE C 279 -15.52 -27.21 30.68
C ILE C 279 -16.05 -28.27 31.62
N SER C 280 -17.36 -28.20 31.87
CA SER C 280 -18.03 -29.03 32.84
C SER C 280 -19.42 -29.33 32.34
N ILE C 281 -19.82 -30.61 32.42
CA ILE C 281 -21.08 -31.07 31.86
C ILE C 281 -21.85 -31.80 32.95
N ASP C 282 -23.18 -31.67 32.88
CA ASP C 282 -24.12 -32.47 33.65
C ASP C 282 -24.83 -33.38 32.65
N ILE C 283 -24.41 -34.64 32.62
CA ILE C 283 -24.93 -35.66 31.73
C ILE C 283 -26.35 -36.01 32.18
N PRO C 284 -27.23 -36.49 31.30
CA PRO C 284 -28.46 -37.12 31.79
C PRO C 284 -28.15 -38.48 32.39
N ASP C 285 -28.55 -38.67 33.64
CA ASP C 285 -28.30 -39.93 34.33
C ASP C 285 -28.96 -41.11 33.61
N ALA C 286 -30.03 -40.85 32.87
CA ALA C 286 -30.65 -41.91 32.07
C ALA C 286 -29.68 -42.45 31.05
N ALA C 287 -28.82 -41.60 30.50
CA ALA C 287 -27.85 -42.06 29.51
C ALA C 287 -26.80 -42.98 30.11
N PHE C 288 -26.59 -42.92 31.41
CA PHE C 288 -25.66 -43.84 32.04
C PHE C 288 -26.18 -45.27 31.94
N THR C 289 -25.24 -46.19 31.84
CA THR C 289 -25.48 -47.59 32.04
C THR C 289 -24.97 -47.96 33.42
N ARG C 290 -25.76 -48.73 34.15
CA ARG C 290 -25.32 -49.15 35.47
C ARG C 290 -24.14 -50.09 35.33
N ILE C 291 -23.34 -50.15 36.39
CA ILE C 291 -22.05 -50.80 36.31
C ILE C 291 -22.19 -52.30 36.14
N SER C 292 -23.28 -52.88 36.62
CA SER C 292 -23.44 -54.33 36.64
C SER C 292 -23.90 -54.91 35.31
N GLU C 293 -23.84 -54.13 34.23
CA GLU C 293 -24.32 -54.54 32.93
C GLU C 293 -23.27 -54.49 31.85
N THR C 294 -22.22 -53.70 32.04
CA THR C 294 -21.10 -53.72 31.12
C THR C 294 -20.14 -54.84 31.54
N PRO C 295 -19.48 -55.49 30.59
CA PRO C 295 -18.53 -56.54 30.98
C PRO C 295 -17.35 -55.97 31.75
N THR C 296 -16.96 -56.68 32.80
CA THR C 296 -15.70 -56.41 33.48
C THR C 296 -14.57 -57.06 32.69
N VAL C 297 -13.54 -56.29 32.41
CA VAL C 297 -12.56 -56.59 31.38
C VAL C 297 -11.21 -56.98 31.96
N SER C 298 -11.05 -56.92 33.28
CA SER C 298 -9.74 -57.10 33.90
C SER C 298 -9.16 -58.48 33.64
N ASP C 299 -7.92 -58.71 34.10
CA ASP C 299 -7.12 -59.87 33.74
C ASP C 299 -6.86 -59.88 32.23
N LEU C 300 -6.59 -58.70 31.70
CA LEU C 300 -6.35 -58.47 30.28
C LEU C 300 -4.86 -58.33 30.02
N GLU C 301 -4.52 -57.92 28.80
CA GLU C 301 -3.16 -57.49 28.48
C GLU C 301 -3.23 -56.53 27.30
N CYS C 302 -2.36 -55.53 27.31
CA CYS C 302 -2.25 -54.55 26.23
C CYS C 302 -0.83 -54.48 25.73
N LYS C 303 -0.69 -54.28 24.42
CA LYS C 303 0.62 -54.03 23.85
C LYS C 303 0.45 -53.33 22.51
N ILE C 304 1.33 -52.38 22.24
CA ILE C 304 1.45 -51.86 20.90
C ILE C 304 1.88 -52.97 19.96
N THR C 305 1.63 -52.76 18.70
CA THR C 305 2.13 -53.64 17.64
C THR C 305 2.85 -52.87 16.56
N GLU C 306 2.37 -51.68 16.22
CA GLU C 306 3.09 -50.78 15.32
C GLU C 306 2.74 -49.37 15.76
N CYS C 307 3.52 -48.83 16.69
CA CYS C 307 3.28 -47.48 17.17
C CYS C 307 3.96 -46.49 16.25
N THR C 308 3.20 -45.52 15.80
CA THR C 308 3.67 -44.48 14.91
C THR C 308 3.78 -43.19 15.71
N TYR C 309 5.01 -42.67 15.79
CA TYR C 309 5.37 -41.57 16.67
C TYR C 309 4.94 -40.24 16.04
N ALA C 310 3.63 -40.04 15.98
CA ALA C 310 3.08 -39.15 14.97
C ALA C 310 1.77 -38.50 15.41
N SER C 311 1.13 -37.83 14.45
CA SER C 311 -0.05 -37.00 14.61
C SER C 311 -1.31 -37.74 14.21
N ASP C 312 -1.38 -38.16 12.96
CA ASP C 312 -2.45 -39.04 12.53
C ASP C 312 -2.46 -40.28 13.40
N PHE C 313 -3.63 -40.87 13.54
CA PHE C 313 -3.77 -41.99 14.45
C PHE C 313 -3.05 -43.21 13.90
N GLY C 314 -1.73 -43.17 13.94
CA GLY C 314 -0.92 -44.25 13.42
C GLY C 314 -0.58 -45.27 14.49
N GLY C 315 -0.63 -44.85 15.74
CA GLY C 315 -0.35 -45.77 16.83
C GLY C 315 -1.46 -46.78 16.98
N ILE C 316 -1.08 -48.05 17.09
CA ILE C 316 -2.03 -49.13 17.28
C ILE C 316 -1.57 -50.02 18.42
N ALA C 317 -2.52 -50.77 18.96
CA ALA C 317 -2.19 -51.69 20.04
C ALA C 317 -3.31 -52.71 20.18
N THR C 318 -2.96 -53.98 20.04
CA THR C 318 -3.88 -55.02 20.41
C THR C 318 -4.05 -55.01 21.93
N VAL C 319 -5.18 -55.54 22.36
CA VAL C 319 -5.49 -55.67 23.78
C VAL C 319 -6.12 -57.04 23.97
N ALA C 320 -5.47 -57.86 24.80
CA ALA C 320 -6.01 -59.18 25.13
C ALA C 320 -7.17 -58.98 26.10
N TYR C 321 -8.33 -58.68 25.53
CA TYR C 321 -9.50 -58.42 26.36
C TYR C 321 -9.91 -59.69 27.08
N LYS C 322 -10.18 -59.55 28.37
CA LYS C 322 -10.59 -60.64 29.24
C LYS C 322 -11.88 -60.21 29.91
N SER C 323 -12.99 -60.44 29.22
CA SER C 323 -14.28 -59.93 29.65
C SER C 323 -14.99 -60.92 30.53
N SER C 324 -16.11 -60.47 31.10
CA SER C 324 -17.02 -61.30 31.86
C SER C 324 -18.32 -61.52 31.09
N LYS C 325 -18.99 -60.43 30.74
CA LYS C 325 -20.08 -60.46 29.78
C LYS C 325 -19.50 -60.17 28.40
N ALA C 326 -20.35 -59.90 27.43
CA ALA C 326 -19.93 -59.48 26.10
C ALA C 326 -20.75 -58.28 25.68
N GLY C 327 -20.06 -57.27 25.15
CA GLY C 327 -20.74 -56.06 24.74
C GLY C 327 -19.76 -54.95 24.47
N ASN C 328 -20.24 -53.72 24.66
CA ASN C 328 -19.41 -52.55 24.45
C ASN C 328 -18.64 -52.20 25.70
N CYS C 329 -17.62 -51.39 25.51
CA CYS C 329 -16.70 -51.02 26.57
C CYS C 329 -16.07 -49.69 26.18
N PRO C 330 -16.51 -48.57 26.74
CA PRO C 330 -15.86 -47.30 26.39
C PRO C 330 -14.44 -47.26 26.88
N ILE C 331 -13.60 -46.54 26.14
CA ILE C 331 -12.16 -46.52 26.37
C ILE C 331 -11.66 -45.09 26.35
N HIS C 332 -10.55 -44.88 27.06
CA HIS C 332 -9.89 -43.59 27.08
C HIS C 332 -8.56 -43.78 27.80
N SER C 333 -7.60 -42.95 27.43
CA SER C 333 -6.34 -42.83 28.15
C SER C 333 -6.43 -41.62 29.05
N PRO C 334 -6.63 -41.78 30.35
CA PRO C 334 -6.70 -40.59 31.22
C PRO C 334 -5.45 -39.75 31.15
N SER C 335 -4.30 -40.36 30.87
CA SER C 335 -3.13 -39.58 30.55
C SER C 335 -3.30 -38.97 29.17
N GLY C 336 -2.89 -37.72 29.04
CA GLY C 336 -2.97 -37.03 27.78
C GLY C 336 -1.91 -37.41 26.78
N VAL C 337 -1.06 -38.37 27.12
CA VAL C 337 0.01 -38.79 26.21
C VAL C 337 -0.59 -39.35 24.94
N ALA C 338 -1.60 -40.19 25.08
CA ALA C 338 -2.17 -40.93 23.96
C ALA C 338 -3.58 -40.40 23.68
N VAL C 339 -3.85 -40.14 22.41
CA VAL C 339 -5.16 -39.73 21.95
C VAL C 339 -5.66 -40.83 21.04
N ILE C 340 -6.88 -41.27 21.28
CA ILE C 340 -7.41 -42.51 20.71
C ILE C 340 -8.54 -42.16 19.77
N LYS C 341 -8.58 -42.87 18.63
CA LYS C 341 -9.63 -42.65 17.64
C LYS C 341 -10.93 -43.31 18.08
N GLU C 342 -10.84 -44.47 18.70
CA GLU C 342 -12.01 -45.21 19.13
C GLU C 342 -12.43 -44.75 20.52
N ASN C 343 -13.69 -44.33 20.64
CA ASN C 343 -14.27 -44.09 21.95
C ASN C 343 -14.69 -45.38 22.61
N ASP C 344 -15.19 -46.32 21.82
CA ASP C 344 -15.85 -47.51 22.29
C ASP C 344 -15.35 -48.70 21.49
N VAL C 345 -15.23 -49.84 22.17
CA VAL C 345 -14.82 -51.08 21.55
C VAL C 345 -15.85 -52.14 21.90
N THR C 346 -16.26 -52.91 20.89
CA THR C 346 -17.14 -54.03 21.10
C THR C 346 -16.33 -55.22 21.60
N LEU C 347 -16.97 -56.04 22.44
CA LEU C 347 -16.30 -57.18 23.03
C LEU C 347 -17.18 -58.42 23.00
N ALA C 348 -16.61 -59.50 22.50
CA ALA C 348 -17.15 -60.83 22.73
C ALA C 348 -16.62 -61.31 24.08
N GLU C 349 -16.80 -62.58 24.38
CA GLU C 349 -16.33 -63.12 25.64
C GLU C 349 -14.82 -63.25 25.60
N SER C 350 -14.12 -62.19 26.03
CA SER C 350 -12.68 -62.21 26.23
C SER C 350 -11.93 -62.50 24.93
N GLY C 351 -12.12 -61.61 23.98
CA GLY C 351 -11.42 -61.63 22.71
C GLY C 351 -10.25 -60.67 22.70
N SER C 352 -10.01 -60.09 21.54
CA SER C 352 -8.95 -59.11 21.37
C SER C 352 -9.34 -58.17 20.24
N PHE C 353 -9.11 -56.88 20.46
CA PHE C 353 -9.46 -55.86 19.46
C PHE C 353 -8.46 -54.73 19.52
N THR C 354 -7.80 -54.47 18.40
CA THR C 354 -6.88 -53.37 18.29
C THR C 354 -7.65 -52.06 18.15
N PHE C 355 -7.06 -51.01 18.67
CA PHE C 355 -7.52 -49.65 18.45
C PHE C 355 -6.40 -48.83 17.83
N HIS C 356 -6.74 -47.61 17.47
CA HIS C 356 -5.81 -46.67 16.86
C HIS C 356 -5.55 -45.52 17.84
N PHE C 357 -4.38 -44.91 17.74
CA PHE C 357 -4.08 -43.77 18.59
C PHE C 357 -2.90 -43.00 18.00
N SER C 358 -2.46 -41.99 18.76
CA SER C 358 -1.32 -41.16 18.40
C SER C 358 -0.70 -40.63 19.68
N THR C 359 0.63 -40.49 19.67
CA THR C 359 1.39 -40.11 20.85
C THR C 359 2.47 -39.15 20.45
N ALA C 360 3.27 -38.73 21.43
CA ALA C 360 4.38 -37.82 21.23
C ALA C 360 5.63 -38.22 21.95
N ASN C 361 5.62 -39.25 22.78
CA ASN C 361 6.79 -39.71 23.50
C ASN C 361 7.21 -41.06 22.98
N ILE C 362 8.52 -41.20 22.78
CA ILE C 362 9.10 -42.37 22.12
C ILE C 362 8.67 -43.63 22.83
N HIS C 363 8.57 -43.58 24.14
CA HIS C 363 8.17 -44.70 24.98
C HIS C 363 6.81 -44.37 25.55
N PRO C 364 5.72 -44.62 24.82
CA PRO C 364 4.42 -44.25 25.35
C PRO C 364 3.99 -45.15 26.49
N ALA C 365 4.14 -44.63 27.70
CA ALA C 365 3.67 -45.30 28.91
C ALA C 365 2.39 -44.63 29.38
N PHE C 366 1.31 -44.91 28.64
CA PHE C 366 0.01 -44.33 28.92
C PHE C 366 -0.93 -45.39 29.44
N LYS C 367 -1.68 -45.03 30.47
CA LYS C 367 -2.73 -45.89 30.95
C LYS C 367 -3.86 -45.92 29.95
N LEU C 368 -4.58 -47.04 29.94
CA LEU C 368 -5.78 -47.17 29.14
C LEU C 368 -6.87 -47.74 30.03
N GLN C 369 -7.98 -47.03 30.09
CA GLN C 369 -9.07 -47.34 31.01
C GLN C 369 -10.19 -47.95 30.17
N VAL C 370 -10.19 -49.28 30.10
CA VAL C 370 -11.18 -50.00 29.29
C VAL C 370 -12.35 -50.30 30.22
N CYS C 371 -13.24 -49.31 30.34
CA CYS C 371 -14.48 -49.39 31.10
C CYS C 371 -14.26 -49.97 32.49
N THR C 372 -13.51 -49.20 33.27
CA THR C 372 -13.08 -49.55 34.62
C THR C 372 -12.13 -50.73 34.61
N SER C 373 -11.05 -50.60 33.85
CA SER C 373 -9.91 -51.51 34.00
C SER C 373 -8.71 -50.80 33.39
N ALA C 374 -7.77 -50.43 34.22
CA ALA C 374 -6.60 -49.70 33.76
C ALA C 374 -5.55 -50.66 33.22
N VAL C 375 -4.70 -50.14 32.34
CA VAL C 375 -3.60 -50.93 31.82
C VAL C 375 -2.59 -49.99 31.18
N THR C 376 -1.32 -50.31 31.39
CA THR C 376 -0.23 -49.62 30.73
C THR C 376 0.01 -50.28 29.38
N CYS C 377 -0.11 -49.49 28.31
CA CYS C 377 0.22 -49.94 26.96
C CYS C 377 1.62 -49.45 26.59
N LYS C 378 2.59 -49.87 27.40
CA LYS C 378 3.97 -49.49 27.21
C LYS C 378 4.48 -49.98 25.86
N GLY C 379 5.44 -49.25 25.30
CA GLY C 379 6.10 -49.72 24.08
C GLY C 379 7.04 -48.71 23.49
N ASP C 380 7.15 -48.74 22.16
CA ASP C 380 8.06 -47.86 21.44
C ASP C 380 7.50 -47.60 20.06
N CYS C 381 7.83 -46.42 19.51
CA CYS C 381 7.16 -45.89 18.35
C CYS C 381 8.17 -45.52 17.28
N LYS C 382 7.64 -45.28 16.06
CA LYS C 382 8.44 -45.06 14.87
C LYS C 382 8.09 -43.71 14.24
N PRO C 383 9.07 -42.93 13.80
CA PRO C 383 8.76 -41.67 13.12
C PRO C 383 8.24 -41.88 11.70
N PRO C 384 7.30 -41.04 11.24
CA PRO C 384 6.88 -41.08 9.82
C PRO C 384 7.73 -40.29 8.85
N LYS C 385 7.20 -40.15 7.63
CA LYS C 385 7.93 -39.66 6.48
C LYS C 385 7.25 -38.54 5.69
N ASP C 386 5.98 -38.23 5.92
CA ASP C 386 5.08 -37.69 4.88
C ASP C 386 4.27 -36.48 5.36
N HIS C 387 4.94 -35.45 5.87
CA HIS C 387 4.32 -34.41 6.71
C HIS C 387 3.98 -33.10 5.98
N ILE C 388 3.01 -33.14 5.05
CA ILE C 388 2.46 -31.88 4.53
C ILE C 388 0.94 -31.90 4.29
N VAL C 389 0.12 -31.90 5.35
CA VAL C 389 -1.35 -31.92 5.20
C VAL C 389 -1.80 -31.26 6.50
N ASP C 390 -3.11 -31.04 6.74
CA ASP C 390 -3.68 -30.09 7.71
C ASP C 390 -3.31 -30.43 9.16
N TYR C 391 -4.14 -30.24 10.19
CA TYR C 391 -3.60 -30.20 11.56
C TYR C 391 -3.86 -31.47 12.36
N PRO C 392 -3.10 -31.67 13.45
CA PRO C 392 -2.98 -33.01 14.05
C PRO C 392 -4.12 -33.37 14.99
N ALA C 393 -4.08 -34.63 15.43
CA ALA C 393 -4.93 -35.17 16.48
C ALA C 393 -4.15 -35.44 17.76
N GLN C 394 -2.85 -35.16 17.77
CA GLN C 394 -1.94 -35.54 18.84
C GLN C 394 -1.93 -34.50 19.94
N HIS C 395 -1.55 -33.28 19.57
CA HIS C 395 -1.65 -32.06 20.36
C HIS C 395 -1.30 -32.26 21.84
N THR C 396 -0.25 -33.05 22.09
CA THR C 396 0.10 -33.48 23.43
C THR C 396 1.60 -33.41 23.65
N GLU C 397 2.29 -32.55 22.92
CA GLU C 397 3.75 -32.51 23.01
C GLU C 397 4.19 -32.04 24.38
N SER C 398 5.15 -32.75 24.96
CA SER C 398 5.70 -32.43 26.26
C SER C 398 7.14 -32.90 26.29
N PHE C 399 7.71 -32.99 27.48
CA PHE C 399 9.06 -33.48 27.62
C PHE C 399 9.13 -34.97 27.33
N THR C 400 10.00 -35.35 26.40
CA THR C 400 10.13 -36.73 25.94
C THR C 400 11.59 -37.15 25.77
N TRP C 408 15.80 -40.12 27.58
CA TRP C 408 16.42 -40.52 28.84
C TRP C 408 17.57 -41.50 28.64
N SER C 409 17.90 -41.79 27.39
CA SER C 409 18.88 -42.83 27.11
C SER C 409 20.28 -42.45 27.55
N TRP C 410 20.56 -41.17 27.76
CA TRP C 410 21.84 -40.70 28.30
C TRP C 410 21.61 -39.62 29.33
N LEU C 411 20.62 -39.83 30.17
CA LEU C 411 20.26 -38.85 31.20
C LEU C 411 20.14 -39.50 32.56
N LYS C 412 19.65 -40.74 32.61
CA LYS C 412 19.36 -41.37 33.89
C LYS C 412 20.64 -41.73 34.63
N VAL C 413 21.42 -42.66 34.06
CA VAL C 413 22.70 -43.01 34.66
C VAL C 413 23.76 -41.97 34.29
N LEU C 414 23.51 -41.15 33.28
CA LEU C 414 24.38 -40.02 33.02
C LEU C 414 24.40 -39.07 34.22
N VAL C 415 23.25 -38.49 34.53
CA VAL C 415 23.22 -37.47 35.57
C VAL C 415 23.38 -38.11 36.93
N GLY C 416 22.86 -39.32 37.11
CA GLY C 416 23.23 -40.10 38.28
C GLY C 416 24.72 -40.35 38.33
N GLY C 417 25.37 -40.45 37.17
CA GLY C 417 26.82 -40.51 37.11
C GLY C 417 27.44 -39.14 37.29
N THR C 418 26.80 -38.10 36.74
CA THR C 418 27.23 -36.73 37.01
C THR C 418 27.19 -36.46 38.50
N SER C 419 26.09 -36.82 39.13
CA SER C 419 25.98 -36.68 40.56
C SER C 419 27.03 -37.51 41.27
N ALA C 420 27.30 -38.71 40.75
CA ALA C 420 28.22 -39.64 41.40
C ALA C 420 29.59 -39.02 41.64
N PHE C 421 30.01 -38.10 40.77
CA PHE C 421 31.25 -37.37 41.00
C PHE C 421 31.14 -36.50 42.24
N ILE C 422 30.05 -35.73 42.34
CA ILE C 422 29.86 -34.85 43.50
C ILE C 422 29.29 -35.60 44.68
N VAL C 423 28.62 -36.74 44.45
CA VAL C 423 28.28 -37.61 45.56
C VAL C 423 29.54 -38.25 46.10
N LEU C 424 30.51 -38.54 45.23
CA LEU C 424 31.80 -39.05 45.69
C LEU C 424 32.53 -38.06 46.57
N GLY C 425 32.18 -36.77 46.49
CA GLY C 425 32.85 -35.75 47.25
C GLY C 425 32.65 -35.90 48.74
N LEU C 426 31.40 -35.75 49.20
CA LEU C 426 31.12 -35.81 50.63
C LEU C 426 31.22 -37.21 51.21
N ILE C 427 31.62 -38.21 50.44
CA ILE C 427 32.07 -39.49 50.98
C ILE C 427 33.57 -39.65 50.86
N ALA C 428 34.24 -38.71 50.18
CA ALA C 428 35.65 -38.48 50.39
C ALA C 428 35.86 -37.48 51.52
N THR C 429 35.24 -36.31 51.41
CA THR C 429 35.15 -35.41 52.54
C THR C 429 34.24 -36.02 53.60
N ALA C 430 34.57 -35.76 54.86
CA ALA C 430 33.97 -36.35 56.06
C ALA C 430 34.40 -37.79 56.29
N VAL C 431 35.09 -38.41 55.32
CA VAL C 431 35.91 -39.58 55.60
C VAL C 431 37.34 -39.14 55.88
N VAL C 432 37.73 -37.99 55.35
CA VAL C 432 38.90 -37.30 55.88
C VAL C 432 38.70 -37.05 57.36
N ALA C 433 37.47 -36.69 57.75
CA ALA C 433 37.15 -36.49 59.16
C ALA C 433 37.36 -37.76 59.96
N LEU C 434 37.14 -38.93 59.35
CA LEU C 434 37.38 -40.19 60.03
C LEU C 434 38.86 -40.51 60.10
N VAL C 435 39.55 -40.39 58.98
CA VAL C 435 41.01 -40.54 58.98
C VAL C 435 41.62 -39.51 59.92
N LEU C 436 41.12 -38.28 59.84
CA LEU C 436 41.40 -37.29 60.87
C LEU C 436 41.00 -37.82 62.25
N PHE C 437 39.75 -38.26 62.39
CA PHE C 437 39.04 -38.44 63.67
C PHE C 437 38.76 -37.09 64.31
N LEU D 2 -38.63 -0.64 -20.74
CA LEU D 2 -37.79 0.54 -20.93
C LEU D 2 -38.54 1.83 -20.63
N ASP D 3 -39.74 1.74 -20.05
CA ASP D 3 -40.68 2.84 -19.93
C ASP D 3 -40.98 3.15 -18.47
N THR D 4 -39.98 2.98 -17.61
CA THR D 4 -40.10 3.14 -16.17
C THR D 4 -39.21 4.25 -15.61
N HIS D 5 -38.53 4.99 -16.46
CA HIS D 5 -37.64 6.06 -16.02
C HIS D 5 -37.86 7.29 -16.90
N PHE D 6 -39.13 7.64 -17.08
CA PHE D 6 -39.45 8.92 -17.66
C PHE D 6 -39.21 10.08 -16.69
N THR D 7 -38.79 9.77 -15.47
CA THR D 7 -38.19 10.78 -14.61
C THR D 7 -37.10 11.53 -15.36
N GLN D 8 -36.10 10.81 -15.86
CA GLN D 8 -35.05 11.45 -16.64
C GLN D 8 -35.52 11.76 -18.04
N TYR D 9 -36.06 10.75 -18.72
CA TYR D 9 -36.19 10.79 -20.17
C TYR D 9 -37.01 11.98 -20.64
N LYS D 10 -38.26 12.08 -20.17
CA LYS D 10 -39.12 13.19 -20.58
C LYS D 10 -38.53 14.52 -20.17
N LEU D 11 -37.91 14.56 -19.00
CA LEU D 11 -37.71 15.81 -18.29
C LEU D 11 -36.27 16.32 -18.39
N ALA D 12 -35.32 15.47 -18.76
CA ALA D 12 -33.94 15.85 -18.97
C ALA D 12 -33.62 15.93 -20.44
N ARG D 13 -32.67 16.81 -20.78
CA ARG D 13 -32.24 17.06 -22.14
C ARG D 13 -30.77 16.69 -22.29
N PRO D 14 -30.29 16.48 -23.52
CA PRO D 14 -28.86 16.20 -23.70
C PRO D 14 -28.01 17.43 -23.46
N TYR D 15 -27.36 17.50 -22.31
CA TYR D 15 -26.63 18.70 -21.97
C TYR D 15 -25.39 18.83 -22.85
N ILE D 16 -24.93 20.06 -23.04
CA ILE D 16 -23.70 20.34 -23.75
C ILE D 16 -22.76 21.16 -22.88
N ALA D 17 -21.51 20.71 -22.78
CA ALA D 17 -20.50 21.33 -21.94
C ALA D 17 -19.19 21.38 -22.71
N ASP D 18 -18.13 21.76 -22.01
CA ASP D 18 -16.84 22.07 -22.62
C ASP D 18 -15.90 20.87 -22.47
N CYS D 19 -15.78 20.11 -23.53
CA CYS D 19 -14.84 19.00 -23.54
C CYS D 19 -13.41 19.54 -23.49
N PRO D 20 -12.48 18.87 -22.79
CA PRO D 20 -11.17 19.49 -22.56
C PRO D 20 -10.14 19.37 -23.69
N ASN D 21 -10.14 18.27 -24.41
CA ASN D 21 -9.19 18.05 -25.50
C ASN D 21 -9.92 17.43 -26.68
N CYS D 22 -10.97 18.13 -27.10
CA CYS D 22 -11.96 17.65 -28.05
C CYS D 22 -11.38 17.48 -29.43
N GLY D 23 -10.51 16.48 -29.59
CA GLY D 23 -9.84 16.25 -30.85
C GLY D 23 -8.68 17.20 -31.03
N HIS D 24 -8.99 18.45 -31.33
CA HIS D 24 -7.98 19.50 -31.38
C HIS D 24 -7.64 19.96 -29.96
N SER D 25 -8.63 20.57 -29.32
CA SER D 25 -8.46 21.31 -28.10
C SER D 25 -9.82 21.42 -27.45
N ARG D 26 -9.98 22.37 -26.53
CA ARG D 26 -11.22 22.52 -25.79
C ARG D 26 -12.35 22.99 -26.71
N CYS D 27 -13.21 22.06 -27.15
CA CYS D 27 -14.44 22.43 -27.82
C CYS D 27 -15.56 22.49 -26.78
N ASP D 28 -16.79 22.56 -27.27
CA ASP D 28 -17.99 22.35 -26.47
C ASP D 28 -18.73 21.16 -27.08
N SER D 29 -18.44 19.96 -26.58
CA SER D 29 -19.11 18.78 -27.09
C SER D 29 -20.37 18.47 -26.29
N PRO D 30 -21.43 17.98 -26.92
CA PRO D 30 -22.55 17.46 -26.14
C PRO D 30 -22.20 16.23 -25.32
N ILE D 31 -21.13 15.52 -25.68
CA ILE D 31 -20.74 14.30 -25.01
C ILE D 31 -19.62 14.60 -24.04
N ALA D 32 -19.56 15.84 -23.56
CA ALA D 32 -18.52 16.26 -22.63
C ALA D 32 -18.50 15.36 -21.41
N ILE D 33 -17.34 14.77 -21.15
CA ILE D 33 -17.18 13.71 -20.17
C ILE D 33 -16.92 14.32 -18.81
N GLU D 34 -17.78 14.03 -17.86
CA GLU D 34 -17.57 14.29 -16.46
C GLU D 34 -17.69 12.96 -15.73
N GLU D 35 -17.25 12.94 -14.46
CA GLU D 35 -17.43 11.83 -13.52
C GLU D 35 -17.08 10.48 -14.16
N VAL D 36 -15.83 10.35 -14.49
CA VAL D 36 -15.25 9.06 -14.84
C VAL D 36 -15.05 8.29 -13.55
N ARG D 37 -15.42 7.01 -13.56
CA ARG D 37 -15.38 6.18 -12.38
C ARG D 37 -14.74 4.84 -12.71
N GLY D 38 -13.43 4.78 -12.65
CA GLY D 38 -12.68 3.56 -12.82
C GLY D 38 -12.42 2.93 -11.47
N ASP D 39 -13.48 2.86 -10.68
CA ASP D 39 -13.41 2.50 -9.28
C ASP D 39 -13.87 1.08 -9.02
N ALA D 40 -14.52 0.44 -9.97
CA ALA D 40 -14.93 -0.94 -9.86
C ALA D 40 -13.77 -1.84 -10.26
N HIS D 41 -14.06 -3.12 -10.48
CA HIS D 41 -13.04 -4.14 -10.71
C HIS D 41 -13.18 -4.88 -12.03
N ALA D 42 -14.35 -4.86 -12.65
CA ALA D 42 -14.70 -5.84 -13.68
C ALA D 42 -14.32 -5.39 -15.08
N GLY D 43 -13.29 -4.57 -15.21
CA GLY D 43 -13.00 -3.99 -16.51
C GLY D 43 -13.95 -2.91 -16.94
N VAL D 44 -14.80 -2.42 -16.03
CA VAL D 44 -15.94 -1.57 -16.36
C VAL D 44 -15.70 -0.17 -15.85
N ILE D 45 -16.19 0.81 -16.61
CA ILE D 45 -16.29 2.18 -16.16
C ILE D 45 -17.70 2.66 -16.42
N ARG D 46 -18.25 3.33 -15.43
CA ARG D 46 -19.46 4.11 -15.58
C ARG D 46 -19.05 5.55 -15.89
N ILE D 47 -19.64 6.11 -16.94
CA ILE D 47 -19.30 7.43 -17.44
C ILE D 47 -20.59 8.23 -17.52
N GLN D 48 -20.47 9.56 -17.39
CA GLN D 48 -21.55 10.46 -17.78
C GLN D 48 -21.07 11.33 -18.92
N THR D 49 -21.73 11.20 -20.05
CA THR D 49 -21.75 12.25 -21.04
C THR D 49 -22.70 13.33 -20.58
N SER D 50 -22.45 14.55 -21.03
CA SER D 50 -23.49 15.57 -20.92
C SER D 50 -24.63 15.29 -21.89
N ALA D 51 -24.40 14.44 -22.88
CA ALA D 51 -25.45 14.03 -23.78
C ALA D 51 -26.31 12.94 -23.16
N MET D 52 -27.60 13.02 -23.41
CA MET D 52 -28.61 12.10 -22.91
C MET D 52 -29.03 11.25 -24.09
N PHE D 53 -28.31 10.14 -24.29
CA PHE D 53 -28.77 9.13 -25.21
C PHE D 53 -29.75 8.22 -24.47
N GLY D 54 -30.37 7.31 -25.21
CA GLY D 54 -31.42 6.48 -24.65
C GLY D 54 -32.63 6.46 -25.55
N LEU D 55 -33.81 6.71 -25.00
CA LEU D 55 -34.97 6.94 -25.85
C LEU D 55 -34.73 8.20 -26.68
N LYS D 56 -35.65 8.46 -27.59
CA LYS D 56 -35.58 9.65 -28.40
C LYS D 56 -36.01 10.84 -27.54
N THR D 57 -36.27 11.97 -28.20
CA THR D 57 -36.91 13.09 -27.53
C THR D 57 -38.20 12.64 -26.84
N ASP D 58 -38.95 11.74 -27.47
CA ASP D 58 -40.31 11.46 -27.01
C ASP D 58 -40.48 10.15 -26.25
N GLY D 59 -40.31 8.99 -26.89
CA GLY D 59 -40.77 7.76 -26.25
C GLY D 59 -40.20 6.38 -26.58
N VAL D 60 -39.19 6.22 -27.44
CA VAL D 60 -38.92 4.91 -28.03
C VAL D 60 -37.43 4.58 -28.02
N ASP D 61 -37.13 3.30 -27.73
CA ASP D 61 -35.88 2.66 -28.12
C ASP D 61 -34.63 3.26 -27.50
N LEU D 62 -34.31 2.79 -26.29
CA LEU D 62 -33.03 3.03 -25.61
C LEU D 62 -31.84 3.12 -26.56
N ALA D 63 -31.80 2.26 -27.57
CA ALA D 63 -30.66 2.18 -28.46
C ALA D 63 -30.62 3.28 -29.52
N TYR D 64 -31.35 4.37 -29.34
CA TYR D 64 -31.20 5.56 -30.17
C TYR D 64 -30.38 6.60 -29.41
N MET D 65 -30.23 7.76 -30.02
CA MET D 65 -29.09 8.63 -29.73
C MET D 65 -29.54 10.08 -29.87
N SER D 66 -29.67 10.76 -28.74
CA SER D 66 -30.05 12.17 -28.69
C SER D 66 -28.94 12.97 -28.02
N PHE D 67 -28.17 13.71 -28.83
CA PHE D 67 -27.30 14.76 -28.34
C PHE D 67 -27.84 16.11 -28.77
N MET D 68 -27.15 17.17 -28.36
CA MET D 68 -27.51 18.52 -28.72
C MET D 68 -26.69 18.97 -29.93
N ASN D 69 -27.39 19.40 -30.98
CA ASN D 69 -26.79 20.09 -32.11
C ASN D 69 -27.54 21.40 -32.25
N GLY D 70 -26.82 22.51 -32.13
CA GLY D 70 -27.46 23.80 -32.01
C GLY D 70 -27.94 24.02 -30.59
N LYS D 71 -29.02 24.80 -30.47
CA LYS D 71 -29.86 24.74 -29.29
C LYS D 71 -30.67 23.45 -29.22
N THR D 72 -30.68 22.65 -30.29
CA THR D 72 -31.64 21.59 -30.50
C THR D 72 -31.02 20.23 -30.21
N GLN D 73 -31.89 19.27 -29.92
CA GLN D 73 -31.49 17.89 -29.82
C GLN D 73 -31.22 17.31 -31.21
N LYS D 74 -30.79 16.05 -31.22
CA LYS D 74 -30.84 15.26 -32.46
C LYS D 74 -31.03 13.80 -32.05
N SER D 75 -32.29 13.38 -31.93
CA SER D 75 -32.64 12.08 -31.39
C SER D 75 -32.69 11.07 -32.54
N ILE D 76 -31.54 10.44 -32.78
CA ILE D 76 -31.35 9.55 -33.92
C ILE D 76 -30.57 8.32 -33.45
N LYS D 77 -30.12 7.48 -34.39
CA LYS D 77 -29.55 6.18 -34.07
C LYS D 77 -28.13 6.30 -33.51
N ILE D 78 -27.77 5.30 -32.69
CA ILE D 78 -26.52 5.24 -31.92
C ILE D 78 -25.34 4.74 -32.74
N ASP D 79 -25.51 4.65 -34.06
CA ASP D 79 -24.82 3.71 -34.95
C ASP D 79 -23.37 3.35 -34.61
N ASN D 80 -22.53 4.33 -34.27
CA ASN D 80 -21.08 4.13 -34.20
C ASN D 80 -20.48 4.79 -32.96
N LEU D 81 -21.07 4.51 -31.81
CA LEU D 81 -20.46 4.93 -30.55
C LEU D 81 -19.05 4.36 -30.43
N HIS D 82 -18.16 5.14 -29.81
CA HIS D 82 -16.86 4.64 -29.39
C HIS D 82 -16.45 5.29 -28.07
N VAL D 83 -16.54 4.53 -26.99
CA VAL D 83 -15.71 4.78 -25.82
C VAL D 83 -14.37 4.12 -26.09
N ARG D 84 -13.32 4.75 -25.60
CA ARG D 84 -12.03 4.07 -25.65
C ARG D 84 -11.06 4.72 -24.68
N THR D 85 -9.96 4.01 -24.48
CA THR D 85 -8.89 4.32 -23.56
C THR D 85 -7.64 3.94 -24.32
N SER D 86 -6.57 3.57 -23.61
CA SER D 86 -5.41 2.94 -24.21
C SER D 86 -5.75 1.96 -25.33
N ALA D 87 -6.83 1.22 -25.18
CA ALA D 87 -7.43 0.43 -26.26
C ALA D 87 -8.89 0.81 -26.41
N PRO D 88 -9.52 0.39 -27.51
CA PRO D 88 -10.97 0.56 -27.62
C PRO D 88 -11.72 -0.26 -26.59
N CYS D 89 -12.64 0.39 -25.90
CA CYS D 89 -13.43 -0.23 -24.87
C CYS D 89 -14.54 -1.06 -25.50
N SER D 90 -15.34 -1.66 -24.65
CA SER D 90 -16.58 -2.33 -25.04
C SER D 90 -17.72 -1.68 -24.27
N LEU D 91 -18.70 -1.17 -25.01
CA LEU D 91 -19.93 -0.72 -24.41
C LEU D 91 -20.56 -1.83 -23.59
N VAL D 92 -21.22 -1.46 -22.50
CA VAL D 92 -22.03 -2.38 -21.71
C VAL D 92 -23.50 -2.01 -21.78
N SER D 93 -23.83 -0.76 -21.48
CA SER D 93 -25.20 -0.28 -21.61
C SER D 93 -25.21 1.21 -21.37
N HIS D 94 -26.21 1.87 -21.95
CA HIS D 94 -26.47 3.27 -21.72
C HIS D 94 -27.86 3.45 -21.12
N HIS D 95 -27.98 4.48 -20.28
CA HIS D 95 -29.28 4.89 -19.75
C HIS D 95 -29.16 6.35 -19.32
N GLY D 96 -29.93 7.21 -19.94
CA GLY D 96 -29.94 8.61 -19.54
C GLY D 96 -28.75 9.34 -20.10
N TYR D 97 -28.10 10.12 -19.23
CA TYR D 97 -26.83 10.76 -19.56
C TYR D 97 -25.66 9.79 -19.54
N TYR D 98 -25.89 8.56 -19.14
CA TYR D 98 -24.87 7.73 -18.51
C TYR D 98 -24.66 6.46 -19.31
N ILE D 99 -23.39 6.07 -19.45
CA ILE D 99 -23.02 4.87 -20.15
C ILE D 99 -22.11 4.04 -19.27
N LEU D 100 -22.28 2.72 -19.34
CA LEU D 100 -21.37 1.76 -18.77
C LEU D 100 -20.64 1.05 -19.91
N ALA D 101 -19.34 0.88 -19.75
CA ALA D 101 -18.52 0.31 -20.80
C ALA D 101 -17.37 -0.45 -20.18
N GLN D 102 -17.07 -1.61 -20.75
CA GLN D 102 -15.96 -2.42 -20.29
C GLN D 102 -14.70 -1.92 -20.97
N CYS D 103 -13.80 -1.35 -20.18
CA CYS D 103 -12.54 -0.78 -20.66
C CYS D 103 -11.35 -1.50 -20.06
N PRO D 104 -10.20 -1.46 -20.73
CA PRO D 104 -8.96 -1.81 -20.07
C PRO D 104 -8.43 -0.63 -19.29
N PRO D 105 -7.31 -0.81 -18.58
CA PRO D 105 -6.67 0.33 -17.94
C PRO D 105 -6.24 1.36 -18.97
N GLY D 106 -6.14 2.59 -18.51
CA GLY D 106 -5.73 3.67 -19.36
C GLY D 106 -5.46 4.94 -18.58
N ASP D 107 -4.41 5.65 -18.96
CA ASP D 107 -4.12 6.92 -18.32
C ASP D 107 -5.25 7.91 -18.50
N THR D 108 -5.98 7.81 -19.62
CA THR D 108 -7.04 8.73 -19.97
C THR D 108 -8.34 7.97 -20.19
N VAL D 109 -9.36 8.73 -20.60
CA VAL D 109 -10.59 8.19 -21.14
C VAL D 109 -10.96 9.04 -22.33
N THR D 110 -11.43 8.37 -23.37
CA THR D 110 -11.58 8.99 -24.69
C THR D 110 -12.84 8.42 -25.32
N VAL D 111 -13.84 9.29 -25.49
CA VAL D 111 -15.19 8.90 -25.86
C VAL D 111 -15.55 9.52 -27.19
N GLY D 112 -16.45 8.88 -27.93
CA GLY D 112 -16.92 9.49 -29.14
C GLY D 112 -17.79 8.60 -29.99
N PHE D 113 -18.83 9.18 -30.56
CA PHE D 113 -19.66 8.53 -31.55
C PHE D 113 -19.28 9.03 -32.94
N HIS D 114 -20.09 8.70 -33.93
CA HIS D 114 -19.95 9.25 -35.27
C HIS D 114 -21.35 9.60 -35.74
N ASP D 115 -21.64 10.90 -35.78
CA ASP D 115 -22.91 11.36 -36.32
C ASP D 115 -23.10 10.90 -37.76
N GLY D 116 -22.00 10.84 -38.52
CA GLY D 116 -22.04 10.46 -39.92
C GLY D 116 -21.34 11.46 -40.82
N PRO D 117 -21.55 12.76 -40.63
CA PRO D 117 -20.71 13.74 -41.32
C PRO D 117 -19.41 14.03 -40.63
N ASN D 118 -19.29 13.73 -39.34
CA ASN D 118 -18.14 14.15 -38.57
C ASN D 118 -17.86 13.15 -37.46
N ARG D 119 -16.60 13.10 -37.03
CA ARG D 119 -16.22 12.21 -35.95
C ARG D 119 -16.83 12.66 -34.64
N HIS D 120 -16.50 13.87 -34.20
CA HIS D 120 -17.25 14.55 -33.16
C HIS D 120 -17.18 13.78 -31.84
N THR D 121 -15.96 13.67 -31.33
CA THR D 121 -15.62 12.87 -30.16
C THR D 121 -15.35 13.77 -28.96
N CYS D 122 -15.09 13.15 -27.81
CA CYS D 122 -14.67 13.88 -26.63
C CYS D 122 -13.79 13.01 -25.75
N THR D 123 -12.80 13.65 -25.15
CA THR D 123 -11.72 12.96 -24.49
C THR D 123 -11.40 13.67 -23.19
N VAL D 124 -10.76 12.94 -22.27
CA VAL D 124 -10.59 13.45 -20.91
C VAL D 124 -9.47 12.66 -20.24
N ALA D 125 -8.87 13.28 -19.23
CA ALA D 125 -7.93 12.60 -18.35
C ALA D 125 -8.67 11.89 -17.23
N HIS D 126 -8.25 10.66 -16.95
CA HIS D 126 -8.65 9.98 -15.72
C HIS D 126 -7.80 8.75 -15.50
N LYS D 127 -7.22 8.64 -14.32
CA LYS D 127 -6.44 7.47 -13.97
C LYS D 127 -7.35 6.27 -13.85
N VAL D 128 -7.11 5.26 -14.68
CA VAL D 128 -7.92 4.05 -14.70
C VAL D 128 -7.01 2.86 -14.41
N GLU D 129 -7.55 1.91 -13.66
CA GLU D 129 -6.93 0.60 -13.50
C GLU D 129 -8.03 -0.42 -13.33
N PHE D 130 -7.66 -1.69 -13.47
CA PHE D 130 -8.56 -2.79 -13.12
C PHE D 130 -7.75 -3.87 -12.43
N ARG D 131 -7.65 -3.73 -11.13
CA ARG D 131 -7.37 -4.85 -10.28
C ARG D 131 -8.63 -5.72 -10.20
N PRO D 132 -8.54 -7.02 -10.48
CA PRO D 132 -9.60 -7.90 -10.00
C PRO D 132 -9.47 -8.13 -8.52
N VAL D 133 -10.60 -8.42 -7.89
CA VAL D 133 -10.57 -8.76 -6.49
C VAL D 133 -9.93 -10.13 -6.35
N GLY D 134 -8.93 -10.20 -5.49
CA GLY D 134 -8.16 -11.40 -5.30
C GLY D 134 -6.71 -11.02 -5.08
N ARG D 135 -5.96 -11.96 -4.53
CA ARG D 135 -4.55 -11.74 -4.31
C ARG D 135 -3.73 -11.86 -5.59
N GLU D 136 -4.37 -12.12 -6.73
CA GLU D 136 -3.73 -12.04 -8.03
C GLU D 136 -3.94 -10.65 -8.62
N LYS D 137 -2.85 -10.04 -9.05
CA LYS D 137 -2.89 -8.72 -9.68
C LYS D 137 -2.82 -8.90 -11.19
N TYR D 138 -3.93 -9.35 -11.75
CA TYR D 138 -4.03 -9.44 -13.20
C TYR D 138 -4.05 -8.05 -13.81
N ARG D 139 -4.15 -8.03 -15.14
CA ARG D 139 -4.46 -6.84 -15.90
C ARG D 139 -5.80 -6.95 -16.62
N HIS D 140 -6.50 -8.08 -16.46
CA HIS D 140 -7.64 -8.37 -17.31
C HIS D 140 -8.41 -9.57 -16.77
N PRO D 141 -9.74 -9.65 -16.93
CA PRO D 141 -10.46 -10.80 -16.38
C PRO D 141 -10.28 -12.02 -17.27
N PRO D 142 -10.06 -13.20 -16.69
CA PRO D 142 -9.93 -14.41 -17.50
C PRO D 142 -11.29 -15.03 -17.82
N GLU D 143 -11.24 -16.17 -18.48
CA GLU D 143 -12.42 -16.97 -18.78
C GLU D 143 -12.82 -17.90 -17.65
N HIS D 144 -11.88 -18.23 -16.76
CA HIS D 144 -12.09 -19.24 -15.75
C HIS D 144 -11.58 -18.73 -14.42
N GLY D 145 -11.48 -19.60 -13.44
CA GLY D 145 -11.10 -19.23 -12.09
C GLY D 145 -12.29 -19.17 -11.17
N VAL D 146 -11.97 -18.92 -9.91
CA VAL D 146 -12.99 -18.89 -8.86
C VAL D 146 -13.79 -17.61 -8.99
N GLU D 147 -15.04 -17.64 -8.52
CA GLU D 147 -15.86 -16.46 -8.35
C GLU D 147 -15.78 -16.00 -6.91
N LEU D 148 -15.74 -14.68 -6.72
CA LEU D 148 -15.62 -14.10 -5.39
C LEU D 148 -16.08 -12.65 -5.46
N PRO D 149 -16.38 -12.04 -4.33
CA PRO D 149 -17.24 -10.85 -4.33
C PRO D 149 -16.59 -9.58 -4.83
N CYS D 150 -16.69 -9.33 -6.13
CA CYS D 150 -16.18 -8.10 -6.70
C CYS D 150 -17.20 -6.97 -6.59
N ASN D 151 -16.72 -5.78 -6.92
CA ASN D 151 -17.55 -4.59 -7.05
C ASN D 151 -17.65 -4.23 -8.52
N ARG D 152 -18.86 -3.88 -8.94
CA ARG D 152 -19.17 -3.85 -10.35
C ARG D 152 -20.51 -3.16 -10.53
N TYR D 153 -20.73 -2.63 -11.72
CA TYR D 153 -21.96 -1.94 -12.08
C TYR D 153 -22.88 -2.85 -12.88
N THR D 154 -24.16 -2.53 -12.85
CA THR D 154 -25.17 -3.39 -13.42
C THR D 154 -25.28 -3.19 -14.92
N HIS D 155 -25.97 -4.11 -15.56
CA HIS D 155 -26.38 -3.91 -16.93
C HIS D 155 -27.61 -3.03 -17.03
N LYS D 156 -28.39 -2.92 -15.97
CA LYS D 156 -29.80 -2.61 -16.10
C LYS D 156 -30.08 -1.15 -15.77
N ARG D 157 -31.35 -0.79 -15.92
CA ARG D 157 -31.89 0.54 -15.73
C ARG D 157 -32.87 0.64 -14.59
N ALA D 158 -33.58 -0.44 -14.26
CA ALA D 158 -34.64 -0.43 -13.25
C ALA D 158 -33.94 -0.26 -11.90
N ASP D 159 -33.57 0.98 -11.61
CA ASP D 159 -32.54 1.27 -10.64
C ASP D 159 -32.88 2.56 -9.92
N GLN D 160 -32.81 2.51 -8.59
CA GLN D 160 -33.15 3.64 -7.75
C GLN D 160 -32.19 3.79 -6.58
N GLY D 161 -31.17 2.93 -6.47
CA GLY D 161 -30.34 2.88 -5.28
C GLY D 161 -29.70 4.20 -4.91
N HIS D 162 -29.53 5.09 -5.88
CA HIS D 162 -29.15 6.46 -5.60
C HIS D 162 -29.82 7.36 -6.61
N TYR D 163 -29.77 8.66 -6.34
CA TYR D 163 -30.24 9.66 -7.28
C TYR D 163 -29.42 10.91 -7.09
N VAL D 164 -29.08 11.52 -8.20
CA VAL D 164 -28.32 12.76 -8.21
C VAL D 164 -29.27 13.89 -8.52
N GLU D 165 -28.97 15.05 -7.94
CA GLU D 165 -29.73 16.26 -8.24
C GLU D 165 -29.60 16.58 -9.72
N MET D 166 -30.72 16.84 -10.36
CA MET D 166 -30.72 17.32 -11.75
C MET D 166 -31.77 18.41 -11.89
N HIS D 167 -31.40 19.64 -11.53
CA HIS D 167 -32.26 20.79 -11.70
C HIS D 167 -31.90 21.48 -13.02
N GLN D 168 -32.38 22.71 -13.19
CA GLN D 168 -32.52 23.29 -14.50
C GLN D 168 -31.17 23.55 -15.13
N PRO D 169 -31.15 23.90 -16.41
CA PRO D 169 -30.00 24.58 -16.96
C PRO D 169 -30.08 26.06 -16.67
N GLY D 170 -28.91 26.67 -16.57
CA GLY D 170 -28.82 28.10 -16.73
C GLY D 170 -29.03 28.44 -18.20
N LEU D 171 -28.84 29.71 -18.50
CA LEU D 171 -28.89 30.13 -19.88
C LEU D 171 -27.76 29.50 -20.67
N VAL D 172 -27.77 29.75 -21.97
CA VAL D 172 -26.65 29.40 -22.83
C VAL D 172 -26.51 30.49 -23.88
N ALA D 173 -25.31 30.60 -24.44
CA ALA D 173 -25.07 31.54 -25.52
C ALA D 173 -25.64 30.99 -26.82
N ASP D 174 -26.16 31.89 -27.65
CA ASP D 174 -26.45 31.52 -29.03
C ASP D 174 -26.46 32.81 -29.86
N HIS D 175 -25.30 33.12 -30.45
CA HIS D 175 -25.18 34.31 -31.27
C HIS D 175 -25.68 34.12 -32.69
N SER D 176 -26.15 32.91 -33.03
CA SER D 176 -26.95 32.77 -34.23
C SER D 176 -28.23 33.58 -34.14
N LEU D 177 -28.71 33.80 -32.91
CA LEU D 177 -29.86 34.67 -32.71
C LEU D 177 -29.59 36.08 -33.20
N LEU D 178 -28.51 36.68 -32.72
CA LEU D 178 -28.26 38.10 -32.89
C LEU D 178 -27.89 38.38 -34.34
N SER D 179 -28.91 38.40 -35.18
CA SER D 179 -28.76 38.80 -36.57
C SER D 179 -28.75 40.33 -36.62
N ILE D 180 -28.92 40.90 -37.82
CA ILE D 180 -28.93 42.35 -38.01
C ILE D 180 -30.24 42.72 -38.70
N HIS D 181 -30.90 43.75 -38.18
CA HIS D 181 -32.09 44.36 -38.78
C HIS D 181 -31.71 45.48 -39.76
N SER D 182 -30.74 45.15 -40.63
CA SER D 182 -30.25 46.01 -41.71
C SER D 182 -29.49 47.26 -41.27
N ALA D 183 -29.66 47.69 -40.02
CA ALA D 183 -28.69 48.54 -39.34
C ALA D 183 -28.51 48.22 -37.87
N LYS D 184 -29.46 47.51 -37.25
CA LYS D 184 -29.48 47.25 -35.83
C LYS D 184 -29.32 45.77 -35.60
N VAL D 185 -28.79 45.40 -34.45
CA VAL D 185 -28.60 43.99 -34.14
C VAL D 185 -29.93 43.41 -33.69
N LYS D 186 -30.28 42.26 -34.27
CA LYS D 186 -31.61 41.70 -34.26
C LYS D 186 -31.55 40.34 -33.57
N ILE D 187 -32.19 40.25 -32.44
CA ILE D 187 -32.35 38.99 -31.72
C ILE D 187 -33.63 38.31 -32.19
N THR D 188 -33.65 36.98 -32.11
CA THR D 188 -34.86 36.21 -32.35
C THR D 188 -35.07 35.24 -31.20
N VAL D 189 -35.99 34.30 -31.36
CA VAL D 189 -36.31 33.33 -30.30
C VAL D 189 -36.45 31.95 -30.91
N PRO D 190 -36.14 30.89 -30.13
CA PRO D 190 -36.34 29.53 -30.64
C PRO D 190 -37.78 29.20 -31.00
N SER D 191 -38.65 29.22 -29.99
CA SER D 191 -40.04 28.80 -30.11
C SER D 191 -40.94 29.65 -29.24
N GLY D 192 -40.53 30.89 -28.98
CA GLY D 192 -41.06 31.66 -27.89
C GLY D 192 -40.30 31.49 -26.60
N ALA D 193 -39.10 30.90 -26.64
CA ALA D 193 -38.30 30.74 -25.44
C ALA D 193 -37.89 32.10 -24.90
N GLN D 194 -37.30 32.08 -23.72
CA GLN D 194 -37.06 33.28 -22.94
C GLN D 194 -35.63 33.73 -23.17
N VAL D 195 -35.47 34.83 -23.90
CA VAL D 195 -34.17 35.33 -24.34
C VAL D 195 -33.83 36.57 -23.51
N LYS D 196 -32.71 36.51 -22.83
CA LYS D 196 -32.33 37.46 -21.79
C LYS D 196 -31.33 38.43 -22.41
N TYR D 197 -31.73 39.70 -22.58
CA TYR D 197 -31.13 40.57 -23.57
C TYR D 197 -30.94 42.02 -23.11
N TYR D 198 -29.81 42.61 -23.54
CA TYR D 198 -29.40 44.02 -23.46
C TYR D 198 -28.03 44.04 -24.14
N CYS D 199 -27.49 45.23 -24.37
CA CYS D 199 -26.16 45.38 -24.95
C CYS D 199 -25.37 46.30 -24.07
N LYS D 200 -24.08 46.49 -24.38
CA LYS D 200 -23.27 47.40 -23.58
C LYS D 200 -23.87 48.79 -23.57
N CYS D 201 -24.46 49.21 -24.69
CA CYS D 201 -25.16 50.48 -24.75
C CYS D 201 -26.42 50.37 -23.90
N PRO D 202 -27.14 51.47 -23.70
CA PRO D 202 -28.48 51.38 -23.08
C PRO D 202 -29.63 51.10 -24.06
N ASP D 203 -30.24 49.93 -23.93
CA ASP D 203 -31.44 49.51 -24.64
C ASP D 203 -32.23 48.58 -23.70
N VAL D 204 -33.09 47.70 -24.25
CA VAL D 204 -33.92 46.79 -23.44
C VAL D 204 -33.04 46.00 -22.47
N ARG D 205 -33.40 46.03 -21.18
CA ARG D 205 -32.46 45.60 -20.14
C ARG D 205 -32.68 44.20 -19.58
N GLU D 206 -33.89 43.63 -19.60
CA GLU D 206 -34.04 42.24 -19.20
C GLU D 206 -34.01 41.32 -20.41
N GLY D 207 -35.07 41.39 -21.21
CA GLY D 207 -35.29 40.46 -22.30
C GLY D 207 -36.10 39.30 -21.78
N ILE D 208 -37.42 39.37 -21.91
CA ILE D 208 -38.29 38.20 -21.77
C ILE D 208 -39.32 38.40 -22.87
N THR D 209 -39.03 37.90 -24.07
CA THR D 209 -39.65 38.46 -25.26
C THR D 209 -39.73 37.42 -26.37
N SER D 210 -40.49 37.79 -27.40
CA SER D 210 -40.34 37.23 -28.73
C SER D 210 -39.16 37.91 -29.41
N SER D 211 -39.05 37.78 -30.73
CA SER D 211 -37.95 38.40 -31.45
C SER D 211 -37.96 39.92 -31.30
N ASP D 212 -36.98 40.45 -30.57
CA ASP D 212 -36.79 41.87 -30.44
C ASP D 212 -35.78 42.37 -31.45
N HIS D 213 -35.74 43.69 -31.60
CA HIS D 213 -34.66 44.41 -32.24
C HIS D 213 -33.81 45.04 -31.14
N THR D 214 -32.87 45.90 -31.55
CA THR D 214 -32.02 46.64 -30.63
C THR D 214 -31.92 48.07 -31.13
N THR D 215 -32.57 48.99 -30.43
CA THR D 215 -32.52 50.38 -30.87
C THR D 215 -31.09 50.92 -30.81
N THR D 216 -30.39 50.68 -29.70
CA THR D 216 -29.18 51.45 -29.42
C THR D 216 -27.92 50.86 -30.05
N CYS D 217 -27.49 49.69 -29.59
CA CYS D 217 -26.25 49.12 -30.10
C CYS D 217 -26.45 48.55 -31.48
N THR D 218 -25.33 48.29 -32.15
CA THR D 218 -25.27 47.77 -33.51
C THR D 218 -24.46 46.50 -33.62
N ASP D 219 -23.37 46.39 -32.87
CA ASP D 219 -22.45 45.28 -33.02
C ASP D 219 -23.01 44.05 -32.32
N VAL D 220 -22.94 42.92 -33.02
CA VAL D 220 -23.32 41.64 -32.44
C VAL D 220 -22.47 41.31 -31.22
N LYS D 221 -21.24 41.81 -31.19
CA LYS D 221 -20.25 41.40 -30.21
C LYS D 221 -20.35 42.16 -28.89
N GLN D 222 -21.45 42.85 -28.64
CA GLN D 222 -21.61 43.61 -27.41
C GLN D 222 -23.01 43.44 -26.85
N CYS D 223 -23.58 42.24 -27.00
CA CYS D 223 -24.97 42.01 -26.65
C CYS D 223 -25.14 40.65 -25.99
N ARG D 224 -26.31 40.48 -25.38
CA ARG D 224 -26.62 39.34 -24.51
C ARG D 224 -27.47 38.35 -25.28
N ALA D 225 -26.82 37.43 -26.00
CA ALA D 225 -27.51 36.33 -26.68
C ALA D 225 -27.66 35.19 -25.69
N TYR D 226 -28.83 35.12 -25.07
CA TYR D 226 -29.09 34.16 -23.99
C TYR D 226 -30.33 33.35 -24.31
N LEU D 227 -30.39 32.15 -23.71
CA LEU D 227 -31.50 31.22 -23.89
C LEU D 227 -31.88 30.64 -22.53
N ILE D 228 -32.81 31.32 -21.85
CA ILE D 228 -33.47 30.70 -20.70
C ILE D 228 -34.53 29.78 -21.31
N ASP D 229 -34.20 28.50 -21.41
CA ASP D 229 -35.01 27.49 -22.09
C ASP D 229 -35.27 26.34 -21.16
N ASN D 230 -35.72 26.65 -19.95
CA ASN D 230 -35.82 25.67 -18.88
C ASN D 230 -37.12 24.88 -18.95
N LYS D 231 -37.42 24.32 -20.12
CA LYS D 231 -38.49 23.36 -20.25
C LYS D 231 -38.03 21.94 -19.96
N LYS D 232 -36.71 21.71 -19.94
CA LYS D 232 -36.14 20.41 -19.61
C LYS D 232 -34.91 20.63 -18.75
N TRP D 233 -34.86 19.93 -17.62
CA TRP D 233 -33.76 20.06 -16.68
C TRP D 233 -32.49 19.44 -17.26
N VAL D 234 -31.40 19.49 -16.49
CA VAL D 234 -30.10 18.97 -16.91
C VAL D 234 -29.43 18.26 -15.76
N TYR D 235 -28.31 17.62 -16.09
CA TYR D 235 -27.36 17.22 -15.07
C TYR D 235 -26.63 18.44 -14.57
N ASN D 236 -26.27 18.41 -13.29
CA ASN D 236 -25.66 19.55 -12.62
C ASN D 236 -24.14 19.45 -12.77
N SER D 237 -23.71 19.50 -14.01
CA SER D 237 -22.30 19.45 -14.34
C SER D 237 -21.58 20.65 -13.74
N GLY D 238 -20.32 20.43 -13.39
CA GLY D 238 -19.45 21.55 -13.08
C GLY D 238 -19.28 22.47 -14.27
N ARG D 239 -19.43 21.93 -15.48
CA ARG D 239 -19.32 22.73 -16.69
C ARG D 239 -20.66 23.27 -17.14
N LEU D 240 -21.57 23.51 -16.20
CA LEU D 240 -22.83 24.16 -16.37
C LEU D 240 -22.80 25.56 -15.75
N PRO D 241 -23.34 26.58 -16.40
CA PRO D 241 -23.63 27.82 -15.67
C PRO D 241 -24.95 27.69 -14.91
N ARG D 242 -24.93 28.18 -13.67
CA ARG D 242 -26.09 28.10 -12.79
C ARG D 242 -27.30 28.77 -13.43
N GLY D 243 -28.45 28.13 -13.27
CA GLY D 243 -29.70 28.83 -13.46
C GLY D 243 -29.96 29.67 -12.22
N GLU D 244 -29.72 30.97 -12.34
CA GLU D 244 -29.59 31.83 -11.17
C GLU D 244 -30.88 31.94 -10.37
N GLY D 245 -32.02 31.60 -10.97
CA GLY D 245 -33.29 31.89 -10.33
C GLY D 245 -33.52 31.06 -9.09
N ASP D 246 -33.27 29.76 -9.18
CA ASP D 246 -33.83 28.85 -8.18
C ASP D 246 -33.20 27.48 -8.33
N THR D 247 -33.26 26.72 -7.23
CA THR D 247 -33.07 25.27 -7.26
C THR D 247 -34.40 24.62 -7.66
N PHE D 248 -34.65 24.55 -8.97
CA PHE D 248 -35.83 23.81 -9.39
C PHE D 248 -35.69 22.33 -9.03
N LYS D 249 -36.82 21.64 -9.08
CA LYS D 249 -36.94 20.20 -8.87
C LYS D 249 -36.25 19.47 -10.01
N GLY D 250 -36.32 18.14 -9.99
CA GLY D 250 -35.63 17.28 -10.91
C GLY D 250 -34.64 16.34 -10.25
N LYS D 251 -34.97 15.85 -9.07
CA LYS D 251 -34.23 14.74 -8.48
C LYS D 251 -34.38 13.53 -9.39
N LEU D 252 -33.24 12.97 -9.81
CA LEU D 252 -33.24 11.95 -10.84
C LEU D 252 -32.22 10.87 -10.51
N HIS D 253 -32.63 9.61 -10.71
CA HIS D 253 -31.89 8.44 -10.27
C HIS D 253 -30.56 8.33 -10.97
N VAL D 254 -29.80 7.32 -10.55
CA VAL D 254 -28.67 6.79 -11.31
C VAL D 254 -29.01 5.37 -11.72
N PRO D 255 -28.83 4.99 -12.98
CA PRO D 255 -28.98 3.57 -13.33
C PRO D 255 -27.92 2.67 -12.76
N PHE D 256 -26.66 3.00 -13.05
CA PHE D 256 -25.57 2.06 -12.89
C PHE D 256 -25.05 2.19 -11.47
N VAL D 257 -25.76 1.52 -10.57
CA VAL D 257 -25.39 1.46 -9.17
C VAL D 257 -24.20 0.50 -9.10
N PRO D 258 -23.24 0.70 -8.21
CA PRO D 258 -22.25 -0.34 -7.95
C PRO D 258 -22.88 -1.44 -7.11
N VAL D 259 -22.79 -2.67 -7.60
CA VAL D 259 -23.45 -3.81 -6.98
C VAL D 259 -22.41 -4.87 -6.65
N LYS D 260 -22.84 -5.81 -5.81
CA LYS D 260 -21.97 -6.87 -5.31
C LYS D 260 -22.10 -8.09 -6.21
N ALA D 261 -21.70 -7.88 -7.46
CA ALA D 261 -21.57 -9.01 -8.36
C ALA D 261 -20.39 -9.86 -7.94
N LYS D 262 -20.49 -11.15 -8.19
CA LYS D 262 -19.35 -12.04 -8.10
C LYS D 262 -18.76 -12.10 -9.50
N CYS D 263 -17.71 -11.33 -9.72
CA CYS D 263 -17.03 -11.40 -11.00
C CYS D 263 -16.54 -12.80 -11.23
N ILE D 264 -16.69 -13.27 -12.47
CA ILE D 264 -15.81 -14.31 -12.95
C ILE D 264 -14.41 -13.77 -12.72
N ALA D 265 -13.56 -14.54 -12.06
CA ALA D 265 -12.42 -13.89 -11.42
C ALA D 265 -11.18 -14.78 -11.49
N THR D 266 -10.18 -14.38 -10.72
CA THR D 266 -8.81 -14.78 -10.93
C THR D 266 -8.57 -16.15 -10.32
N LEU D 267 -7.40 -16.68 -10.65
CA LEU D 267 -6.92 -17.94 -10.09
C LEU D 267 -5.49 -18.07 -10.55
N ALA D 268 -4.61 -18.39 -9.64
CA ALA D 268 -3.22 -18.55 -9.95
C ALA D 268 -2.86 -20.03 -10.04
N PRO D 269 -1.92 -20.42 -10.91
CA PRO D 269 -1.59 -21.84 -11.06
C PRO D 269 -1.14 -22.47 -9.76
N GLU D 270 -1.45 -23.76 -9.63
CA GLU D 270 -1.25 -24.43 -8.37
C GLU D 270 0.24 -24.46 -8.01
N PRO D 271 0.56 -24.52 -6.73
CA PRO D 271 1.96 -24.60 -6.33
C PRO D 271 2.52 -26.00 -6.48
N LEU D 272 3.85 -26.08 -6.40
CA LEU D 272 4.58 -27.35 -6.34
C LEU D 272 5.01 -27.53 -4.90
N VAL D 273 4.31 -28.38 -4.19
CA VAL D 273 4.65 -28.62 -2.80
C VAL D 273 5.83 -29.56 -2.74
N GLU D 274 6.79 -29.22 -1.90
CA GLU D 274 7.99 -30.01 -1.72
C GLU D 274 8.27 -30.09 -0.23
N HIS D 275 8.50 -31.30 0.25
CA HIS D 275 8.75 -31.53 1.65
C HIS D 275 10.20 -31.26 2.02
N LYS D 276 10.40 -30.70 3.20
CA LYS D 276 11.66 -30.81 3.92
C LYS D 276 11.34 -30.87 5.40
N HIS D 277 12.38 -30.98 6.21
CA HIS D 277 12.25 -31.09 7.66
C HIS D 277 11.70 -29.80 8.23
N ARG D 278 10.42 -29.81 8.59
CA ARG D 278 9.74 -28.65 9.17
C ARG D 278 9.89 -27.43 8.26
N THR D 279 9.92 -27.67 6.96
CA THR D 279 10.19 -26.62 6.00
C THR D 279 9.52 -26.95 4.69
N LEU D 280 8.78 -26.00 4.16
CA LEU D 280 8.18 -26.10 2.84
C LEU D 280 9.06 -25.38 1.84
N ILE D 281 9.84 -26.13 1.08
CA ILE D 281 10.29 -25.60 -0.19
C ILE D 281 9.09 -25.59 -1.11
N LEU D 282 8.95 -24.51 -1.86
CA LEU D 282 7.87 -24.38 -2.81
C LEU D 282 8.44 -23.74 -4.06
N HIS D 283 8.75 -24.57 -5.05
CA HIS D 283 8.97 -24.04 -6.38
C HIS D 283 7.65 -23.51 -6.90
N LEU D 284 7.64 -22.26 -7.35
CA LEU D 284 6.39 -21.57 -7.62
C LEU D 284 6.52 -20.77 -8.89
N HIS D 285 5.40 -20.67 -9.59
CA HIS D 285 5.41 -20.25 -10.97
C HIS D 285 4.04 -19.69 -11.35
N PRO D 286 3.80 -18.41 -11.11
CA PRO D 286 2.48 -17.84 -11.37
C PRO D 286 2.28 -17.39 -12.80
N ASP D 287 1.05 -16.94 -13.07
CA ASP D 287 0.69 -16.27 -14.31
C ASP D 287 0.91 -14.78 -14.22
N HIS D 288 0.60 -14.21 -13.09
CA HIS D 288 0.59 -12.77 -12.87
C HIS D 288 1.09 -12.50 -11.46
N PRO D 289 1.32 -11.25 -11.08
CA PRO D 289 1.76 -10.96 -9.72
C PRO D 289 0.73 -11.41 -8.71
N THR D 290 1.13 -12.34 -7.86
CA THR D 290 0.28 -12.99 -6.88
C THR D 290 0.76 -12.63 -5.48
N LEU D 291 -0.13 -12.10 -4.65
CA LEU D 291 0.21 -11.84 -3.27
C LEU D 291 0.08 -13.14 -2.50
N LEU D 292 1.21 -13.72 -2.16
CA LEU D 292 1.25 -14.85 -1.26
C LEU D 292 1.37 -14.36 0.17
N THR D 293 0.79 -15.13 1.09
CA THR D 293 0.97 -14.83 2.49
C THR D 293 0.56 -16.01 3.34
N THR D 294 1.06 -16.00 4.59
CA THR D 294 0.95 -17.13 5.49
C THR D 294 0.68 -16.64 6.91
N ARG D 295 0.47 -17.60 7.82
CA ARG D 295 0.23 -17.30 9.22
C ARG D 295 0.75 -18.47 10.06
N SER D 296 1.95 -18.35 10.59
CA SER D 296 2.41 -19.39 11.50
C SER D 296 1.53 -19.36 12.73
N LEU D 297 0.74 -20.42 12.90
CA LEU D 297 -0.39 -20.41 13.81
C LEU D 297 -0.01 -20.40 15.27
N GLY D 298 1.27 -20.35 15.62
CA GLY D 298 1.59 -20.06 16.99
C GLY D 298 1.06 -18.71 17.39
N SER D 299 0.99 -18.49 18.71
CA SER D 299 0.69 -17.16 19.18
C SER D 299 1.73 -16.15 18.71
N ASP D 300 2.93 -16.62 18.38
CA ASP D 300 3.81 -15.92 17.47
C ASP D 300 3.27 -16.10 16.07
N ALA D 301 2.70 -15.04 15.51
CA ALA D 301 2.10 -15.13 14.19
C ALA D 301 3.16 -15.36 13.13
N ASN D 302 4.18 -14.51 13.10
CA ASN D 302 5.24 -14.48 12.09
C ASN D 302 4.69 -14.65 10.67
N PRO D 303 3.85 -13.73 10.20
CA PRO D 303 3.35 -13.82 8.83
C PRO D 303 4.36 -13.29 7.83
N THR D 304 4.02 -13.48 6.57
CA THR D 304 4.83 -13.06 5.45
C THR D 304 3.90 -12.58 4.34
N ARG D 305 4.35 -11.59 3.59
CA ARG D 305 3.65 -11.10 2.42
C ARG D 305 4.67 -10.85 1.33
N GLN D 306 4.37 -11.28 0.12
CA GLN D 306 5.16 -10.84 -1.02
C GLN D 306 4.38 -11.11 -2.30
N TRP D 307 4.16 -10.06 -3.07
CA TRP D 307 3.68 -10.24 -4.43
C TRP D 307 4.72 -11.01 -5.21
N ILE D 308 4.28 -12.07 -5.88
CA ILE D 308 5.14 -12.91 -6.69
C ILE D 308 4.61 -12.87 -8.11
N GLU D 309 5.40 -12.30 -9.00
CA GLU D 309 5.19 -12.40 -10.43
C GLU D 309 6.29 -13.19 -11.11
N ARG D 310 7.48 -13.09 -10.63
CA ARG D 310 8.58 -13.87 -11.15
C ARG D 310 8.58 -15.24 -10.48
N PRO D 311 8.66 -16.33 -11.23
CA PRO D 311 8.69 -17.65 -10.59
C PRO D 311 9.86 -17.78 -9.63
N THR D 312 9.56 -18.34 -8.46
CA THR D 312 10.51 -18.30 -7.36
C THR D 312 10.30 -19.52 -6.49
N THR D 313 11.41 -20.19 -6.19
CA THR D 313 11.43 -21.19 -5.14
C THR D 313 11.59 -20.47 -3.81
N VAL D 314 10.61 -20.64 -2.93
CA VAL D 314 10.58 -19.96 -1.65
C VAL D 314 10.70 -20.98 -0.53
N ASN D 315 10.68 -20.49 0.70
CA ASN D 315 10.83 -21.35 1.87
C ASN D 315 9.98 -20.82 3.00
N PHE D 316 9.57 -21.73 3.88
CA PHE D 316 8.72 -21.39 5.01
C PHE D 316 9.10 -22.30 6.17
N THR D 317 9.65 -21.72 7.22
CA THR D 317 9.95 -22.48 8.42
C THR D 317 8.63 -22.82 9.10
N VAL D 318 8.06 -23.95 8.78
CA VAL D 318 6.85 -24.39 9.46
C VAL D 318 7.22 -24.89 10.83
N THR D 319 6.32 -24.66 11.77
CA THR D 319 6.49 -25.03 13.16
C THR D 319 5.83 -26.36 13.42
N GLY D 320 5.73 -26.72 14.69
CA GLY D 320 5.13 -27.98 15.05
C GLY D 320 3.63 -27.98 14.85
N GLU D 321 2.96 -26.89 15.24
CA GLU D 321 1.51 -26.92 15.31
C GLU D 321 0.85 -26.69 13.96
N GLY D 322 1.45 -25.88 13.10
CA GLY D 322 0.95 -25.76 11.74
C GLY D 322 1.25 -24.42 11.13
N LEU D 323 1.07 -24.36 9.82
CA LEU D 323 1.12 -23.14 9.03
C LEU D 323 0.00 -23.19 8.01
N GLU D 324 -0.38 -22.03 7.50
CA GLU D 324 -1.32 -21.97 6.38
C GLU D 324 -0.73 -21.12 5.27
N TYR D 325 -1.31 -21.31 4.08
CA TYR D 325 -0.65 -20.98 2.83
C TYR D 325 -1.70 -20.56 1.82
N THR D 326 -1.50 -19.41 1.17
CA THR D 326 -2.55 -18.73 0.40
C THR D 326 -2.05 -18.36 -0.98
N TRP D 327 -2.12 -19.30 -1.91
CA TRP D 327 -1.63 -19.10 -3.26
C TRP D 327 -2.62 -18.24 -4.02
N GLY D 328 -2.56 -16.95 -3.77
CA GLY D 328 -3.51 -16.11 -4.43
C GLY D 328 -4.90 -16.37 -3.87
N ASN D 329 -5.91 -15.95 -4.61
CA ASN D 329 -7.28 -16.22 -4.21
C ASN D 329 -7.66 -17.68 -4.32
N HIS D 330 -6.77 -18.53 -4.78
CA HIS D 330 -6.89 -19.95 -4.51
C HIS D 330 -7.08 -20.15 -3.00
N PRO D 331 -7.87 -21.13 -2.56
CA PRO D 331 -8.22 -21.17 -1.15
C PRO D 331 -7.01 -21.39 -0.26
N PRO D 332 -7.12 -21.06 1.02
CA PRO D 332 -5.97 -21.22 1.92
C PRO D 332 -5.72 -22.70 2.22
N LYS D 333 -4.46 -23.09 2.11
CA LYS D 333 -4.03 -24.42 2.50
C LYS D 333 -3.60 -24.41 3.96
N ARG D 334 -3.28 -25.59 4.46
CA ARG D 334 -2.85 -25.79 5.83
C ARG D 334 -1.92 -26.98 5.84
N VAL D 335 -1.03 -27.05 6.83
CA VAL D 335 0.02 -28.07 6.81
C VAL D 335 0.42 -28.51 8.22
N TRP D 336 0.42 -29.82 8.46
CA TRP D 336 1.07 -30.40 9.63
C TRP D 336 2.53 -30.60 9.26
N ALA D 337 3.39 -29.90 9.97
CA ALA D 337 4.82 -30.20 9.97
C ALA D 337 5.17 -30.52 11.41
N GLN D 338 5.00 -31.78 11.76
CA GLN D 338 5.71 -32.31 12.90
C GLN D 338 7.11 -32.65 12.43
N GLU D 339 7.81 -33.46 13.21
CA GLU D 339 9.16 -33.87 12.90
C GLU D 339 9.31 -34.43 11.49
N SER D 340 10.53 -34.43 10.99
CA SER D 340 10.93 -35.42 10.01
C SER D 340 12.39 -35.83 10.19
N GLY D 341 13.04 -35.43 11.26
CA GLY D 341 14.44 -35.69 11.52
C GLY D 341 14.70 -36.94 12.32
N GLU D 342 13.69 -37.79 12.48
CA GLU D 342 13.83 -39.15 12.96
C GLU D 342 14.17 -39.24 14.46
N GLY D 343 13.55 -38.37 15.28
CA GLY D 343 13.43 -38.60 16.72
C GLY D 343 14.66 -39.01 17.50
N ASN D 344 14.68 -40.27 17.99
CA ASN D 344 15.86 -40.86 18.62
C ASN D 344 15.72 -42.38 18.71
N PRO D 345 15.82 -43.08 17.59
CA PRO D 345 16.31 -44.46 17.63
C PRO D 345 17.76 -44.48 18.06
N HIS D 346 18.29 -45.69 18.28
CA HIS D 346 19.61 -45.76 18.90
C HIS D 346 20.26 -47.12 18.71
N GLY D 347 21.40 -47.15 18.01
CA GLY D 347 22.31 -48.29 17.99
C GLY D 347 23.79 -47.94 17.92
N TRP D 348 24.10 -46.64 17.92
CA TRP D 348 25.43 -46.05 17.79
C TRP D 348 25.76 -45.45 19.15
N PRO D 349 26.94 -44.86 19.41
CA PRO D 349 27.03 -44.04 20.63
C PRO D 349 26.23 -42.72 20.64
N HIS D 350 26.56 -41.73 19.79
CA HIS D 350 25.91 -40.42 19.91
C HIS D 350 25.62 -39.68 18.61
N GLU D 351 26.24 -40.03 17.49
CA GLU D 351 25.96 -39.31 16.25
C GLU D 351 24.53 -39.48 15.77
N VAL D 352 23.78 -40.45 16.32
CA VAL D 352 22.35 -40.55 16.01
C VAL D 352 21.50 -39.62 16.88
N VAL D 353 22.07 -39.02 17.92
CA VAL D 353 21.36 -38.05 18.74
C VAL D 353 21.05 -36.76 17.99
N VAL D 354 21.70 -36.56 16.84
CA VAL D 354 21.39 -35.44 15.96
C VAL D 354 19.90 -35.40 15.67
N TYR D 355 19.28 -36.58 15.56
CA TYR D 355 17.83 -36.69 15.42
C TYR D 355 17.11 -35.91 16.51
N TYR D 356 17.59 -36.01 17.74
CA TYR D 356 16.99 -35.25 18.83
C TYR D 356 17.36 -33.78 18.75
N TYR D 357 18.51 -33.47 18.15
CA TYR D 357 18.91 -32.08 17.97
C TYR D 357 18.16 -31.45 16.81
N ASN D 358 17.95 -32.23 15.75
CA ASN D 358 17.28 -31.73 14.57
C ASN D 358 15.81 -31.46 14.83
N ARG D 359 15.26 -32.05 15.89
CA ARG D 359 13.89 -31.76 16.32
C ARG D 359 13.83 -30.63 17.32
N TYR D 360 14.90 -30.44 18.10
CA TYR D 360 15.01 -29.35 19.07
C TYR D 360 16.29 -28.57 18.84
N PRO D 361 16.38 -27.81 17.76
CA PRO D 361 17.52 -26.90 17.61
C PRO D 361 17.30 -25.54 18.25
N LEU D 362 16.68 -25.53 19.41
CA LEU D 362 16.74 -24.37 20.31
C LEU D 362 17.05 -24.77 21.73
N THR D 363 16.52 -25.88 22.20
CA THR D 363 16.69 -26.29 23.58
C THR D 363 17.87 -27.21 23.77
N THR D 364 18.28 -27.92 22.72
CA THR D 364 19.41 -28.84 22.85
C THR D 364 20.73 -28.10 22.83
N ILE D 365 20.79 -27.02 22.05
CA ILE D 365 22.01 -26.21 22.03
C ILE D 365 22.31 -25.71 23.43
N ILE D 366 21.28 -25.27 24.15
CA ILE D 366 21.46 -24.86 25.53
C ILE D 366 21.33 -26.05 26.47
N GLY D 367 20.48 -27.02 26.12
CA GLY D 367 20.31 -28.18 26.97
C GLY D 367 21.55 -29.05 26.98
N LEU D 368 22.22 -29.16 25.83
CA LEU D 368 23.49 -29.85 25.80
C LEU D 368 24.55 -29.07 26.54
N CYS D 369 24.69 -27.78 26.21
CA CYS D 369 25.65 -26.94 26.91
C CYS D 369 25.38 -26.91 28.40
N THR D 370 24.11 -27.01 28.79
CA THR D 370 23.78 -27.29 30.18
C THR D 370 24.38 -28.62 30.62
N CYS D 371 24.14 -29.66 29.83
CA CYS D 371 24.71 -30.97 30.14
C CYS D 371 26.24 -30.93 30.10
N VAL D 372 26.80 -30.11 29.21
CA VAL D 372 28.24 -29.91 29.19
C VAL D 372 28.66 -29.06 30.37
N ALA D 373 27.79 -28.16 30.82
CA ALA D 373 28.15 -27.29 31.93
C ALA D 373 28.22 -28.08 33.23
N ILE D 374 27.18 -28.85 33.53
CA ILE D 374 27.09 -29.50 34.83
C ILE D 374 28.20 -30.52 35.00
N ILE D 375 28.68 -31.12 33.92
CA ILE D 375 29.79 -32.04 34.04
C ILE D 375 31.07 -31.27 34.33
N MET D 376 31.18 -30.05 33.79
CA MET D 376 32.30 -29.20 34.15
C MET D 376 32.16 -28.69 35.58
N VAL D 377 30.92 -28.43 36.01
CA VAL D 377 30.68 -28.22 37.44
C VAL D 377 31.11 -29.48 38.20
N SER D 378 30.54 -30.62 37.82
CA SER D 378 30.89 -31.87 38.46
C SER D 378 32.34 -32.25 38.23
N CYS D 379 33.01 -31.65 37.24
CA CYS D 379 34.44 -31.82 37.14
C CYS D 379 35.15 -31.07 38.26
N VAL D 380 35.04 -29.74 38.26
CA VAL D 380 35.84 -28.92 39.16
C VAL D 380 35.49 -29.20 40.61
N THR D 381 34.21 -29.48 40.89
CA THR D 381 33.86 -29.90 42.24
C THR D 381 34.52 -31.23 42.56
N SER D 382 34.58 -32.13 41.57
CA SER D 382 35.30 -33.37 41.77
C SER D 382 36.80 -33.12 41.84
N VAL D 383 37.31 -32.13 41.12
CA VAL D 383 38.72 -31.76 41.26
C VAL D 383 39.00 -31.40 42.72
N TRP D 384 38.34 -30.36 43.22
CA TRP D 384 38.56 -29.93 44.59
C TRP D 384 38.26 -31.04 45.57
N LEU D 385 37.07 -31.62 45.49
CA LEU D 385 36.71 -32.68 46.42
C LEU D 385 37.32 -34.02 46.07
N LEU D 386 38.31 -34.05 45.18
CA LEU D 386 39.28 -35.14 45.13
C LEU D 386 40.68 -34.65 45.48
N CYS D 387 41.16 -33.60 44.80
CA CYS D 387 42.55 -33.18 44.99
C CYS D 387 42.76 -32.60 46.38
N ARG D 388 41.78 -31.87 46.91
CA ARG D 388 41.87 -31.44 48.31
C ARG D 388 41.89 -32.65 49.22
N THR D 389 41.00 -33.59 48.96
CA THR D 389 40.94 -34.83 49.71
C THR D 389 42.03 -35.80 49.31
N ARG D 390 42.72 -35.54 48.20
CA ARG D 390 43.96 -36.22 47.90
C ARG D 390 45.15 -35.49 48.49
N ASN D 391 45.07 -34.17 48.59
CA ASN D 391 46.05 -33.43 49.37
C ASN D 391 45.91 -33.78 50.84
N LEU D 392 44.68 -33.89 51.32
CA LEU D 392 44.42 -34.53 52.58
C LEU D 392 44.48 -36.04 52.39
N CYS D 393 44.60 -36.73 53.51
CA CYS D 393 44.87 -38.16 53.62
C CYS D 393 46.29 -38.53 53.19
N ILE D 394 47.08 -37.58 52.71
CA ILE D 394 48.53 -37.71 52.67
C ILE D 394 49.21 -36.73 53.63
N THR D 395 48.57 -35.63 53.92
CA THR D 395 49.10 -34.71 54.90
C THR D 395 49.05 -35.39 56.27
N PRO D 396 47.99 -36.09 56.65
CA PRO D 396 48.10 -36.91 57.87
C PRO D 396 49.12 -38.04 57.75
N TYR D 397 49.39 -38.51 56.54
CA TYR D 397 50.21 -39.70 56.31
C TYR D 397 51.63 -39.33 55.90
N LYS D 398 51.78 -38.57 54.82
CA LYS D 398 53.07 -38.04 54.37
C LYS D 398 53.37 -36.71 55.08
N LEU D 399 53.43 -36.81 56.39
CA LEU D 399 54.17 -35.85 57.19
C LEU D 399 54.89 -36.52 58.36
N ALA D 400 54.84 -37.84 58.48
CA ALA D 400 55.34 -38.58 59.63
C ALA D 400 56.31 -39.61 59.11
N PRO D 401 57.15 -39.26 58.17
CA PRO D 401 57.07 -39.92 56.87
C PRO D 401 57.24 -41.43 56.86
N ASN D 402 57.54 -42.04 58.00
CA ASN D 402 57.47 -43.48 58.16
C ASN D 402 56.07 -43.99 57.83
N ALA D 403 55.09 -43.65 58.67
CA ALA D 403 53.66 -43.73 58.34
C ALA D 403 53.26 -45.12 57.84
N GLN D 404 53.27 -46.09 58.76
CA GLN D 404 52.93 -47.46 58.42
C GLN D 404 51.42 -47.64 58.35
N VAL D 405 50.83 -47.38 57.18
CA VAL D 405 49.42 -47.66 56.92
C VAL D 405 49.29 -48.11 55.47
N PRO D 406 49.06 -49.46 55.18
CA PRO D 406 48.78 -49.90 53.80
C PRO D 406 47.30 -49.76 53.39
N ILE D 407 46.72 -48.60 53.70
CA ILE D 407 45.41 -48.20 53.21
C ILE D 407 45.63 -46.89 52.46
N LEU D 408 46.76 -46.81 51.75
CA LEU D 408 46.80 -45.89 50.63
C LEU D 408 45.78 -46.26 49.58
N LEU D 409 45.32 -47.52 49.56
CA LEU D 409 44.40 -47.98 48.53
C LEU D 409 43.00 -47.41 48.71
N ALA D 410 42.89 -46.09 48.79
CA ALA D 410 41.63 -45.36 48.78
C ALA D 410 41.67 -44.12 47.89
N LEU D 411 42.84 -43.52 47.67
CA LEU D 411 43.02 -42.43 46.73
C LEU D 411 43.61 -42.93 45.41
N LEU D 412 44.82 -43.50 45.48
CA LEU D 412 45.59 -43.92 44.31
C LEU D 412 45.65 -42.82 43.24
N CYS D 413 45.80 -41.58 43.71
CA CYS D 413 46.26 -40.48 42.88
C CYS D 413 47.46 -39.78 43.52
N CYS D 414 47.53 -39.83 44.85
CA CYS D 414 48.73 -39.51 45.60
C CYS D 414 49.27 -40.82 46.16
N ILE D 415 50.50 -41.15 45.80
CA ILE D 415 50.94 -42.53 45.68
C ILE D 415 52.34 -42.69 46.31
N LYS D 416 52.97 -43.87 46.14
CA LYS D 416 54.31 -44.19 46.67
C LYS D 416 54.43 -44.20 48.20
N PRO D 417 53.99 -45.27 48.86
CA PRO D 417 54.39 -45.48 50.27
C PRO D 417 55.87 -45.73 50.44
N THR D 418 56.27 -45.98 51.69
CA THR D 418 57.67 -46.22 52.08
C THR D 418 57.92 -47.70 52.38
N ARG D 419 57.33 -48.60 51.61
CA ARG D 419 57.37 -50.04 51.89
C ARG D 419 56.79 -50.35 53.27
N ALA D 420 55.85 -49.54 53.73
CA ALA D 420 55.29 -49.68 55.06
C ALA D 420 54.06 -48.80 55.19
N TYR E 1 28.22 65.45 3.84
CA TYR E 1 27.12 64.53 4.21
C TYR E 1 27.01 63.34 3.25
N GLU E 2 28.04 63.12 2.44
CA GLU E 2 27.96 62.05 1.45
C GLU E 2 27.99 60.72 2.19
N HIS E 3 26.80 60.17 2.44
CA HIS E 3 26.63 59.13 3.45
C HIS E 3 27.13 57.79 2.93
N THR E 4 28.43 57.58 3.09
CA THR E 4 28.99 56.25 2.90
C THR E 4 28.29 55.25 3.82
N ALA E 5 28.15 54.03 3.33
CA ALA E 5 27.55 52.98 4.15
C ALA E 5 27.88 51.63 3.55
N VAL E 6 28.60 50.80 4.32
CA VAL E 6 28.64 49.39 4.00
C VAL E 6 27.23 48.84 4.16
N MET E 7 26.88 47.86 3.35
CA MET E 7 25.49 47.48 3.20
C MET E 7 25.35 46.04 2.74
N PRO E 8 24.61 45.19 3.46
CA PRO E 8 24.54 43.79 3.07
C PRO E 8 23.81 43.59 1.76
N ASN E 9 24.37 42.74 0.91
CA ASN E 9 23.71 42.37 -0.33
C ASN E 9 22.60 41.38 0.00
N LYS E 10 21.37 41.87 -0.03
CA LYS E 10 20.20 41.05 0.19
C LYS E 10 19.01 41.83 -0.34
N VAL E 11 18.12 41.13 -1.03
CA VAL E 11 17.32 41.81 -2.04
C VAL E 11 16.12 42.51 -1.44
N GLY E 12 15.30 41.79 -0.69
CA GLY E 12 13.92 42.17 -0.56
C GLY E 12 13.58 42.84 0.74
N ILE E 13 14.44 43.75 1.18
CA ILE E 13 14.28 44.32 2.52
C ILE E 13 15.00 45.67 2.58
N PRO E 14 14.38 46.73 3.11
CA PRO E 14 15.08 48.02 3.16
C PRO E 14 16.12 48.03 4.26
N TYR E 15 16.94 49.09 4.21
CA TYR E 15 18.18 49.22 4.95
C TYR E 15 18.26 50.60 5.60
N LYS E 16 17.26 50.94 6.40
CA LYS E 16 16.93 52.32 6.69
C LYS E 16 18.02 53.04 7.49
N ALA E 17 19.15 53.31 6.85
CA ALA E 17 20.22 54.06 7.48
C ALA E 17 19.77 55.49 7.81
N LEU E 18 20.65 56.25 8.45
CA LEU E 18 20.32 57.57 8.96
C LEU E 18 21.43 58.54 8.60
N VAL E 19 21.07 59.68 8.01
CA VAL E 19 22.02 60.70 7.63
C VAL E 19 22.31 61.57 8.85
N GLU E 20 23.53 61.45 9.38
CA GLU E 20 23.97 62.29 10.49
C GLU E 20 24.82 63.44 9.98
N ARG E 21 24.19 64.33 9.24
CA ARG E 21 24.86 65.55 8.80
C ARG E 21 25.02 66.48 10.00
N PRO E 22 26.23 66.89 10.38
CA PRO E 22 26.35 67.88 11.45
C PRO E 22 25.83 69.24 10.99
N GLY E 23 24.75 69.69 11.62
CA GLY E 23 24.27 71.05 11.45
C GLY E 23 22.79 71.17 11.19
N TYR E 24 22.24 70.25 10.39
CA TYR E 24 20.82 70.25 10.06
C TYR E 24 20.20 68.95 10.56
N ALA E 25 18.90 68.86 10.41
CA ALA E 25 18.18 67.71 10.95
C ALA E 25 18.59 66.45 10.20
N PRO E 26 18.77 65.32 10.87
CA PRO E 26 19.09 64.09 10.16
C PRO E 26 17.90 63.63 9.33
N VAL E 27 18.21 62.75 8.38
CA VAL E 27 17.19 62.16 7.53
C VAL E 27 17.47 60.68 7.42
N HIS E 28 16.41 59.89 7.47
CA HIS E 28 16.48 58.45 7.32
C HIS E 28 16.69 58.08 5.87
N LEU E 29 17.25 56.90 5.68
CA LEU E 29 17.24 56.23 4.39
C LEU E 29 16.14 55.18 4.37
N GLN E 30 15.86 54.69 3.18
CA GLN E 30 15.17 53.41 3.03
C GLN E 30 15.71 52.81 1.74
N ILE E 31 16.77 52.03 1.85
CA ILE E 31 17.46 51.49 0.69
C ILE E 31 17.10 50.02 0.59
N GLN E 32 16.26 49.71 -0.40
CA GLN E 32 15.81 48.35 -0.67
C GLN E 32 16.39 47.95 -2.01
N LEU E 33 17.37 47.06 -1.98
CA LEU E 33 17.99 46.52 -3.19
C LEU E 33 17.03 45.52 -3.83
N VAL E 34 16.00 46.05 -4.49
CA VAL E 34 14.92 45.24 -5.04
C VAL E 34 15.42 44.15 -5.98
N ASN E 35 16.59 44.35 -6.59
CA ASN E 35 17.13 43.34 -7.49
C ASN E 35 18.65 43.39 -7.46
N THR E 36 19.25 42.25 -7.81
CA THR E 36 20.69 42.08 -7.93
C THR E 36 21.00 41.35 -9.23
N ARG E 37 20.45 41.83 -10.33
CA ARG E 37 20.67 41.17 -11.59
C ARG E 37 22.06 41.50 -12.10
N ILE E 38 22.72 40.49 -12.66
CA ILE E 38 24.18 40.44 -12.73
C ILE E 38 24.69 40.73 -14.12
N ILE E 39 24.36 39.88 -15.09
CA ILE E 39 24.72 40.08 -16.49
C ILE E 39 26.23 40.06 -16.56
N PRO E 40 26.85 38.90 -16.43
CA PRO E 40 28.29 38.81 -16.64
C PRO E 40 28.66 38.99 -18.10
N SER E 41 29.94 39.18 -18.32
CA SER E 41 30.47 39.22 -19.67
C SER E 41 30.53 37.80 -20.22
N THR E 42 30.06 37.62 -21.45
CA THR E 42 29.87 36.31 -22.01
C THR E 42 30.21 36.33 -23.49
N ASN E 43 30.14 35.14 -24.10
CA ASN E 43 30.37 34.98 -25.53
C ASN E 43 29.56 33.80 -26.03
N LEU E 44 28.78 34.02 -27.06
CA LEU E 44 28.09 32.91 -27.72
C LEU E 44 29.12 32.08 -28.47
N GLU E 45 29.37 30.87 -27.99
CA GLU E 45 30.41 30.03 -28.54
C GLU E 45 29.87 29.12 -29.63
N TYR E 46 28.78 28.44 -29.35
CA TYR E 46 28.09 27.67 -30.38
C TYR E 46 26.74 27.28 -29.85
N ILE E 47 25.75 27.40 -30.70
CA ILE E 47 24.49 26.73 -30.45
C ILE E 47 24.70 25.26 -30.74
N THR E 48 24.03 24.42 -29.98
CA THR E 48 23.81 23.05 -30.38
C THR E 48 22.33 22.76 -30.32
N CYS E 49 21.99 21.59 -30.83
CA CYS E 49 20.62 21.16 -31.05
C CYS E 49 20.74 19.75 -31.57
N LYS E 50 19.61 19.08 -31.72
CA LYS E 50 19.65 17.75 -32.29
C LYS E 50 19.75 17.85 -33.80
N TYR E 51 20.52 16.93 -34.36
CA TYR E 51 20.72 16.88 -35.79
C TYR E 51 19.41 16.63 -36.51
N LYS E 52 19.46 16.65 -37.84
CA LYS E 52 18.49 15.94 -38.66
C LYS E 52 19.24 15.36 -39.84
N THR E 53 19.26 14.05 -39.93
CA THR E 53 19.91 13.36 -41.04
C THR E 53 19.04 13.54 -42.27
N LYS E 54 19.08 14.74 -42.84
CA LYS E 54 18.28 15.09 -44.00
C LYS E 54 18.99 14.53 -45.22
N VAL E 55 18.77 13.24 -45.44
CA VAL E 55 19.43 12.45 -46.46
C VAL E 55 19.16 13.03 -47.84
N PRO E 56 20.19 13.37 -48.63
CA PRO E 56 19.96 13.55 -50.05
C PRO E 56 19.73 12.21 -50.72
N SER E 57 18.87 12.25 -51.72
CA SER E 57 18.34 11.04 -52.30
C SER E 57 19.41 10.26 -53.04
N PRO E 58 19.66 8.99 -52.71
CA PRO E 58 20.83 8.31 -53.25
C PRO E 58 20.77 8.10 -54.75
N VAL E 59 21.95 7.97 -55.32
CA VAL E 59 22.09 7.62 -56.73
C VAL E 59 21.99 6.11 -56.85
N VAL E 60 21.42 5.68 -57.97
CA VAL E 60 21.36 4.28 -58.33
C VAL E 60 21.76 4.16 -59.79
N LYS E 61 23.03 3.87 -60.04
CA LYS E 61 23.47 3.52 -61.37
C LYS E 61 23.21 2.04 -61.59
N CYS E 62 22.67 1.70 -62.76
CA CYS E 62 22.12 0.37 -62.97
C CYS E 62 23.17 -0.65 -63.37
N CYS E 63 24.21 -0.26 -64.09
CA CYS E 63 25.22 -1.20 -64.53
C CYS E 63 26.57 -0.50 -64.47
N GLY E 64 27.23 -0.63 -63.33
CA GLY E 64 28.57 -0.13 -63.11
C GLY E 64 28.60 0.88 -61.98
N ALA E 65 29.82 1.30 -61.67
CA ALA E 65 30.08 2.04 -60.45
C ALA E 65 29.80 3.53 -60.61
N THR E 66 29.53 4.16 -59.47
CA THR E 66 29.39 5.61 -59.37
C THR E 66 30.26 6.03 -58.18
N GLN E 67 31.48 6.47 -58.46
CA GLN E 67 32.35 6.93 -57.39
C GLN E 67 31.77 8.16 -56.72
N CYS E 68 31.77 8.15 -55.40
CA CYS E 68 31.33 9.31 -54.63
C CYS E 68 32.50 10.24 -54.37
N THR E 69 32.16 11.50 -54.10
CA THR E 69 33.13 12.51 -53.68
C THR E 69 32.70 13.09 -52.35
N SER E 70 33.67 13.64 -51.64
CA SER E 70 33.44 14.17 -50.30
C SER E 70 32.94 15.59 -50.43
N LYS E 71 31.63 15.74 -50.58
CA LYS E 71 31.04 17.05 -50.68
C LYS E 71 31.24 17.81 -49.37
N PRO E 72 31.23 19.13 -49.39
CA PRO E 72 31.56 19.90 -48.18
C PRO E 72 30.42 20.05 -47.19
N HIS E 73 29.34 19.29 -47.32
CA HIS E 73 28.28 19.39 -46.34
C HIS E 73 28.80 18.98 -44.97
N PRO E 74 28.20 19.48 -43.89
CA PRO E 74 28.68 19.08 -42.56
C PRO E 74 28.49 17.61 -42.31
N ASP E 75 29.60 16.93 -42.01
CA ASP E 75 29.61 15.50 -41.77
C ASP E 75 29.03 14.76 -42.98
N TYR E 76 29.51 15.13 -44.15
CA TYR E 76 28.99 14.55 -45.37
C TYR E 76 29.44 13.11 -45.48
N GLN E 77 28.63 12.21 -44.96
CA GLN E 77 28.91 10.79 -45.06
C GLN E 77 28.33 10.27 -46.36
N CYS E 78 29.19 9.63 -47.16
CA CYS E 78 28.78 9.06 -48.43
C CYS E 78 29.61 7.82 -48.69
N GLN E 79 28.94 6.75 -49.09
CA GLN E 79 29.61 5.49 -49.35
C GLN E 79 28.93 4.82 -50.53
N VAL E 80 29.70 4.52 -51.55
CA VAL E 80 29.21 3.78 -52.70
C VAL E 80 28.85 2.38 -52.24
N PHE E 81 27.84 1.80 -52.90
CA PHE E 81 27.47 0.43 -52.65
C PHE E 81 27.07 -0.24 -53.95
N THR E 82 27.46 -1.49 -54.09
CA THR E 82 27.08 -2.33 -55.21
C THR E 82 26.24 -3.50 -54.71
N GLY E 83 25.94 -4.42 -55.61
CA GLY E 83 25.25 -5.62 -55.24
C GLY E 83 23.85 -5.35 -54.73
N VAL E 84 23.05 -4.67 -55.56
CA VAL E 84 21.66 -4.40 -55.24
C VAL E 84 20.80 -4.84 -56.43
N TYR E 85 19.51 -4.63 -56.29
CA TYR E 85 18.52 -5.08 -57.25
C TYR E 85 17.24 -4.33 -56.86
N PRO E 86 17.26 -3.02 -56.96
CA PRO E 86 16.35 -2.19 -56.16
C PRO E 86 14.89 -2.27 -56.54
N PHE E 87 14.09 -2.96 -55.73
CA PHE E 87 12.66 -2.98 -55.93
C PHE E 87 12.07 -1.59 -55.79
N MET E 88 11.58 -1.04 -56.90
CA MET E 88 10.98 0.29 -56.91
C MET E 88 9.75 0.24 -57.82
N TRP E 89 8.62 -0.17 -57.25
CA TRP E 89 7.29 -0.01 -57.83
C TRP E 89 7.00 -0.92 -59.03
N GLY E 90 8.01 -1.60 -59.56
CA GLY E 90 7.82 -2.50 -60.68
C GLY E 90 8.66 -3.74 -60.48
N GLY E 91 8.82 -4.13 -59.22
CA GLY E 91 9.93 -4.98 -58.89
C GLY E 91 11.19 -4.16 -59.02
N ALA E 92 12.31 -4.84 -59.27
CA ALA E 92 13.52 -4.11 -59.56
C ALA E 92 13.35 -3.33 -60.87
N TYR E 93 14.33 -2.47 -61.15
CA TYR E 93 14.31 -1.73 -62.41
C TYR E 93 15.65 -1.75 -63.14
N CYS E 94 16.74 -1.86 -62.41
CA CYS E 94 18.05 -1.98 -63.03
C CYS E 94 18.28 -3.42 -63.46
N PHE E 95 18.58 -3.61 -64.75
CA PHE E 95 18.53 -4.94 -65.34
C PHE E 95 19.75 -5.79 -65.01
N CYS E 96 20.88 -5.18 -64.65
CA CYS E 96 22.00 -5.96 -64.15
C CYS E 96 21.64 -6.54 -62.78
N ASP E 97 22.58 -7.28 -62.19
CA ASP E 97 22.34 -7.95 -60.91
C ASP E 97 23.45 -7.78 -59.89
N THR E 98 24.67 -7.45 -60.30
CA THR E 98 25.73 -7.09 -59.38
C THR E 98 26.31 -5.73 -59.73
N GLU E 99 26.33 -5.40 -61.01
CA GLU E 99 26.72 -4.07 -61.46
C GLU E 99 25.69 -3.02 -61.08
N ASN E 100 24.51 -3.43 -60.61
CA ASN E 100 23.58 -2.52 -59.96
C ASN E 100 24.30 -1.83 -58.82
N THR E 101 24.46 -0.52 -58.94
CA THR E 101 25.21 0.28 -57.99
C THR E 101 24.27 1.25 -57.30
N GLN E 102 24.55 1.49 -56.03
CA GLN E 102 23.76 2.39 -55.20
C GLN E 102 24.73 3.22 -54.38
N MET E 103 24.65 4.53 -54.54
CA MET E 103 25.52 5.46 -53.84
C MET E 103 24.67 6.21 -52.82
N SER E 104 24.87 5.89 -51.55
CA SER E 104 24.17 6.55 -50.48
C SER E 104 25.00 7.72 -49.98
N GLU E 105 24.32 8.83 -49.71
CA GLU E 105 24.96 10.02 -49.19
C GLU E 105 24.03 10.64 -48.16
N ALA E 106 24.62 11.07 -47.05
CA ALA E 106 23.86 11.72 -46.00
C ALA E 106 24.75 12.69 -45.27
N TYR E 107 24.25 13.90 -45.04
CA TYR E 107 24.95 14.90 -44.26
C TYR E 107 24.07 15.31 -43.09
N VAL E 108 24.71 15.93 -42.14
CA VAL E 108 24.06 16.42 -40.94
C VAL E 108 23.61 17.84 -41.19
N GLU E 109 22.47 18.20 -40.63
CA GLU E 109 21.94 19.54 -40.76
C GLU E 109 21.19 19.91 -39.49
N ARG E 110 21.22 21.20 -39.18
CA ARG E 110 20.46 21.73 -38.07
C ARG E 110 18.99 21.37 -38.23
N SER E 111 18.37 20.94 -37.14
CA SER E 111 16.93 20.77 -37.14
C SER E 111 16.25 22.11 -37.34
N GLU E 112 14.95 22.04 -37.62
CA GLU E 112 14.14 23.25 -37.55
C GLU E 112 14.00 23.70 -36.11
N GLU E 113 14.07 22.76 -35.17
CA GLU E 113 14.06 23.11 -33.76
C GLU E 113 15.33 23.79 -33.31
N CYS E 114 16.42 23.63 -34.07
CA CYS E 114 17.68 24.26 -33.71
C CYS E 114 17.52 25.76 -33.59
N SER E 115 16.65 26.35 -34.41
CA SER E 115 16.43 27.78 -34.34
C SER E 115 15.86 28.19 -33.01
N ILE E 116 15.04 27.33 -32.41
CA ILE E 116 14.14 27.73 -31.34
C ILE E 116 14.34 26.91 -30.08
N ASP E 117 14.48 25.60 -30.21
CA ASP E 117 14.72 24.69 -29.09
C ASP E 117 16.15 24.23 -29.24
N HIS E 118 17.04 24.85 -28.47
CA HIS E 118 18.46 24.67 -28.70
C HIS E 118 19.21 24.99 -27.43
N ALA E 119 20.13 24.12 -27.07
CA ALA E 119 21.06 24.49 -26.03
C ALA E 119 22.01 25.54 -26.57
N LYS E 120 22.77 26.14 -25.66
CA LYS E 120 23.55 27.30 -26.03
C LYS E 120 24.71 27.42 -25.06
N ALA E 121 25.93 27.24 -25.57
CA ALA E 121 27.10 27.31 -24.74
C ALA E 121 27.56 28.75 -24.59
N TYR E 122 28.44 28.96 -23.62
CA TYR E 122 29.01 30.27 -23.39
C TYR E 122 30.33 30.13 -22.65
N LYS E 123 31.28 30.99 -23.00
CA LYS E 123 32.41 31.28 -22.12
C LYS E 123 32.05 32.52 -21.33
N VAL E 124 31.95 32.36 -20.01
CA VAL E 124 31.35 33.36 -19.14
C VAL E 124 32.43 33.98 -18.29
N HIS E 125 32.59 35.29 -18.42
CA HIS E 125 33.42 36.12 -17.60
C HIS E 125 32.56 36.80 -16.54
N THR E 126 33.08 37.84 -15.88
CA THR E 126 32.45 38.34 -14.67
C THR E 126 31.41 39.45 -14.90
N GLY E 127 31.68 40.39 -15.80
CA GLY E 127 30.78 41.52 -16.05
C GLY E 127 30.48 42.37 -14.82
N THR E 128 29.25 42.90 -14.77
CA THR E 128 28.93 44.03 -13.90
C THR E 128 27.49 43.96 -13.44
N VAL E 129 27.26 43.97 -12.12
CA VAL E 129 25.94 43.69 -11.55
C VAL E 129 25.12 44.98 -11.41
N GLN E 130 23.79 44.82 -11.36
CA GLN E 130 22.82 45.91 -11.45
C GLN E 130 21.73 45.76 -10.39
N ALA E 131 20.80 46.72 -10.35
CA ALA E 131 19.73 46.75 -9.36
C ALA E 131 18.74 47.87 -9.68
N MET E 132 17.45 47.65 -9.44
CA MET E 132 16.41 48.69 -9.58
C MET E 132 16.12 49.36 -8.26
N VAL E 133 17.15 49.86 -7.59
CA VAL E 133 17.05 50.27 -6.19
C VAL E 133 15.91 51.24 -5.98
N ASN E 134 14.92 50.83 -5.19
CA ASN E 134 13.97 51.81 -4.69
C ASN E 134 14.58 52.47 -3.47
N ILE E 135 14.44 53.79 -3.41
CA ILE E 135 14.51 54.50 -2.16
C ILE E 135 13.27 55.36 -2.08
N THR E 136 12.43 55.08 -1.10
CA THR E 136 11.36 55.99 -0.72
C THR E 136 11.95 56.96 0.30
N TYR E 137 12.76 57.87 -0.21
CA TYR E 137 13.68 58.63 0.62
C TYR E 137 12.98 59.67 1.47
N GLY E 138 13.43 59.79 2.73
CA GLY E 138 13.22 60.97 3.55
C GLY E 138 11.79 61.46 3.59
N SER E 139 11.59 62.62 2.98
CA SER E 139 10.28 63.09 2.58
C SER E 139 10.09 63.06 1.07
N VAL E 140 11.14 62.75 0.30
CA VAL E 140 11.00 62.57 -1.14
C VAL E 140 10.00 61.46 -1.41
N SER E 141 10.13 60.36 -0.69
CA SER E 141 9.21 59.23 -0.67
C SER E 141 9.28 58.37 -1.92
N TRP E 142 10.12 58.68 -2.89
CA TRP E 142 10.18 57.82 -4.07
C TRP E 142 11.37 58.05 -5.00
N ARG E 143 12.01 56.95 -5.38
CA ARG E 143 12.77 56.83 -6.61
C ARG E 143 12.97 55.35 -6.81
N SER E 144 12.66 54.83 -8.00
CA SER E 144 12.90 53.43 -8.32
C SER E 144 13.76 53.41 -9.57
N ALA E 145 15.06 53.39 -9.37
CA ALA E 145 16.04 53.60 -10.42
C ALA E 145 16.93 52.39 -10.61
N ASP E 146 17.32 52.18 -11.87
CA ASP E 146 18.26 51.12 -12.21
C ASP E 146 19.68 51.67 -12.10
N VAL E 147 20.54 50.92 -11.43
CA VAL E 147 21.87 51.38 -11.09
C VAL E 147 22.88 50.31 -11.45
N TYR E 148 24.13 50.58 -11.11
CA TYR E 148 25.25 49.68 -11.27
C TYR E 148 25.88 49.42 -9.91
N VAL E 149 27.02 48.74 -9.95
CA VAL E 149 27.78 48.34 -8.77
C VAL E 149 29.15 48.95 -8.74
N ASN E 150 29.68 49.32 -9.88
CA ASN E 150 31.05 49.80 -9.96
C ASN E 150 31.18 51.12 -9.21
N GLY E 151 32.14 51.18 -8.29
CA GLY E 151 32.11 52.20 -7.27
C GLY E 151 32.53 53.59 -7.70
N GLU E 152 32.11 54.02 -8.88
CA GLU E 152 32.10 55.44 -9.20
C GLU E 152 30.90 55.84 -10.04
N THR E 153 29.94 54.94 -10.26
CA THR E 153 28.79 55.26 -11.09
C THR E 153 27.71 55.91 -10.25
N PRO E 154 27.30 57.14 -10.53
CA PRO E 154 26.04 57.66 -10.00
C PRO E 154 24.86 57.26 -10.87
N ALA E 155 23.67 57.52 -10.34
CA ALA E 155 22.45 57.45 -11.13
C ALA E 155 21.49 58.50 -10.58
N LYS E 156 21.52 59.67 -11.19
CA LYS E 156 20.69 60.80 -10.77
C LYS E 156 19.29 60.63 -11.35
N ILE E 157 18.56 59.68 -10.77
CA ILE E 157 17.17 59.43 -11.09
C ILE E 157 16.40 59.67 -9.80
N GLY E 158 15.48 60.63 -9.83
CA GLY E 158 14.89 61.18 -8.63
C GLY E 158 15.52 62.52 -8.36
N ASP E 159 16.17 62.65 -7.22
CA ASP E 159 17.00 63.81 -6.91
C ASP E 159 18.35 63.45 -6.30
N ALA E 160 18.52 62.23 -5.80
CA ALA E 160 19.72 61.86 -5.09
C ALA E 160 20.72 61.21 -6.02
N LYS E 161 21.99 61.45 -5.73
CA LYS E 161 23.10 60.86 -6.45
C LYS E 161 23.71 59.78 -5.57
N LEU E 162 23.83 58.58 -6.11
CA LEU E 162 24.13 57.40 -5.31
C LEU E 162 25.18 56.56 -6.00
N ILE E 163 26.20 56.18 -5.24
CA ILE E 163 27.31 55.38 -5.75
C ILE E 163 27.34 54.09 -4.96
N ILE E 164 27.48 53.00 -5.68
CA ILE E 164 27.27 51.66 -5.17
C ILE E 164 28.52 50.86 -5.42
N GLY E 165 28.84 49.97 -4.48
CA GLY E 165 29.85 48.98 -4.66
C GLY E 165 31.22 49.58 -4.93
N PRO E 166 32.15 48.80 -5.48
CA PRO E 166 32.03 47.41 -5.91
C PRO E 166 31.83 46.45 -4.76
N LEU E 167 30.96 45.48 -4.96
CA LEU E 167 30.73 44.49 -3.91
C LEU E 167 31.96 43.65 -3.69
N SER E 168 32.10 43.13 -2.47
CA SER E 168 33.22 42.29 -2.12
C SER E 168 32.98 40.83 -2.46
N SER E 169 31.75 40.44 -2.74
CA SER E 169 31.35 39.04 -2.85
C SER E 169 31.31 38.66 -4.33
N ALA E 170 32.48 38.43 -4.89
CA ALA E 170 32.63 38.25 -6.33
C ALA E 170 32.24 36.88 -6.81
N TRP E 171 31.49 36.09 -6.04
CA TRP E 171 31.06 34.78 -6.51
C TRP E 171 30.08 34.99 -7.65
N SER E 172 30.56 34.83 -8.85
CA SER E 172 29.67 34.68 -9.99
C SER E 172 29.11 33.27 -9.91
N PRO E 173 27.81 33.08 -9.67
CA PRO E 173 27.29 31.72 -9.61
C PRO E 173 27.44 30.98 -10.92
N PHE E 174 27.44 31.69 -12.03
CA PHE E 174 27.88 31.10 -13.27
C PHE E 174 29.33 30.64 -13.15
N ASP E 175 29.61 29.46 -13.67
CA ASP E 175 30.98 29.02 -13.83
C ASP E 175 31.56 29.69 -15.07
N ASN E 176 32.80 29.34 -15.40
CA ASN E 176 33.42 29.86 -16.60
C ASN E 176 32.66 29.38 -17.84
N LYS E 177 32.44 28.08 -17.93
CA LYS E 177 31.74 27.48 -19.05
C LYS E 177 30.31 27.19 -18.64
N VAL E 178 29.37 27.56 -19.49
CA VAL E 178 27.95 27.45 -19.21
C VAL E 178 27.24 26.99 -20.45
N VAL E 179 26.26 26.12 -20.26
CA VAL E 179 25.28 25.81 -21.29
C VAL E 179 23.95 26.40 -20.83
N VAL E 180 23.14 26.77 -21.81
CA VAL E 180 21.90 27.48 -21.58
C VAL E 180 20.83 26.87 -22.46
N TYR E 181 19.63 26.73 -21.91
CA TYR E 181 18.54 26.04 -22.61
C TYR E 181 17.22 26.68 -22.22
N GLY E 182 16.75 27.61 -23.03
CA GLY E 182 15.40 28.09 -22.93
C GLY E 182 15.19 28.96 -21.71
N HIS E 183 15.18 28.32 -20.54
CA HIS E 183 15.32 29.03 -19.28
C HIS E 183 16.22 28.32 -18.29
N GLU E 184 16.42 27.01 -18.42
CA GLU E 184 17.24 26.26 -17.49
C GLU E 184 18.69 26.41 -17.88
N VAL E 185 19.47 26.99 -16.99
CA VAL E 185 20.87 27.33 -17.23
C VAL E 185 21.74 26.33 -16.51
N TYR E 186 22.71 25.78 -17.24
CA TYR E 186 23.55 24.70 -16.75
C TYR E 186 24.99 25.15 -16.80
N ASN E 187 25.65 25.17 -15.64
CA ASN E 187 27.05 25.58 -15.54
C ASN E 187 27.95 24.41 -15.93
N TYR E 188 27.79 24.00 -17.18
CA TYR E 188 28.33 22.76 -17.68
C TYR E 188 29.63 23.00 -18.43
N ASP E 189 30.59 22.11 -18.21
CA ASP E 189 31.83 22.11 -18.97
C ASP E 189 31.52 21.51 -20.33
N PHE E 190 30.88 22.32 -21.16
CA PHE E 190 30.65 21.89 -22.53
C PHE E 190 32.00 21.63 -23.19
N PRO E 191 32.12 20.59 -24.03
CA PRO E 191 33.46 20.22 -24.51
C PRO E 191 34.13 21.35 -25.25
N GLU E 192 33.59 21.72 -26.41
CA GLU E 192 33.96 22.93 -27.15
C GLU E 192 33.20 22.90 -28.47
N TYR E 193 33.15 24.03 -29.16
CA TYR E 193 32.90 24.00 -30.59
C TYR E 193 33.93 23.11 -31.27
N GLY E 194 33.51 22.41 -32.30
CA GLY E 194 34.45 21.74 -33.16
C GLY E 194 34.93 20.38 -32.72
N THR E 195 34.49 19.89 -31.55
CA THR E 195 35.07 18.69 -30.96
C THR E 195 34.08 17.65 -30.47
N GLY E 196 32.85 18.03 -30.16
CA GLY E 196 32.00 17.22 -29.31
C GLY E 196 31.76 15.81 -29.78
N LYS E 197 32.08 14.84 -28.92
CA LYS E 197 31.97 13.45 -29.29
C LYS E 197 30.53 13.09 -29.59
N ALA E 198 30.34 12.24 -30.59
CA ALA E 198 29.00 11.88 -31.03
C ALA E 198 28.26 11.17 -29.92
N GLY E 199 27.00 11.52 -29.77
CA GLY E 199 26.19 11.06 -28.66
C GLY E 199 26.33 11.97 -27.48
N SER E 200 27.56 12.34 -27.14
CA SER E 200 27.78 13.29 -26.08
C SER E 200 27.20 14.64 -26.46
N PHE E 201 27.10 15.51 -25.46
CA PHE E 201 26.59 16.85 -25.69
C PHE E 201 27.41 17.56 -26.74
N GLY E 202 26.73 18.30 -27.58
CA GLY E 202 27.41 19.00 -28.65
C GLY E 202 27.89 18.08 -29.75
N ASP E 203 27.09 17.09 -30.13
CA ASP E 203 27.42 16.35 -31.33
C ASP E 203 27.26 17.24 -32.55
N LEU E 204 26.21 18.04 -32.57
CA LEU E 204 26.07 19.15 -33.50
C LEU E 204 26.57 20.38 -32.78
N GLN E 205 27.37 21.18 -33.48
CA GLN E 205 27.93 22.40 -32.91
C GLN E 205 27.95 23.44 -34.01
N SER E 206 26.94 24.28 -34.02
CA SER E 206 26.85 25.42 -34.92
C SER E 206 27.15 26.68 -34.14
N ARG E 207 27.93 27.56 -34.75
CA ARG E 207 28.28 28.83 -34.13
C ARG E 207 27.02 29.59 -33.72
N THR E 208 26.11 29.77 -34.66
CA THR E 208 24.80 30.32 -34.38
C THR E 208 23.79 29.56 -35.21
N SER E 209 22.57 30.08 -35.24
CA SER E 209 21.51 29.43 -35.99
C SER E 209 21.68 29.65 -37.48
N THR E 210 22.08 30.87 -37.86
CA THR E 210 22.30 31.20 -39.26
C THR E 210 23.49 30.45 -39.83
N SER E 211 24.48 30.11 -38.99
CA SER E 211 25.75 29.61 -39.47
C SER E 211 25.58 28.29 -40.23
N ASN E 212 25.78 28.35 -41.54
CA ASN E 212 25.64 27.15 -42.35
C ASN E 212 26.72 26.14 -42.02
N ASP E 213 27.90 26.60 -41.67
CA ASP E 213 28.96 25.70 -41.23
C ASP E 213 28.71 25.27 -39.80
N LEU E 214 29.25 24.11 -39.44
CA LEU E 214 29.11 23.59 -38.09
C LEU E 214 30.13 22.48 -37.90
N TYR E 215 30.00 21.78 -36.78
CA TYR E 215 30.76 20.57 -36.50
C TYR E 215 29.77 19.50 -36.09
N ALA E 216 29.71 18.44 -36.88
CA ALA E 216 28.78 17.34 -36.66
C ALA E 216 29.57 16.05 -36.54
N ASN E 217 30.08 15.79 -35.35
CA ASN E 217 30.53 14.46 -35.00
C ASN E 217 29.30 13.74 -34.48
N THR E 218 28.63 13.04 -35.38
CA THR E 218 27.51 12.18 -35.04
C THR E 218 27.81 10.71 -35.24
N ASN E 219 28.99 10.37 -35.74
CA ASN E 219 29.32 8.99 -36.06
C ASN E 219 28.33 8.44 -37.08
N LEU E 220 27.88 9.30 -37.98
CA LEU E 220 26.96 8.90 -39.02
C LEU E 220 27.66 7.91 -39.95
N LYS E 221 27.15 6.69 -39.98
CA LYS E 221 27.72 5.62 -40.79
C LYS E 221 26.60 5.01 -41.62
N LEU E 222 26.67 5.22 -42.92
CA LEU E 222 25.70 4.61 -43.81
C LEU E 222 26.00 3.13 -43.97
N GLN E 223 24.94 2.34 -44.08
CA GLN E 223 25.04 0.92 -44.38
C GLN E 223 24.27 0.64 -45.67
N ARG E 224 24.58 -0.49 -46.28
CA ARG E 224 23.99 -0.78 -47.56
C ARG E 224 22.52 -1.13 -47.38
N PRO E 225 21.64 -0.71 -48.28
CA PRO E 225 20.24 -1.12 -48.17
C PRO E 225 20.10 -2.61 -48.44
N GLN E 226 19.05 -3.17 -47.88
CA GLN E 226 18.87 -4.61 -47.82
C GLN E 226 18.14 -5.14 -49.05
N ALA E 227 18.58 -6.32 -49.48
CA ALA E 227 17.82 -7.22 -50.37
C ALA E 227 17.23 -6.51 -51.58
N GLY E 228 18.03 -5.65 -52.20
CA GLY E 228 17.61 -5.01 -53.43
C GLY E 228 16.37 -4.17 -53.25
N ILE E 229 16.41 -3.22 -52.31
CA ILE E 229 15.32 -2.27 -52.14
C ILE E 229 15.94 -0.88 -51.93
N VAL E 230 15.23 0.12 -52.44
CA VAL E 230 15.65 1.51 -52.30
C VAL E 230 15.37 1.97 -50.89
N HIS E 231 16.43 2.28 -50.15
CA HIS E 231 16.35 3.08 -48.93
C HIS E 231 17.78 3.37 -48.51
N THR E 232 17.92 4.06 -47.38
CA THR E 232 19.19 4.60 -46.94
C THR E 232 19.37 4.26 -45.47
N PRO E 233 20.02 3.16 -45.17
CA PRO E 233 20.42 2.94 -43.77
C PRO E 233 21.37 4.03 -43.34
N PHE E 234 20.91 4.87 -42.43
CA PHE E 234 21.78 5.80 -41.72
C PHE E 234 21.82 5.34 -40.28
N THR E 235 23.01 4.92 -39.86
CA THR E 235 23.24 4.44 -38.51
C THR E 235 23.96 5.55 -37.78
N GLN E 236 23.34 6.01 -36.70
CA GLN E 236 23.74 7.28 -36.13
C GLN E 236 23.35 7.30 -34.67
N ALA E 237 24.13 8.00 -33.90
CA ALA E 237 23.79 8.28 -32.51
C ALA E 237 22.67 9.31 -32.47
N PRO E 238 21.53 9.03 -31.83
CA PRO E 238 20.62 10.13 -31.51
C PRO E 238 21.36 11.16 -30.67
N SER E 239 20.90 12.39 -30.74
CA SER E 239 21.78 13.48 -30.42
C SER E 239 22.11 13.55 -28.94
N GLY E 240 23.26 14.13 -28.66
CA GLY E 240 23.58 14.66 -27.36
C GLY E 240 22.79 15.88 -26.98
N PHE E 241 21.89 16.34 -27.83
CA PHE E 241 20.82 17.24 -27.46
C PHE E 241 19.54 16.49 -27.13
N GLU E 242 19.40 15.25 -27.60
CA GLU E 242 18.26 14.43 -27.18
C GLU E 242 18.43 14.00 -25.73
N ARG E 243 19.48 13.22 -25.45
CA ARG E 243 20.02 13.26 -24.11
C ARG E 243 20.59 14.64 -23.89
N TRP E 244 20.77 15.01 -22.63
CA TRP E 244 20.90 16.39 -22.14
C TRP E 244 19.52 17.02 -21.99
N LYS E 245 18.45 16.33 -22.38
CA LYS E 245 17.09 16.72 -22.03
C LYS E 245 16.41 15.70 -21.14
N ARG E 246 16.95 14.49 -21.00
CA ARG E 246 16.39 13.50 -20.08
C ARG E 246 17.44 12.66 -19.34
N ASP E 247 18.73 12.91 -19.55
CA ASP E 247 19.78 12.38 -18.69
C ASP E 247 20.74 13.50 -18.30
N LYS E 248 20.19 14.69 -18.16
CA LYS E 248 20.95 15.91 -17.95
C LYS E 248 21.37 16.06 -16.50
N GLY E 249 21.84 17.27 -16.17
CA GLY E 249 21.98 17.72 -14.81
C GLY E 249 20.96 18.81 -14.49
N ALA E 250 20.92 19.18 -13.23
CA ALA E 250 19.89 20.08 -12.75
C ALA E 250 20.28 21.53 -12.99
N PRO E 251 19.32 22.44 -12.98
CA PRO E 251 19.63 23.84 -13.33
C PRO E 251 20.14 24.68 -12.20
N LEU E 252 20.95 25.65 -12.61
CA LEU E 252 21.62 26.53 -11.68
C LEU E 252 20.64 27.37 -10.89
N ASN E 253 19.44 27.61 -11.43
CA ASN E 253 18.38 28.17 -10.62
C ASN E 253 17.73 27.13 -9.71
N ASP E 254 18.28 25.91 -9.67
CA ASP E 254 17.92 24.90 -8.71
C ASP E 254 19.11 24.27 -8.01
N VAL E 255 20.36 24.65 -8.35
CA VAL E 255 21.52 24.11 -7.67
C VAL E 255 22.57 25.16 -7.30
N ALA E 256 22.33 26.42 -7.65
CA ALA E 256 23.33 27.43 -7.35
C ALA E 256 23.55 27.58 -5.86
N PRO E 257 24.67 28.16 -5.45
CA PRO E 257 24.78 28.68 -4.08
C PRO E 257 24.37 30.13 -3.92
N PHE E 258 24.42 30.58 -2.66
CA PHE E 258 24.23 31.95 -2.19
C PHE E 258 23.09 32.71 -2.86
N GLY E 259 22.04 31.99 -3.21
CA GLY E 259 20.73 32.56 -3.43
C GLY E 259 20.41 33.39 -4.65
N CYS E 260 20.33 32.75 -5.81
CA CYS E 260 20.24 33.40 -7.10
C CYS E 260 19.06 32.82 -7.86
N SER E 261 18.55 33.62 -8.78
CA SER E 261 17.57 33.20 -9.76
C SER E 261 18.08 33.63 -11.12
N ILE E 262 17.50 33.06 -12.18
CA ILE E 262 18.11 33.04 -13.50
C ILE E 262 17.07 33.40 -14.56
N ALA E 263 17.54 33.89 -15.71
CA ALA E 263 16.67 34.13 -16.85
C ALA E 263 17.44 33.99 -18.16
N LEU E 264 16.74 33.49 -19.19
CA LEU E 264 17.20 33.60 -20.58
C LEU E 264 16.62 34.90 -21.13
N GLU E 265 17.37 35.92 -20.92
CA GLU E 265 17.05 37.34 -20.93
C GLU E 265 18.50 37.80 -20.93
N PRO E 266 18.89 39.01 -20.55
CA PRO E 266 20.34 39.35 -20.61
C PRO E 266 21.34 38.43 -19.90
N LEU E 267 20.93 37.26 -19.37
CA LEU E 267 21.78 36.24 -18.76
C LEU E 267 22.17 36.71 -17.38
N ARG E 268 21.22 37.35 -16.74
CA ARG E 268 21.42 37.79 -15.39
C ARG E 268 21.26 36.62 -14.45
N ALA E 269 21.72 36.83 -13.22
CA ALA E 269 21.48 35.92 -12.13
C ALA E 269 20.94 36.76 -10.98
N GLU E 270 19.61 36.87 -10.92
CA GLU E 270 18.99 37.84 -10.05
C GLU E 270 19.24 37.54 -8.58
N ASN E 271 19.25 38.61 -7.79
CA ASN E 271 18.91 38.55 -6.37
C ASN E 271 19.90 37.72 -5.57
N CYS E 272 21.15 37.68 -6.01
CA CYS E 272 22.19 36.90 -5.36
C CYS E 272 22.57 37.58 -4.05
N ALA E 273 21.98 37.08 -2.97
CA ALA E 273 22.20 37.64 -1.63
C ALA E 273 23.51 37.09 -1.10
N VAL E 274 24.58 37.88 -1.18
CA VAL E 274 25.83 37.47 -0.56
C VAL E 274 26.74 38.67 -0.35
N GLY E 275 27.31 38.76 0.84
CA GLY E 275 28.25 39.80 1.14
C GLY E 275 27.62 41.17 1.30
N SER E 276 28.48 42.18 1.23
CA SER E 276 28.13 43.55 1.49
C SER E 276 28.48 44.41 0.29
N ILE E 277 27.93 45.63 0.28
CA ILE E 277 28.14 46.58 -0.80
C ILE E 277 28.45 47.94 -0.17
N PRO E 278 29.63 48.54 -0.41
CA PRO E 278 29.94 49.86 0.16
C PRO E 278 29.26 51.00 -0.56
N ILE E 279 28.08 51.38 -0.11
CA ILE E 279 27.22 52.31 -0.82
C ILE E 279 27.31 53.68 -0.19
N SER E 280 27.27 54.69 -1.04
CA SER E 280 27.48 56.07 -0.65
C SER E 280 26.59 56.96 -1.49
N ILE E 281 25.91 57.90 -0.85
CA ILE E 281 24.92 58.75 -1.51
C ILE E 281 25.27 60.20 -1.24
N ASP E 282 24.98 61.04 -2.23
CA ASP E 282 24.98 62.49 -2.09
C ASP E 282 23.52 62.94 -2.19
N ILE E 283 22.93 63.24 -1.04
CA ILE E 283 21.55 63.67 -0.92
C ILE E 283 21.42 65.07 -1.50
N PRO E 284 20.25 65.48 -1.98
CA PRO E 284 20.06 66.92 -2.24
C PRO E 284 19.89 67.67 -0.92
N ASP E 285 20.73 68.68 -0.72
CA ASP E 285 20.69 69.46 0.51
C ASP E 285 19.34 70.14 0.69
N ALA E 286 18.63 70.41 -0.40
CA ALA E 286 17.29 70.96 -0.29
C ALA E 286 16.37 70.01 0.47
N ALA E 287 16.56 68.71 0.30
CA ALA E 287 15.71 67.74 1.00
C ALA E 287 15.95 67.75 2.50
N PHE E 288 17.11 68.23 2.95
CA PHE E 288 17.34 68.34 4.38
C PHE E 288 16.39 69.34 5.00
N THR E 289 16.04 69.07 6.25
CA THR E 289 15.40 70.03 7.12
C THR E 289 16.47 70.55 8.07
N ARG E 290 16.48 71.86 8.28
CA ARG E 290 17.44 72.41 9.22
C ARG E 290 17.09 71.96 10.63
N ILE E 291 18.12 71.96 11.48
CA ILE E 291 17.99 71.30 12.77
C ILE E 291 17.03 72.05 13.68
N SER E 292 16.87 73.36 13.48
CA SER E 292 16.10 74.18 14.40
C SER E 292 14.60 74.12 14.14
N GLU E 293 14.14 73.16 13.35
CA GLU E 293 12.74 73.05 12.97
C GLU E 293 12.12 71.72 13.35
N THR E 294 12.92 70.69 13.53
CA THR E 294 12.42 69.44 14.06
C THR E 294 12.38 69.51 15.58
N PRO E 295 11.39 68.88 16.23
CA PRO E 295 11.38 68.91 17.69
C PRO E 295 12.57 68.19 18.29
N THR E 296 13.14 68.78 19.32
CA THR E 296 14.12 68.09 20.15
C THR E 296 13.39 67.22 21.15
N VAL E 297 13.80 65.95 21.22
CA VAL E 297 12.99 64.89 21.82
C VAL E 297 13.57 64.41 23.14
N SER E 298 14.72 64.92 23.55
CA SER E 298 15.42 64.40 24.72
C SER E 298 14.60 64.52 26.01
N ASP E 299 15.16 63.99 27.09
CA ASP E 299 14.42 63.80 28.34
C ASP E 299 13.23 62.86 28.13
N LEU E 300 13.47 61.82 27.34
CA LEU E 300 12.48 60.83 26.95
C LEU E 300 12.66 59.56 27.79
N GLU E 301 11.96 58.50 27.41
CA GLU E 301 12.23 57.18 27.92
C GLU E 301 11.75 56.16 26.89
N CYS E 302 12.48 55.05 26.78
CA CYS E 302 12.13 53.95 25.88
C CYS E 302 12.07 52.64 26.64
N LYS E 303 11.14 51.79 26.25
CA LYS E 303 11.09 50.45 26.80
C LYS E 303 10.31 49.55 25.85
N ILE E 304 10.79 48.32 25.70
CA ILE E 304 9.99 47.31 25.05
C ILE E 304 8.72 47.08 25.86
N THR E 305 7.74 46.50 25.22
CA THR E 305 6.53 46.05 25.88
C THR E 305 6.19 44.63 25.53
N GLU E 306 6.44 44.21 24.29
CA GLU E 306 6.34 42.80 23.91
C GLU E 306 7.36 42.58 22.80
N CYS E 307 8.57 42.23 23.20
CA CYS E 307 9.62 41.99 22.23
C CYS E 307 9.54 40.56 21.75
N THR E 308 9.52 40.40 20.44
CA THR E 308 9.44 39.10 19.80
C THR E 308 10.80 38.80 19.19
N TYR E 309 11.41 37.72 19.66
CA TYR E 309 12.79 37.36 19.37
C TYR E 309 12.87 36.70 17.99
N ALA E 310 12.64 37.51 16.96
CA ALA E 310 12.15 36.96 15.70
C ALA E 310 12.56 37.80 14.50
N SER E 311 11.98 37.45 13.34
CA SER E 311 12.30 37.96 12.03
C SER E 311 11.31 39.02 11.59
N ASP E 312 10.03 38.64 11.51
CA ASP E 312 8.99 39.61 11.30
C ASP E 312 9.05 40.66 12.38
N PHE E 313 8.58 41.85 12.05
CA PHE E 313 8.71 42.96 12.98
C PHE E 313 7.78 42.76 14.17
N GLY E 314 8.13 41.82 15.03
CA GLY E 314 7.31 41.51 16.18
C GLY E 314 7.73 42.30 17.40
N GLY E 315 8.98 42.77 17.41
CA GLY E 315 9.44 43.57 18.53
C GLY E 315 8.78 44.93 18.53
N ILE E 316 8.30 45.34 19.70
CA ILE E 316 7.67 46.64 19.87
C ILE E 316 8.24 47.32 21.10
N ALA E 317 8.09 48.63 21.14
CA ALA E 317 8.56 49.40 22.28
C ALA E 317 7.89 50.74 22.29
N THR E 318 7.20 51.05 23.37
CA THR E 318 6.74 52.41 23.58
C THR E 318 7.95 53.29 23.85
N VAL E 319 7.78 54.58 23.58
CA VAL E 319 8.81 55.56 23.85
C VAL E 319 8.11 56.77 24.44
N ALA E 320 8.50 57.14 25.66
CA ALA E 320 7.95 58.33 26.31
C ALA E 320 8.60 59.55 25.66
N TYR E 321 8.04 59.94 24.52
CA TYR E 321 8.59 61.07 23.79
C TYR E 321 8.43 62.34 24.59
N LYS E 322 9.50 63.12 24.65
CA LYS E 322 9.55 64.38 25.38
C LYS E 322 10.04 65.43 24.39
N SER E 323 9.11 65.98 23.64
CA SER E 323 9.44 66.87 22.53
C SER E 323 9.49 68.32 22.98
N SER E 324 9.94 69.16 22.07
CA SER E 324 9.93 70.61 22.24
C SER E 324 8.90 71.25 21.33
N LYS E 325 9.03 71.02 20.04
CA LYS E 325 7.99 71.32 19.07
C LYS E 325 7.14 70.06 18.89
N ALA E 326 6.29 70.05 17.87
CA ALA E 326 5.51 68.88 17.52
C ALA E 326 5.63 68.66 16.02
N GLY E 327 5.86 67.42 15.63
CA GLY E 327 6.01 67.10 14.23
C GLY E 327 6.59 65.72 14.03
N ASN E 328 7.29 65.57 12.91
CA ASN E 328 7.91 64.30 12.58
C ASN E 328 9.29 64.21 13.19
N CYS E 329 9.79 62.99 13.26
CA CYS E 329 11.06 62.69 13.89
C CYS E 329 11.59 61.39 13.28
N PRO E 330 12.53 61.44 12.34
CA PRO E 330 13.05 60.20 11.81
C PRO E 330 13.80 59.40 12.86
N ILE E 331 13.75 58.08 12.72
CA ILE E 331 14.26 57.16 13.72
C ILE E 331 15.12 56.09 13.06
N HIS E 332 16.05 55.57 13.83
CA HIS E 332 16.90 54.47 13.39
C HIS E 332 17.69 53.98 14.59
N SER E 333 18.03 52.70 14.56
CA SER E 333 18.95 52.11 15.50
C SER E 333 20.31 52.04 14.84
N PRO E 334 21.26 52.92 15.16
CA PRO E 334 22.58 52.82 14.53
C PRO E 334 23.24 51.48 14.75
N SER E 335 22.94 50.83 15.86
CA SER E 335 23.34 49.44 16.02
C SER E 335 22.50 48.58 15.11
N GLY E 336 23.14 47.61 14.48
CA GLY E 336 22.45 46.70 13.61
C GLY E 336 21.66 45.62 14.31
N VAL E 337 21.63 45.65 15.64
CA VAL E 337 20.90 44.64 16.40
C VAL E 337 19.42 44.69 16.05
N ALA E 338 18.87 45.90 16.00
CA ALA E 338 17.44 46.10 15.83
C ALA E 338 17.18 46.71 14.47
N VAL E 339 16.21 46.13 13.76
CA VAL E 339 15.75 46.63 12.47
C VAL E 339 14.32 47.07 12.68
N ILE E 340 14.01 48.28 12.23
CA ILE E 340 12.79 48.97 12.59
C ILE E 340 11.93 49.13 11.34
N LYS E 341 10.63 48.93 11.50
CA LYS E 341 9.70 49.08 10.39
C LYS E 341 9.42 50.53 10.10
N GLU E 342 9.33 51.36 11.13
CA GLU E 342 9.04 52.77 10.99
C GLU E 342 10.33 53.53 10.75
N ASN E 343 10.37 54.29 9.66
CA ASN E 343 11.45 55.25 9.45
C ASN E 343 11.22 56.52 10.24
N ASP E 344 9.96 56.92 10.36
CA ASP E 344 9.57 58.21 10.87
C ASP E 344 8.41 58.04 11.83
N VAL E 345 8.40 58.84 12.88
CA VAL E 345 7.32 58.84 13.85
C VAL E 345 6.82 60.27 13.99
N THR E 346 5.50 60.43 13.99
CA THR E 346 4.89 61.71 14.25
C THR E 346 4.85 61.97 15.74
N LEU E 347 4.96 63.24 16.11
CA LEU E 347 5.00 63.62 17.51
C LEU E 347 4.14 64.84 17.78
N ALA E 348 3.27 64.72 18.77
CA ALA E 348 2.66 65.86 19.40
C ALA E 348 3.63 66.39 20.45
N GLU E 349 3.16 67.29 21.30
CA GLU E 349 4.02 67.86 22.32
C GLU E 349 4.25 66.82 23.41
N SER E 350 5.31 66.04 23.24
CA SER E 350 5.78 65.11 24.28
C SER E 350 4.73 64.07 24.63
N GLY E 351 4.38 63.29 23.62
CA GLY E 351 3.48 62.16 23.78
C GLY E 351 4.23 60.85 23.88
N SER E 352 3.64 59.81 23.32
CA SER E 352 4.25 58.49 23.30
C SER E 352 3.74 57.74 22.08
N PHE E 353 4.64 57.05 21.40
CA PHE E 353 4.27 56.31 20.19
C PHE E 353 5.15 55.07 20.09
N THR E 354 4.50 53.92 20.04
CA THR E 354 5.20 52.66 19.86
C THR E 354 5.60 52.51 18.40
N PHE E 355 6.72 51.83 18.20
CA PHE E 355 7.14 51.39 16.88
C PHE E 355 7.31 49.88 16.89
N HIS E 356 7.59 49.33 15.72
CA HIS E 356 7.79 47.91 15.53
C HIS E 356 9.25 47.65 15.15
N PHE E 357 9.75 46.48 15.49
CA PHE E 357 11.11 46.13 15.12
C PHE E 357 11.31 44.63 15.22
N SER E 358 12.55 44.20 15.00
CA SER E 358 12.94 42.81 15.10
C SER E 358 14.41 42.75 15.48
N THR E 359 14.77 41.74 16.26
CA THR E 359 16.10 41.60 16.81
C THR E 359 16.52 40.14 16.76
N ALA E 360 17.72 39.88 17.26
CA ALA E 360 18.28 38.54 17.31
C ALA E 360 18.94 38.20 18.62
N ASN E 361 19.08 39.14 19.54
CA ASN E 361 19.69 38.90 20.83
C ASN E 361 18.64 38.99 21.93
N ILE E 362 18.70 38.02 22.84
CA ILE E 362 17.67 37.85 23.87
C ILE E 362 17.49 39.14 24.64
N HIS E 363 18.58 39.84 24.89
CA HIS E 363 18.59 41.08 25.63
C HIS E 363 18.93 42.19 24.64
N PRO E 364 17.96 42.71 23.90
CA PRO E 364 18.30 43.73 22.91
C PRO E 364 18.67 45.04 23.56
N ALA E 365 19.96 45.30 23.62
CA ALA E 365 20.50 46.57 24.09
C ALA E 365 20.95 47.39 22.89
N PHE E 366 19.97 47.93 22.18
CA PHE E 366 20.22 48.71 20.99
C PHE E 366 19.87 50.16 21.23
N LYS E 367 20.74 51.04 20.76
CA LYS E 367 20.46 52.45 20.79
C LYS E 367 19.36 52.77 19.79
N LEU E 368 18.60 53.81 20.08
CA LEU E 368 17.61 54.34 19.17
C LEU E 368 17.80 55.84 19.07
N GLN E 369 17.98 56.32 17.85
CA GLN E 369 18.32 57.70 17.58
C GLN E 369 17.07 58.38 17.05
N VAL E 370 16.31 58.98 17.96
CA VAL E 370 15.05 59.64 17.58
C VAL E 370 15.41 61.08 17.26
N CYS E 371 15.82 61.29 16.01
CA CYS E 371 16.13 62.61 15.43
C CYS E 371 17.01 63.42 16.37
N THR E 372 18.23 62.91 16.53
CA THR E 372 19.24 63.45 17.43
C THR E 372 18.83 63.35 18.88
N SER E 373 18.51 62.14 19.31
CA SER E 373 18.40 61.84 20.73
C SER E 373 18.54 60.34 20.88
N ALA E 374 19.63 59.90 21.47
CA ALA E 374 19.90 58.48 21.61
C ALA E 374 19.18 57.93 22.83
N VAL E 375 18.92 56.63 22.80
CA VAL E 375 18.32 55.96 23.95
C VAL E 375 18.51 54.47 23.80
N THR E 376 18.79 53.82 24.93
CA THR E 376 18.87 52.37 25.00
C THR E 376 17.46 51.84 25.25
N CYS E 377 16.97 51.01 24.34
CA CYS E 377 15.70 50.30 24.52
C CYS E 377 15.95 48.89 25.01
N LYS E 378 16.63 48.81 26.16
CA LYS E 378 16.97 47.53 26.77
C LYS E 378 15.71 46.74 27.08
N GLY E 379 15.85 45.42 27.07
CA GLY E 379 14.75 44.57 27.50
C GLY E 379 15.00 43.10 27.27
N ASP E 380 13.92 42.36 27.02
CA ASP E 380 13.99 40.92 26.82
C ASP E 380 12.87 40.49 25.88
N CYS E 381 13.13 39.41 25.14
CA CYS E 381 12.29 39.04 24.01
C CYS E 381 11.83 37.60 24.15
N LYS E 382 10.84 37.25 23.31
CA LYS E 382 10.16 35.97 23.37
C LYS E 382 10.27 35.24 22.03
N PRO E 383 10.53 33.94 22.02
CA PRO E 383 10.58 33.21 20.75
C PRO E 383 9.19 32.96 20.18
N PRO E 384 9.04 32.99 18.84
CA PRO E 384 7.75 32.59 18.21
C PRO E 384 7.57 31.11 17.97
N LYS E 385 6.52 30.81 17.18
CA LYS E 385 5.99 29.47 17.03
C LYS E 385 5.78 29.00 15.59
N ASP E 386 5.86 29.87 14.58
CA ASP E 386 5.09 29.73 13.34
C ASP E 386 5.94 29.96 12.08
N HIS E 387 7.05 29.24 11.95
CA HIS E 387 8.14 29.59 11.03
C HIS E 387 8.15 28.82 9.69
N ILE E 388 7.16 29.07 8.83
CA ILE E 388 7.27 28.58 7.44
C ILE E 388 6.73 29.56 6.38
N VAL E 389 7.42 30.67 6.12
CA VAL E 389 6.95 31.66 5.12
C VAL E 389 8.26 32.30 4.70
N ASP E 390 8.30 33.26 3.74
CA ASP E 390 9.46 33.69 2.95
C ASP E 390 10.55 34.32 3.83
N TYR E 391 11.32 35.34 3.42
CA TYR E 391 12.58 35.63 4.11
C TYR E 391 12.52 36.84 5.04
N PRO E 392 13.47 36.95 5.97
CA PRO E 392 13.28 37.81 7.14
C PRO E 392 13.61 39.27 6.89
N ALA E 393 13.32 40.08 7.90
CA ALA E 393 13.71 41.47 8.00
C ALA E 393 14.80 41.71 9.04
N GLN E 394 15.24 40.66 9.73
CA GLN E 394 16.12 40.73 10.88
C GLN E 394 17.57 40.76 10.45
N HIS E 395 18.00 39.72 9.75
CA HIS E 395 19.27 39.59 9.05
C HIS E 395 20.44 40.18 9.82
N THR E 396 20.47 39.94 11.13
CA THR E 396 21.43 40.57 12.02
C THR E 396 21.98 39.59 13.04
N GLU E 397 22.00 38.31 12.70
CA GLU E 397 22.40 37.29 13.66
C GLU E 397 23.87 37.45 13.99
N SER E 398 24.18 37.40 15.29
CA SER E 398 25.54 37.51 15.76
C SER E 398 25.64 36.72 17.07
N PHE E 399 26.68 36.97 17.83
CA PHE E 399 26.85 36.30 19.11
C PHE E 399 25.84 36.84 20.11
N THR E 400 25.08 35.93 20.71
CA THR E 400 24.00 36.29 21.64
C THR E 400 23.97 35.37 22.85
N TRP E 408 24.82 34.73 28.21
CA TRP E 408 25.79 35.12 29.23
C TRP E 408 25.37 34.67 30.64
N SER E 409 24.24 33.95 30.72
CA SER E 409 23.69 33.63 32.02
C SER E 409 24.57 32.66 32.82
N TRP E 410 25.47 31.94 32.16
CA TRP E 410 26.45 31.07 32.83
C TRP E 410 27.81 31.23 32.21
N LEU E 411 28.17 32.47 31.92
CA LEU E 411 29.44 32.75 31.27
C LEU E 411 30.20 33.85 32.00
N LYS E 412 29.48 34.83 32.55
CA LYS E 412 30.14 35.99 33.13
C LYS E 412 30.83 35.63 34.44
N VAL E 413 30.05 35.24 35.45
CA VAL E 413 30.64 34.80 36.71
C VAL E 413 31.12 33.35 36.58
N LEU E 414 30.67 32.62 35.57
CA LEU E 414 31.25 31.31 35.30
C LEU E 414 32.72 31.45 34.97
N VAL E 415 33.04 32.14 33.89
CA VAL E 415 34.42 32.18 33.44
C VAL E 415 35.24 33.07 34.36
N GLY E 416 34.63 34.11 34.90
CA GLY E 416 35.26 34.82 35.99
C GLY E 416 35.51 33.91 37.18
N GLY E 417 34.64 32.93 37.37
CA GLY E 417 34.89 31.89 38.35
C GLY E 417 35.89 30.86 37.87
N THR E 418 35.84 30.53 36.57
CA THR E 418 36.87 29.69 35.98
C THR E 418 38.23 30.34 36.16
N SER E 419 38.31 31.63 35.84
CA SER E 419 39.55 32.35 36.05
C SER E 419 39.93 32.36 37.52
N ALA E 420 38.93 32.50 38.40
CA ALA E 420 39.19 32.62 39.83
C ALA E 420 40.01 31.46 40.38
N PHE E 421 39.86 30.27 39.78
CA PHE E 421 40.72 29.16 40.16
C PHE E 421 42.17 29.44 39.80
N ILE E 422 42.41 29.88 38.58
CA ILE E 422 43.78 30.17 38.15
C ILE E 422 44.23 31.55 38.59
N VAL E 423 43.29 32.46 38.89
CA VAL E 423 43.67 33.69 39.56
C VAL E 423 44.06 33.38 41.00
N LEU E 424 43.41 32.40 41.61
CA LEU E 424 43.79 31.96 42.94
C LEU E 424 45.21 31.39 42.97
N GLY E 425 45.74 30.97 41.83
CA GLY E 425 47.06 30.38 41.76
C GLY E 425 48.15 31.35 42.13
N LEU E 426 48.34 32.39 41.32
CA LEU E 426 49.42 33.34 41.55
C LEU E 426 49.18 34.26 42.75
N ILE E 427 48.10 34.07 43.51
CA ILE E 427 47.97 34.65 44.83
C ILE E 427 48.12 33.59 45.91
N ALA E 428 48.20 32.32 45.53
CA ALA E 428 48.81 31.29 46.36
C ALA E 428 50.32 31.24 46.11
N THR E 429 50.70 31.06 44.85
CA THR E 429 52.09 31.24 44.47
C THR E 429 52.43 32.73 44.56
N ALA E 430 53.67 33.00 44.94
CA ALA E 430 54.22 34.32 45.27
C ALA E 430 53.74 34.83 46.63
N VAL E 431 52.78 34.15 47.26
CA VAL E 431 52.58 34.29 48.69
C VAL E 431 53.35 33.19 49.41
N VAL E 432 53.60 32.08 48.72
CA VAL E 432 54.66 31.18 49.18
C VAL E 432 55.96 31.95 49.25
N ALA E 433 56.20 32.85 48.29
CA ALA E 433 57.40 33.69 48.32
C ALA E 433 57.43 34.56 49.56
N LEU E 434 56.27 34.98 50.06
CA LEU E 434 56.22 35.77 51.28
C LEU E 434 56.44 34.91 52.51
N VAL E 435 55.73 33.78 52.59
CA VAL E 435 55.98 32.83 53.66
C VAL E 435 57.42 32.36 53.60
N LEU E 436 57.89 32.08 52.39
CA LEU E 436 59.32 31.92 52.16
C LEU E 436 60.08 33.14 52.64
N PHE E 437 59.69 34.32 52.14
CA PHE E 437 60.49 35.57 52.13
C PHE E 437 61.66 35.43 51.18
N LEU F 2 -6.16 29.85 -48.42
CA LEU F 2 -5.51 28.59 -48.73
C LEU F 2 -4.75 28.64 -50.06
N ASP F 3 -4.58 29.84 -50.63
CA ASP F 3 -4.12 30.02 -51.99
C ASP F 3 -2.82 30.83 -52.02
N THR F 4 -1.98 30.63 -51.01
CA THR F 4 -0.74 31.36 -50.82
C THR F 4 0.49 30.48 -50.85
N HIS F 5 0.35 29.19 -51.14
CA HIS F 5 1.45 28.26 -51.17
C HIS F 5 1.33 27.38 -52.41
N PHE F 6 1.09 28.02 -53.54
CA PHE F 6 1.22 27.34 -54.81
C PHE F 6 2.66 27.08 -55.19
N THR F 7 3.61 27.55 -54.38
CA THR F 7 4.98 27.06 -54.45
C THR F 7 4.99 25.55 -54.45
N GLN F 8 4.42 24.93 -53.41
CA GLN F 8 4.37 23.48 -53.36
C GLN F 8 3.27 22.95 -54.27
N TYR F 9 2.05 23.49 -54.11
CA TYR F 9 0.85 22.83 -54.61
C TYR F 9 0.92 22.60 -56.11
N LYS F 10 1.07 23.67 -56.88
CA LYS F 10 1.13 23.53 -58.33
C LYS F 10 2.30 22.68 -58.77
N LEU F 11 3.42 22.80 -58.07
CA LEU F 11 4.71 22.40 -58.60
C LEU F 11 5.21 21.09 -58.04
N ALA F 12 4.67 20.64 -56.92
CA ALA F 12 5.01 19.36 -56.31
C ALA F 12 3.91 18.34 -56.55
N ARG F 13 4.30 17.08 -56.62
CA ARG F 13 3.42 15.96 -56.87
C ARG F 13 3.42 15.02 -55.68
N PRO F 14 2.39 14.15 -55.54
CA PRO F 14 2.43 13.19 -54.44
C PRO F 14 3.45 12.11 -54.66
N TYR F 15 4.58 12.19 -53.97
CA TYR F 15 5.65 11.25 -54.23
C TYR F 15 5.27 9.86 -53.73
N ILE F 16 5.87 8.84 -54.32
CA ILE F 16 5.71 7.47 -53.89
C ILE F 16 7.06 6.83 -53.61
N ALA F 17 7.18 6.21 -52.44
CA ALA F 17 8.43 5.62 -51.97
C ALA F 17 8.11 4.27 -51.34
N ASP F 18 9.12 3.69 -50.70
CA ASP F 18 9.06 2.31 -50.22
C ASP F 18 8.77 2.30 -48.73
N CYS F 19 7.51 2.05 -48.40
CA CYS F 19 7.13 1.92 -47.00
C CYS F 19 7.77 0.66 -46.42
N PRO F 20 8.21 0.68 -45.15
CA PRO F 20 9.01 -0.44 -44.63
C PRO F 20 8.24 -1.68 -44.18
N ASN F 21 7.07 -1.51 -43.60
CA ASN F 21 6.28 -2.64 -43.10
C ASN F 21 4.82 -2.40 -43.48
N CYS F 22 4.60 -2.22 -44.77
CA CYS F 22 3.36 -1.75 -45.35
C CYS F 22 2.27 -2.79 -45.20
N GLY F 23 1.80 -2.99 -43.97
CA GLY F 23 0.80 -3.99 -43.70
C GLY F 23 1.41 -5.38 -43.64
N HIS F 24 1.75 -5.91 -44.81
CA HIS F 24 2.48 -7.17 -44.87
C HIS F 24 3.95 -6.93 -44.59
N SER F 25 4.59 -6.20 -45.49
CA SER F 25 6.03 -6.06 -45.58
C SER F 25 6.31 -4.81 -46.40
N ARG F 26 7.53 -4.70 -46.91
CA ARG F 26 7.94 -3.51 -47.65
C ARG F 26 7.18 -3.40 -48.97
N CYS F 27 6.15 -2.56 -49.01
CA CYS F 27 5.51 -2.20 -50.26
C CYS F 27 6.14 -0.91 -50.78
N ASP F 28 5.52 -0.31 -51.79
CA ASP F 28 5.79 1.05 -52.22
C ASP F 28 4.50 1.83 -52.04
N SER F 29 4.35 2.48 -50.89
CA SER F 29 3.15 3.27 -50.63
C SER F 29 3.37 4.72 -51.06
N PRO F 30 2.36 5.41 -51.58
CA PRO F 30 2.49 6.86 -51.76
C PRO F 30 2.58 7.61 -50.45
N ILE F 31 2.15 7.02 -49.35
CA ILE F 31 2.15 7.68 -48.05
C ILE F 31 3.36 7.22 -47.25
N ALA F 32 4.41 6.81 -47.95
CA ALA F 32 5.62 6.32 -47.30
C ALA F 32 6.16 7.37 -46.33
N ILE F 33 6.33 6.96 -45.08
CA ILE F 33 6.60 7.87 -43.99
C ILE F 33 8.11 8.06 -43.87
N GLU F 34 8.53 9.30 -43.99
CA GLU F 34 9.88 9.73 -43.65
C GLU F 34 9.75 10.83 -42.61
N GLU F 35 10.87 11.17 -41.98
CA GLU F 35 11.01 12.32 -41.07
C GLU F 35 9.87 12.40 -40.07
N VAL F 36 9.81 11.41 -39.23
CA VAL F 36 8.97 11.46 -38.04
C VAL F 36 9.66 12.33 -37.02
N ARG F 37 8.89 13.21 -36.38
CA ARG F 37 9.44 14.19 -35.45
C ARG F 37 8.61 14.23 -34.19
N GLY F 38 8.92 13.34 -33.25
CA GLY F 38 8.30 13.32 -31.95
C GLY F 38 9.13 14.12 -30.98
N ASP F 39 9.51 15.31 -31.43
CA ASP F 39 10.49 16.14 -30.76
C ASP F 39 9.86 17.30 -30.01
N ALA F 40 8.59 17.58 -30.25
CA ALA F 40 7.86 18.61 -29.52
C ALA F 40 7.32 18.02 -28.22
N HIS F 41 6.40 18.74 -27.59
CA HIS F 41 5.90 18.41 -26.27
C HIS F 41 4.40 18.19 -26.20
N ALA F 42 3.63 18.71 -27.15
CA ALA F 42 2.20 18.92 -26.98
C ALA F 42 1.38 17.72 -27.42
N GLY F 43 1.93 16.51 -27.33
CA GLY F 43 1.23 15.37 -27.89
C GLY F 43 1.24 15.31 -29.39
N VAL F 44 2.05 16.14 -30.05
CA VAL F 44 1.97 16.36 -31.48
C VAL F 44 3.18 15.76 -32.17
N ILE F 45 2.96 15.25 -33.38
CA ILE F 45 4.04 14.89 -34.29
C ILE F 45 3.75 15.52 -35.63
N ARG F 46 4.81 16.08 -36.20
CA ARG F 46 4.82 16.48 -37.60
C ARG F 46 5.41 15.33 -38.41
N ILE F 47 4.71 14.96 -39.47
CA ILE F 47 5.08 13.81 -40.30
C ILE F 47 5.14 14.30 -41.73
N GLN F 48 5.96 13.64 -42.54
CA GLN F 48 5.90 13.76 -43.98
C GLN F 48 5.52 12.42 -44.58
N THR F 49 4.37 12.39 -45.23
CA THR F 49 4.10 11.39 -46.23
C THR F 49 4.85 11.77 -47.50
N SER F 50 5.17 10.77 -48.31
CA SER F 50 5.57 11.07 -49.67
C SER F 50 4.38 11.52 -50.50
N ALA F 51 3.16 11.28 -50.02
CA ALA F 51 1.97 11.77 -50.68
C ALA F 51 1.72 13.23 -50.32
N MET F 52 1.27 13.99 -51.31
CA MET F 52 0.98 15.41 -51.20
C MET F 52 -0.54 15.52 -51.20
N PHE F 53 -1.12 15.46 -50.01
CA PHE F 53 -2.52 15.81 -49.85
C PHE F 53 -2.60 17.32 -49.68
N GLY F 54 -3.82 17.84 -49.66
CA GLY F 54 -4.03 19.28 -49.62
C GLY F 54 -5.05 19.68 -50.65
N LEU F 55 -4.72 20.69 -51.46
CA LEU F 55 -5.56 20.97 -52.61
C LEU F 55 -5.53 19.78 -53.56
N LYS F 56 -6.35 19.85 -54.59
CA LYS F 56 -6.36 18.79 -55.60
C LYS F 56 -5.14 18.96 -56.49
N THR F 57 -5.13 18.25 -57.62
CA THR F 57 -4.14 18.51 -58.65
C THR F 57 -4.10 19.99 -59.01
N ASP F 58 -5.26 20.65 -59.05
CA ASP F 58 -5.33 21.98 -59.65
C ASP F 58 -5.42 23.13 -58.64
N GLY F 59 -6.53 23.25 -57.88
CA GLY F 59 -6.74 24.49 -57.15
C GLY F 59 -7.61 24.60 -55.91
N VAL F 60 -8.18 23.53 -55.36
CA VAL F 60 -9.30 23.68 -54.42
C VAL F 60 -9.13 22.78 -53.20
N ASP F 61 -9.49 23.34 -52.03
CA ASP F 61 -9.88 22.56 -50.86
C ASP F 61 -8.78 21.69 -50.27
N LEU F 62 -7.95 22.30 -49.41
CA LEU F 62 -6.99 21.62 -48.55
C LEU F 62 -7.45 20.26 -48.06
N ALA F 63 -8.73 20.13 -47.71
CA ALA F 63 -9.26 18.91 -47.13
C ALA F 63 -9.53 17.81 -48.15
N TYR F 64 -8.98 17.89 -49.35
CA TYR F 64 -9.00 16.78 -50.30
C TYR F 64 -7.66 16.08 -50.28
N MET F 65 -7.51 15.09 -51.15
CA MET F 65 -6.56 14.01 -50.92
C MET F 65 -6.01 13.55 -52.27
N SER F 66 -4.75 13.88 -52.53
CA SER F 66 -4.05 13.48 -53.75
C SER F 66 -2.83 12.63 -53.39
N PHE F 67 -2.94 11.33 -53.61
CA PHE F 67 -1.79 10.43 -53.63
C PHE F 67 -1.55 9.95 -55.05
N MET F 68 -0.52 9.15 -55.21
CA MET F 68 -0.17 8.56 -56.49
C MET F 68 -0.75 7.15 -56.57
N ASN F 69 -1.54 6.91 -57.62
CA ASN F 69 -1.97 5.58 -58.01
C ASN F 69 -1.58 5.40 -59.45
N GLY F 70 -0.71 4.40 -59.71
CA GLY F 70 -0.09 4.29 -61.01
C GLY F 70 1.08 5.25 -61.11
N LYS F 71 1.35 5.69 -62.34
CA LYS F 71 2.11 6.91 -62.54
C LYS F 71 1.31 8.16 -62.15
N THR F 72 0.01 8.00 -61.90
CA THR F 72 -0.94 9.10 -61.85
C THR F 72 -1.28 9.47 -60.42
N GLN F 73 -1.74 10.70 -60.25
CA GLN F 73 -2.29 11.15 -58.99
C GLN F 73 -3.68 10.54 -58.77
N LYS F 74 -4.27 10.84 -57.63
CA LYS F 74 -5.69 10.64 -57.43
C LYS F 74 -6.18 11.69 -56.43
N SER F 75 -6.58 12.84 -56.96
CA SER F 75 -6.90 14.01 -56.13
C SER F 75 -8.38 13.96 -55.77
N ILE F 76 -8.66 13.33 -54.63
CA ILE F 76 -10.02 13.04 -54.18
C ILE F 76 -10.11 13.33 -52.68
N LYS F 77 -11.21 12.94 -52.05
CA LYS F 77 -11.51 13.33 -50.68
C LYS F 77 -10.68 12.55 -49.66
N ILE F 78 -10.44 13.19 -48.51
CA ILE F 78 -9.57 12.72 -47.43
C ILE F 78 -10.25 11.71 -46.52
N ASP F 79 -11.42 11.21 -46.92
CA ASP F 79 -12.48 10.72 -46.04
C ASP F 79 -12.06 10.05 -44.74
N ASN F 80 -11.09 9.13 -44.77
CA ASN F 80 -10.82 8.24 -43.65
C ASN F 80 -9.33 8.11 -43.38
N LEU F 81 -8.65 9.25 -43.26
CA LEU F 81 -7.26 9.24 -42.81
C LEU F 81 -7.14 8.58 -41.45
N HIS F 82 -6.03 7.88 -41.24
CA HIS F 82 -5.66 7.41 -39.90
C HIS F 82 -4.15 7.47 -39.73
N VAL F 83 -3.68 8.45 -38.99
CA VAL F 83 -2.41 8.33 -38.29
C VAL F 83 -2.67 7.55 -37.01
N ARG F 84 -1.71 6.74 -36.60
CA ARG F 84 -1.82 6.13 -35.30
C ARG F 84 -0.46 5.62 -34.85
N THR F 85 -0.44 5.28 -33.57
CA THR F 85 0.73 4.83 -32.82
C THR F 85 0.17 3.74 -31.92
N SER F 86 0.79 3.52 -30.77
CA SER F 86 0.24 2.70 -29.70
C SER F 86 -1.28 2.86 -29.55
N ALA F 87 -1.79 4.07 -29.72
CA ALA F 87 -3.21 4.32 -29.86
C ALA F 87 -3.47 5.10 -31.13
N PRO F 88 -4.73 5.21 -31.55
CA PRO F 88 -5.06 6.10 -32.66
C PRO F 88 -4.80 7.55 -32.32
N CYS F 89 -4.09 8.23 -33.21
CA CYS F 89 -3.76 9.63 -33.02
C CYS F 89 -4.96 10.49 -33.35
N SER F 90 -4.75 11.80 -33.24
CA SER F 90 -5.69 12.80 -33.71
C SER F 90 -4.98 13.68 -34.71
N LEU F 91 -5.53 13.76 -35.91
CA LEU F 91 -5.07 14.73 -36.89
C LEU F 91 -5.13 16.13 -36.31
N VAL F 92 -4.18 16.97 -36.72
CA VAL F 92 -4.19 18.40 -36.41
C VAL F 92 -4.38 19.23 -37.67
N SER F 93 -3.55 19.00 -38.67
CA SER F 93 -3.71 19.68 -39.95
C SER F 93 -2.73 19.09 -40.94
N HIS F 94 -3.09 19.18 -42.21
CA HIS F 94 -2.22 18.79 -43.31
C HIS F 94 -1.94 19.99 -44.20
N HIS F 95 -0.74 20.00 -44.78
CA HIS F 95 -0.37 20.99 -45.78
C HIS F 95 0.78 20.43 -46.60
N GLY F 96 0.55 20.23 -47.88
CA GLY F 96 1.62 19.76 -48.76
C GLY F 96 1.80 18.27 -48.62
N TYR F 97 3.06 17.86 -48.50
CA TYR F 97 3.41 16.48 -48.19
C TYR F 97 3.18 16.13 -46.73
N TYR F 98 2.81 17.10 -45.90
CA TYR F 98 3.12 17.10 -44.49
C TYR F 98 1.84 17.16 -43.69
N ILE F 99 1.80 16.39 -42.61
CA ILE F 99 0.67 16.35 -41.70
C ILE F 99 1.17 16.55 -40.28
N LEU F 100 0.37 17.28 -39.50
CA LEU F 100 0.54 17.39 -38.06
C LEU F 100 -0.60 16.64 -37.40
N ALA F 101 -0.27 15.87 -36.37
CA ALA F 101 -1.25 15.04 -35.71
C ALA F 101 -0.89 14.89 -34.24
N GLN F 102 -1.90 14.97 -33.39
CA GLN F 102 -1.71 14.81 -31.96
C GLN F 102 -1.72 13.32 -31.65
N CYS F 103 -0.58 12.80 -31.24
CA CYS F 103 -0.39 11.39 -30.93
C CYS F 103 -0.02 11.19 -29.46
N PRO F 104 -0.29 10.01 -28.91
CA PRO F 104 0.34 9.63 -27.66
C PRO F 104 1.73 9.08 -27.93
N PRO F 105 2.46 8.72 -26.87
CA PRO F 105 3.73 8.03 -27.07
C PRO F 105 3.52 6.70 -27.78
N GLY F 106 4.58 6.26 -28.44
CA GLY F 106 4.53 5.01 -29.14
C GLY F 106 5.90 4.60 -29.64
N ASP F 107 6.19 3.32 -29.53
CA ASP F 107 7.45 2.81 -30.05
C ASP F 107 7.57 3.04 -31.55
N THR F 108 6.44 3.05 -32.26
CA THR F 108 6.40 3.17 -33.70
C THR F 108 5.53 4.36 -34.11
N VAL F 109 5.37 4.50 -35.41
CA VAL F 109 4.37 5.37 -35.99
C VAL F 109 3.75 4.63 -37.15
N THR F 110 2.43 4.75 -37.29
CA THR F 110 1.65 3.90 -38.17
C THR F 110 0.56 4.76 -38.78
N VAL F 111 0.65 4.96 -40.09
CA VAL F 111 -0.16 5.92 -40.82
C VAL F 111 -1.00 5.19 -41.85
N GLY F 112 -2.14 5.79 -42.19
CA GLY F 112 -2.93 5.22 -43.26
C GLY F 112 -4.29 5.83 -43.45
N PHE F 113 -4.68 6.00 -44.69
CA PHE F 113 -6.01 6.42 -45.06
C PHE F 113 -6.80 5.20 -45.52
N HIS F 114 -7.98 5.44 -46.09
CA HIS F 114 -8.76 4.40 -46.74
C HIS F 114 -9.27 4.98 -48.04
N ASP F 115 -8.68 4.53 -49.15
CA ASP F 115 -9.16 4.94 -50.47
C ASP F 115 -10.62 4.57 -50.66
N GLY F 116 -11.05 3.44 -50.08
CA GLY F 116 -12.39 2.94 -50.21
C GLY F 116 -12.47 1.50 -50.68
N PRO F 117 -11.66 1.12 -51.67
CA PRO F 117 -11.53 -0.31 -51.99
C PRO F 117 -10.52 -1.03 -51.13
N ASN F 118 -9.60 -0.32 -50.50
CA ASN F 118 -8.48 -0.95 -49.83
C ASN F 118 -8.05 -0.10 -48.64
N ARG F 119 -7.43 -0.76 -47.66
CA ARG F 119 -6.94 -0.05 -46.49
C ARG F 119 -5.75 0.83 -46.88
N HIS F 120 -4.69 0.22 -47.38
CA HIS F 120 -3.63 0.95 -48.07
C HIS F 120 -2.94 1.95 -47.14
N THR F 121 -2.31 1.38 -46.11
CA THR F 121 -1.70 2.12 -45.02
C THR F 121 -0.18 2.10 -45.16
N CYS F 122 0.49 2.80 -44.24
CA CYS F 122 1.94 2.73 -44.15
C CYS F 122 2.41 2.98 -42.73
N THR F 123 3.46 2.27 -42.35
CA THR F 123 3.88 2.16 -40.97
C THR F 123 5.38 2.24 -40.90
N VAL F 124 5.90 2.61 -39.73
CA VAL F 124 7.31 2.92 -39.59
C VAL F 124 7.70 2.84 -38.13
N ALA F 125 8.99 2.63 -37.89
CA ALA F 125 9.57 2.74 -36.56
C ALA F 125 9.95 4.18 -36.26
N HIS F 126 9.62 4.62 -35.05
CA HIS F 126 10.18 5.85 -34.52
C HIS F 126 9.91 5.95 -33.03
N LYS F 127 10.95 6.20 -32.26
CA LYS F 127 10.80 6.38 -30.82
C LYS F 127 10.06 7.68 -30.56
N VAL F 128 8.90 7.59 -29.92
CA VAL F 128 8.06 8.73 -29.62
C VAL F 128 7.88 8.81 -28.11
N GLU F 129 7.87 10.05 -27.61
CA GLU F 129 7.46 10.33 -26.25
C GLU F 129 6.81 11.70 -26.22
N PHE F 130 6.12 11.97 -25.12
CA PHE F 130 5.63 13.32 -24.87
C PHE F 130 5.80 13.63 -23.39
N ARG F 131 6.97 14.14 -23.07
CA ARG F 131 7.13 14.92 -21.88
C ARG F 131 6.46 16.28 -22.09
N PRO F 132 5.59 16.72 -21.21
CA PRO F 132 5.27 18.13 -21.16
C PRO F 132 6.39 18.91 -20.52
N VAL F 133 6.50 20.17 -20.91
CA VAL F 133 7.48 21.03 -20.28
C VAL F 133 7.03 21.31 -18.85
N GLY F 134 7.91 21.05 -17.91
CA GLY F 134 7.61 21.19 -16.51
C GLY F 134 8.32 20.09 -15.76
N ARG F 135 8.44 20.29 -14.46
CA ARG F 135 9.04 19.29 -13.61
C ARG F 135 8.11 18.12 -13.33
N GLU F 136 6.89 18.13 -13.87
CA GLU F 136 6.01 16.97 -13.85
C GLU F 136 6.22 16.14 -15.11
N LYS F 137 6.43 14.86 -14.92
CA LYS F 137 6.59 13.93 -16.03
C LYS F 137 5.27 13.20 -16.27
N TYR F 138 4.32 13.92 -16.85
CA TYR F 138 3.08 13.31 -17.24
C TYR F 138 3.29 12.34 -18.39
N ARG F 139 2.20 11.73 -18.82
CA ARG F 139 2.12 10.98 -20.06
C ARG F 139 1.18 11.64 -21.06
N HIS F 140 0.56 12.77 -20.71
CA HIS F 140 -0.55 13.29 -21.48
C HIS F 140 -0.90 14.70 -21.02
N PRO F 141 -1.36 15.59 -21.88
CA PRO F 141 -1.69 16.94 -21.42
C PRO F 141 -3.01 16.97 -20.68
N PRO F 142 -3.10 17.68 -19.56
CA PRO F 142 -4.39 17.77 -18.85
C PRO F 142 -5.27 18.88 -19.42
N GLU F 143 -6.41 19.07 -18.75
CA GLU F 143 -7.33 20.14 -19.06
C GLU F 143 -6.97 21.45 -18.39
N HIS F 144 -6.22 21.39 -17.29
CA HIS F 144 -5.96 22.55 -16.45
C HIS F 144 -4.49 22.60 -16.12
N GLY F 145 -4.12 23.46 -15.18
CA GLY F 145 -2.73 23.68 -14.82
C GLY F 145 -2.21 24.97 -15.41
N VAL F 146 -0.97 25.26 -15.04
CA VAL F 146 -0.33 26.49 -15.46
C VAL F 146 0.08 26.37 -16.93
N GLU F 147 0.16 27.52 -17.60
CA GLU F 147 0.73 27.61 -18.93
C GLU F 147 2.19 28.05 -18.82
N LEU F 148 3.04 27.48 -19.66
CA LEU F 148 4.45 27.78 -19.63
C LEU F 148 5.06 27.36 -20.96
N PRO F 149 6.25 27.85 -21.29
CA PRO F 149 6.68 27.89 -22.69
C PRO F 149 7.08 26.55 -23.27
N CYS F 150 6.12 25.84 -23.86
CA CYS F 150 6.41 24.59 -24.53
C CYS F 150 6.88 24.82 -25.97
N ASN F 151 7.34 23.73 -26.57
CA ASN F 151 7.68 23.68 -27.98
C ASN F 151 6.64 22.83 -28.69
N ARG F 152 6.21 23.30 -29.85
CA ARG F 152 4.98 22.80 -30.45
C ARG F 152 4.91 23.33 -31.88
N TYR F 153 4.17 22.62 -32.71
CA TYR F 153 3.97 22.99 -34.10
C TYR F 153 2.62 23.68 -34.29
N THR F 154 2.53 24.45 -35.36
CA THR F 154 1.39 25.31 -35.59
C THR F 154 0.24 24.53 -36.20
N HIS F 155 -0.93 25.15 -36.18
CA HIS F 155 -2.04 24.65 -36.97
C HIS F 155 -1.93 25.04 -38.43
N LYS F 156 -1.18 26.09 -38.73
CA LYS F 156 -1.43 26.87 -39.93
C LYS F 156 -0.46 26.52 -41.05
N ARG F 157 -0.67 27.18 -42.18
CA ARG F 157 0.06 27.00 -43.42
C ARG F 157 0.84 28.24 -43.84
N ALA F 158 0.38 29.43 -43.47
CA ALA F 158 0.99 30.68 -43.91
C ALA F 158 2.34 30.80 -43.20
N ASP F 159 3.31 30.07 -43.75
CA ASP F 159 4.49 29.68 -43.00
C ASP F 159 5.68 29.66 -43.93
N GLN F 160 6.75 30.30 -43.51
CA GLN F 160 7.98 30.42 -44.29
C GLN F 160 9.22 30.24 -43.44
N GLY F 161 9.09 30.01 -42.13
CA GLY F 161 10.22 30.03 -41.22
C GLY F 161 11.37 29.12 -41.63
N HIS F 162 11.07 28.07 -42.39
CA HIS F 162 12.10 27.26 -43.01
C HIS F 162 11.60 26.80 -44.37
N TYR F 163 12.52 26.28 -45.16
CA TYR F 163 12.16 25.66 -46.43
C TYR F 163 13.16 24.55 -46.69
N VAL F 164 12.65 23.44 -47.19
CA VAL F 164 13.46 22.28 -47.55
C VAL F 164 13.60 22.26 -49.06
N GLU F 165 14.75 21.78 -49.51
CA GLU F 165 14.96 21.59 -50.94
C GLU F 165 13.95 20.58 -51.46
N MET F 166 13.30 20.93 -52.57
CA MET F 166 12.42 20.00 -53.27
C MET F 166 12.64 20.14 -54.77
N HIS F 167 13.67 19.46 -55.27
CA HIS F 167 13.94 19.43 -56.70
C HIS F 167 13.30 18.17 -57.29
N GLN F 168 13.71 17.82 -58.51
CA GLN F 168 12.90 16.98 -59.36
C GLN F 168 12.81 15.57 -58.81
N PRO F 169 11.95 14.75 -59.38
CA PRO F 169 12.12 13.31 -59.24
C PRO F 169 13.12 12.80 -60.24
N GLY F 170 13.78 11.71 -59.86
CA GLY F 170 14.41 10.87 -60.84
C GLY F 170 13.34 10.11 -61.61
N LEU F 171 13.81 9.20 -62.45
CA LEU F 171 12.88 8.33 -63.15
C LEU F 171 12.15 7.44 -62.16
N VAL F 172 11.21 6.68 -62.68
CA VAL F 172 10.56 5.61 -61.93
C VAL F 172 10.31 4.45 -62.88
N ALA F 173 10.17 3.26 -62.30
CA ALA F 173 9.84 2.09 -63.08
C ALA F 173 8.37 2.10 -63.43
N ASP F 174 8.03 1.60 -64.62
CA ASP F 174 6.63 1.30 -64.93
C ASP F 174 6.64 0.26 -66.05
N HIS F 175 6.56 -1.01 -65.65
CA HIS F 175 6.54 -2.09 -66.62
C HIS F 175 5.17 -2.35 -67.19
N SER F 176 4.15 -1.61 -66.76
CA SER F 176 2.91 -1.57 -67.50
C SER F 176 3.14 -1.01 -68.90
N LEU F 177 4.15 -0.15 -69.06
CA LEU F 177 4.52 0.34 -70.38
C LEU F 177 4.92 -0.79 -71.30
N LEU F 178 5.88 -1.61 -70.87
CA LEU F 178 6.53 -2.57 -71.75
C LEU F 178 5.57 -3.70 -72.08
N SER F 179 4.65 -3.41 -72.99
CA SER F 179 3.76 -4.41 -73.55
C SER F 179 4.53 -5.19 -74.62
N ILE F 180 3.81 -5.95 -75.45
CA ILE F 180 4.40 -6.74 -76.51
C ILE F 180 3.75 -6.34 -77.83
N HIS F 181 4.58 -6.12 -78.85
CA HIS F 181 4.13 -5.86 -80.22
C HIS F 181 4.00 -7.18 -81.00
N SER F 182 3.33 -8.14 -80.38
CA SER F 182 2.99 -9.45 -80.93
C SER F 182 4.19 -10.38 -81.18
N ALA F 183 5.40 -9.84 -81.25
CA ALA F 183 6.63 -10.61 -81.03
C ALA F 183 7.71 -9.83 -80.29
N LYS F 184 7.63 -8.50 -80.26
CA LYS F 184 8.66 -7.64 -79.72
C LYS F 184 8.10 -6.92 -78.51
N VAL F 185 8.97 -6.53 -77.59
CA VAL F 185 8.53 -5.82 -76.40
C VAL F 185 8.29 -4.37 -76.76
N LYS F 186 7.13 -3.86 -76.34
CA LYS F 186 6.55 -2.62 -76.84
C LYS F 186 6.42 -1.66 -75.68
N ILE F 187 7.16 -0.58 -75.73
CA ILE F 187 7.05 0.50 -74.76
C ILE F 187 6.03 1.51 -75.28
N THR F 188 5.39 2.22 -74.35
CA THR F 188 4.52 3.34 -74.68
C THR F 188 4.90 4.53 -73.83
N VAL F 189 4.07 5.57 -73.84
CA VAL F 189 4.36 6.80 -73.10
C VAL F 189 3.10 7.27 -72.38
N PRO F 190 3.26 7.96 -71.23
CA PRO F 190 2.08 8.52 -70.56
C PRO F 190 1.30 9.52 -71.38
N SER F 191 1.94 10.63 -71.71
CA SER F 191 1.31 11.77 -72.35
C SER F 191 2.27 12.43 -73.33
N GLY F 192 3.22 11.67 -73.84
CA GLY F 192 4.42 12.22 -74.45
C GLY F 192 5.55 12.42 -73.47
N ALA F 193 5.47 11.83 -72.28
CA ALA F 193 6.55 11.95 -71.32
C ALA F 193 7.80 11.25 -71.85
N GLN F 194 8.89 11.44 -71.13
CA GLN F 194 10.22 11.08 -71.59
C GLN F 194 10.59 9.72 -71.02
N VAL F 195 10.60 8.70 -71.88
CA VAL F 195 10.78 7.31 -71.47
C VAL F 195 12.18 6.88 -71.89
N LYS F 196 12.97 6.45 -70.91
CA LYS F 196 14.41 6.25 -71.04
C LYS F 196 14.64 4.75 -71.22
N TYR F 197 15.07 4.34 -72.42
CA TYR F 197 14.85 2.97 -72.89
C TYR F 197 16.03 2.37 -73.65
N TYR F 198 16.23 1.05 -73.42
CA TYR F 198 17.13 0.11 -74.11
C TYR F 198 16.90 -1.21 -73.39
N CYS F 199 17.45 -2.29 -73.92
CA CYS F 199 17.34 -3.60 -73.30
C CYS F 199 18.72 -4.18 -73.18
N LYS F 200 18.85 -5.34 -72.54
CA LYS F 200 20.17 -5.96 -72.41
C LYS F 200 20.78 -6.21 -73.78
N CYS F 201 19.95 -6.56 -74.77
CA CYS F 201 20.41 -6.71 -76.12
C CYS F 201 20.77 -5.32 -76.66
N PRO F 202 21.36 -5.25 -77.87
CA PRO F 202 21.51 -3.94 -78.52
C PRO F 202 20.32 -3.48 -79.36
N ASP F 203 19.66 -2.40 -78.91
CA ASP F 203 18.59 -1.70 -79.62
C ASP F 203 18.71 -0.21 -79.23
N VAL F 204 17.60 0.56 -79.35
CA VAL F 204 17.60 1.99 -79.05
C VAL F 204 18.18 2.25 -77.66
N ARG F 205 19.17 3.15 -77.56
CA ARG F 205 20.02 3.20 -76.37
C ARG F 205 19.68 4.32 -75.38
N GLU F 206 19.11 5.45 -75.80
CA GLU F 206 18.66 6.43 -74.82
C GLU F 206 17.19 6.26 -74.49
N GLY F 207 16.35 6.58 -75.45
CA GLY F 207 14.91 6.64 -75.25
C GLY F 207 14.55 8.04 -74.84
N ILE F 208 14.19 8.89 -75.80
CA ILE F 208 13.49 10.14 -75.53
C ILE F 208 12.46 10.22 -76.64
N THR F 209 11.27 9.66 -76.42
CA THR F 209 10.45 9.23 -77.54
C THR F 209 8.98 9.24 -77.17
N SER F 210 8.16 9.07 -78.20
CA SER F 210 6.81 8.57 -78.07
C SER F 210 6.88 7.05 -77.94
N SER F 211 5.75 6.38 -78.13
CA SER F 211 5.71 4.92 -78.03
C SER F 211 6.64 4.27 -79.04
N ASP F 212 7.73 3.68 -78.57
CA ASP F 212 8.64 2.90 -79.40
C ASP F 212 8.28 1.43 -79.34
N HIS F 213 8.87 0.69 -80.28
CA HIS F 213 8.96 -0.75 -80.23
C HIS F 213 10.39 -1.12 -79.80
N THR F 214 10.70 -2.40 -79.89
CA THR F 214 12.04 -2.90 -79.59
C THR F 214 12.40 -3.93 -80.66
N THR F 215 13.33 -3.57 -81.54
CA THR F 215 13.70 -4.50 -82.60
C THR F 215 14.35 -5.75 -82.01
N THR F 216 15.29 -5.58 -81.08
CA THR F 216 16.20 -6.67 -80.73
C THR F 216 15.64 -7.60 -79.64
N CYS F 217 15.51 -7.10 -78.42
CA CYS F 217 15.07 -7.97 -77.33
C CYS F 217 13.57 -8.25 -77.44
N THR F 218 13.14 -9.25 -76.68
CA THR F 218 11.76 -9.72 -76.66
C THR F 218 11.19 -9.73 -75.26
N ASP F 219 12.00 -10.08 -74.26
CA ASP F 219 11.48 -10.26 -72.91
C ASP F 219 11.28 -8.92 -72.24
N VAL F 220 10.13 -8.77 -71.59
CA VAL F 220 9.85 -7.58 -70.80
C VAL F 220 10.86 -7.42 -69.68
N LYS F 221 11.43 -8.51 -69.20
CA LYS F 221 12.24 -8.53 -67.99
C LYS F 221 13.70 -8.16 -68.24
N GLN F 222 14.02 -7.60 -69.39
CA GLN F 222 15.41 -7.23 -69.69
C GLN F 222 15.45 -5.87 -70.36
N CYS F 223 14.59 -4.95 -69.94
CA CYS F 223 14.43 -3.68 -70.61
C CYS F 223 14.23 -2.56 -69.60
N ARG F 224 14.38 -1.33 -70.10
CA ARG F 224 14.43 -0.12 -69.28
C ARG F 224 13.08 0.59 -69.36
N ALA F 225 12.16 0.21 -68.47
CA ALA F 225 10.87 0.89 -68.35
C ALA F 225 11.05 2.06 -67.41
N TYR F 226 11.25 3.25 -67.96
CA TYR F 226 11.58 4.44 -67.19
C TYR F 226 10.62 5.56 -67.52
N LEU F 227 10.47 6.49 -66.57
CA LEU F 227 9.58 7.65 -66.71
C LEU F 227 10.31 8.87 -66.20
N ILE F 228 11.02 9.56 -67.10
CA ILE F 228 11.49 10.91 -66.81
C ILE F 228 10.27 11.81 -67.04
N ASP F 229 9.59 12.15 -65.95
CA ASP F 229 8.32 12.87 -65.97
C ASP F 229 8.42 14.09 -65.09
N ASN F 230 9.48 14.86 -65.28
CA ASN F 230 9.82 15.95 -64.39
C ASN F 230 9.06 17.23 -64.71
N LYS F 231 7.75 17.13 -64.84
CA LYS F 231 6.89 18.30 -64.92
C LYS F 231 6.49 18.80 -63.54
N LYS F 232 6.68 17.99 -62.50
CA LYS F 232 6.39 18.38 -61.13
C LYS F 232 7.49 17.84 -60.23
N TRP F 233 8.05 18.72 -59.40
CA TRP F 233 9.14 18.33 -58.52
C TRP F 233 8.61 17.44 -57.39
N VAL F 234 9.51 17.03 -56.50
CA VAL F 234 9.18 16.15 -55.39
C VAL F 234 9.90 16.59 -54.13
N TYR F 235 9.54 15.94 -53.03
CA TYR F 235 10.38 15.98 -51.86
C TYR F 235 11.60 15.11 -52.08
N ASN F 236 12.71 15.52 -51.48
CA ASN F 236 13.99 14.86 -51.68
C ASN F 236 14.16 13.76 -50.63
N SER F 237 13.25 12.79 -50.72
CA SER F 237 13.27 11.65 -49.84
C SER F 237 14.56 10.85 -50.02
N GLY F 238 15.00 10.24 -48.94
CA GLY F 238 16.04 9.23 -49.07
C GLY F 238 15.59 8.06 -49.91
N ARG F 239 14.28 7.82 -49.96
CA ARG F 239 13.73 6.74 -50.76
C ARG F 239 13.34 7.21 -52.16
N LEU F 240 14.04 8.21 -52.67
CA LEU F 240 13.98 8.71 -54.02
C LEU F 240 15.22 8.31 -54.79
N PRO F 241 15.10 7.89 -56.05
CA PRO F 241 16.29 7.85 -56.91
C PRO F 241 16.56 9.22 -57.49
N ARG F 242 17.83 9.60 -57.49
CA ARG F 242 18.25 10.91 -57.97
C ARG F 242 17.81 11.12 -59.42
N GLY F 243 17.36 12.33 -59.70
CA GLY F 243 17.30 12.79 -61.07
C GLY F 243 18.69 13.20 -61.50
N GLU F 244 19.33 12.33 -62.27
CA GLU F 244 20.77 12.41 -62.47
C GLU F 244 21.19 13.67 -63.19
N GLY F 245 20.27 14.34 -63.88
CA GLY F 245 20.67 15.42 -64.76
C GLY F 245 21.21 16.63 -64.00
N ASP F 246 20.51 17.04 -62.96
CA ASP F 246 20.72 18.39 -62.42
C ASP F 246 20.02 18.52 -61.08
N THR F 247 20.51 19.49 -60.31
CA THR F 247 19.77 20.06 -59.18
C THR F 247 18.80 21.11 -59.71
N PHE F 248 17.64 20.67 -60.18
CA PHE F 248 16.64 21.65 -60.56
C PHE F 248 16.18 22.46 -59.34
N LYS F 249 15.53 23.58 -59.64
CA LYS F 249 14.91 24.47 -58.66
C LYS F 249 13.75 23.75 -57.99
N GLY F 250 13.06 24.47 -57.10
CA GLY F 250 11.99 23.94 -56.29
C GLY F 250 12.26 24.03 -54.81
N LYS F 251 12.91 25.10 -54.37
CA LYS F 251 12.97 25.41 -52.95
C LYS F 251 11.55 25.64 -52.44
N LEU F 252 11.17 24.91 -51.40
CA LEU F 252 9.78 24.87 -50.96
C LEU F 252 9.71 24.84 -49.44
N HIS F 253 8.80 25.64 -48.91
CA HIS F 253 8.70 25.91 -47.47
C HIS F 253 8.36 24.66 -46.69
N VAL F 254 8.35 24.82 -45.38
CA VAL F 254 7.70 23.89 -44.45
C VAL F 254 6.54 24.62 -43.79
N PRO F 255 5.35 24.04 -43.74
CA PRO F 255 4.27 24.66 -42.95
C PRO F 255 4.51 24.64 -41.45
N PHE F 256 4.72 23.43 -40.94
CA PHE F 256 4.60 23.19 -39.51
C PHE F 256 5.95 23.48 -38.87
N VAL F 257 6.17 24.77 -38.65
CA VAL F 257 7.38 25.24 -37.98
C VAL F 257 7.19 24.91 -36.51
N PRO F 258 8.25 24.56 -35.77
CA PRO F 258 8.12 24.50 -34.32
C PRO F 258 8.11 25.90 -33.75
N VAL F 259 7.07 26.20 -32.96
CA VAL F 259 6.83 27.53 -32.43
C VAL F 259 6.78 27.48 -30.92
N LYS F 260 6.88 28.67 -30.32
CA LYS F 260 6.93 28.81 -28.87
C LYS F 260 5.51 29.05 -28.35
N ALA F 261 4.69 28.04 -28.56
CA ALA F 261 3.39 28.03 -27.93
C ALA F 261 3.56 27.82 -26.44
N LYS F 262 2.64 28.39 -25.67
CA LYS F 262 2.50 28.06 -24.27
C LYS F 262 1.45 26.97 -24.21
N CYS F 263 1.90 25.72 -24.11
CA CYS F 263 0.96 24.64 -23.95
C CYS F 263 0.14 24.85 -22.69
N ILE F 264 -1.15 24.57 -22.80
CA ILE F 264 -1.90 24.21 -21.62
C ILE F 264 -1.11 23.06 -21.00
N ALA F 265 -0.79 23.16 -19.72
CA ALA F 265 0.33 22.36 -19.25
C ALA F 265 0.09 21.87 -17.83
N THR F 266 1.15 21.35 -17.24
CA THR F 266 1.07 20.47 -16.10
C THR F 266 0.90 21.27 -14.82
N LEU F 267 0.60 20.54 -13.76
CA LEU F 267 0.51 21.08 -12.42
C LEU F 267 0.38 19.90 -11.49
N ALA F 268 1.15 19.89 -10.44
CA ALA F 268 1.14 18.82 -9.47
C ALA F 268 0.36 19.24 -8.23
N PRO F 269 -0.35 18.32 -7.58
CA PRO F 269 -1.15 18.70 -6.41
C PRO F 269 -0.32 19.36 -5.32
N GLU F 270 -0.96 20.26 -4.60
CA GLU F 270 -0.24 21.08 -3.65
C GLU F 270 0.38 20.22 -2.56
N PRO F 271 1.47 20.66 -1.95
CA PRO F 271 2.08 19.91 -0.85
C PRO F 271 1.33 20.11 0.45
N LEU F 272 1.66 19.25 1.41
CA LEU F 272 1.19 19.38 2.80
C LEU F 272 2.38 19.89 3.60
N VAL F 273 2.36 21.16 3.91
CA VAL F 273 3.46 21.74 4.67
C VAL F 273 3.26 21.39 6.14
N GLU F 274 4.34 20.95 6.76
CA GLU F 274 4.34 20.58 8.16
C GLU F 274 5.59 21.16 8.80
N HIS F 275 5.40 21.83 9.92
CA HIS F 275 6.49 22.47 10.62
C HIS F 275 7.24 21.50 11.50
N LYS F 276 8.56 21.68 11.56
CA LYS F 276 9.37 21.20 12.66
C LYS F 276 10.48 22.21 12.88
N HIS F 277 11.32 21.93 13.87
CA HIS F 277 12.42 22.80 14.25
C HIS F 277 13.45 22.85 13.13
N ARG F 278 13.46 23.95 12.39
CA ARG F 278 14.39 24.16 11.27
C ARG F 278 14.32 23.01 10.29
N THR F 279 13.13 22.44 10.12
CA THR F 279 12.96 21.25 9.32
C THR F 279 11.56 21.23 8.76
N LEU F 280 11.46 21.02 7.45
CA LEU F 280 10.18 20.84 6.77
C LEU F 280 9.94 19.36 6.60
N ILE F 281 9.09 18.78 7.44
CA ILE F 281 8.43 17.56 7.03
C ILE F 281 7.41 17.95 5.97
N LEU F 282 7.33 17.14 4.93
CA LEU F 282 6.39 17.37 3.85
C LEU F 282 5.82 16.01 3.47
N HIS F 283 4.64 15.70 3.99
CA HIS F 283 3.88 14.61 3.41
C HIS F 283 3.43 15.03 2.02
N LEU F 284 3.72 14.21 1.03
CA LEU F 284 3.59 14.62 -0.36
C LEU F 284 2.99 13.50 -1.18
N HIS F 285 2.22 13.90 -2.17
CA HIS F 285 1.30 12.99 -2.83
C HIS F 285 0.99 13.49 -4.22
N PRO F 286 1.81 13.16 -5.21
CA PRO F 286 1.60 13.69 -6.56
C PRO F 286 0.62 12.90 -7.40
N ASP F 287 0.36 13.41 -8.60
CA ASP F 287 -0.39 12.73 -9.63
C ASP F 287 0.52 11.87 -10.50
N HIS F 288 1.69 12.39 -10.80
CA HIS F 288 2.61 11.81 -11.74
C HIS F 288 4.02 12.03 -11.23
N PRO F 289 5.04 11.45 -11.86
CA PRO F 289 6.41 11.68 -11.39
C PRO F 289 6.78 13.15 -11.49
N THR F 290 7.07 13.75 -10.35
CA THR F 290 7.35 15.16 -10.22
C THR F 290 8.79 15.35 -9.77
N LEU F 291 9.55 16.14 -10.51
CA LEU F 291 10.91 16.47 -10.10
C LEU F 291 10.82 17.59 -9.07
N LEU F 292 11.05 17.24 -7.82
CA LEU F 292 11.20 18.22 -6.77
C LEU F 292 12.66 18.62 -6.65
N THR F 293 12.89 19.87 -6.26
CA THR F 293 14.23 20.29 -5.97
C THR F 293 14.22 21.59 -5.19
N THR F 294 15.35 21.86 -4.54
CA THR F 294 15.48 22.94 -3.57
C THR F 294 16.84 23.61 -3.72
N ARG F 295 17.04 24.68 -2.96
CA ARG F 295 18.30 25.43 -2.95
C ARG F 295 18.47 26.04 -1.57
N SER F 296 19.26 25.41 -0.71
CA SER F 296 19.54 26.04 0.57
C SER F 296 20.38 27.28 0.29
N LEU F 297 19.79 28.44 0.55
CA LEU F 297 20.29 29.69 0.03
C LEU F 297 21.57 30.16 0.67
N GLY F 298 22.17 29.41 1.57
CA GLY F 298 23.53 29.71 1.95
C GLY F 298 24.45 29.64 0.75
N SER F 299 25.62 30.25 0.91
CA SER F 299 26.65 30.05 -0.10
C SER F 299 27.02 28.58 -0.22
N ASP F 300 26.77 27.79 0.82
CA ASP F 300 26.60 26.36 0.67
C ASP F 300 25.22 26.12 0.06
N ALA F 301 25.19 25.74 -1.21
CA ALA F 301 23.93 25.54 -1.89
C ALA F 301 23.17 24.36 -1.30
N ASN F 302 23.83 23.21 -1.23
CA ASN F 302 23.25 21.93 -0.82
C ASN F 302 21.86 21.68 -1.44
N PRO F 303 21.78 21.60 -2.76
CA PRO F 303 20.50 21.30 -3.39
C PRO F 303 20.18 19.82 -3.36
N THR F 304 18.97 19.52 -3.79
CA THR F 304 18.44 18.17 -3.86
C THR F 304 17.58 18.04 -5.09
N ARG F 305 17.58 16.86 -5.68
CA ARG F 305 16.72 16.54 -6.81
C ARG F 305 16.19 15.13 -6.58
N GLN F 306 14.89 14.94 -6.80
CA GLN F 306 14.36 13.59 -6.89
C GLN F 306 13.01 13.63 -7.57
N TRP F 307 12.87 12.88 -8.65
CA TRP F 307 11.56 12.62 -9.20
C TRP F 307 10.74 11.87 -8.18
N ILE F 308 9.54 12.37 -7.91
CA ILE F 308 8.62 11.75 -6.97
C ILE F 308 7.37 11.40 -7.74
N GLU F 309 7.10 10.11 -7.84
CA GLU F 309 5.83 9.58 -8.29
C GLU F 309 5.10 8.84 -7.20
N ARG F 310 5.82 8.19 -6.34
CA ARG F 310 5.22 7.53 -5.21
C ARG F 310 5.05 8.53 -4.07
N PRO F 311 3.87 8.62 -3.45
CA PRO F 311 3.71 9.57 -2.35
C PRO F 311 4.69 9.29 -1.22
N THR F 312 5.29 10.36 -0.72
CA THR F 312 6.42 10.22 0.17
C THR F 312 6.46 11.40 1.13
N THR F 313 6.58 11.10 2.41
CA THR F 313 6.93 12.10 3.40
C THR F 313 8.44 12.31 3.35
N VAL F 314 8.85 13.53 3.06
CA VAL F 314 10.26 13.88 2.90
C VAL F 314 10.68 14.84 3.99
N ASN F 315 11.94 15.25 3.97
CA ASN F 315 12.47 16.14 4.98
C ASN F 315 13.49 17.05 4.34
N PHE F 316 13.65 18.24 4.93
CA PHE F 316 14.58 19.24 4.43
C PHE F 316 15.13 20.00 5.63
N THR F 317 16.41 19.86 5.87
CA THR F 317 17.06 20.62 6.91
C THR F 317 17.16 22.07 6.47
N VAL F 318 16.17 22.87 6.79
CA VAL F 318 16.22 24.29 6.46
C VAL F 318 17.17 24.97 7.43
N THR F 319 17.86 25.96 6.91
CA THR F 319 18.85 26.72 7.65
C THR F 319 18.21 27.97 8.21
N GLY F 320 19.05 28.87 8.73
CA GLY F 320 18.55 30.09 9.31
C GLY F 320 18.05 31.06 8.26
N GLU F 321 18.80 31.20 7.16
CA GLU F 321 18.52 32.29 6.23
C GLU F 321 17.38 31.96 5.27
N GLY F 322 17.23 30.69 4.88
CA GLY F 322 16.07 30.32 4.10
C GLY F 322 16.35 29.14 3.20
N LEU F 323 15.25 28.58 2.68
CA LEU F 323 15.26 27.54 1.67
C LEU F 323 14.15 27.85 0.67
N GLU F 324 14.25 27.30 -0.52
CA GLU F 324 13.17 27.37 -1.49
C GLU F 324 12.82 25.98 -1.98
N TYR F 325 11.62 25.87 -2.55
CA TYR F 325 10.91 24.62 -2.67
C TYR F 325 10.06 24.66 -3.94
N THR F 326 10.18 23.62 -4.77
CA THR F 326 9.69 23.65 -6.15
C THR F 326 8.85 22.42 -6.45
N TRP F 327 7.58 22.46 -6.07
CA TRP F 327 6.68 21.32 -6.26
C TRP F 327 6.29 21.22 -7.73
N GLY F 328 7.19 20.68 -8.51
CA GLY F 328 6.89 20.62 -9.92
C GLY F 328 6.90 22.02 -10.49
N ASN F 329 6.28 22.16 -11.66
CA ASN F 329 6.17 23.46 -12.28
C ASN F 329 5.23 24.40 -11.55
N HIS F 330 4.60 23.95 -10.48
CA HIS F 330 4.04 24.87 -9.51
C HIS F 330 5.13 25.86 -9.09
N PRO F 331 4.81 27.12 -8.82
CA PRO F 331 5.87 28.10 -8.64
C PRO F 331 6.75 27.78 -7.45
N PRO F 332 7.96 28.35 -7.40
CA PRO F 332 8.86 28.07 -6.29
C PRO F 332 8.39 28.76 -5.02
N LYS F 333 8.37 28.00 -3.93
CA LYS F 333 8.09 28.54 -2.62
C LYS F 333 9.38 28.96 -1.95
N ARG F 334 9.25 29.56 -0.77
CA ARG F 334 10.36 30.05 0.01
C ARG F 334 9.94 29.97 1.46
N VAL F 335 10.91 29.87 2.37
CA VAL F 335 10.60 29.60 3.77
C VAL F 335 11.61 30.25 4.72
N TRP F 336 11.12 31.01 5.71
CA TRP F 336 11.93 31.42 6.85
C TRP F 336 11.84 30.29 7.86
N ALA F 337 12.98 29.69 8.14
CA ALA F 337 13.14 28.83 9.30
C ALA F 337 14.23 29.47 10.13
N GLN F 338 13.82 30.37 10.99
CA GLN F 338 14.64 30.70 12.15
C GLN F 338 14.39 29.63 13.19
N GLU F 339 14.76 29.92 14.42
CA GLU F 339 14.58 29.01 15.53
C GLU F 339 13.17 28.46 15.63
N SER F 340 13.02 27.34 16.32
CA SER F 340 11.79 27.05 17.01
C SER F 340 12.03 26.29 18.32
N GLY F 341 13.28 26.19 18.76
CA GLY F 341 13.65 25.43 19.94
C GLY F 341 13.72 26.26 21.19
N GLU F 342 13.17 27.48 21.15
CA GLU F 342 12.89 28.29 22.33
C GLU F 342 14.15 28.83 23.01
N GLY F 343 15.14 29.28 22.22
CA GLY F 343 16.17 30.21 22.68
C GLY F 343 16.88 29.92 23.99
N ASN F 344 16.62 30.76 25.00
CA ASN F 344 17.09 30.53 26.38
C ASN F 344 16.33 31.40 27.37
N PRO F 345 15.06 31.11 27.63
CA PRO F 345 14.48 31.46 28.92
C PRO F 345 15.14 30.66 30.02
N HIS F 346 14.81 30.99 31.27
CA HIS F 346 15.56 30.39 32.36
C HIS F 346 14.84 30.49 33.70
N GLY F 347 14.51 29.34 34.29
CA GLY F 347 14.09 29.24 35.68
C GLY F 347 14.56 27.98 36.40
N TRP F 348 15.30 27.12 35.71
CA TRP F 348 15.79 25.82 36.15
C TRP F 348 17.30 25.98 36.31
N PRO F 349 18.09 24.99 36.76
CA PRO F 349 19.54 25.13 36.56
C PRO F 349 20.07 25.07 35.13
N HIS F 350 19.96 23.92 34.42
CA HIS F 350 20.60 23.81 33.10
C HIS F 350 19.86 23.00 32.06
N GLU F 351 18.89 22.16 32.41
CA GLU F 351 18.20 21.38 31.39
C GLU F 351 17.38 22.24 30.43
N VAL F 352 17.17 23.53 30.75
CA VAL F 352 16.55 24.45 29.79
C VAL F 352 17.55 25.03 28.81
N VAL F 353 18.85 24.85 29.04
CA VAL F 353 19.88 25.31 28.11
C VAL F 353 19.88 24.52 26.82
N VAL F 354 19.19 23.37 26.79
CA VAL F 354 18.98 22.61 25.57
C VAL F 354 18.43 23.50 24.48
N TYR F 355 17.58 24.46 24.86
CA TYR F 355 17.08 25.47 23.94
C TYR F 355 18.23 26.15 23.19
N TYR F 356 19.31 26.49 23.92
CA TYR F 356 20.47 27.10 23.28
C TYR F 356 21.25 26.07 22.48
N TYR F 357 21.17 24.81 22.87
CA TYR F 357 21.84 23.74 22.12
C TYR F 357 21.06 23.39 20.88
N ASN F 358 19.73 23.38 21.00
CA ASN F 358 18.87 23.02 19.89
C ASN F 358 18.90 24.07 18.79
N ARG F 359 19.34 25.29 19.11
CA ARG F 359 19.54 26.33 18.12
C ARG F 359 20.95 26.33 17.56
N TYR F 360 21.93 25.87 18.34
CA TYR F 360 23.32 25.75 17.91
C TYR F 360 23.83 24.34 18.16
N PRO F 361 23.36 23.36 17.40
CA PRO F 361 23.97 22.03 17.49
C PRO F 361 25.15 21.85 16.56
N LEU F 362 25.99 22.87 16.45
CA LEU F 362 27.33 22.71 15.92
C LEU F 362 28.37 23.39 16.79
N THR F 363 28.05 24.56 17.33
CA THR F 363 29.00 25.34 18.10
C THR F 363 28.93 25.04 19.58
N THR F 364 27.80 24.56 20.07
CA THR F 364 27.67 24.27 21.49
C THR F 364 28.32 22.96 21.85
N ILE F 365 28.28 21.99 20.94
CA ILE F 365 28.96 20.72 21.19
C ILE F 365 30.43 20.97 21.40
N ILE F 366 31.02 21.85 20.61
CA ILE F 366 32.41 22.23 20.80
C ILE F 366 32.52 23.37 21.80
N GLY F 367 31.55 24.27 21.81
CA GLY F 367 31.61 25.38 22.73
C GLY F 367 31.42 24.93 24.17
N LEU F 368 30.58 23.93 24.38
CA LEU F 368 30.46 23.35 25.71
C LEU F 368 31.72 22.58 26.06
N CYS F 369 32.15 21.69 25.18
CA CYS F 369 33.39 20.94 25.41
C CYS F 369 34.56 21.88 25.60
N THR F 370 34.54 23.03 24.93
CA THR F 370 35.47 24.09 25.28
C THR F 370 35.27 24.54 26.72
N CYS F 371 34.01 24.82 27.08
CA CYS F 371 33.71 25.21 28.46
C CYS F 371 34.03 24.09 29.42
N VAL F 372 33.86 22.84 29.00
CA VAL F 372 34.27 21.70 29.82
C VAL F 372 35.77 21.58 29.81
N ALA F 373 36.42 21.98 28.72
CA ALA F 373 37.88 21.87 28.65
C ALA F 373 38.54 22.86 29.60
N ILE F 374 38.15 24.14 29.53
CA ILE F 374 38.85 25.17 30.26
C ILE F 374 38.70 24.97 31.76
N ILE F 375 37.61 24.37 32.20
CA ILE F 375 37.47 24.08 33.63
C ILE F 375 38.40 22.94 34.01
N MET F 376 38.63 22.00 33.10
CA MET F 376 39.62 20.96 33.34
C MET F 376 41.02 21.53 33.28
N VAL F 377 41.25 22.51 32.39
CA VAL F 377 42.46 23.30 32.46
C VAL F 377 42.52 23.99 33.82
N SER F 378 41.50 24.76 34.13
CA SER F 378 41.43 25.45 35.41
C SER F 378 41.37 24.48 36.58
N CYS F 379 41.03 23.22 36.34
CA CYS F 379 41.16 22.23 37.39
C CYS F 379 42.63 21.91 37.63
N VAL F 380 43.31 21.36 36.63
CA VAL F 380 44.66 20.83 36.84
C VAL F 380 45.63 21.95 37.18
N THR F 381 45.42 23.13 36.61
CA THR F 381 46.22 24.28 37.02
C THR F 381 45.94 24.61 38.47
N SER F 382 44.68 24.51 38.88
CA SER F 382 44.34 24.70 40.28
C SER F 382 44.86 23.56 41.13
N VAL F 383 44.91 22.34 40.57
CA VAL F 383 45.53 21.23 41.30
C VAL F 383 46.98 21.59 41.62
N TRP F 384 47.79 21.81 40.58
CA TRP F 384 49.20 22.13 40.79
C TRP F 384 49.34 23.39 41.64
N LEU F 385 48.71 24.47 41.23
CA LEU F 385 48.84 25.72 41.96
C LEU F 385 47.98 25.75 43.23
N LEU F 386 47.45 24.62 43.67
CA LEU F 386 47.06 24.44 45.05
C LEU F 386 47.91 23.37 45.73
N CYS F 387 48.02 22.17 45.14
CA CYS F 387 48.69 21.08 45.83
C CYS F 387 50.19 21.35 45.93
N ARG F 388 50.80 21.96 44.92
CA ARG F 388 52.18 22.39 45.05
C ARG F 388 52.30 23.43 46.15
N THR F 389 51.39 24.39 46.13
CA THR F 389 51.35 25.41 47.16
C THR F 389 50.75 24.91 48.47
N ARG F 390 50.13 23.73 48.45
CA ARG F 390 49.80 23.02 49.67
C ARG F 390 50.92 22.12 50.10
N ASN F 391 51.69 21.58 49.16
CA ASN F 391 52.94 20.91 49.50
C ASN F 391 53.92 21.92 50.05
N LEU F 392 53.98 23.09 49.42
CA LEU F 392 54.63 24.23 50.04
C LEU F 392 53.70 24.83 51.08
N CYS F 393 54.28 25.65 51.94
CA CYS F 393 53.67 26.21 53.15
C CYS F 393 53.44 25.16 54.23
N ILE F 394 53.73 23.89 53.97
CA ILE F 394 53.95 22.91 55.02
C ILE F 394 55.39 22.43 55.04
N THR F 395 56.08 22.48 53.93
CA THR F 395 57.48 22.16 53.90
C THR F 395 58.23 23.21 54.71
N PRO F 396 57.94 24.50 54.60
CA PRO F 396 58.54 25.44 55.56
C PRO F 396 58.08 25.21 56.98
N TYR F 397 56.89 24.63 57.17
CA TYR F 397 56.26 24.51 58.49
C TYR F 397 56.43 23.12 59.07
N LYS F 398 55.97 22.09 58.35
CA LYS F 398 56.18 20.69 58.73
C LYS F 398 57.52 20.18 58.20
N LEU F 399 58.56 20.84 58.65
CA LEU F 399 59.89 20.26 58.68
C LEU F 399 60.66 20.66 59.93
N ALA F 400 60.05 21.40 60.85
CA ALA F 400 60.71 21.99 62.02
C ALA F 400 59.95 21.54 63.24
N PRO F 401 59.55 20.30 63.30
CA PRO F 401 58.12 20.01 63.36
C PRO F 401 57.35 20.63 64.53
N ASN F 402 58.04 21.29 65.46
CA ASN F 402 57.40 22.12 66.45
C ASN F 402 56.56 23.21 65.79
N ALA F 403 57.21 24.15 65.12
CA ALA F 403 56.58 25.05 64.14
C ALA F 403 55.34 25.76 64.71
N GLN F 404 55.59 26.68 65.63
CA GLN F 404 54.51 27.43 66.27
C GLN F 404 54.04 28.56 65.37
N VAL F 405 53.08 28.25 64.48
CA VAL F 405 52.40 29.26 63.67
C VAL F 405 50.94 28.85 63.51
N PRO F 406 49.94 29.52 64.22
CA PRO F 406 48.52 29.25 63.97
C PRO F 406 47.93 30.02 62.79
N ILE F 407 48.66 30.02 61.67
CA ILE F 407 48.17 30.52 60.39
C ILE F 407 48.31 29.34 59.43
N LEU F 408 48.02 28.14 59.93
CA LEU F 408 47.60 27.09 59.02
C LEU F 408 46.30 27.47 58.32
N LEU F 409 45.52 28.40 58.88
CA LEU F 409 44.22 28.77 58.32
C LEU F 409 44.36 29.59 57.03
N ALA F 410 45.10 29.05 56.06
CA ALA F 410 45.20 29.59 54.71
C ALA F 410 45.12 28.50 53.64
N LEU F 411 45.52 27.27 53.95
CA LEU F 411 45.36 26.12 53.05
C LEU F 411 44.15 25.29 53.45
N LEU F 412 44.17 24.74 54.66
CA LEU F 412 43.16 23.82 55.15
C LEU F 412 42.88 22.69 54.15
N CYS F 413 43.94 22.21 53.51
CA CYS F 413 43.93 20.93 52.82
C CYS F 413 45.10 20.07 53.30
N CYS F 414 46.18 20.71 53.75
CA CYS F 414 47.24 20.06 54.51
C CYS F 414 47.14 20.61 55.93
N ILE F 415 46.94 19.72 56.90
CA ILE F 415 46.21 20.01 58.12
C ILE F 415 46.94 19.41 59.32
N LYS F 416 46.33 19.45 60.52
CA LYS F 416 46.89 18.92 61.77
C LYS F 416 48.16 19.62 62.27
N PRO F 417 48.06 20.78 62.91
CA PRO F 417 49.18 21.31 63.69
C PRO F 417 49.53 20.46 64.90
N THR F 418 50.51 20.93 65.67
CA THR F 418 51.00 20.25 66.87
C THR F 418 50.54 20.94 68.15
N ARG F 419 49.30 21.42 68.18
CA ARG F 419 48.78 22.23 69.28
C ARG F 419 49.62 23.48 69.48
N ALA F 420 50.21 23.99 68.41
CA ALA F 420 51.11 25.13 68.50
C ALA F 420 51.41 25.65 67.10
N TYR G 1 63.58 -37.61 -43.40
CA TYR G 1 63.16 -36.18 -43.38
C TYR G 1 61.73 -36.01 -42.89
N GLU G 2 61.17 -37.03 -42.26
CA GLU G 2 59.78 -36.97 -41.84
C GLU G 2 59.69 -35.97 -40.70
N HIS G 3 59.34 -34.73 -41.03
CA HIS G 3 59.59 -33.59 -40.16
C HIS G 3 58.57 -33.55 -39.03
N THR G 4 58.88 -34.29 -37.97
CA THR G 4 58.14 -34.14 -36.72
C THR G 4 58.22 -32.70 -36.25
N ALA G 5 57.15 -32.24 -35.62
CA ALA G 5 57.14 -30.89 -35.07
C ALA G 5 56.01 -30.76 -34.07
N VAL G 6 56.35 -30.49 -32.81
CA VAL G 6 55.36 -29.98 -31.88
C VAL G 6 54.91 -28.64 -32.40
N MET G 7 53.64 -28.32 -32.16
CA MET G 7 53.01 -27.22 -32.87
C MET G 7 51.85 -26.64 -32.07
N PRO G 8 51.82 -25.35 -31.79
CA PRO G 8 50.74 -24.81 -30.95
C PRO G 8 49.41 -24.85 -31.66
N ASN G 9 48.39 -25.26 -30.92
CA ASN G 9 47.02 -25.23 -31.43
C ASN G 9 46.54 -23.80 -31.40
N LYS G 10 46.49 -23.17 -32.56
CA LYS G 10 45.99 -21.83 -32.71
C LYS G 10 45.69 -21.62 -34.19
N VAL G 11 44.56 -21.00 -34.48
CA VAL G 11 43.91 -21.28 -35.74
C VAL G 11 44.51 -20.45 -36.87
N GLY G 12 44.55 -19.14 -36.72
CA GLY G 12 44.57 -18.27 -37.87
C GLY G 12 45.91 -17.70 -38.21
N ILE G 13 46.94 -18.54 -38.17
CA ILE G 13 48.30 -18.04 -38.31
C ILE G 13 49.23 -19.17 -38.75
N PRO G 14 50.07 -18.99 -39.77
CA PRO G 14 50.95 -20.07 -40.18
C PRO G 14 52.10 -20.28 -39.20
N TYR G 15 52.79 -21.40 -39.42
CA TYR G 15 53.74 -21.97 -38.47
C TYR G 15 55.01 -22.38 -39.20
N LYS G 16 55.63 -21.42 -39.90
CA LYS G 16 56.52 -21.72 -41.01
C LYS G 16 57.79 -22.44 -40.57
N ALA G 17 57.66 -23.70 -40.19
CA ALA G 17 58.81 -24.51 -39.82
C ALA G 17 59.74 -24.73 -41.02
N LEU G 18 60.85 -25.40 -40.80
CA LEU G 18 61.90 -25.55 -41.80
C LEU G 18 62.36 -27.00 -41.83
N VAL G 19 62.39 -27.59 -43.03
CA VAL G 19 62.83 -28.97 -43.20
C VAL G 19 64.35 -28.98 -43.29
N GLU G 20 64.99 -29.52 -42.27
CA GLU G 20 66.45 -29.69 -42.25
C GLU G 20 66.81 -31.11 -42.62
N ARG G 21 66.53 -31.47 -43.86
CA ARG G 21 66.97 -32.77 -44.38
C ARG G 21 68.48 -32.72 -44.60
N PRO G 22 69.28 -33.59 -43.98
CA PRO G 22 70.71 -33.61 -44.32
C PRO G 22 70.92 -34.14 -45.72
N GLY G 23 71.44 -33.28 -46.59
CA GLY G 23 71.90 -33.69 -47.90
C GLY G 23 71.41 -32.82 -49.04
N TYR G 24 70.17 -32.38 -48.97
CA TYR G 24 69.58 -31.54 -50.00
C TYR G 24 69.17 -30.21 -49.38
N ALA G 25 68.72 -29.31 -50.23
CA ALA G 25 68.39 -27.97 -49.76
C ALA G 25 67.20 -28.03 -48.81
N PRO G 26 67.20 -27.26 -47.73
CA PRO G 26 66.03 -27.24 -46.85
C PRO G 26 64.85 -26.59 -47.53
N VAL G 27 63.68 -26.86 -46.97
CA VAL G 27 62.44 -26.29 -47.46
C VAL G 27 61.63 -25.81 -46.27
N HIS G 28 61.02 -24.65 -46.43
CA HIS G 28 60.16 -24.07 -45.41
C HIS G 28 58.81 -24.77 -45.40
N LEU G 29 58.17 -24.69 -44.25
CA LEU G 29 56.76 -25.01 -44.14
C LEU G 29 55.95 -23.73 -44.14
N GLN G 30 54.65 -23.88 -44.30
CA GLN G 30 53.70 -22.85 -43.91
C GLN G 30 52.44 -23.59 -43.48
N ILE G 31 52.36 -23.90 -42.20
CA ILE G 31 51.27 -24.72 -41.68
C ILE G 31 50.33 -23.80 -40.92
N GLN G 32 49.18 -23.54 -41.52
CA GLN G 32 48.14 -22.70 -40.95
C GLN G 32 46.95 -23.59 -40.64
N LEU G 33 46.73 -23.84 -39.35
CA LEU G 33 45.59 -24.63 -38.89
C LEU G 33 44.32 -23.78 -39.00
N VAL G 34 43.83 -23.64 -40.24
CA VAL G 34 42.72 -22.75 -40.54
C VAL G 34 41.49 -23.05 -39.70
N ASN G 35 41.35 -24.28 -39.22
CA ASN G 35 40.20 -24.64 -38.40
C ASN G 35 40.59 -25.73 -37.41
N THR G 36 39.83 -25.78 -36.32
CA THR G 36 39.96 -26.78 -35.27
C THR G 36 38.58 -27.29 -34.89
N ARG G 37 37.81 -27.69 -35.89
CA ARG G 37 36.47 -28.16 -35.62
C ARG G 37 36.53 -29.58 -35.05
N ILE G 38 35.69 -29.84 -34.06
CA ILE G 38 35.94 -30.88 -33.07
C ILE G 38 35.05 -32.09 -33.30
N ILE G 39 33.74 -31.93 -33.19
CA ILE G 39 32.77 -32.99 -33.46
C ILE G 39 33.04 -34.10 -32.47
N PRO G 40 32.68 -33.90 -31.21
CA PRO G 40 32.77 -34.99 -30.24
C PRO G 40 31.76 -36.07 -30.52
N SER G 41 31.96 -37.19 -29.85
CA SER G 41 30.97 -38.27 -29.88
C SER G 41 29.80 -37.90 -29.00
N THR G 42 28.60 -38.09 -29.52
CA THR G 42 27.39 -37.61 -28.87
C THR G 42 26.26 -38.60 -29.06
N ASN G 43 25.12 -38.28 -28.45
CA ASN G 43 23.92 -39.09 -28.56
C ASN G 43 22.71 -38.19 -28.41
N LEU G 44 21.80 -38.26 -29.36
CA LEU G 44 20.53 -37.56 -29.21
C LEU G 44 19.71 -38.27 -28.15
N GLU G 45 19.51 -37.61 -27.01
CA GLU G 45 18.86 -38.22 -25.88
C GLU G 45 17.36 -37.95 -25.90
N TYR G 46 16.99 -36.69 -26.08
CA TYR G 46 15.60 -36.35 -26.27
C TYR G 46 15.52 -34.92 -26.77
N ILE G 47 14.66 -34.70 -27.73
CA ILE G 47 14.24 -33.35 -28.03
C ILE G 47 13.27 -32.93 -26.95
N THR G 48 13.31 -31.65 -26.60
CA THR G 48 12.21 -31.04 -25.91
C THR G 48 11.78 -29.81 -26.67
N CYS G 49 10.67 -29.25 -26.22
CA CYS G 49 9.96 -28.18 -26.89
C CYS G 49 8.81 -27.84 -25.96
N LYS G 50 8.09 -26.79 -26.30
CA LYS G 50 6.94 -26.46 -25.50
C LYS G 50 5.77 -27.33 -25.90
N TYR G 51 4.99 -27.73 -24.91
CA TYR G 51 3.84 -28.56 -25.11
C TYR G 51 2.82 -27.87 -25.99
N LYS G 52 1.76 -28.59 -26.33
CA LYS G 52 0.49 -27.96 -26.70
C LYS G 52 -0.61 -28.81 -26.13
N THR G 53 -1.38 -28.23 -25.21
CA THR G 53 -2.50 -28.91 -24.60
C THR G 53 -3.62 -29.00 -25.63
N LYS G 54 -3.43 -29.91 -26.59
CA LYS G 54 -4.38 -30.09 -27.67
C LYS G 54 -5.53 -30.94 -27.14
N VAL G 55 -6.43 -30.26 -26.45
CA VAL G 55 -7.55 -30.86 -25.72
C VAL G 55 -8.43 -31.66 -26.68
N PRO G 56 -8.66 -32.95 -26.43
CA PRO G 56 -9.79 -33.59 -27.09
C PRO G 56 -11.10 -33.11 -26.50
N SER G 57 -12.08 -33.02 -27.35
CA SER G 57 -13.30 -32.34 -27.02
C SER G 57 -14.10 -33.11 -25.96
N PRO G 58 -14.44 -32.50 -24.83
CA PRO G 58 -14.98 -33.26 -23.71
C PRO G 58 -16.33 -33.88 -24.01
N VAL G 59 -16.61 -34.94 -23.28
CA VAL G 59 -17.92 -35.58 -23.33
C VAL G 59 -18.84 -34.83 -22.37
N VAL G 60 -20.11 -34.79 -22.75
CA VAL G 60 -21.16 -34.24 -21.91
C VAL G 60 -22.32 -35.20 -21.95
N LYS G 61 -22.40 -36.09 -20.97
CA LYS G 61 -23.59 -36.90 -20.79
C LYS G 61 -24.60 -36.11 -19.98
N CYS G 62 -25.86 -36.16 -20.41
CA CYS G 62 -26.85 -35.21 -19.91
C CYS G 62 -27.49 -35.66 -18.61
N CYS G 63 -27.64 -36.96 -18.39
CA CYS G 63 -28.28 -37.45 -17.17
C CYS G 63 -27.56 -38.71 -16.74
N GLY G 64 -26.54 -38.55 -15.90
CA GLY G 64 -25.81 -39.63 -15.31
C GLY G 64 -24.33 -39.59 -15.69
N ALA G 65 -23.59 -40.50 -15.09
CA ALA G 65 -22.14 -40.43 -15.10
C ALA G 65 -21.56 -41.03 -16.37
N THR G 66 -20.34 -40.57 -16.69
CA THR G 66 -19.52 -41.14 -17.75
C THR G 66 -18.14 -41.36 -17.17
N GLN G 67 -17.86 -42.58 -16.73
CA GLN G 67 -16.56 -42.89 -16.18
C GLN G 67 -15.49 -42.74 -17.25
N CYS G 68 -14.41 -42.06 -16.90
CA CYS G 68 -13.26 -41.92 -17.78
C CYS G 68 -12.30 -43.08 -17.59
N THR G 69 -11.49 -43.32 -18.62
CA THR G 69 -10.41 -44.29 -18.57
C THR G 69 -9.11 -43.60 -18.90
N SER G 70 -8.01 -44.20 -18.45
CA SER G 70 -6.68 -43.62 -18.61
C SER G 70 -6.15 -44.03 -19.98
N LYS G 71 -6.49 -43.24 -20.99
CA LYS G 71 -6.01 -43.51 -22.33
C LYS G 71 -4.49 -43.35 -22.36
N PRO G 72 -3.82 -44.02 -23.30
CA PRO G 72 -2.35 -44.01 -23.29
C PRO G 72 -1.71 -42.77 -23.90
N HIS G 73 -2.46 -41.69 -24.12
CA HIS G 73 -1.84 -40.49 -24.64
C HIS G 73 -0.80 -39.97 -23.64
N PRO G 74 0.22 -39.24 -24.10
CA PRO G 74 1.21 -38.72 -23.14
C PRO G 74 0.59 -37.73 -22.18
N ASP G 75 0.72 -38.05 -20.89
CA ASP G 75 0.16 -37.23 -19.81
C ASP G 75 -1.33 -37.06 -20.01
N TYR G 76 -2.00 -38.18 -20.25
CA TYR G 76 -3.42 -38.14 -20.53
C TYR G 76 -4.17 -37.82 -19.25
N GLN G 77 -4.41 -36.54 -19.02
CA GLN G 77 -5.16 -36.10 -17.87
C GLN G 77 -6.64 -36.10 -18.24
N CYS G 78 -7.44 -36.79 -17.45
CA CYS G 78 -8.87 -36.86 -17.66
C CYS G 78 -9.54 -36.98 -16.31
N GLN G 79 -10.59 -36.18 -16.12
CA GLN G 79 -11.31 -36.18 -14.86
C GLN G 79 -12.78 -35.96 -15.17
N VAL G 80 -13.62 -36.88 -14.71
CA VAL G 80 -15.05 -36.74 -14.84
C VAL G 80 -15.50 -35.57 -13.98
N PHE G 81 -16.56 -34.91 -14.41
CA PHE G 81 -17.16 -33.85 -13.64
C PHE G 81 -18.67 -33.89 -13.78
N THR G 82 -19.36 -33.62 -12.69
CA THR G 82 -20.80 -33.52 -12.66
C THR G 82 -21.18 -32.09 -12.27
N GLY G 83 -22.48 -31.89 -12.08
CA GLY G 83 -22.96 -30.62 -11.60
C GLY G 83 -22.71 -29.51 -12.58
N VAL G 84 -23.21 -29.68 -13.80
CA VAL G 84 -23.13 -28.67 -14.84
C VAL G 84 -24.51 -28.43 -15.42
N TYR G 85 -24.58 -27.54 -16.38
CA TYR G 85 -25.81 -27.10 -17.00
C TYR G 85 -25.38 -26.36 -18.26
N PRO G 86 -24.77 -27.06 -19.19
CA PRO G 86 -23.88 -26.42 -20.16
C PRO G 86 -24.56 -25.53 -21.19
N PHE G 87 -24.43 -24.22 -21.01
CA PHE G 87 -24.93 -23.28 -22.00
C PHE G 87 -24.22 -23.48 -23.33
N MET G 88 -24.94 -23.97 -24.33
CA MET G 88 -24.38 -24.19 -25.66
C MET G 88 -25.43 -23.74 -26.69
N TRP G 89 -25.42 -22.45 -27.01
CA TRP G 89 -26.12 -21.87 -28.16
C TRP G 89 -27.64 -21.83 -28.03
N GLY G 90 -28.21 -22.48 -27.03
CA GLY G 90 -29.65 -22.48 -26.83
C GLY G 90 -29.95 -22.37 -25.35
N GLY G 91 -29.09 -21.65 -24.64
CA GLY G 91 -29.01 -21.86 -23.22
C GLY G 91 -28.41 -23.23 -22.99
N ALA G 92 -28.73 -23.82 -21.85
CA ALA G 92 -28.31 -25.19 -21.62
C ALA G 92 -29.02 -26.10 -22.60
N TYR G 93 -28.58 -27.36 -22.64
CA TYR G 93 -29.23 -28.34 -23.50
C TYR G 93 -29.55 -29.65 -22.80
N CYS G 94 -28.75 -30.01 -21.79
CA CYS G 94 -29.04 -31.20 -21.00
C CYS G 94 -30.11 -30.88 -19.97
N PHE G 95 -31.19 -31.65 -19.97
CA PHE G 95 -32.39 -31.26 -19.23
C PHE G 95 -32.29 -31.55 -17.74
N CYS G 96 -31.43 -32.47 -17.31
CA CYS G 96 -31.17 -32.63 -15.90
C CYS G 96 -30.44 -31.40 -15.37
N ASP G 97 -30.13 -31.41 -14.07
CA ASP G 97 -29.49 -30.27 -13.42
C ASP G 97 -28.32 -30.62 -12.53
N THR G 98 -28.21 -31.86 -12.05
CA THR G 98 -27.02 -32.35 -11.36
C THR G 98 -26.47 -33.59 -12.01
N GLU G 99 -27.35 -34.42 -12.57
CA GLU G 99 -26.93 -35.56 -13.36
C GLU G 99 -26.28 -35.15 -14.67
N ASN G 100 -26.38 -33.88 -15.05
CA ASN G 100 -25.58 -33.33 -16.12
C ASN G 100 -24.12 -33.60 -15.83
N THR G 101 -23.50 -34.41 -16.66
CA THR G 101 -22.12 -34.86 -16.46
C THR G 101 -21.26 -34.31 -17.59
N GLN G 102 -20.02 -33.99 -17.23
CA GLN G 102 -19.05 -33.45 -18.16
C GLN G 102 -17.73 -34.13 -17.87
N MET G 103 -17.18 -34.80 -18.89
CA MET G 103 -15.91 -35.52 -18.77
C MET G 103 -14.89 -34.76 -19.57
N SER G 104 -13.97 -34.10 -18.89
CA SER G 104 -12.89 -33.39 -19.52
C SER G 104 -11.68 -34.29 -19.66
N GLU G 105 -11.03 -34.22 -20.81
CA GLU G 105 -9.83 -34.98 -21.07
C GLU G 105 -8.86 -34.11 -21.84
N ALA G 106 -7.60 -34.19 -21.47
CA ALA G 106 -6.56 -33.42 -22.14
C ALA G 106 -5.25 -34.17 -22.03
N TYR G 107 -4.54 -34.29 -23.14
CA TYR G 107 -3.23 -34.87 -23.16
C TYR G 107 -2.24 -33.87 -23.74
N VAL G 108 -0.99 -34.13 -23.47
CA VAL G 108 0.11 -33.31 -23.94
C VAL G 108 0.55 -33.81 -25.29
N GLU G 109 0.95 -32.88 -26.16
CA GLU G 109 1.43 -33.24 -27.48
C GLU G 109 2.49 -32.24 -27.89
N ARG G 110 3.43 -32.74 -28.69
CA ARG G 110 4.46 -31.89 -29.28
C ARG G 110 3.81 -30.75 -30.04
N SER G 111 4.35 -29.55 -29.87
CA SER G 111 3.93 -28.44 -30.70
C SER G 111 4.33 -28.71 -32.15
N GLU G 112 3.78 -27.89 -33.03
CA GLU G 112 4.28 -27.87 -34.39
C GLU G 112 5.67 -27.26 -34.42
N GLU G 113 5.97 -26.38 -33.46
CA GLU G 113 7.31 -25.83 -33.35
C GLU G 113 8.31 -26.84 -32.85
N CYS G 114 7.84 -27.92 -32.21
CA CYS G 114 8.76 -28.95 -31.72
C CYS G 114 9.60 -29.51 -32.84
N SER G 115 9.05 -29.58 -34.05
CA SER G 115 9.80 -30.09 -35.17
C SER G 115 10.99 -29.22 -35.49
N ILE G 116 10.86 -27.91 -35.27
CA ILE G 116 11.74 -26.92 -35.86
C ILE G 116 12.40 -26.03 -34.82
N ASP G 117 11.63 -25.56 -33.85
CA ASP G 117 12.12 -24.72 -32.77
C ASP G 117 12.07 -25.57 -31.52
N HIS G 118 13.23 -26.14 -31.16
CA HIS G 118 13.25 -27.17 -30.15
C HIS G 118 14.63 -27.22 -29.54
N ALA G 119 14.68 -27.28 -28.22
CA ALA G 119 15.93 -27.59 -27.58
C ALA G 119 16.26 -29.05 -27.83
N LYS G 120 17.48 -29.42 -27.50
CA LYS G 120 17.96 -30.74 -27.88
C LYS G 120 19.09 -31.13 -26.94
N ALA G 121 18.83 -32.16 -26.14
CA ALA G 121 19.81 -32.62 -25.17
C ALA G 121 20.80 -33.57 -25.84
N TYR G 122 21.90 -33.81 -25.15
CA TYR G 122 22.90 -34.74 -25.62
C TYR G 122 23.72 -35.24 -24.44
N LYS G 123 24.10 -36.51 -24.50
CA LYS G 123 25.22 -37.02 -23.72
C LYS G 123 26.45 -36.96 -24.60
N VAL G 124 27.42 -36.15 -24.21
CA VAL G 124 28.53 -35.77 -25.08
C VAL G 124 29.80 -36.42 -24.56
N HIS G 125 30.41 -37.23 -25.40
CA HIS G 125 31.71 -37.81 -25.20
C HIS G 125 32.75 -37.00 -25.97
N THR G 126 33.95 -37.55 -26.18
CA THR G 126 35.07 -36.72 -26.62
C THR G 126 35.24 -36.65 -28.14
N GLY G 127 35.05 -37.76 -28.86
CA GLY G 127 35.24 -37.79 -30.31
C GLY G 127 36.63 -37.37 -30.78
N THR G 128 36.68 -36.72 -31.95
CA THR G 128 37.91 -36.61 -32.73
C THR G 128 37.93 -35.31 -33.52
N VAL G 129 38.98 -34.49 -33.32
CA VAL G 129 38.99 -33.14 -33.86
C VAL G 129 39.61 -33.11 -35.26
N GLN G 130 39.28 -32.05 -36.02
CA GLN G 130 39.56 -31.94 -37.45
C GLN G 130 40.10 -30.55 -37.79
N ALA G 131 40.43 -30.34 -39.07
CA ALA G 131 41.03 -29.09 -39.55
C ALA G 131 41.15 -29.10 -41.06
N MET G 132 40.93 -27.95 -41.70
CA MET G 132 41.13 -27.79 -43.16
C MET G 132 42.51 -27.25 -43.48
N VAL G 133 43.55 -27.89 -42.96
CA VAL G 133 44.89 -27.31 -42.93
C VAL G 133 45.31 -26.86 -44.31
N ASN G 134 45.54 -25.54 -44.48
CA ASN G 134 46.25 -25.10 -45.65
C ASN G 134 47.73 -25.24 -45.38
N ILE G 135 48.44 -25.76 -46.38
CA ILE G 135 49.86 -25.53 -46.50
C ILE G 135 50.11 -25.02 -47.90
N THR G 136 50.59 -23.78 -48.00
CA THR G 136 51.14 -23.28 -49.24
C THR G 136 52.61 -23.66 -49.26
N TYR G 137 52.85 -24.95 -49.48
CA TYR G 137 54.14 -25.55 -49.19
C TYR G 137 55.22 -25.13 -50.16
N GLY G 138 56.42 -24.88 -49.60
CA GLY G 138 57.67 -24.88 -50.34
C GLY G 138 57.63 -24.08 -51.62
N SER G 139 57.71 -24.81 -52.73
CA SER G 139 57.33 -24.31 -54.03
C SER G 139 56.04 -24.93 -54.54
N VAL G 140 55.48 -25.90 -53.83
CA VAL G 140 54.17 -26.44 -54.19
C VAL G 140 53.13 -25.33 -54.15
N SER G 141 53.18 -24.52 -53.10
CA SER G 141 52.40 -23.31 -52.92
C SER G 141 50.94 -23.56 -52.62
N TRP G 142 50.49 -24.81 -52.52
CA TRP G 142 49.09 -25.03 -52.20
C TRP G 142 48.70 -26.45 -51.82
N ARG G 143 47.96 -26.55 -50.73
CA ARG G 143 47.04 -27.67 -50.47
C ARG G 143 46.15 -27.18 -49.36
N SER G 144 44.83 -27.32 -49.52
CA SER G 144 43.88 -26.96 -48.46
C SER G 144 43.03 -28.19 -48.21
N ALA G 145 43.48 -29.01 -47.27
CA ALA G 145 42.94 -30.34 -47.05
C ALA G 145 42.35 -30.47 -45.66
N ASP G 146 41.30 -31.29 -45.59
CA ASP G 146 40.66 -31.62 -44.32
C ASP G 146 41.35 -32.84 -43.74
N VAL G 147 41.70 -32.75 -42.46
CA VAL G 147 42.52 -33.75 -41.79
C VAL G 147 41.88 -34.13 -40.47
N TYR G 148 42.58 -34.98 -39.75
CA TYR G 148 42.22 -35.43 -38.41
C TYR G 148 43.35 -35.05 -37.44
N VAL G 149 43.21 -35.55 -36.23
CA VAL G 149 44.13 -35.30 -35.13
C VAL G 149 44.78 -36.57 -34.62
N ASN G 150 44.16 -37.70 -34.84
CA ASN G 150 44.65 -38.95 -34.29
C ASN G 150 45.99 -39.31 -34.92
N GLY G 151 46.98 -39.56 -34.08
CA GLY G 151 48.36 -39.53 -34.53
C GLY G 151 48.84 -40.71 -35.34
N GLU G 152 47.99 -41.21 -36.24
CA GLU G 152 48.47 -42.06 -37.30
C GLU G 152 47.73 -41.82 -38.61
N THR G 153 46.87 -40.82 -38.69
CA THR G 153 46.10 -40.57 -39.89
C THR G 153 46.89 -39.69 -40.84
N PRO G 154 47.21 -40.14 -42.05
CA PRO G 154 47.64 -39.23 -43.10
C PRO G 154 46.45 -38.64 -43.85
N ALA G 155 46.77 -37.65 -44.68
CA ALA G 155 45.80 -37.14 -45.65
C ALA G 155 46.60 -36.69 -46.87
N LYS G 156 46.72 -37.61 -47.84
CA LYS G 156 47.48 -37.34 -49.06
C LYS G 156 46.59 -36.56 -50.03
N ILE G 157 46.41 -35.29 -49.69
CA ILE G 157 45.72 -34.32 -50.53
C ILE G 157 46.73 -33.25 -50.87
N GLY G 158 47.00 -33.08 -52.16
CA GLY G 158 48.14 -32.32 -52.62
C GLY G 158 49.22 -33.29 -53.06
N ASP G 159 50.37 -33.24 -52.41
CA ASP G 159 51.42 -34.24 -52.59
C ASP G 159 52.02 -34.71 -51.29
N ALA G 160 51.83 -33.99 -50.19
CA ALA G 160 52.49 -34.30 -48.93
C ALA G 160 51.60 -35.17 -48.07
N LYS G 161 52.24 -36.05 -47.31
CA LYS G 161 51.59 -36.91 -46.34
C LYS G 161 51.88 -36.37 -44.96
N LEU G 162 50.83 -36.14 -44.18
CA LEU G 162 50.93 -35.38 -42.94
C LEU G 162 50.16 -36.07 -41.84
N ILE G 163 50.81 -36.22 -40.69
CA ILE G 163 50.22 -36.89 -39.54
C ILE G 163 50.19 -35.87 -38.41
N ILE G 164 49.06 -35.81 -37.75
CA ILE G 164 48.72 -34.74 -36.82
C ILE G 164 48.38 -35.38 -35.49
N GLY G 165 48.75 -34.69 -34.42
CA GLY G 165 48.30 -35.02 -33.09
C GLY G 165 48.71 -36.43 -32.68
N PRO G 166 48.05 -36.99 -31.66
CA PRO G 166 46.93 -36.43 -30.89
C PRO G 166 47.34 -35.25 -30.04
N LEU G 167 46.47 -34.25 -30.00
CA LEU G 167 46.76 -33.08 -29.19
C LEU G 167 46.77 -33.43 -27.72
N SER G 168 47.53 -32.66 -26.96
CA SER G 168 47.62 -32.87 -25.51
C SER G 168 46.52 -32.16 -24.75
N SER G 169 45.81 -31.22 -25.38
CA SER G 169 44.90 -30.33 -24.68
C SER G 169 43.47 -30.85 -24.85
N ALA G 170 43.15 -31.86 -24.05
CA ALA G 170 41.92 -32.60 -24.22
C ALA G 170 40.70 -31.89 -23.64
N TRP G 171 40.76 -30.59 -23.40
CA TRP G 171 39.59 -29.89 -22.90
C TRP G 171 38.55 -29.86 -23.99
N SER G 172 37.58 -30.74 -23.88
CA SER G 172 36.38 -30.61 -24.68
C SER G 172 35.57 -29.48 -24.05
N PRO G 173 35.38 -28.34 -24.72
CA PRO G 173 34.60 -27.27 -24.09
C PRO G 173 33.18 -27.68 -23.82
N PHE G 174 32.63 -28.59 -24.61
CA PHE G 174 31.39 -29.24 -24.25
C PHE G 174 31.58 -29.98 -22.94
N ASP G 175 30.59 -29.87 -22.06
CA ASP G 175 30.53 -30.71 -20.89
C ASP G 175 29.99 -32.07 -21.29
N ASN G 176 29.82 -32.96 -20.31
CA ASN G 176 29.23 -34.26 -20.58
C ASN G 176 27.81 -34.11 -21.08
N LYS G 177 27.00 -33.36 -20.35
CA LYS G 177 25.61 -33.13 -20.70
C LYS G 177 25.47 -31.77 -21.34
N VAL G 178 24.76 -31.71 -22.45
CA VAL G 178 24.62 -30.50 -23.24
C VAL G 178 23.19 -30.40 -23.71
N VAL G 179 22.68 -29.17 -23.73
CA VAL G 179 21.45 -28.84 -24.44
C VAL G 179 21.84 -27.96 -25.61
N VAL G 180 21.06 -28.05 -26.66
CA VAL G 180 21.34 -27.40 -27.93
C VAL G 180 20.06 -26.78 -28.44
N TYR G 181 20.17 -25.58 -29.00
CA TYR G 181 19.00 -24.83 -29.42
C TYR G 181 19.37 -23.99 -30.65
N GLY G 182 19.08 -24.52 -31.82
CA GLY G 182 19.11 -23.75 -33.04
C GLY G 182 20.52 -23.40 -33.46
N HIS G 183 21.15 -22.50 -32.71
CA HIS G 183 22.60 -22.31 -32.77
C HIS G 183 23.22 -22.10 -31.41
N GLU G 184 22.47 -21.67 -30.41
CA GLU G 184 23.04 -21.42 -29.09
C GLU G 184 23.10 -22.73 -28.34
N VAL G 185 24.32 -23.12 -27.97
CA VAL G 185 24.60 -24.40 -27.35
C VAL G 185 24.86 -24.17 -25.87
N TYR G 186 24.20 -24.95 -25.04
CA TYR G 186 24.22 -24.78 -23.60
C TYR G 186 24.73 -26.06 -22.96
N ASN G 187 25.84 -25.95 -22.23
CA ASN G 187 26.44 -27.09 -21.56
C ASN G 187 25.71 -27.37 -20.25
N TYR G 188 24.43 -27.68 -20.41
CA TYR G 188 23.48 -27.72 -19.31
C TYR G 188 23.29 -29.13 -18.81
N ASP G 189 23.21 -29.28 -17.49
CA ASP G 189 22.87 -30.54 -16.87
C ASP G 189 21.36 -30.72 -17.03
N PHE G 190 20.96 -31.07 -18.24
CA PHE G 190 19.56 -31.39 -18.45
C PHE G 190 19.18 -32.55 -17.55
N PRO G 191 17.97 -32.56 -16.97
CA PRO G 191 17.68 -33.57 -15.94
C PRO G 191 17.81 -34.98 -16.47
N GLU G 192 16.94 -35.36 -17.41
CA GLU G 192 17.05 -36.59 -18.20
C GLU G 192 15.79 -36.69 -19.04
N TYR G 193 15.79 -37.56 -20.04
CA TYR G 193 14.55 -38.09 -20.57
C TYR G 193 13.76 -38.73 -19.45
N GLY G 194 12.45 -38.60 -19.52
CA GLY G 194 11.60 -39.39 -18.65
C GLY G 194 11.35 -38.83 -17.27
N THR G 195 11.95 -37.69 -16.91
CA THR G 195 11.93 -37.22 -15.52
C THR G 195 11.58 -35.77 -15.33
N GLY G 196 11.75 -34.92 -16.33
CA GLY G 196 11.84 -33.49 -16.11
C GLY G 196 10.66 -32.87 -15.41
N LYS G 197 10.93 -32.19 -14.29
CA LYS G 197 9.86 -31.62 -13.49
C LYS G 197 9.11 -30.57 -14.28
N ALA G 198 7.80 -30.53 -14.09
CA ALA G 198 6.95 -29.61 -14.84
C ALA G 198 7.33 -28.17 -14.54
N GLY G 199 7.36 -27.38 -15.58
CA GLY G 199 7.85 -26.02 -15.51
C GLY G 199 9.33 -25.96 -15.72
N SER G 200 10.07 -26.86 -15.08
CA SER G 200 11.49 -26.94 -15.32
C SER G 200 11.76 -27.39 -16.75
N PHE G 201 13.01 -27.22 -17.15
CA PHE G 201 13.42 -27.62 -18.48
C PHE G 201 13.11 -29.09 -18.71
N GLY G 202 12.66 -29.39 -19.91
CA GLY G 202 12.29 -30.75 -20.23
C GLY G 202 11.01 -31.20 -19.56
N ASP G 203 10.01 -30.34 -19.50
CA ASP G 203 8.70 -30.82 -19.09
C ASP G 203 8.15 -31.76 -20.14
N LEU G 204 8.31 -31.41 -21.40
CA LEU G 204 8.10 -32.32 -22.51
C LEU G 204 9.44 -32.92 -22.85
N GLN G 205 9.47 -34.23 -23.06
CA GLN G 205 10.70 -34.93 -23.38
C GLN G 205 10.35 -36.01 -24.39
N SER G 206 10.57 -35.70 -25.65
CA SER G 206 10.40 -36.65 -26.73
C SER G 206 11.77 -37.09 -27.21
N ARG G 207 11.91 -38.39 -27.47
CA ARG G 207 13.16 -38.93 -27.96
C ARG G 207 13.62 -38.20 -29.21
N THR G 208 12.73 -38.11 -30.20
CA THR G 208 12.97 -37.31 -31.38
C THR G 208 11.66 -36.64 -31.74
N SER G 209 11.64 -36.04 -32.93
CA SER G 209 10.44 -35.35 -33.38
C SER G 209 9.38 -36.33 -33.81
N THR G 210 9.80 -37.39 -34.50
CA THR G 210 8.88 -38.43 -34.95
C THR G 210 8.28 -39.19 -33.79
N SER G 211 9.00 -39.30 -32.68
CA SER G 211 8.62 -40.22 -31.60
C SER G 211 7.28 -39.83 -31.00
N ASN G 212 6.27 -40.66 -31.25
CA ASN G 212 4.94 -40.39 -30.74
C ASN G 212 4.91 -40.49 -29.23
N ASP G 213 5.71 -41.39 -28.66
CA ASP G 213 5.82 -41.47 -27.21
C ASP G 213 6.73 -40.37 -26.70
N LEU G 214 6.52 -40.01 -25.43
CA LEU G 214 7.33 -38.96 -24.81
C LEU G 214 7.14 -39.06 -23.31
N TYR G 215 7.66 -38.06 -22.60
CA TYR G 215 7.43 -37.87 -21.18
C TYR G 215 6.97 -36.44 -20.98
N ALA G 216 5.75 -36.27 -20.49
CA ALA G 216 5.15 -34.96 -20.29
C ALA G 216 4.74 -34.84 -18.84
N ASN G 217 5.70 -34.47 -17.99
CA ASN G 217 5.38 -33.97 -16.67
C ASN G 217 5.17 -32.48 -16.86
N THR G 218 3.91 -32.11 -17.05
CA THR G 218 3.49 -30.72 -17.11
C THR G 218 2.62 -30.32 -15.94
N ASN G 219 2.29 -31.25 -15.05
CA ASN G 219 1.37 -30.98 -13.96
C ASN G 219 0.03 -30.51 -14.50
N LEU G 220 -0.36 -31.06 -15.64
CA LEU G 220 -1.63 -30.74 -16.25
C LEU G 220 -2.75 -31.22 -15.35
N LYS G 221 -3.54 -30.28 -14.83
CA LYS G 221 -4.64 -30.57 -13.93
C LYS G 221 -5.88 -29.90 -14.47
N LEU G 222 -6.83 -30.70 -14.92
CA LEU G 222 -8.09 -30.16 -15.37
C LEU G 222 -8.94 -29.73 -14.19
N GLN G 223 -9.68 -28.65 -14.37
CA GLN G 223 -10.65 -28.18 -13.40
C GLN G 223 -12.02 -28.14 -14.06
N ARG G 224 -13.05 -28.11 -13.23
CA ARG G 224 -14.39 -28.20 -13.76
C ARG G 224 -14.75 -26.90 -14.45
N PRO G 225 -15.47 -26.94 -15.57
CA PRO G 225 -15.90 -25.68 -16.17
C PRO G 225 -16.94 -25.00 -15.31
N GLN G 226 -17.01 -23.69 -15.47
CA GLN G 226 -17.75 -22.83 -14.58
C GLN G 226 -19.20 -22.66 -15.02
N ALA G 227 -20.09 -22.61 -14.02
CA ALA G 227 -21.45 -22.09 -14.13
C ALA G 227 -22.20 -22.63 -15.34
N GLY G 228 -22.09 -23.93 -15.57
CA GLY G 228 -22.84 -24.57 -16.63
C GLY G 228 -22.53 -24.01 -17.99
N ILE G 229 -21.26 -24.01 -18.38
CA ILE G 229 -20.84 -23.62 -19.71
C ILE G 229 -19.82 -24.62 -20.22
N VAL G 230 -19.86 -24.87 -21.52
CA VAL G 230 -18.92 -25.79 -22.18
C VAL G 230 -17.58 -25.09 -22.30
N HIS G 231 -16.58 -25.62 -21.62
CA HIS G 231 -15.18 -25.34 -21.90
C HIS G 231 -14.36 -26.29 -21.05
N THR G 232 -13.05 -26.15 -21.13
CA THR G 232 -12.10 -27.10 -20.54
C THR G 232 -11.05 -26.32 -19.79
N PRO G 233 -11.22 -26.10 -18.51
CA PRO G 233 -10.12 -25.58 -17.72
C PRO G 233 -8.97 -26.56 -17.74
N PHE G 234 -7.88 -26.19 -18.39
CA PHE G 234 -6.62 -26.91 -18.26
C PHE G 234 -5.67 -25.98 -17.53
N THR G 235 -5.28 -26.41 -16.34
CA THR G 235 -4.37 -25.66 -15.49
C THR G 235 -3.03 -26.34 -15.58
N GLN G 236 -2.04 -25.58 -16.04
CA GLN G 236 -0.81 -26.19 -16.50
C GLN G 236 0.31 -25.18 -16.39
N ALA G 237 1.49 -25.70 -16.15
CA ALA G 237 2.68 -24.89 -16.20
C ALA G 237 3.01 -24.57 -17.65
N PRO G 238 3.14 -23.31 -18.05
CA PRO G 238 3.78 -23.04 -19.33
C PRO G 238 5.17 -23.64 -19.33
N SER G 239 5.66 -23.95 -20.52
CA SER G 239 6.70 -24.94 -20.60
C SER G 239 8.02 -24.46 -20.04
N GLY G 240 8.82 -25.43 -19.60
CA GLY G 240 10.23 -25.26 -19.41
C GLY G 240 11.01 -25.10 -20.68
N PHE G 241 10.34 -25.12 -21.83
CA PHE G 241 10.88 -24.61 -23.07
C PHE G 241 10.49 -23.16 -23.31
N GLU G 242 9.42 -22.69 -22.67
CA GLU G 242 9.08 -21.27 -22.74
C GLU G 242 10.08 -20.45 -21.94
N ARG G 243 10.13 -20.67 -20.63
CA ARG G 243 11.37 -20.40 -19.93
C ARG G 243 12.39 -21.37 -20.46
N TRP G 244 13.68 -21.04 -20.27
CA TRP G 244 14.83 -21.56 -21.00
C TRP G 244 14.99 -20.81 -22.33
N LYS G 245 14.06 -19.90 -22.66
CA LYS G 245 14.26 -18.95 -23.74
C LYS G 245 14.30 -17.51 -23.25
N ARG G 246 13.89 -17.24 -22.00
CA ARG G 246 14.02 -15.90 -21.45
C ARG G 246 14.40 -15.87 -19.98
N ASP G 247 14.65 -17.01 -19.34
CA ASP G 247 15.32 -17.06 -18.05
C ASP G 247 16.43 -18.10 -18.08
N LYS G 248 17.05 -18.23 -19.24
CA LYS G 248 18.03 -19.26 -19.52
C LYS G 248 19.40 -18.90 -18.97
N GLY G 249 20.40 -19.65 -19.41
CA GLY G 249 21.80 -19.29 -19.27
C GLY G 249 22.39 -18.92 -20.62
N ALA G 250 23.62 -18.45 -20.56
CA ALA G 250 24.26 -17.91 -21.75
C ALA G 250 24.91 -19.02 -22.56
N PRO G 251 25.19 -18.76 -23.85
CA PRO G 251 25.70 -19.84 -24.70
C PRO G 251 27.19 -20.05 -24.64
N LEU G 252 27.54 -21.31 -24.89
CA LEU G 252 28.91 -21.74 -24.81
C LEU G 252 29.78 -21.05 -25.83
N ASN G 253 29.20 -20.60 -26.95
CA ASN G 253 29.93 -19.70 -27.83
C ASN G 253 29.99 -18.28 -27.29
N ASP G 254 29.50 -18.05 -26.07
CA ASP G 254 29.67 -16.81 -25.35
C ASP G 254 30.18 -17.00 -23.93
N VAL G 255 30.37 -18.25 -23.46
CA VAL G 255 30.92 -18.47 -22.12
C VAL G 255 31.99 -19.54 -22.05
N ALA G 256 32.33 -20.16 -23.19
CA ALA G 256 33.33 -21.22 -23.14
C ALA G 256 34.67 -20.68 -22.69
N PRO G 257 35.57 -21.57 -22.25
CA PRO G 257 36.99 -21.20 -22.17
C PRO G 257 37.79 -21.55 -23.41
N PHE G 258 39.07 -21.16 -23.37
CA PHE G 258 40.13 -21.46 -24.33
C PHE G 258 39.73 -21.36 -25.78
N GLY G 259 38.83 -20.44 -26.08
CA GLY G 259 38.66 -19.89 -27.41
C GLY G 259 38.02 -20.68 -28.52
N CYS G 260 36.72 -20.90 -28.43
CA CYS G 260 35.99 -21.80 -29.29
C CYS G 260 34.80 -21.06 -29.88
N SER G 261 34.34 -21.55 -31.02
CA SER G 261 33.10 -21.15 -31.64
C SER G 261 32.32 -22.41 -31.96
N ILE G 262 31.03 -22.25 -32.24
CA ILE G 262 30.07 -23.34 -32.18
C ILE G 262 29.15 -23.30 -33.39
N ALA G 263 28.56 -24.46 -33.72
CA ALA G 263 27.56 -24.53 -34.77
C ALA G 263 26.58 -25.68 -34.52
N LEU G 264 25.31 -25.45 -34.91
CA LEU G 264 24.34 -26.53 -35.06
C LEU G 264 24.44 -27.03 -36.48
N GLU G 265 25.33 -27.97 -36.65
CA GLU G 265 26.00 -28.42 -37.84
C GLU G 265 26.55 -29.68 -37.20
N PRO G 266 27.59 -30.37 -37.68
CA PRO G 266 28.03 -31.59 -36.97
C PRO G 266 28.36 -31.50 -35.47
N LEU G 267 28.08 -30.37 -34.79
CA LEU G 267 28.24 -30.18 -33.36
C LEU G 267 29.70 -29.98 -33.05
N ARG G 268 30.36 -29.30 -33.97
CA ARG G 268 31.74 -28.97 -33.78
C ARG G 268 31.86 -27.81 -32.81
N ALA G 269 33.08 -27.61 -32.33
CA ALA G 269 33.45 -26.45 -31.55
C ALA G 269 34.71 -25.89 -32.20
N GLU G 270 34.53 -24.98 -33.15
CA GLU G 270 35.62 -24.56 -34.01
C GLU G 270 36.72 -23.85 -33.24
N ASN G 271 37.93 -23.98 -33.76
CA ASN G 271 38.99 -23.00 -33.58
C ASN G 271 39.43 -22.89 -32.11
N CYS G 272 39.32 -23.99 -31.38
CA CYS G 272 39.69 -24.03 -29.97
C CYS G 272 41.19 -23.96 -29.84
N ALA G 273 41.70 -22.76 -29.60
CA ALA G 273 43.13 -22.51 -29.48
C ALA G 273 43.58 -22.90 -28.08
N VAL G 274 44.16 -24.08 -27.95
CA VAL G 274 44.72 -24.47 -26.67
C VAL G 274 45.74 -25.60 -26.84
N GLY G 275 46.88 -25.45 -26.21
CA GLY G 275 47.89 -26.48 -26.21
C GLY G 275 48.60 -26.62 -27.55
N SER G 276 49.26 -27.75 -27.70
CA SER G 276 50.12 -28.04 -28.83
C SER G 276 49.66 -29.32 -29.51
N ILE G 277 50.18 -29.52 -30.72
CA ILE G 277 49.84 -30.68 -31.54
C ILE G 277 51.14 -31.25 -32.11
N PRO G 278 51.51 -32.50 -31.80
CA PRO G 278 52.73 -33.08 -32.36
C PRO G 278 52.60 -33.51 -33.82
N ILE G 279 52.91 -32.62 -34.74
CA ILE G 279 52.62 -32.83 -36.15
C ILE G 279 53.88 -33.24 -36.87
N SER G 280 53.71 -34.14 -37.84
CA SER G 280 54.81 -34.77 -38.55
C SER G 280 54.38 -34.99 -39.98
N ILE G 281 55.26 -34.64 -40.93
CA ILE G 281 54.94 -34.68 -42.34
C ILE G 281 56.00 -35.50 -43.06
N ASP G 282 55.56 -36.22 -44.09
CA ASP G 282 56.45 -36.84 -45.07
C ASP G 282 56.28 -36.08 -46.38
N ILE G 283 57.24 -35.23 -46.68
CA ILE G 283 57.26 -34.39 -47.87
C ILE G 283 57.50 -35.27 -49.08
N PRO G 284 57.06 -34.89 -50.27
CA PRO G 284 57.56 -35.56 -51.48
C PRO G 284 59.00 -35.15 -51.75
N ASP G 285 59.87 -36.15 -51.85
CA ASP G 285 61.28 -35.89 -52.09
C ASP G 285 61.50 -35.15 -53.41
N ALA G 286 60.58 -35.34 -54.37
CA ALA G 286 60.67 -34.59 -55.61
C ALA G 286 60.59 -33.09 -55.37
N ALA G 287 59.81 -32.67 -54.37
CA ALA G 287 59.69 -31.25 -54.08
C ALA G 287 60.98 -30.66 -53.53
N PHE G 288 61.85 -31.50 -52.97
CA PHE G 288 63.14 -30.99 -52.50
C PHE G 288 63.96 -30.49 -53.67
N THR G 289 64.76 -29.48 -53.39
CA THR G 289 65.85 -29.06 -54.25
C THR G 289 67.14 -29.58 -53.65
N ARG G 290 67.99 -30.13 -54.49
CA ARG G 290 69.27 -30.61 -53.99
C ARG G 290 70.12 -29.44 -53.54
N ILE G 291 71.04 -29.73 -52.62
CA ILE G 291 71.74 -28.66 -51.90
C ILE G 291 72.66 -27.89 -52.83
N SER G 292 73.15 -28.51 -53.89
CA SER G 292 74.16 -27.91 -54.74
C SER G 292 73.58 -26.95 -55.76
N GLU G 293 72.33 -26.54 -55.62
CA GLU G 293 71.64 -25.69 -56.57
C GLU G 293 71.12 -24.41 -55.96
N THR G 294 70.91 -24.37 -54.65
CA THR G 294 70.57 -23.13 -53.98
C THR G 294 71.85 -22.37 -53.65
N PRO G 295 71.83 -21.04 -53.69
CA PRO G 295 73.05 -20.30 -53.34
C PRO G 295 73.42 -20.50 -51.88
N THR G 296 74.72 -20.68 -51.63
CA THR G 296 75.24 -20.62 -50.29
C THR G 296 75.44 -19.17 -49.89
N VAL G 297 74.93 -18.80 -48.73
CA VAL G 297 74.68 -17.42 -48.36
C VAL G 297 75.64 -16.92 -47.29
N SER G 298 76.51 -17.78 -46.77
CA SER G 298 77.34 -17.44 -45.62
C SER G 298 78.28 -16.28 -45.91
N ASP G 299 79.02 -15.85 -44.89
CA ASP G 299 79.78 -14.60 -44.91
C ASP G 299 78.85 -13.41 -45.10
N LEU G 300 77.71 -13.47 -44.42
CA LEU G 300 76.65 -12.47 -44.50
C LEU G 300 76.71 -11.57 -43.27
N GLU G 301 75.69 -10.74 -43.11
CA GLU G 301 75.46 -10.02 -41.86
C GLU G 301 73.98 -9.70 -41.75
N CYS G 302 73.47 -9.74 -40.52
CA CYS G 302 72.08 -9.41 -40.23
C CYS G 302 72.01 -8.35 -39.15
N LYS G 303 71.03 -7.46 -39.28
CA LYS G 303 70.75 -6.50 -38.24
C LYS G 303 69.33 -5.99 -38.38
N ILE G 304 68.67 -5.81 -37.25
CA ILE G 304 67.42 -5.06 -37.25
C ILE G 304 67.69 -3.64 -37.71
N THR G 305 66.64 -2.99 -38.14
CA THR G 305 66.68 -1.57 -38.46
C THR G 305 65.56 -0.80 -37.77
N GLU G 306 64.39 -1.41 -37.65
CA GLU G 306 63.31 -0.84 -36.85
C GLU G 306 62.52 -2.02 -36.30
N CYS G 307 62.93 -2.52 -35.15
CA CYS G 307 62.23 -3.63 -34.53
C CYS G 307 61.07 -3.12 -33.72
N THR G 308 59.90 -3.69 -33.98
CA THR G 308 58.68 -3.32 -33.30
C THR G 308 58.32 -4.45 -32.34
N TYR G 309 58.27 -4.12 -31.06
CA TYR G 309 58.16 -5.07 -29.97
C TYR G 309 56.69 -5.50 -29.82
N ALA G 310 56.21 -6.25 -30.81
CA ALA G 310 54.78 -6.27 -31.08
C ALA G 310 54.33 -7.58 -31.72
N SER G 311 53.07 -7.58 -32.16
CA SER G 311 52.32 -8.72 -32.66
C SER G 311 52.30 -8.74 -34.18
N ASP G 312 51.76 -7.70 -34.78
CA ASP G 312 51.86 -7.53 -36.21
C ASP G 312 53.32 -7.55 -36.62
N PHE G 313 53.58 -7.96 -37.85
CA PHE G 313 54.94 -8.13 -38.28
C PHE G 313 55.61 -6.77 -38.44
N GLY G 314 55.90 -6.12 -37.33
CA GLY G 314 56.51 -4.81 -37.35
C GLY G 314 58.01 -4.88 -37.30
N GLY G 315 58.54 -5.99 -36.79
CA GLY G 315 59.98 -6.14 -36.73
C GLY G 315 60.56 -6.34 -38.12
N ILE G 316 61.62 -5.60 -38.43
CA ILE G 316 62.31 -5.71 -39.70
C ILE G 316 63.80 -5.83 -39.47
N ALA G 317 64.49 -6.33 -40.48
CA ALA G 317 65.93 -6.47 -40.39
C ALA G 317 66.50 -6.64 -41.78
N THR G 318 67.39 -5.75 -42.17
CA THR G 318 68.18 -5.98 -43.35
C THR G 318 69.13 -7.13 -43.09
N VAL G 319 69.56 -7.78 -44.17
CA VAL G 319 70.52 -8.86 -44.11
C VAL G 319 71.48 -8.66 -45.26
N ALA G 320 72.77 -8.50 -44.93
CA ALA G 320 73.80 -8.36 -45.94
C ALA G 320 74.06 -9.74 -46.54
N TYR G 321 73.21 -10.11 -47.49
CA TYR G 321 73.32 -11.42 -48.10
C TYR G 321 74.61 -11.53 -48.89
N LYS G 322 75.31 -12.64 -48.70
CA LYS G 322 76.57 -12.91 -49.34
C LYS G 322 76.43 -14.27 -50.01
N SER G 323 75.89 -14.27 -51.23
CA SER G 323 75.52 -15.49 -51.90
C SER G 323 76.67 -16.00 -52.77
N SER G 324 76.46 -17.20 -53.30
CA SER G 324 77.36 -17.81 -54.27
C SER G 324 76.72 -17.85 -55.64
N LYS G 325 75.56 -18.48 -55.74
CA LYS G 325 74.70 -18.37 -56.91
C LYS G 325 73.71 -17.24 -56.64
N ALA G 326 72.67 -17.15 -57.47
CA ALA G 326 71.59 -16.20 -57.27
C ALA G 326 70.27 -16.94 -57.44
N GLY G 327 69.35 -16.69 -56.52
CA GLY G 327 68.06 -17.35 -56.57
C GLY G 327 67.31 -17.20 -55.28
N ASN G 328 66.46 -18.17 -55.00
CA ASN G 328 65.65 -18.17 -53.79
C ASN G 328 66.42 -18.81 -52.64
N CYS G 329 65.95 -18.53 -51.44
CA CYS G 329 66.58 -18.96 -50.22
C CYS G 329 65.52 -19.02 -49.13
N PRO G 330 64.99 -20.18 -48.78
CA PRO G 330 64.00 -20.22 -47.71
C PRO G 330 64.62 -19.83 -46.38
N ILE G 331 63.79 -19.22 -45.53
CA ILE G 331 64.25 -18.63 -44.28
C ILE G 331 63.34 -19.06 -43.15
N HIS G 332 63.90 -19.07 -41.94
CA HIS G 332 63.16 -19.36 -40.74
C HIS G 332 64.06 -19.08 -39.56
N SER G 333 63.43 -18.73 -38.44
CA SER G 333 64.10 -18.61 -37.17
C SER G 333 63.81 -19.89 -36.39
N PRO G 334 64.76 -20.82 -36.29
CA PRO G 334 64.47 -22.03 -35.51
C PRO G 334 64.10 -21.74 -34.08
N SER G 335 64.60 -20.65 -33.52
CA SER G 335 64.10 -20.18 -32.24
C SER G 335 62.70 -19.61 -32.45
N GLY G 336 61.82 -19.92 -31.51
CA GLY G 336 60.47 -19.41 -31.57
C GLY G 336 60.31 -17.98 -31.16
N VAL G 337 61.40 -17.30 -30.84
CA VAL G 337 61.33 -15.90 -30.42
C VAL G 337 60.76 -15.05 -31.54
N ALA G 338 61.22 -15.26 -32.75
CA ALA G 338 60.88 -14.44 -33.90
C ALA G 338 60.01 -15.24 -34.86
N VAL G 339 58.92 -14.62 -35.29
CA VAL G 339 58.02 -15.18 -36.28
C VAL G 339 58.09 -14.28 -37.49
N ILE G 340 58.30 -14.87 -38.66
CA ILE G 340 58.68 -14.15 -39.86
C ILE G 340 57.55 -14.26 -40.87
N LYS G 341 57.29 -13.15 -41.55
CA LYS G 341 56.25 -13.12 -42.57
C LYS G 341 56.71 -13.78 -43.86
N GLU G 342 57.98 -13.59 -44.20
CA GLU G 342 58.54 -14.16 -45.42
C GLU G 342 59.03 -15.57 -45.16
N ASN G 343 58.54 -16.51 -45.95
CA ASN G 343 59.10 -17.85 -45.96
C ASN G 343 60.38 -17.91 -46.78
N ASP G 344 60.40 -17.15 -47.87
CA ASP G 344 61.43 -17.25 -48.89
C ASP G 344 61.86 -15.85 -49.29
N VAL G 345 63.14 -15.70 -49.59
CA VAL G 345 63.70 -14.45 -50.05
C VAL G 345 64.46 -14.71 -51.33
N THR G 346 64.25 -13.86 -52.32
CA THR G 346 64.99 -13.92 -53.57
C THR G 346 66.35 -13.27 -53.36
N LEU G 347 67.35 -13.77 -54.08
CA LEU G 347 68.71 -13.27 -53.94
C LEU G 347 69.37 -13.13 -55.30
N ALA G 348 69.93 -11.94 -55.52
CA ALA G 348 70.92 -11.73 -56.56
C ALA G 348 72.27 -12.17 -56.01
N GLU G 349 73.34 -11.84 -56.72
CA GLU G 349 74.66 -12.22 -56.26
C GLU G 349 75.07 -11.33 -55.10
N SER G 350 74.76 -11.78 -53.89
CA SER G 350 75.22 -11.15 -52.66
C SER G 350 74.73 -9.71 -52.54
N GLY G 351 73.41 -9.59 -52.50
CA GLY G 351 72.75 -8.32 -52.27
C GLY G 351 72.32 -8.16 -50.83
N SER G 352 71.17 -7.52 -50.64
CA SER G 352 70.60 -7.32 -49.33
C SER G 352 69.09 -7.20 -49.47
N PHE G 353 68.36 -7.85 -48.57
CA PHE G 353 66.90 -7.84 -48.62
C PHE G 353 66.36 -7.91 -47.20
N THR G 354 65.58 -6.91 -46.84
CA THR G 354 64.91 -6.88 -45.55
C THR G 354 63.72 -7.83 -45.56
N PHE G 355 63.44 -8.40 -44.40
CA PHE G 355 62.23 -9.15 -44.16
C PHE G 355 61.49 -8.53 -42.99
N HIS G 356 60.29 -9.05 -42.74
CA HIS G 356 59.44 -8.61 -41.66
C HIS G 356 59.32 -9.70 -40.62
N PHE G 357 59.09 -9.31 -39.37
CA PHE G 357 58.90 -10.30 -38.32
C PHE G 357 58.22 -9.66 -37.12
N SER G 358 58.10 -10.44 -36.05
CA SER G 358 57.54 -10.00 -34.79
C SER G 358 58.15 -10.83 -33.68
N THR G 359 58.33 -10.18 -32.52
CA THR G 359 59.02 -10.79 -31.39
C THR G 359 58.29 -10.41 -30.11
N ALA G 360 58.84 -10.89 -28.99
CA ALA G 360 58.30 -10.60 -27.68
C ALA G 360 59.35 -10.24 -26.64
N ASN G 361 60.62 -10.33 -26.98
CA ASN G 361 61.69 -10.01 -26.05
C ASN G 361 62.40 -8.74 -26.52
N ILE G 362 62.66 -7.85 -25.56
CA ILE G 362 63.18 -6.52 -25.86
C ILE G 362 64.45 -6.63 -26.67
N HIS G 363 65.27 -7.62 -26.36
CA HIS G 363 66.53 -7.86 -27.03
C HIS G 363 66.38 -9.14 -27.84
N PRO G 364 65.83 -9.09 -29.04
CA PRO G 364 65.63 -10.32 -29.79
C PRO G 364 66.94 -10.90 -30.29
N ALA G 365 67.41 -11.91 -29.58
CA ALA G 365 68.58 -12.68 -29.99
C ALA G 365 68.13 -14.00 -30.58
N PHE G 366 67.60 -13.92 -31.79
CA PHE G 366 67.08 -15.08 -32.50
C PHE G 366 67.98 -15.42 -33.67
N LYS G 367 68.25 -16.71 -33.82
CA LYS G 367 68.95 -17.18 -35.00
C LYS G 367 68.05 -17.06 -36.21
N LEU G 368 68.68 -16.88 -37.37
CA LEU G 368 67.98 -16.90 -38.64
C LEU G 368 68.73 -17.81 -39.58
N GLN G 369 68.02 -18.79 -40.12
CA GLN G 369 68.60 -19.85 -40.92
C GLN G 369 68.24 -19.55 -42.37
N VAL G 370 69.13 -18.84 -43.06
CA VAL G 370 68.89 -18.46 -44.45
C VAL G 370 69.47 -19.58 -45.30
N CYS G 371 68.64 -20.61 -45.51
CA CYS G 371 68.93 -21.76 -46.37
C CYS G 371 70.33 -22.32 -46.11
N THR G 372 70.46 -22.84 -44.90
CA THR G 372 71.70 -23.38 -44.36
C THR G 372 72.75 -22.30 -44.18
N SER G 373 72.40 -21.27 -43.44
CA SER G 373 73.38 -20.33 -42.92
C SER G 373 72.74 -19.61 -41.74
N ALA G 374 73.24 -19.89 -40.55
CA ALA G 374 72.68 -19.31 -39.35
C ALA G 374 73.22 -17.91 -39.12
N VAL G 375 72.46 -17.11 -38.39
CA VAL G 375 72.93 -15.78 -38.01
C VAL G 375 72.05 -15.25 -36.89
N THR G 376 72.70 -14.58 -35.95
CA THR G 376 72.00 -13.89 -34.88
C THR G 376 71.63 -12.49 -35.37
N CYS G 377 70.34 -12.21 -35.36
CA CYS G 377 69.83 -10.87 -35.67
C CYS G 377 69.55 -10.11 -34.39
N LYS G 378 70.60 -9.97 -33.58
CA LYS G 378 70.50 -9.28 -32.30
C LYS G 378 70.07 -7.83 -32.49
N GLY G 379 69.39 -7.29 -31.49
CA GLY G 379 69.06 -5.89 -31.51
C GLY G 379 68.15 -5.46 -30.38
N ASP G 380 67.31 -4.46 -30.66
CA ASP G 380 66.41 -3.91 -29.66
C ASP G 380 65.17 -3.37 -30.36
N CYS G 381 64.05 -3.40 -29.64
CA CYS G 381 62.74 -3.19 -30.23
C CYS G 381 61.99 -2.09 -29.50
N LYS G 382 60.90 -1.64 -30.14
CA LYS G 382 60.12 -0.51 -29.69
C LYS G 382 58.67 -0.91 -29.46
N PRO G 383 58.03 -0.46 -28.37
CA PRO G 383 56.61 -0.77 -28.18
C PRO G 383 55.71 0.04 -29.08
N PRO G 384 54.58 -0.54 -29.57
CA PRO G 384 53.58 0.25 -30.30
C PRO G 384 52.56 0.99 -29.46
N LYS G 385 51.52 1.49 -30.16
CA LYS G 385 50.57 2.44 -29.62
C LYS G 385 49.09 2.10 -29.82
N ASP G 386 48.75 1.10 -30.65
CA ASP G 386 47.47 1.09 -31.39
C ASP G 386 46.75 -0.26 -31.32
N HIS G 387 46.51 -0.77 -30.10
CA HIS G 387 46.18 -2.18 -29.87
C HIS G 387 44.69 -2.49 -29.69
N ILE G 388 43.88 -2.34 -30.75
CA ILE G 388 42.52 -2.88 -30.71
C ILE G 388 42.04 -3.50 -32.02
N VAL G 389 42.56 -4.66 -32.42
CA VAL G 389 42.16 -5.33 -33.67
C VAL G 389 42.44 -6.78 -33.36
N ASP G 390 42.15 -7.76 -34.26
CA ASP G 390 42.00 -9.20 -34.00
C ASP G 390 43.30 -9.83 -33.48
N TYR G 391 43.66 -11.09 -33.79
CA TYR G 391 44.66 -11.78 -32.97
C TYR G 391 46.04 -11.86 -33.60
N PRO G 392 47.08 -12.11 -32.79
CA PRO G 392 48.45 -11.81 -33.21
C PRO G 392 49.09 -12.90 -34.07
N ALA G 393 50.28 -12.57 -34.55
CA ALA G 393 51.19 -13.48 -35.24
C ALA G 393 52.40 -13.84 -34.40
N GLN G 394 52.50 -13.29 -33.20
CA GLN G 394 53.69 -13.37 -32.36
C GLN G 394 53.68 -14.64 -31.53
N HIS G 395 52.64 -14.78 -30.70
CA HIS G 395 52.28 -15.99 -29.95
C HIS G 395 53.49 -16.72 -29.37
N THR G 396 54.44 -15.96 -28.84
CA THR G 396 55.73 -16.50 -28.41
C THR G 396 56.16 -15.90 -27.08
N GLU G 397 55.22 -15.46 -26.28
CA GLU G 397 55.56 -14.77 -25.04
C GLU G 397 56.24 -15.72 -24.08
N SER G 398 57.34 -15.26 -23.50
CA SER G 398 58.09 -16.05 -22.53
C SER G 398 58.77 -15.07 -21.58
N PHE G 399 59.76 -15.56 -20.85
CA PHE G 399 60.50 -14.71 -19.94
C PHE G 399 61.38 -13.75 -20.71
N THR G 400 61.23 -12.45 -20.43
CA THR G 400 61.93 -11.39 -21.15
C THR G 400 62.44 -10.30 -20.20
N TRP G 408 66.70 -7.90 -17.77
CA TRP G 408 67.95 -8.26 -17.12
C TRP G 408 68.77 -7.03 -16.72
N SER G 409 68.22 -5.85 -16.93
CA SER G 409 69.00 -4.63 -16.73
C SER G 409 69.32 -4.38 -15.26
N TRP G 410 68.61 -5.01 -14.32
CA TRP G 410 68.92 -4.94 -12.90
C TRP G 410 68.80 -6.31 -12.28
N LEU G 411 69.29 -7.32 -12.98
CA LEU G 411 69.19 -8.69 -12.49
C LEU G 411 70.54 -9.39 -12.56
N LYS G 412 71.34 -9.07 -13.57
CA LYS G 412 72.58 -9.81 -13.80
C LYS G 412 73.61 -9.47 -12.73
N VAL G 413 74.07 -8.23 -12.71
CA VAL G 413 75.00 -7.79 -11.67
C VAL G 413 74.25 -7.49 -10.38
N LEU G 414 72.93 -7.32 -10.44
CA LEU G 414 72.14 -7.23 -9.21
C LEU G 414 72.27 -8.51 -8.41
N VAL G 415 71.81 -9.62 -8.97
CA VAL G 415 71.77 -10.86 -8.21
C VAL G 415 73.17 -11.41 -8.03
N GLY G 416 74.04 -11.22 -9.02
CA GLY G 416 75.46 -11.45 -8.80
C GLY G 416 76.00 -10.59 -7.69
N GLY G 417 75.44 -9.39 -7.52
CA GLY G 417 75.76 -8.56 -6.38
C GLY G 417 75.05 -9.02 -5.12
N THR G 418 73.80 -9.47 -5.26
CA THR G 418 73.09 -10.10 -4.15
C THR G 418 73.88 -11.30 -3.65
N SER G 419 74.31 -12.15 -4.58
CA SER G 419 75.15 -13.28 -4.20
C SER G 419 76.44 -12.81 -3.57
N ALA G 420 77.02 -11.71 -4.10
CA ALA G 420 78.32 -11.24 -3.63
C ALA G 420 78.33 -10.98 -2.13
N PHE G 421 77.19 -10.61 -1.56
CA PHE G 421 77.10 -10.47 -0.11
C PHE G 421 77.28 -11.82 0.57
N ILE G 422 76.55 -12.84 0.09
CA ILE G 422 76.66 -14.16 0.69
C ILE G 422 77.85 -14.94 0.14
N VAL G 423 78.37 -14.57 -1.03
CA VAL G 423 79.66 -15.09 -1.46
C VAL G 423 80.74 -14.50 -0.60
N LEU G 424 80.59 -13.24 -0.18
CA LEU G 424 81.54 -12.63 0.73
C LEU G 424 81.58 -13.34 2.07
N GLY G 425 80.54 -14.09 2.41
CA GLY G 425 80.46 -14.78 3.68
C GLY G 425 81.52 -15.84 3.84
N LEU G 426 81.45 -16.89 3.02
CA LEU G 426 82.37 -18.01 3.13
C LEU G 426 83.78 -17.68 2.67
N ILE G 427 84.06 -16.44 2.28
CA ILE G 427 85.44 -15.96 2.15
C ILE G 427 85.80 -15.01 3.27
N ALA G 428 84.83 -14.64 4.11
CA ALA G 428 85.11 -14.15 5.45
C ALA G 428 85.21 -15.32 6.42
N THR G 429 84.17 -16.14 6.46
CA THR G 429 84.25 -17.42 7.15
C THR G 429 85.19 -18.33 6.37
N ALA G 430 85.92 -19.16 7.12
CA ALA G 430 87.00 -20.03 6.65
C ALA G 430 88.28 -19.26 6.34
N VAL G 431 88.23 -17.92 6.33
CA VAL G 431 89.43 -17.12 6.49
C VAL G 431 89.61 -16.78 7.96
N VAL G 432 88.53 -16.75 8.72
CA VAL G 432 88.65 -16.84 10.17
C VAL G 432 89.42 -18.11 10.52
N ALA G 433 89.15 -19.20 9.80
CA ALA G 433 89.87 -20.45 10.01
C ALA G 433 91.37 -20.27 9.76
N LEU G 434 91.73 -19.39 8.83
CA LEU G 434 93.14 -19.13 8.56
C LEU G 434 93.75 -18.25 9.64
N VAL G 435 93.06 -17.14 9.98
CA VAL G 435 93.49 -16.32 11.09
C VAL G 435 93.52 -17.16 12.36
N LEU G 436 92.48 -17.96 12.55
CA LEU G 436 92.53 -19.02 13.55
C LEU G 436 93.73 -19.92 13.33
N PHE G 437 93.86 -20.47 12.12
CA PHE G 437 94.68 -21.64 11.79
C PHE G 437 94.08 -22.90 12.40
N LEU H 2 -5.67 -22.12 -55.42
CA LEU H 2 -6.45 -22.12 -54.18
C LEU H 2 -7.34 -23.35 -54.07
N ASP H 3 -7.14 -24.35 -54.94
CA ASP H 3 -8.06 -25.46 -55.13
C ASP H 3 -7.37 -26.79 -54.83
N THR H 4 -6.46 -26.77 -53.87
CA THR H 4 -5.64 -27.92 -53.50
C THR H 4 -5.85 -28.39 -52.07
N HIS H 5 -6.80 -27.80 -51.35
CA HIS H 5 -7.08 -28.15 -49.96
C HIS H 5 -8.58 -28.26 -49.76
N PHE H 6 -9.23 -28.97 -50.68
CA PHE H 6 -10.61 -29.36 -50.45
C PHE H 6 -10.73 -30.46 -49.41
N THR H 7 -9.60 -30.95 -48.89
CA THR H 7 -9.61 -31.73 -47.66
C THR H 7 -10.41 -31.00 -46.59
N GLN H 8 -10.01 -29.78 -46.26
CA GLN H 8 -10.75 -29.00 -45.28
C GLN H 8 -12.01 -28.42 -45.89
N TYR H 9 -11.86 -27.73 -47.02
CA TYR H 9 -12.89 -26.81 -47.50
C TYR H 9 -14.22 -27.50 -47.69
N LYS H 10 -14.26 -28.52 -48.55
CA LYS H 10 -15.52 -29.22 -48.80
C LYS H 10 -16.06 -29.87 -47.53
N LEU H 11 -15.17 -30.37 -46.69
CA LEU H 11 -15.54 -31.36 -45.70
C LEU H 11 -15.66 -30.79 -44.30
N ALA H 12 -15.09 -29.62 -44.05
CA ALA H 12 -15.19 -28.94 -42.76
C ALA H 12 -16.17 -27.78 -42.86
N ARG H 13 -16.80 -27.48 -41.72
CA ARG H 13 -17.80 -26.43 -41.61
C ARG H 13 -17.30 -25.36 -40.64
N PRO H 14 -17.87 -24.14 -40.67
CA PRO H 14 -17.46 -23.13 -39.69
C PRO H 14 -17.99 -23.46 -38.31
N TYR H 15 -17.13 -23.94 -37.43
CA TYR H 15 -17.61 -24.39 -36.14
C TYR H 15 -18.00 -23.18 -35.28
N ILE H 16 -18.91 -23.41 -34.33
CA ILE H 16 -19.30 -22.41 -33.37
C ILE H 16 -19.11 -22.92 -31.95
N ALA H 17 -18.44 -22.11 -31.13
CA ALA H 17 -18.09 -22.47 -29.76
C ALA H 17 -18.36 -21.28 -28.87
N ASP H 18 -17.91 -21.39 -27.62
CA ASP H 18 -18.25 -20.43 -26.56
C ASP H 18 -17.11 -19.47 -26.36
N CYS H 19 -17.24 -18.28 -26.93
CA CYS H 19 -16.25 -17.23 -26.72
C CYS H 19 -16.29 -16.79 -25.26
N PRO H 20 -15.13 -16.46 -24.64
CA PRO H 20 -15.13 -16.23 -23.19
C PRO H 20 -15.57 -14.85 -22.72
N ASN H 21 -15.27 -13.80 -23.46
CA ASN H 21 -15.63 -12.45 -23.08
C ASN H 21 -16.13 -11.70 -24.30
N CYS H 22 -17.14 -12.30 -24.92
CA CYS H 22 -17.65 -11.93 -26.24
C CYS H 22 -18.32 -10.56 -26.21
N GLY H 23 -17.52 -9.52 -26.04
CA GLY H 23 -18.04 -8.17 -25.95
C GLY H 23 -18.58 -7.91 -24.56
N HIS H 24 -19.75 -8.48 -24.27
CA HIS H 24 -20.30 -8.42 -22.92
C HIS H 24 -19.63 -9.45 -22.03
N SER H 25 -19.84 -10.72 -22.36
CA SER H 25 -19.52 -11.84 -21.52
C SER H 25 -19.47 -13.07 -22.42
N ARG H 26 -19.57 -14.24 -21.83
CA ARG H 26 -19.46 -15.49 -22.58
C ARG H 26 -20.65 -15.68 -23.51
N CYS H 27 -20.46 -15.36 -24.79
CA CYS H 27 -21.45 -15.72 -25.80
C CYS H 27 -21.05 -17.06 -26.41
N ASP H 28 -21.71 -17.41 -27.52
CA ASP H 28 -21.28 -18.49 -28.40
C ASP H 28 -21.02 -17.87 -29.76
N SER H 29 -19.76 -17.49 -30.00
CA SER H 29 -19.41 -16.90 -31.28
C SER H 29 -18.94 -17.97 -32.25
N PRO H 30 -19.23 -17.85 -33.55
CA PRO H 30 -18.59 -18.74 -34.52
C PRO H 30 -17.09 -18.51 -34.64
N ILE H 31 -16.60 -17.36 -34.20
CA ILE H 31 -15.18 -17.03 -34.33
C ILE H 31 -14.50 -17.26 -32.99
N ALA H 32 -15.05 -18.16 -32.19
CA ALA H 32 -14.51 -18.47 -30.88
C ALA H 32 -13.04 -18.87 -30.99
N ILE H 33 -12.20 -18.15 -30.26
CA ILE H 33 -10.75 -18.24 -30.42
C ILE H 33 -10.22 -19.34 -29.52
N GLU H 34 -9.58 -20.32 -30.13
CA GLU H 34 -8.78 -21.31 -29.45
C GLU H 34 -7.37 -21.24 -30.02
N GLU H 35 -6.43 -21.87 -29.34
CA GLU H 35 -5.04 -22.08 -29.81
C GLU H 35 -4.43 -20.80 -30.35
N VAL H 36 -4.28 -19.85 -29.47
CA VAL H 36 -3.47 -18.68 -29.76
C VAL H 36 -2.02 -19.08 -29.63
N ARG H 37 -1.20 -18.65 -30.59
CA ARG H 37 0.20 -19.05 -30.66
C ARG H 37 1.07 -17.82 -30.91
N GLY H 38 1.44 -17.14 -29.82
CA GLY H 38 2.37 -16.04 -29.88
C GLY H 38 3.77 -16.54 -29.62
N ASP H 39 4.12 -17.62 -30.32
CA ASP H 39 5.32 -18.36 -30.06
C ASP H 39 6.40 -18.11 -31.10
N ALA H 40 6.07 -17.47 -32.20
CA ALA H 40 7.05 -17.09 -33.21
C ALA H 40 7.68 -15.76 -32.81
N HIS H 41 8.38 -15.13 -33.75
CA HIS H 41 9.18 -13.95 -33.51
C HIS H 41 8.79 -12.74 -34.34
N ALA H 42 8.11 -12.93 -35.46
CA ALA H 42 8.03 -11.92 -36.51
C ALA H 42 6.87 -10.97 -36.35
N GLY H 43 6.42 -10.73 -35.12
CA GLY H 43 5.21 -9.96 -34.93
C GLY H 43 3.95 -10.69 -35.28
N VAL H 44 4.02 -12.00 -35.50
CA VAL H 44 2.94 -12.78 -36.09
C VAL H 44 2.33 -13.69 -35.04
N ILE H 45 1.03 -13.90 -35.16
CA ILE H 45 0.33 -14.94 -34.42
C ILE H 45 -0.50 -15.73 -35.42
N ARG H 46 -0.44 -17.04 -35.27
CA ARG H 46 -1.37 -17.95 -35.90
C ARG H 46 -2.51 -18.22 -34.93
N ILE H 47 -3.74 -18.07 -35.40
CA ILE H 47 -4.94 -18.20 -34.59
C ILE H 47 -5.84 -19.21 -35.27
N GLN H 48 -6.68 -19.88 -34.47
CA GLN H 48 -7.81 -20.61 -35.00
C GLN H 48 -9.09 -19.99 -34.47
N THR H 49 -9.90 -19.49 -35.39
CA THR H 49 -11.31 -19.31 -35.13
C THR H 49 -11.98 -20.67 -35.24
N SER H 50 -13.10 -20.81 -34.54
CA SER H 50 -13.97 -21.94 -34.86
C SER H 50 -14.68 -21.73 -36.19
N ALA H 51 -14.68 -20.50 -36.70
CA ALA H 51 -15.23 -20.23 -38.01
C ALA H 51 -14.22 -20.58 -39.09
N MET H 52 -14.74 -21.12 -40.18
CA MET H 52 -13.97 -21.55 -41.33
C MET H 52 -14.24 -20.54 -42.43
N PHE H 53 -13.43 -19.49 -42.45
CA PHE H 53 -13.42 -18.59 -43.59
C PHE H 53 -12.50 -19.17 -44.65
N GLY H 54 -12.48 -18.54 -45.82
CA GLY H 54 -11.75 -19.08 -46.95
C GLY H 54 -12.61 -19.07 -48.19
N LEU H 55 -12.66 -20.20 -48.88
CA LEU H 55 -13.64 -20.33 -49.95
C LEU H 55 -15.05 -20.24 -49.34
N LYS H 56 -16.03 -20.22 -50.21
CA LYS H 56 -17.42 -20.19 -49.76
C LYS H 56 -17.80 -21.60 -49.29
N THR H 57 -19.10 -21.83 -49.10
CA THR H 57 -19.58 -23.18 -48.88
C THR H 57 -19.09 -24.12 -49.98
N ASP H 58 -19.04 -23.64 -51.23
CA ASP H 58 -18.84 -24.53 -52.36
C ASP H 58 -17.43 -24.52 -52.96
N GLY H 59 -16.99 -23.41 -53.58
CA GLY H 59 -15.79 -23.49 -54.40
C GLY H 59 -14.90 -22.30 -54.73
N VAL H 60 -15.14 -21.09 -54.20
CA VAL H 60 -14.53 -19.90 -54.80
C VAL H 60 -13.97 -18.96 -53.74
N ASP H 61 -12.80 -18.38 -54.06
CA ASP H 61 -12.32 -17.14 -53.46
C ASP H 61 -12.06 -17.20 -51.96
N LEU H 62 -10.85 -17.66 -51.61
CA LEU H 62 -10.28 -17.58 -50.27
C LEU H 62 -10.71 -16.32 -49.50
N ALA H 63 -10.78 -15.18 -50.17
CA ALA H 63 -11.05 -13.91 -49.51
C ALA H 63 -12.52 -13.70 -49.20
N TYR H 64 -13.35 -14.74 -49.20
CA TYR H 64 -14.72 -14.66 -48.71
C TYR H 64 -14.76 -15.27 -47.30
N MET H 65 -15.97 -15.33 -46.75
CA MET H 65 -16.14 -15.37 -45.31
C MET H 65 -17.37 -16.22 -44.98
N SER H 66 -17.13 -17.40 -44.44
CA SER H 66 -18.19 -18.32 -44.02
C SER H 66 -18.06 -18.59 -42.52
N PHE H 67 -18.96 -17.99 -41.74
CA PHE H 67 -19.19 -18.38 -40.36
C PHE H 67 -20.55 -19.03 -40.25
N MET H 68 -20.88 -19.46 -39.04
CA MET H 68 -22.17 -20.06 -38.74
C MET H 68 -23.11 -19.01 -38.17
N ASN H 69 -24.26 -18.85 -38.80
CA ASN H 69 -25.37 -18.09 -38.27
C ASN H 69 -26.57 -19.02 -38.25
N GLY H 70 -27.12 -19.27 -37.08
CA GLY H 70 -28.10 -20.31 -36.92
C GLY H 70 -27.42 -21.66 -36.83
N LYS H 71 -28.13 -22.69 -37.29
CA LYS H 71 -27.49 -23.93 -37.69
C LYS H 71 -26.70 -23.77 -38.98
N THR H 72 -26.85 -22.65 -39.68
CA THR H 72 -26.45 -22.49 -41.06
C THR H 72 -25.16 -21.69 -41.16
N GLN H 73 -24.47 -21.89 -42.28
CA GLN H 73 -23.33 -21.08 -42.62
C GLN H 73 -23.78 -19.69 -43.06
N LYS H 74 -22.80 -18.83 -43.36
CA LYS H 74 -23.06 -17.62 -44.12
C LYS H 74 -21.80 -17.29 -44.91
N SER H 75 -21.71 -17.83 -46.11
CA SER H 75 -20.49 -17.76 -46.92
C SER H 75 -20.54 -16.50 -47.77
N ILE H 76 -20.01 -15.41 -47.22
CA ILE H 76 -20.08 -14.07 -47.80
C ILE H 76 -18.73 -13.40 -47.66
N LYS H 77 -18.66 -12.10 -47.97
CA LYS H 77 -17.39 -11.38 -48.07
C LYS H 77 -16.78 -11.08 -46.70
N ILE H 78 -15.45 -10.97 -46.69
CA ILE H 78 -14.61 -10.83 -45.48
C ILE H 78 -14.55 -9.39 -45.00
N ASP H 79 -15.40 -8.52 -45.53
CA ASP H 79 -15.17 -7.08 -45.67
C ASP H 79 -14.36 -6.39 -44.57
N ASN H 80 -14.65 -6.66 -43.30
CA ASN H 80 -14.14 -5.84 -42.19
C ASN H 80 -13.66 -6.70 -41.03
N LEU H 81 -12.82 -7.68 -41.34
CA LEU H 81 -12.14 -8.44 -40.30
C LEU H 81 -11.34 -7.51 -39.39
N HIS H 82 -11.29 -7.86 -38.11
CA HIS H 82 -10.36 -7.21 -37.18
C HIS H 82 -9.86 -8.25 -36.17
N VAL H 83 -8.62 -8.67 -36.34
CA VAL H 83 -7.83 -9.17 -35.22
C VAL H 83 -7.25 -7.97 -34.52
N ARG H 84 -7.14 -8.05 -33.20
CA ARG H 84 -6.41 -7.01 -32.50
C ARG H 84 -5.99 -7.49 -31.12
N THR H 85 -5.12 -6.71 -30.53
CA THR H 85 -4.49 -6.93 -29.24
C THR H 85 -4.45 -5.56 -28.61
N SER H 86 -3.47 -5.31 -27.73
CA SER H 86 -3.16 -3.98 -27.25
C SER H 86 -3.28 -2.91 -28.32
N ALA H 87 -2.89 -3.21 -29.56
CA ALA H 87 -3.20 -2.39 -30.72
C ALA H 87 -3.89 -3.23 -31.78
N PRO H 88 -4.45 -2.59 -32.80
CA PRO H 88 -4.97 -3.37 -33.93
C PRO H 88 -3.87 -4.08 -34.68
N CYS H 89 -4.08 -5.37 -34.92
CA CYS H 89 -3.13 -6.19 -35.62
C CYS H 89 -3.21 -5.93 -37.12
N SER H 90 -2.38 -6.65 -37.85
CA SER H 90 -2.44 -6.71 -39.30
C SER H 90 -2.65 -8.15 -39.71
N LEU H 91 -3.71 -8.40 -40.45
CA LEU H 91 -3.92 -9.69 -41.08
C LEU H 91 -2.71 -10.05 -41.94
N VAL H 92 -2.39 -11.34 -42.00
CA VAL H 92 -1.39 -11.87 -42.92
C VAL H 92 -2.03 -12.76 -43.96
N SER H 93 -2.80 -13.76 -43.52
CA SER H 93 -3.52 -14.62 -44.44
C SER H 93 -4.42 -15.53 -43.64
N HIS H 94 -5.51 -15.96 -44.28
CA HIS H 94 -6.41 -16.95 -43.72
C HIS H 94 -6.45 -18.19 -44.61
N HIS H 95 -6.66 -19.33 -43.97
CA HIS H 95 -6.88 -20.59 -44.68
C HIS H 95 -7.59 -21.54 -43.74
N GLY H 96 -8.80 -21.94 -44.10
CA GLY H 96 -9.53 -22.90 -43.30
C GLY H 96 -10.15 -22.24 -42.09
N TYR H 97 -9.99 -22.88 -40.93
CA TYR H 97 -10.38 -22.29 -39.67
C TYR H 97 -9.42 -21.22 -39.19
N TYR H 98 -8.32 -21.02 -39.89
CA TYR H 98 -7.09 -20.52 -39.30
C TYR H 98 -6.68 -19.24 -39.97
N ILE H 99 -6.21 -18.29 -39.17
CA ILE H 99 -5.74 -17.01 -39.66
C ILE H 99 -4.35 -16.73 -39.10
N LEU H 100 -3.51 -16.14 -39.92
CA LEU H 100 -2.23 -15.59 -39.51
C LEU H 100 -2.34 -14.07 -39.57
N ALA H 101 -1.82 -13.41 -38.55
CA ALA H 101 -1.93 -11.96 -38.44
C ALA H 101 -0.72 -11.42 -37.71
N GLN H 102 -0.21 -10.31 -38.21
CA GLN H 102 0.92 -9.64 -37.58
C GLN H 102 0.40 -8.75 -36.47
N CYS H 103 0.71 -9.10 -35.23
CA CYS H 103 0.27 -8.40 -34.05
C CYS H 103 1.44 -7.82 -33.27
N PRO H 104 1.22 -6.78 -32.48
CA PRO H 104 2.19 -6.41 -31.46
C PRO H 104 1.99 -7.26 -30.23
N PRO H 105 2.83 -7.07 -29.21
CA PRO H 105 2.58 -7.74 -27.94
C PRO H 105 1.27 -7.30 -27.34
N GLY H 106 0.72 -8.16 -26.51
CA GLY H 106 -0.53 -7.89 -25.85
C GLY H 106 -0.85 -8.90 -24.79
N ASP H 107 -1.38 -8.43 -23.66
CA ASP H 107 -1.79 -9.35 -22.62
C ASP H 107 -2.88 -10.30 -23.10
N THR H 108 -3.70 -9.85 -24.04
CA THR H 108 -4.83 -10.61 -24.54
C THR H 108 -4.72 -10.77 -26.05
N VAL H 109 -5.76 -11.40 -26.61
CA VAL H 109 -6.01 -11.40 -28.04
C VAL H 109 -7.48 -11.18 -28.24
N THR H 110 -7.81 -10.37 -29.23
CA THR H 110 -9.16 -9.84 -29.40
C THR H 110 -9.47 -9.79 -30.89
N VAL H 111 -10.41 -10.62 -31.32
CA VAL H 111 -10.68 -10.88 -32.72
C VAL H 111 -12.10 -10.44 -33.05
N GLY H 112 -12.32 -10.09 -34.31
CA GLY H 112 -13.66 -9.79 -34.72
C GLY H 112 -13.80 -9.22 -36.11
N PHE H 113 -14.82 -9.66 -36.82
CA PHE H 113 -15.20 -9.09 -38.10
C PHE H 113 -16.39 -8.17 -37.90
N HIS H 114 -16.99 -7.75 -38.99
CA HIS H 114 -18.25 -6.99 -38.96
C HIS H 114 -19.13 -7.58 -40.05
N ASP H 115 -20.14 -8.33 -39.65
CA ASP H 115 -21.11 -8.86 -40.60
C ASP H 115 -21.79 -7.72 -41.37
N GLY H 116 -22.01 -6.58 -40.71
CA GLY H 116 -22.67 -5.45 -41.30
C GLY H 116 -23.82 -4.92 -40.46
N PRO H 117 -24.66 -5.82 -39.93
CA PRO H 117 -25.64 -5.37 -38.93
C PRO H 117 -25.11 -5.31 -37.53
N ASN H 118 -24.00 -6.00 -37.24
CA ASN H 118 -23.54 -6.14 -35.88
C ASN H 118 -22.02 -6.27 -35.86
N ARG H 119 -21.43 -5.89 -34.73
CA ARG H 119 -19.98 -6.00 -34.58
C ARG H 119 -19.57 -7.46 -34.51
N HIS H 120 -20.06 -8.17 -33.51
CA HIS H 120 -20.02 -9.63 -33.50
C HIS H 120 -18.57 -10.14 -33.48
N THR H 121 -17.89 -9.81 -32.40
CA THR H 121 -16.47 -10.05 -32.21
C THR H 121 -16.25 -11.18 -31.22
N CYS H 122 -14.98 -11.54 -31.02
CA CYS H 122 -14.63 -12.49 -29.98
C CYS H 122 -13.23 -12.23 -29.47
N THR H 123 -13.06 -12.44 -28.17
CA THR H 123 -11.88 -11.99 -27.45
C THR H 123 -11.45 -13.07 -26.48
N VAL H 124 -10.19 -13.03 -26.08
CA VAL H 124 -9.59 -14.12 -25.32
C VAL H 124 -8.35 -13.62 -24.62
N ALA H 125 -7.97 -14.31 -23.55
CA ALA H 125 -6.70 -14.09 -22.89
C ALA H 125 -5.61 -14.93 -23.56
N HIS H 126 -4.46 -14.30 -23.75
CA HIS H 126 -3.25 -15.03 -24.10
C HIS H 126 -2.04 -14.13 -23.97
N LYS H 127 -1.04 -14.61 -23.23
CA LYS H 127 0.20 -13.87 -23.07
C LYS H 127 0.93 -13.84 -24.41
N VAL H 128 1.15 -12.65 -24.94
CA VAL H 128 1.82 -12.46 -26.22
C VAL H 128 3.06 -11.61 -26.00
N GLU H 129 4.11 -11.95 -26.72
CA GLU H 129 5.29 -11.11 -26.83
C GLU H 129 5.89 -11.30 -28.21
N PHE H 130 6.78 -10.39 -28.57
CA PHE H 130 7.60 -10.56 -29.78
C PHE H 130 9.01 -10.10 -29.48
N ARG H 131 9.79 -11.01 -28.98
CA ARG H 131 11.23 -10.91 -29.09
C ARG H 131 11.61 -11.20 -30.53
N PRO H 132 12.38 -10.34 -31.19
CA PRO H 132 13.09 -10.78 -32.38
C PRO H 132 14.27 -11.64 -31.99
N VAL H 133 14.65 -12.53 -32.90
CA VAL H 133 15.83 -13.34 -32.68
C VAL H 133 17.04 -12.42 -32.80
N GLY H 134 17.88 -12.45 -31.78
CA GLY H 134 19.03 -11.59 -31.70
C GLY H 134 19.23 -11.18 -30.27
N ARG H 135 20.43 -10.71 -29.98
CA ARG H 135 20.73 -10.23 -28.65
C ARG H 135 20.14 -8.85 -28.38
N GLU H 136 19.43 -8.27 -29.34
CA GLU H 136 18.65 -7.06 -29.12
C GLU H 136 17.23 -7.44 -28.75
N LYS H 137 16.74 -6.86 -27.66
CA LYS H 137 15.38 -7.09 -27.19
C LYS H 137 14.51 -5.91 -27.63
N TYR H 138 14.21 -5.89 -28.92
CA TYR H 138 13.29 -4.89 -29.43
C TYR H 138 11.89 -5.15 -28.91
N ARG H 139 10.97 -4.28 -29.34
CA ARG H 139 9.54 -4.49 -29.20
C ARG H 139 8.86 -4.65 -30.54
N HIS H 140 9.60 -4.58 -31.65
CA HIS H 140 8.99 -4.43 -32.95
C HIS H 140 10.03 -4.64 -34.05
N PRO H 141 9.69 -5.18 -35.21
CA PRO H 141 10.71 -5.39 -36.25
C PRO H 141 11.04 -4.07 -36.95
N PRO H 142 12.31 -3.79 -37.21
CA PRO H 142 12.66 -2.56 -37.94
C PRO H 142 12.58 -2.76 -39.44
N GLU H 143 12.98 -1.71 -40.16
CA GLU H 143 13.08 -1.73 -41.61
C GLU H 143 14.41 -2.28 -42.10
N HIS H 144 15.44 -2.24 -41.26
CA HIS H 144 16.79 -2.56 -41.68
C HIS H 144 17.42 -3.46 -40.64
N GLY H 145 18.71 -3.69 -40.75
CA GLY H 145 19.44 -4.59 -39.88
C GLY H 145 19.74 -5.89 -40.59
N VAL H 146 20.48 -6.74 -39.86
CA VAL H 146 20.93 -8.01 -40.41
C VAL H 146 19.75 -8.97 -40.45
N GLU H 147 19.81 -9.93 -41.37
CA GLU H 147 18.90 -11.06 -41.40
C GLU H 147 19.54 -12.24 -40.72
N LEU H 148 18.74 -13.00 -39.98
CA LEU H 148 19.24 -14.14 -39.23
C LEU H 148 18.06 -15.04 -38.89
N PRO H 149 18.31 -16.29 -38.52
CA PRO H 149 17.27 -17.32 -38.63
C PRO H 149 16.18 -17.25 -37.59
N CYS H 150 15.11 -16.52 -37.90
CA CYS H 150 13.97 -16.46 -37.01
C CYS H 150 13.02 -17.61 -37.24
N ASN H 151 12.05 -17.72 -36.33
CA ASN H 151 10.94 -18.64 -36.45
C ASN H 151 9.68 -17.85 -36.74
N ARG H 152 8.87 -18.37 -37.67
CA ARG H 152 7.84 -17.55 -38.29
C ARG H 152 6.94 -18.47 -39.09
N TYR H 153 5.72 -18.02 -39.31
CA TYR H 153 4.73 -18.75 -40.07
C TYR H 153 4.64 -18.23 -41.50
N THR H 154 4.14 -19.08 -42.38
CA THR H 154 4.15 -18.80 -43.80
C THR H 154 2.99 -17.90 -44.18
N HIS H 155 3.07 -17.37 -45.39
CA HIS H 155 1.92 -16.73 -45.99
C HIS H 155 0.95 -17.74 -46.58
N LYS H 156 1.41 -18.94 -46.89
CA LYS H 156 0.79 -19.75 -47.92
C LYS H 156 -0.11 -20.84 -47.33
N ARG H 157 -0.72 -21.58 -48.24
CA ARG H 157 -1.68 -22.64 -47.95
C ARG H 157 -1.21 -24.01 -48.40
N ALA H 158 -0.37 -24.08 -49.44
CA ALA H 158 0.06 -25.34 -50.03
C ALA H 158 0.99 -25.99 -49.03
N ASP H 159 0.38 -26.61 -48.02
CA ASP H 159 1.06 -26.89 -46.76
C ASP H 159 0.54 -28.19 -46.19
N GLN H 160 1.47 -29.06 -45.81
CA GLN H 160 1.15 -30.38 -45.30
C GLN H 160 2.03 -30.75 -44.12
N GLY H 161 2.96 -29.88 -43.69
CA GLY H 161 3.96 -30.24 -42.71
C GLY H 161 3.41 -30.82 -41.43
N HIS H 162 2.17 -30.48 -41.09
CA HIS H 162 1.46 -31.14 -40.01
C HIS H 162 -0.01 -31.23 -40.39
N TYR H 163 -0.73 -32.04 -39.62
CA TYR H 163 -2.17 -32.11 -39.75
C TYR H 163 -2.76 -32.42 -38.39
N VAL H 164 -3.85 -31.77 -38.09
CA VAL H 164 -4.58 -31.96 -36.84
C VAL H 164 -5.80 -32.81 -37.14
N GLU H 165 -6.18 -33.62 -36.16
CA GLU H 165 -7.40 -34.39 -36.25
C GLU H 165 -8.59 -33.45 -36.37
N MET H 166 -9.45 -33.72 -37.34
CA MET H 166 -10.71 -32.99 -37.46
C MET H 166 -11.82 -33.97 -37.82
N HIS H 167 -12.37 -34.62 -36.79
CA HIS H 167 -13.50 -35.52 -36.97
C HIS H 167 -14.78 -34.75 -36.68
N GLN H 168 -15.88 -35.48 -36.49
CA GLN H 168 -17.21 -34.93 -36.66
C GLN H 168 -17.50 -33.90 -35.60
N PRO H 169 -18.60 -33.18 -35.75
CA PRO H 169 -19.20 -32.52 -34.59
C PRO H 169 -20.08 -33.50 -33.84
N GLY H 170 -20.18 -33.24 -32.55
CA GLY H 170 -21.30 -33.77 -31.80
C GLY H 170 -22.56 -33.03 -32.18
N LEU H 171 -23.62 -33.34 -31.46
CA LEU H 171 -24.86 -32.61 -31.66
C LEU H 171 -24.68 -31.16 -31.27
N VAL H 172 -25.72 -30.37 -31.49
CA VAL H 172 -25.81 -29.01 -30.98
C VAL H 172 -27.25 -28.75 -30.60
N ALA H 173 -27.43 -27.77 -29.71
CA ALA H 173 -28.76 -27.36 -29.31
C ALA H 173 -29.38 -26.49 -30.40
N ASP H 174 -30.68 -26.62 -30.60
CA ASP H 174 -31.40 -25.63 -31.40
C ASP H 174 -32.86 -25.68 -30.97
N HIS H 175 -33.23 -24.81 -30.03
CA HIS H 175 -34.59 -24.77 -29.54
C HIS H 175 -35.51 -23.94 -30.43
N SER H 176 -34.99 -23.37 -31.51
CA SER H 176 -35.86 -22.87 -32.57
C SER H 176 -36.66 -24.01 -33.17
N LEU H 177 -36.11 -25.23 -33.13
CA LEU H 177 -36.85 -26.40 -33.59
C LEU H 177 -38.12 -26.61 -32.78
N LEU H 178 -37.98 -26.67 -31.46
CA LEU H 178 -39.05 -27.11 -30.59
C LEU H 178 -40.13 -26.04 -30.53
N SER H 179 -40.94 -25.99 -31.59
CA SER H 179 -42.12 -25.14 -31.62
C SER H 179 -43.24 -25.85 -30.86
N ILE H 180 -44.48 -25.39 -31.03
CA ILE H 180 -45.64 -25.95 -30.36
C ILE H 180 -46.66 -26.35 -31.43
N HIS H 181 -47.20 -27.56 -31.31
CA HIS H 181 -48.28 -28.06 -32.15
C HIS H 181 -49.64 -27.72 -31.53
N SER H 182 -49.79 -26.46 -31.13
CA SER H 182 -51.00 -25.86 -30.59
C SER H 182 -51.43 -26.38 -29.21
N ALA H 183 -50.94 -27.55 -28.80
CA ALA H 183 -50.88 -27.93 -27.39
C ALA H 183 -49.63 -28.71 -27.02
N LYS H 184 -48.93 -29.29 -27.98
CA LYS H 184 -47.80 -30.17 -27.76
C LYS H 184 -46.56 -29.51 -28.32
N VAL H 185 -45.40 -29.86 -27.76
CA VAL H 185 -44.15 -29.28 -28.23
C VAL H 185 -43.73 -30.01 -29.50
N LYS H 186 -43.38 -29.23 -30.51
CA LYS H 186 -43.26 -29.67 -31.90
C LYS H 186 -41.83 -29.46 -32.35
N ILE H 187 -41.15 -30.54 -32.62
CA ILE H 187 -39.81 -30.50 -33.19
C ILE H 187 -39.93 -30.52 -34.70
N THR H 188 -38.93 -29.95 -35.37
CA THR H 188 -38.82 -30.03 -36.82
C THR H 188 -37.40 -30.46 -37.18
N VAL H 189 -37.04 -30.38 -38.46
CA VAL H 189 -35.72 -30.81 -38.91
C VAL H 189 -35.17 -29.78 -39.90
N PRO H 190 -33.82 -29.66 -39.97
CA PRO H 190 -33.24 -28.73 -40.96
C PRO H 190 -33.56 -29.09 -42.40
N SER H 191 -33.10 -30.26 -42.83
CA SER H 191 -33.18 -30.68 -44.22
C SER H 191 -33.42 -32.19 -44.30
N GLY H 192 -34.03 -32.75 -43.26
CA GLY H 192 -33.97 -34.17 -43.02
C GLY H 192 -32.82 -34.59 -42.13
N ALA H 193 -32.16 -33.64 -41.47
CA ALA H 193 -31.07 -33.98 -40.57
C ALA H 193 -31.60 -34.80 -39.40
N GLN H 194 -30.67 -35.31 -38.61
CA GLN H 194 -30.94 -36.31 -37.60
C GLN H 194 -31.10 -35.62 -36.25
N VAL H 195 -32.35 -35.57 -35.77
CA VAL H 195 -32.70 -34.82 -34.57
C VAL H 195 -32.95 -35.82 -33.45
N LYS H 196 -32.20 -35.67 -32.36
CA LYS H 196 -32.11 -36.66 -31.30
C LYS H 196 -32.99 -36.18 -30.15
N TYR H 197 -34.09 -36.90 -29.89
CA TYR H 197 -35.24 -36.31 -29.21
C TYR H 197 -35.93 -37.24 -28.21
N TYR H 198 -36.38 -36.63 -27.10
CA TYR H 198 -37.24 -37.16 -26.03
C TYR H 198 -37.39 -35.98 -25.07
N CYS H 199 -38.28 -36.11 -24.09
CA CYS H 199 -38.49 -35.08 -23.09
C CYS H 199 -38.38 -35.73 -21.72
N LYS H 200 -38.44 -34.93 -20.66
CA LYS H 200 -38.37 -35.50 -19.32
C LYS H 200 -39.49 -36.50 -19.12
N CYS H 201 -40.66 -36.24 -19.68
CA CYS H 201 -41.76 -37.18 -19.62
C CYS H 201 -41.40 -38.38 -20.49
N PRO H 202 -42.21 -39.45 -20.48
CA PRO H 202 -42.03 -40.53 -21.46
C PRO H 202 -42.74 -40.32 -22.80
N ASP H 203 -41.95 -40.15 -23.86
CA ASP H 203 -42.39 -40.10 -25.26
C ASP H 203 -41.28 -40.71 -26.12
N VAL H 204 -41.21 -40.35 -27.41
CA VAL H 204 -40.20 -40.89 -28.34
C VAL H 204 -38.80 -40.73 -27.76
N ARG H 205 -38.03 -41.83 -27.69
CA ARG H 205 -36.83 -41.86 -26.86
C ARG H 205 -35.51 -41.66 -27.60
N GLU H 206 -35.38 -42.02 -28.88
CA GLU H 206 -34.15 -41.69 -29.60
C GLU H 206 -34.31 -40.39 -30.37
N GLY H 207 -35.12 -40.42 -31.41
CA GLY H 207 -35.24 -39.33 -32.35
C GLY H 207 -34.24 -39.56 -33.46
N ILE H 208 -34.66 -40.20 -34.54
CA ILE H 208 -33.94 -40.17 -35.81
C ILE H 208 -35.04 -40.04 -36.86
N THR H 209 -35.42 -38.81 -37.19
CA THR H 209 -36.74 -38.58 -37.74
C THR H 209 -36.77 -37.35 -38.62
N SER H 210 -37.88 -37.20 -39.33
CA SER H 210 -38.34 -35.93 -39.85
C SER H 210 -39.01 -35.17 -38.71
N SER H 211 -39.77 -34.13 -39.04
CA SER H 211 -40.46 -33.35 -38.02
C SER H 211 -41.44 -34.19 -37.23
N ASP H 212 -41.11 -34.45 -35.96
CA ASP H 212 -42.00 -35.14 -35.03
C ASP H 212 -42.81 -34.14 -34.22
N HIS H 213 -43.82 -34.66 -33.57
CA HIS H 213 -44.52 -34.00 -32.49
C HIS H 213 -44.06 -34.63 -31.18
N THR H 214 -44.74 -34.27 -30.09
CA THR H 214 -44.46 -34.83 -28.77
C THR H 214 -45.79 -35.12 -28.10
N THR H 215 -46.13 -36.40 -27.97
CA THR H 215 -47.39 -36.74 -27.35
C THR H 215 -47.43 -36.30 -25.90
N THR H 216 -46.37 -36.59 -25.14
CA THR H 216 -46.45 -36.52 -23.68
C THR H 216 -46.18 -35.12 -23.12
N CYS H 217 -44.94 -34.66 -23.23
CA CYS H 217 -44.59 -33.37 -22.63
C CYS H 217 -45.16 -32.23 -23.46
N THR H 218 -45.16 -31.05 -22.85
CA THR H 218 -45.69 -29.82 -23.43
C THR H 218 -44.68 -28.70 -23.44
N ASP H 219 -43.86 -28.59 -22.38
CA ASP H 219 -42.97 -27.46 -22.24
C ASP H 219 -41.75 -27.64 -23.13
N VAL H 220 -41.39 -26.56 -23.82
CA VAL H 220 -40.19 -26.55 -24.63
C VAL H 220 -38.95 -26.78 -23.78
N LYS H 221 -39.00 -26.41 -22.50
CA LYS H 221 -37.84 -26.36 -21.63
C LYS H 221 -37.53 -27.71 -20.98
N GLN H 222 -38.10 -28.81 -21.46
CA GLN H 222 -37.85 -30.11 -20.89
C GLN H 222 -37.68 -31.15 -21.97
N CYS H 223 -37.05 -30.77 -23.08
CA CYS H 223 -36.96 -31.63 -24.26
C CYS H 223 -35.59 -31.51 -24.90
N ARG H 224 -35.32 -32.47 -25.78
CA ARG H 224 -33.99 -32.68 -26.38
C ARG H 224 -33.98 -32.11 -27.80
N ALA H 225 -33.68 -30.82 -27.91
CA ALA H 225 -33.49 -30.17 -29.21
C ALA H 225 -32.06 -30.39 -29.64
N TYR H 226 -31.84 -31.40 -30.49
CA TYR H 226 -30.51 -31.82 -30.88
C TYR H 226 -30.41 -31.85 -32.40
N LEU H 227 -29.17 -31.72 -32.89
CA LEU H 227 -28.88 -31.72 -34.33
C LEU H 227 -27.65 -32.59 -34.56
N ILE H 228 -27.87 -33.88 -34.80
CA ILE H 228 -26.83 -34.72 -35.36
C ILE H 228 -26.80 -34.41 -36.85
N ASP H 229 -25.88 -33.55 -37.26
CA ASP H 229 -25.80 -33.00 -38.61
C ASP H 229 -24.41 -33.22 -39.16
N ASN H 230 -23.94 -34.45 -39.04
CA ASN H 230 -22.54 -34.77 -39.34
C ASN H 230 -22.32 -35.02 -40.83
N LYS H 231 -22.77 -34.10 -41.66
CA LYS H 231 -22.40 -34.10 -43.07
C LYS H 231 -21.09 -33.36 -43.32
N LYS H 232 -20.63 -32.58 -42.35
CA LYS H 232 -19.36 -31.87 -42.44
C LYS H 232 -18.66 -31.93 -41.10
N TRP H 233 -17.39 -32.34 -41.12
CA TRP H 233 -16.63 -32.48 -39.90
C TRP H 233 -16.29 -31.10 -39.33
N VAL H 234 -15.58 -31.10 -38.20
CA VAL H 234 -15.20 -29.87 -37.51
C VAL H 234 -13.77 -29.97 -37.00
N TYR H 235 -13.29 -28.84 -36.49
CA TYR H 235 -12.11 -28.85 -35.64
C TYR H 235 -12.49 -29.42 -34.28
N ASN H 236 -11.53 -30.11 -33.68
CA ASN H 236 -11.76 -30.80 -32.42
C ASN H 236 -11.45 -29.85 -31.26
N SER H 237 -12.23 -28.78 -31.22
CA SER H 237 -12.09 -27.79 -30.16
C SER H 237 -12.38 -28.42 -28.81
N GLY H 238 -11.72 -27.89 -27.78
CA GLY H 238 -12.13 -28.20 -26.43
C GLY H 238 -13.53 -27.73 -26.14
N ARG H 239 -13.99 -26.71 -26.85
CA ARG H 239 -15.34 -26.19 -26.69
C ARG H 239 -16.32 -26.84 -27.64
N LEU H 240 -16.06 -28.09 -28.01
CA LEU H 240 -16.93 -28.96 -28.77
C LEU H 240 -17.49 -30.06 -27.87
N PRO H 241 -18.77 -30.39 -27.97
CA PRO H 241 -19.24 -31.65 -27.39
C PRO H 241 -18.93 -32.82 -28.33
N ARG H 242 -18.45 -33.90 -27.74
CA ARG H 242 -18.07 -35.08 -28.50
C ARG H 242 -19.23 -35.60 -29.32
N GLY H 243 -18.93 -36.01 -30.55
CA GLY H 243 -19.83 -36.88 -31.27
C GLY H 243 -19.65 -38.27 -30.74
N GLU H 244 -20.61 -38.71 -29.92
CA GLU H 244 -20.41 -39.88 -29.07
C GLU H 244 -20.24 -41.17 -29.86
N GLY H 245 -20.66 -41.18 -31.12
CA GLY H 245 -20.73 -42.43 -31.84
C GLY H 245 -19.35 -43.02 -32.12
N ASP H 246 -18.43 -42.19 -32.60
CA ASP H 246 -17.25 -42.73 -33.25
C ASP H 246 -16.22 -41.63 -33.46
N THR H 247 -14.97 -42.05 -33.61
CA THR H 247 -13.91 -41.24 -34.18
C THR H 247 -14.00 -41.33 -35.70
N PHE H 248 -14.89 -40.53 -36.30
CA PHE H 248 -14.90 -40.48 -37.75
C PHE H 248 -13.57 -39.94 -38.30
N LYS H 249 -13.37 -40.16 -39.60
CA LYS H 249 -12.23 -39.67 -40.35
C LYS H 249 -12.32 -38.15 -40.46
N GLY H 250 -11.37 -37.56 -41.17
CA GLY H 250 -11.21 -36.13 -41.30
C GLY H 250 -9.89 -35.62 -40.78
N LYS H 251 -8.82 -36.38 -40.99
CA LYS H 251 -7.49 -35.85 -40.78
C LYS H 251 -7.25 -34.71 -41.75
N LEU H 252 -6.88 -33.54 -41.22
CA LEU H 252 -6.84 -32.32 -42.01
C LEU H 252 -5.63 -31.49 -41.62
N HIS H 253 -4.96 -30.95 -42.64
CA HIS H 253 -3.67 -30.30 -42.51
C HIS H 253 -3.75 -29.05 -41.66
N VAL H 254 -2.60 -28.46 -41.43
CA VAL H 254 -2.48 -27.08 -40.97
C VAL H 254 -1.81 -26.28 -42.08
N PRO H 255 -2.33 -25.12 -42.46
CA PRO H 255 -1.59 -24.26 -43.39
C PRO H 255 -0.33 -23.66 -42.82
N PHE H 256 -0.49 -22.96 -41.71
CA PHE H 256 0.52 -22.04 -41.23
C PHE H 256 1.51 -22.81 -40.37
N VAL H 257 2.42 -23.49 -41.05
CA VAL H 257 3.48 -24.24 -40.40
C VAL H 257 4.48 -23.20 -39.90
N PRO H 258 5.12 -23.42 -38.76
CA PRO H 258 6.27 -22.56 -38.41
C PRO H 258 7.47 -22.94 -39.25
N VAL H 259 8.05 -21.96 -39.93
CA VAL H 259 9.12 -22.18 -40.88
C VAL H 259 10.33 -21.34 -40.48
N LYS H 260 11.46 -21.70 -41.08
CA LYS H 260 12.74 -21.07 -40.77
C LYS H 260 12.98 -19.91 -41.73
N ALA H 261 12.09 -18.94 -41.63
CA ALA H 261 12.32 -17.69 -42.32
C ALA H 261 13.47 -16.95 -41.67
N LYS H 262 14.20 -16.19 -42.48
CA LYS H 262 15.15 -15.22 -41.96
C LYS H 262 14.39 -13.92 -41.88
N CYS H 263 13.91 -13.58 -40.70
CA CYS H 263 13.27 -12.30 -40.52
C CYS H 263 14.22 -11.19 -40.88
N ILE H 264 13.70 -10.18 -41.57
CA ILE H 264 14.32 -8.87 -41.51
C ILE H 264 14.40 -8.57 -40.02
N ALA H 265 15.58 -8.20 -39.53
CA ALA H 265 15.78 -8.36 -38.10
C ALA H 265 16.65 -7.24 -37.55
N THR H 266 17.10 -7.44 -36.32
CA THR H 266 17.54 -6.38 -35.44
C THR H 266 18.98 -6.01 -35.77
N LEU H 267 19.40 -4.90 -35.18
CA LEU H 267 20.77 -4.43 -35.27
C LEU H 267 20.88 -3.28 -34.28
N ALA H 268 21.91 -3.30 -33.48
CA ALA H 268 22.13 -2.27 -32.49
C ALA H 268 23.20 -1.30 -32.97
N PRO H 269 23.10 -0.01 -32.63
CA PRO H 269 24.08 0.96 -33.12
C PRO H 269 25.51 0.60 -32.72
N GLU H 270 26.44 0.98 -33.59
CA GLU H 270 27.80 0.54 -33.43
C GLU H 270 28.38 1.06 -32.13
N PRO H 271 29.36 0.38 -31.55
CA PRO H 271 29.99 0.87 -30.33
C PRO H 271 31.01 1.97 -30.62
N LEU H 272 31.41 2.63 -29.55
CA LEU H 272 32.52 3.60 -29.57
C LEU H 272 33.71 2.92 -28.93
N VAL H 273 34.62 2.46 -29.74
CA VAL H 273 35.80 1.78 -29.22
C VAL H 273 36.77 2.83 -28.70
N GLU H 274 37.30 2.58 -27.52
CA GLU H 274 38.25 3.48 -26.88
C GLU H 274 39.36 2.63 -26.29
N HIS H 275 40.58 3.01 -26.59
CA HIS H 275 41.74 2.27 -26.12
C HIS H 275 42.11 2.64 -24.70
N LYS H 276 42.56 1.65 -23.94
CA LYS H 276 43.39 1.86 -22.77
C LYS H 276 44.35 0.69 -22.67
N HIS H 277 45.19 0.73 -21.65
CA HIS H 277 46.21 -0.29 -21.43
C HIS H 277 45.54 -1.61 -21.07
N ARG H 278 45.51 -2.53 -22.04
CA ARG H 278 44.92 -3.85 -21.85
C ARG H 278 43.49 -3.74 -21.37
N THR H 279 42.79 -2.71 -21.81
CA THR H 279 41.46 -2.40 -21.30
C THR H 279 40.68 -1.68 -22.38
N LEU H 280 39.48 -2.16 -22.65
CA LEU H 280 38.54 -1.51 -23.55
C LEU H 280 37.56 -0.70 -22.72
N ILE H 281 37.76 0.61 -22.66
CA ILE H 281 36.64 1.47 -22.36
C ILE H 281 35.76 1.47 -23.59
N LEU H 282 34.46 1.40 -23.36
CA LEU H 282 33.48 1.42 -24.43
C LEU H 282 32.32 2.28 -23.97
N HIS H 283 32.32 3.54 -24.39
CA HIS H 283 31.11 4.33 -24.30
C HIS H 283 30.10 3.73 -25.27
N LEU H 284 28.90 3.43 -24.76
CA LEU H 284 27.96 2.62 -25.51
C LEU H 284 26.57 3.19 -25.34
N HIS H 285 25.78 3.03 -26.39
CA HIS H 285 24.56 3.80 -26.54
C HIS H 285 23.61 3.07 -27.48
N PRO H 286 22.80 2.16 -26.97
CA PRO H 286 21.93 1.36 -27.83
C PRO H 286 20.62 2.03 -28.16
N ASP H 287 19.84 1.36 -29.00
CA ASP H 287 18.47 1.70 -29.31
C ASP H 287 17.51 1.03 -28.33
N HIS H 288 17.79 -0.21 -28.00
CA HIS H 288 16.91 -1.06 -27.23
C HIS H 288 17.75 -1.91 -26.31
N PRO H 289 17.17 -2.67 -25.39
CA PRO H 289 17.98 -3.52 -24.52
C PRO H 289 18.74 -4.55 -25.33
N THR H 290 20.06 -4.47 -25.24
CA THR H 290 20.97 -5.29 -26.00
C THR H 290 21.77 -6.18 -25.06
N LEU H 291 21.74 -7.49 -25.30
CA LEU H 291 22.55 -8.40 -24.51
C LEU H 291 23.97 -8.37 -25.07
N LEU H 292 24.86 -7.73 -24.35
CA LEU H 292 26.27 -7.79 -24.65
C LEU H 292 26.90 -8.96 -23.92
N THR H 293 27.93 -9.53 -24.55
CA THR H 293 28.69 -10.56 -23.86
C THR H 293 30.01 -10.79 -24.57
N THR H 294 30.94 -11.40 -23.82
CA THR H 294 32.33 -11.53 -24.24
C THR H 294 32.85 -12.90 -23.83
N ARG H 295 34.10 -13.18 -24.26
CA ARG H 295 34.77 -14.44 -23.93
C ARG H 295 36.27 -14.17 -23.88
N SER H 296 36.81 -13.98 -22.69
CA SER H 296 38.26 -13.85 -22.59
C SER H 296 38.86 -15.18 -22.97
N LEU H 297 39.55 -15.20 -24.10
CA LEU H 297 39.90 -16.43 -24.78
C LEU H 297 40.95 -17.25 -24.08
N GLY H 298 41.44 -16.86 -22.91
CA GLY H 298 42.21 -17.78 -22.12
C GLY H 298 41.39 -19.00 -21.78
N SER H 299 42.09 -20.05 -21.38
CA SER H 299 41.39 -21.21 -20.83
C SER H 299 40.60 -20.81 -19.59
N ASP H 300 40.99 -19.73 -18.93
CA ASP H 300 40.07 -18.97 -18.09
C ASP H 300 39.14 -18.19 -19.00
N ALA H 301 37.89 -18.63 -19.09
CA ALA H 301 36.95 -17.96 -19.97
C ALA H 301 36.63 -16.55 -19.50
N ASN H 302 36.24 -16.42 -18.24
CA ASN H 302 35.78 -15.18 -17.63
C ASN H 302 34.83 -14.38 -18.54
N PRO H 303 33.68 -14.95 -18.89
CA PRO H 303 32.72 -14.21 -19.71
C PRO H 303 31.90 -13.25 -18.88
N THR H 304 31.12 -12.46 -19.60
CA THR H 304 30.24 -11.46 -19.02
C THR H 304 28.97 -11.40 -19.83
N ARG H 305 27.86 -11.12 -19.16
CA ARG H 305 26.58 -10.91 -19.81
C ARG H 305 25.90 -9.74 -19.13
N GLN H 306 25.33 -8.84 -19.92
CA GLN H 306 24.43 -7.85 -19.35
C GLN H 306 23.60 -7.24 -20.47
N TRP H 307 22.29 -7.32 -20.32
CA TRP H 307 21.40 -6.54 -21.16
C TRP H 307 21.67 -5.08 -20.92
N ILE H 308 21.89 -4.33 -21.99
CA ILE H 308 22.13 -2.90 -21.91
C ILE H 308 21.04 -2.22 -22.71
N GLU H 309 20.21 -1.45 -22.01
CA GLU H 309 19.29 -0.52 -22.62
C GLU H 309 19.63 0.92 -22.29
N ARG H 310 20.15 1.16 -21.13
CA ARG H 310 20.60 2.48 -20.77
C ARG H 310 22.02 2.68 -21.28
N PRO H 311 22.33 3.78 -21.95
CA PRO H 311 23.69 3.99 -22.43
C PRO H 311 24.69 4.00 -21.29
N THR H 312 25.79 3.30 -21.50
CA THR H 312 26.71 3.01 -20.42
C THR H 312 28.12 2.90 -20.95
N THR H 313 29.04 3.60 -20.32
CA THR H 313 30.45 3.37 -20.52
C THR H 313 30.86 2.17 -19.68
N VAL H 314 31.36 1.13 -20.33
CA VAL H 314 31.72 -0.13 -19.67
C VAL H 314 33.21 -0.34 -19.78
N ASN H 315 33.69 -1.44 -19.23
CA ASN H 315 35.10 -1.75 -19.23
C ASN H 315 35.29 -3.25 -19.35
N PHE H 316 36.44 -3.63 -19.91
CA PHE H 316 36.76 -5.04 -20.13
C PHE H 316 38.26 -5.19 -19.97
N THR H 317 38.67 -5.93 -18.95
CA THR H 317 40.07 -6.24 -18.78
C THR H 317 40.48 -7.24 -19.84
N VAL H 318 40.94 -6.76 -20.96
CA VAL H 318 41.44 -7.65 -22.00
C VAL H 318 42.79 -8.17 -21.59
N THR H 319 43.05 -9.41 -21.96
CA THR H 319 44.27 -10.11 -21.63
C THR H 319 45.25 -9.99 -22.79
N GLY H 320 46.33 -10.76 -22.71
CA GLY H 320 47.34 -10.70 -23.75
C GLY H 320 46.88 -11.35 -25.03
N GLU H 321 46.22 -12.50 -24.92
CA GLU H 321 45.95 -13.30 -26.11
C GLU H 321 44.75 -12.82 -26.89
N GLY H 322 43.74 -12.30 -26.22
CA GLY H 322 42.64 -11.68 -26.94
C GLY H 322 41.33 -11.76 -26.18
N LEU H 323 40.38 -10.96 -26.65
CA LEU H 323 39.00 -10.98 -26.20
C LEU H 323 38.11 -10.84 -27.41
N GLU H 324 36.84 -11.23 -27.28
CA GLU H 324 35.85 -10.99 -28.31
C GLU H 324 34.65 -10.31 -27.70
N TYR H 325 33.86 -9.70 -28.58
CA TYR H 325 32.93 -8.64 -28.21
C TYR H 325 31.72 -8.69 -29.14
N THR H 326 30.53 -8.69 -28.56
CA THR H 326 29.30 -9.06 -29.27
C THR H 326 28.22 -8.01 -29.06
N TRP H 327 28.27 -6.93 -29.84
CA TRP H 327 27.32 -5.83 -29.69
C TRP H 327 25.98 -6.24 -30.27
N GLY H 328 25.24 -7.02 -29.50
CA GLY H 328 23.99 -7.47 -30.04
C GLY H 328 24.25 -8.46 -31.16
N ASN H 329 23.23 -8.68 -31.98
CA ASN H 329 23.38 -9.56 -33.12
C ASN H 329 24.28 -8.96 -34.20
N HIS H 330 24.77 -7.75 -34.02
CA HIS H 330 25.93 -7.32 -34.78
C HIS H 330 27.03 -8.36 -34.63
N PRO H 331 27.85 -8.61 -35.65
CA PRO H 331 28.75 -9.76 -35.58
C PRO H 331 29.75 -9.64 -34.46
N PRO H 332 30.35 -10.73 -34.04
CA PRO H 332 31.32 -10.69 -32.95
C PRO H 332 32.62 -10.05 -33.40
N LYS H 333 33.12 -9.12 -32.60
CA LYS H 333 34.41 -8.51 -32.81
C LYS H 333 35.47 -9.30 -32.06
N ARG H 334 36.73 -8.91 -32.26
CA ARG H 334 37.86 -9.55 -31.64
C ARG H 334 38.93 -8.47 -31.47
N VAL H 335 39.84 -8.67 -30.52
CA VAL H 335 40.77 -7.61 -30.18
C VAL H 335 42.12 -8.16 -29.69
N TRP H 336 43.22 -7.69 -30.28
CA TRP H 336 44.55 -7.88 -29.74
C TRP H 336 44.78 -6.76 -28.75
N ALA H 337 44.94 -7.14 -27.48
CA ALA H 337 45.47 -6.24 -26.48
C ALA H 337 46.72 -6.91 -25.96
N GLN H 338 47.83 -6.63 -26.63
CA GLN H 338 49.12 -6.79 -26.02
C GLN H 338 49.36 -5.56 -25.17
N GLU H 339 50.61 -5.34 -24.79
CA GLU H 339 51.00 -4.21 -23.98
C GLU H 339 50.48 -2.88 -24.51
N SER H 340 50.43 -1.90 -23.64
CA SER H 340 50.56 -0.51 -24.07
C SER H 340 51.30 0.33 -23.04
N GLY H 341 51.89 -0.27 -22.01
CA GLY H 341 52.55 0.41 -20.93
C GLY H 341 54.02 0.61 -21.13
N GLU H 342 54.50 0.38 -22.35
CA GLU H 342 55.84 0.78 -22.79
C GLU H 342 56.97 -0.05 -22.15
N GLY H 343 56.77 -1.36 -22.01
CA GLY H 343 57.85 -2.31 -21.85
C GLY H 343 58.94 -2.02 -20.83
N ASN H 344 60.16 -1.74 -21.31
CA ASN H 344 61.27 -1.27 -20.48
C ASN H 344 62.38 -0.66 -21.33
N PRO H 345 62.15 0.52 -21.90
CA PRO H 345 63.27 1.42 -22.19
C PRO H 345 63.90 1.90 -20.88
N HIS H 346 65.02 2.60 -21.00
CA HIS H 346 65.77 2.90 -19.79
C HIS H 346 66.76 4.04 -20.00
N GLY H 347 66.56 5.14 -19.25
CA GLY H 347 67.56 6.20 -19.10
C GLY H 347 67.60 6.84 -17.72
N TRP H 348 66.75 6.38 -16.81
CA TRP H 348 66.53 6.88 -15.46
C TRP H 348 67.07 5.81 -14.52
N PRO H 349 67.09 5.96 -13.18
CA PRO H 349 67.34 4.76 -12.37
C PRO H 349 66.24 3.70 -12.35
N HIS H 350 65.04 3.98 -11.82
CA HIS H 350 64.04 2.91 -11.66
C HIS H 350 62.59 3.30 -11.86
N GLU H 351 62.22 4.57 -11.83
CA GLU H 351 60.82 4.94 -12.03
C GLU H 351 60.31 4.60 -13.42
N VAL H 352 61.19 4.30 -14.37
CA VAL H 352 60.75 3.81 -15.69
C VAL H 352 60.47 2.31 -15.69
N VAL H 353 60.87 1.59 -14.63
CA VAL H 353 60.56 0.17 -14.51
C VAL H 353 59.09 -0.10 -14.31
N VAL H 354 58.31 0.94 -13.97
CA VAL H 354 56.85 0.84 -13.91
C VAL H 354 56.31 0.25 -15.19
N TYR H 355 56.94 0.58 -16.33
CA TYR H 355 56.60 -0.03 -17.60
C TYR H 355 56.60 -1.55 -17.51
N TYR H 356 57.61 -2.12 -16.84
CA TYR H 356 57.67 -3.55 -16.66
C TYR H 356 56.64 -4.02 -15.64
N TYR H 357 56.28 -3.15 -14.69
CA TYR H 357 55.25 -3.49 -13.72
C TYR H 357 53.87 -3.38 -14.32
N ASN H 358 53.68 -2.38 -15.16
CA ASN H 358 52.38 -2.15 -15.78
C ASN H 358 52.04 -3.24 -16.79
N ARG H 359 53.04 -3.98 -17.25
CA ARG H 359 52.83 -5.14 -18.12
C ARG H 359 52.67 -6.41 -17.32
N TYR H 360 53.29 -6.49 -16.15
CA TYR H 360 53.19 -7.64 -15.25
C TYR H 360 52.76 -7.20 -13.86
N PRO H 361 51.51 -6.77 -13.70
CA PRO H 361 51.03 -6.50 -12.34
C PRO H 361 50.43 -7.73 -11.67
N LEU H 362 51.05 -8.87 -11.86
CA LEU H 362 50.84 -10.03 -10.99
C LEU H 362 52.13 -10.65 -10.54
N THR H 363 53.13 -10.71 -11.42
CA THR H 363 54.37 -11.40 -11.12
C THR H 363 55.42 -10.46 -10.57
N THR H 364 55.32 -9.16 -10.87
CA THR H 364 56.31 -8.21 -10.37
C THR H 364 56.06 -7.86 -8.92
N ILE H 365 54.79 -7.81 -8.52
CA ILE H 365 54.47 -7.55 -7.12
C ILE H 365 55.12 -8.61 -6.24
N ILE H 366 55.05 -9.86 -6.68
CA ILE H 366 55.71 -10.94 -5.97
C ILE H 366 57.16 -11.07 -6.42
N GLY H 367 57.43 -10.81 -7.70
CA GLY H 367 58.78 -10.93 -8.19
C GLY H 367 59.69 -9.85 -7.62
N LEU H 368 59.14 -8.65 -7.42
CA LEU H 368 59.90 -7.62 -6.74
C LEU H 368 60.08 -7.97 -5.28
N CYS H 369 58.97 -8.29 -4.60
CA CYS H 369 59.04 -8.68 -3.19
C CYS H 369 59.95 -9.89 -3.01
N THR H 370 60.00 -10.77 -4.01
CA THR H 370 61.05 -11.77 -4.04
C THR H 370 62.42 -11.10 -4.10
N CYS H 371 62.59 -10.18 -5.03
CA CYS H 371 63.86 -9.47 -5.14
C CYS H 371 64.14 -8.65 -3.88
N VAL H 372 63.09 -8.14 -3.24
CA VAL H 372 63.25 -7.46 -1.97
C VAL H 372 63.53 -8.48 -0.88
N ALA H 373 62.99 -9.69 -1.02
CA ALA H 373 63.19 -10.71 0.00
C ALA H 373 64.63 -11.18 0.02
N ILE H 374 65.15 -11.56 -1.15
CA ILE H 374 66.47 -12.19 -1.20
C ILE H 374 67.55 -11.24 -0.76
N ILE H 375 67.36 -9.93 -0.97
CA ILE H 375 68.35 -8.98 -0.48
C ILE H 375 68.26 -8.89 1.04
N MET H 376 67.07 -9.05 1.60
CA MET H 376 66.95 -9.13 3.05
C MET H 376 67.50 -10.44 3.58
N VAL H 377 67.33 -11.52 2.81
CA VAL H 377 68.09 -12.75 3.08
C VAL H 377 69.57 -12.44 3.00
N SER H 378 70.01 -11.93 1.87
CA SER H 378 71.41 -11.56 1.69
C SER H 378 71.84 -10.46 2.63
N CYS H 379 70.91 -9.72 3.22
CA CYS H 379 71.27 -8.80 4.28
C CYS H 379 71.65 -9.57 5.54
N VAL H 380 70.68 -10.29 6.12
CA VAL H 380 70.87 -10.90 7.44
C VAL H 380 71.95 -11.96 7.38
N THR H 381 72.06 -12.69 6.27
CA THR H 381 73.18 -13.60 6.12
C THR H 381 74.48 -12.83 6.08
N SER H 382 74.48 -11.68 5.42
CA SER H 382 75.66 -10.83 5.44
C SER H 382 75.87 -10.21 6.81
N VAL H 383 74.79 -9.92 7.54
CA VAL H 383 74.94 -9.46 8.92
C VAL H 383 75.70 -10.50 9.72
N TRP H 384 75.15 -11.71 9.84
CA TRP H 384 75.80 -12.77 10.61
C TRP H 384 77.19 -13.06 10.05
N LEU H 385 77.29 -13.34 8.76
CA LEU H 385 78.58 -13.67 8.18
C LEU H 385 79.43 -12.44 7.92
N LEU H 386 79.08 -11.29 8.47
CA LEU H 386 80.04 -10.22 8.71
C LEU H 386 80.23 -9.95 10.20
N CYS H 387 79.13 -9.74 10.94
CA CYS H 387 79.27 -9.36 12.34
C CYS H 387 79.84 -10.49 13.18
N ARG H 388 79.45 -11.73 12.89
CA ARG H 388 80.10 -12.86 13.55
C ARG H 388 81.57 -12.91 13.19
N THR H 389 81.86 -12.74 11.91
CA THR H 389 83.25 -12.68 11.45
C THR H 389 83.90 -11.36 11.75
N ARG H 390 83.14 -10.35 12.15
CA ARG H 390 83.69 -9.15 12.74
C ARG H 390 83.83 -9.29 14.25
N ASN H 391 82.94 -10.05 14.88
CA ASN H 391 83.14 -10.44 16.26
C ASN H 391 84.34 -11.37 16.36
N LEU H 392 84.46 -12.29 15.42
CA LEU H 392 85.70 -12.99 15.23
C LEU H 392 86.66 -12.09 14.46
N CYS H 393 87.94 -12.48 14.50
CA CYS H 393 89.08 -11.71 14.03
C CYS H 393 89.38 -10.49 14.89
N ILE H 394 88.55 -10.21 15.91
CA ILE H 394 88.95 -9.35 17.01
C ILE H 394 89.03 -10.14 18.32
N THR H 395 88.30 -11.20 18.43
CA THR H 395 88.42 -12.07 19.59
C THR H 395 89.80 -12.70 19.58
N PRO H 396 90.32 -13.19 18.45
CA PRO H 396 91.74 -13.58 18.45
C PRO H 396 92.69 -12.42 18.68
N TYR H 397 92.28 -11.20 18.35
CA TYR H 397 93.14 -10.03 18.36
C TYR H 397 92.93 -9.18 19.61
N LYS H 398 91.70 -8.71 19.82
CA LYS H 398 91.32 -7.98 21.04
C LYS H 398 90.92 -8.96 22.13
N LEU H 399 91.86 -9.81 22.49
CA LEU H 399 91.88 -10.45 23.79
C LEU H 399 93.29 -10.55 24.37
N ALA H 400 94.30 -10.02 23.68
CA ALA H 400 95.70 -10.19 24.03
C ALA H 400 96.32 -8.81 24.16
N PRO H 401 95.62 -7.89 24.78
CA PRO H 401 95.20 -6.71 24.03
C PRO H 401 96.31 -5.88 23.40
N ASN H 402 97.57 -6.20 23.66
CA ASN H 402 98.69 -5.65 22.90
C ASN H 402 98.52 -5.92 21.41
N ALA H 403 98.62 -7.18 21.01
CA ALA H 403 98.15 -7.67 19.71
C ALA H 403 98.71 -6.84 18.54
N GLN H 404 100.01 -7.01 18.31
CA GLN H 404 100.69 -6.28 17.25
C GLN H 404 100.44 -6.95 15.90
N VAL H 405 99.35 -6.57 15.24
CA VAL H 405 99.05 -6.99 13.86
C VAL H 405 98.38 -5.82 13.13
N PRO H 406 99.09 -5.08 12.20
CA PRO H 406 98.43 -4.05 11.37
C PRO H 406 97.73 -4.62 10.12
N ILE H 407 96.98 -5.70 10.31
CA ILE H 407 96.09 -6.24 9.30
C ILE H 407 94.71 -6.25 9.96
N LEU H 408 94.41 -5.20 10.73
CA LEU H 408 93.03 -4.85 10.94
C LEU H 408 92.37 -4.46 9.62
N LEU H 409 93.14 -4.08 8.60
CA LEU H 409 92.58 -3.62 7.33
C LEU H 409 92.00 -4.77 6.52
N ALA H 410 91.07 -5.52 7.12
CA ALA H 410 90.27 -6.53 6.45
C ALA H 410 88.80 -6.49 6.87
N LEU H 411 88.49 -6.02 8.08
CA LEU H 411 87.12 -5.80 8.53
C LEU H 411 86.74 -4.33 8.41
N LEU H 412 87.45 -3.47 9.14
CA LEU H 412 87.14 -2.04 9.24
C LEU H 412 85.66 -1.80 9.56
N CYS H 413 85.13 -2.65 10.44
CA CYS H 413 83.89 -2.36 11.14
C CYS H 413 84.08 -2.53 12.64
N CYS H 414 85.03 -3.39 13.04
CA CYS H 414 85.55 -3.43 14.39
C CYS H 414 86.98 -2.91 14.32
N ILE H 415 87.25 -1.85 15.07
CA ILE H 415 88.25 -0.85 14.71
C ILE H 415 89.09 -0.49 15.93
N LYS H 416 89.96 0.54 15.81
CA LYS H 416 90.84 1.03 16.89
C LYS H 416 91.89 0.04 17.40
N PRO H 417 93.01 -0.14 16.67
CA PRO H 417 94.17 -0.80 17.26
C PRO H 417 94.80 -0.03 18.41
N THR H 418 95.89 -0.56 18.95
CA THR H 418 96.63 0.03 20.06
C THR H 418 97.94 0.66 19.62
N ARG H 419 97.94 1.33 18.46
CA ARG H 419 99.16 1.86 17.85
C ARG H 419 100.17 0.75 17.59
N ALA H 420 99.68 -0.46 17.34
CA ALA H 420 100.56 -1.61 17.17
C ALA H 420 99.75 -2.78 16.63
#